data_4NHH
#
_entry.id   4NHH
#
_cell.length_a   374.731
_cell.length_b   374.731
_cell.length_c   64.455
_cell.angle_alpha   90.00
_cell.angle_beta   90.00
_cell.angle_gamma   120.00
#
_symmetry.space_group_name_H-M   'P 6'
#
loop_
_entity.id
_entity.type
_entity.pdbx_description
1 polymer '2G12 IgG dimer light chain'
2 polymer 'Hepatitis B virus receptor binding protein'
3 polymer '2G12 IgG dimer heavy chain'
#
loop_
_entity_poly.entity_id
_entity_poly.type
_entity_poly.pdbx_seq_one_letter_code
_entity_poly.pdbx_strand_id
1 'polypeptide(L)'
;VVMTQSPSTLSASVGDTITITCRASQSIETWLAWYQQKPGKAPKLLIYKASTLKTGVPSRFSGSGSGTEFTLTISGLQFD
DFATYHCQHYAGYSATFGQGTRVEIKRTVAAPSVFIFPPSDEQLKSGTASVVCLLNNFYPREAKVQWKVDNALQSGNSQE
SVTEQDSKDSTYSLSSTLTLSKADYEKHKVYACEVTHQGLSSPVTKSFNRGEC
;
L,K,G,F,Q,P
2 'polypeptide(L)'
;EVQLVESGGGLVKAGGSLILSCGVSNFRISAHTMNWVRRVPGGGLEWVASISSSTYRDYADAVKGRFTVSRDDLEDFVYL
QMHKRVEDTAIYYCARKGSDRLDAWGPGTVVTVSPASTKGPSVFPLAPSGTAALGCLVKDYFPEPVTVSWNSGALTSGVH
TFPAVLQSSGLYSLSSVVTVPSSSLGTQTYICNVNHKPSNTKVDKKVEPKSCDKTSTCPPCPAPELLGG
;
H,M,E,I,O,R
3 'polypeptide(L)'
;PSVFLFPPKPKDTLMISRTPEVTCVVVDVSHEDPQVKFNWYVDGVQVHNAKTKPREQQYNSTYRVVSVLTVLHQNWLDGK
EYKCKVSNKALPAPIEKTISKAKGQPREPQVYTLPPSREEMTKNQVSLTCLVKGFYPSDIAVEWESNGQPENNYKTTPPV
LDSDGSFFLYSKLTVDKSRWQQGNVFSCSVMHEALHNHYTQKSLSLSPGKG
;
A,B,C,D,J,N
#
# COMPACT_ATOMS: atom_id res chain seq x y z
N VAL A 1 27.66 29.90 -56.86
CA VAL A 1 26.43 29.45 -57.59
C VAL A 1 25.52 28.58 -56.72
N VAL A 2 24.46 29.18 -56.19
CA VAL A 2 23.50 28.47 -55.34
C VAL A 2 22.11 28.45 -56.00
N MET A 3 21.49 27.27 -56.04
CA MET A 3 20.17 27.09 -56.62
C MET A 3 19.12 26.96 -55.52
N THR A 4 18.09 27.82 -55.59
CA THR A 4 17.00 27.79 -54.62
C THR A 4 15.70 27.37 -55.29
N GLN A 5 15.17 26.23 -54.86
CA GLN A 5 13.94 25.66 -55.39
C GLN A 5 12.77 26.02 -54.48
N SER A 6 11.64 26.35 -55.09
CA SER A 6 10.40 26.56 -54.33
C SER A 6 9.18 26.00 -55.08
N PRO A 7 8.18 25.49 -54.35
CA PRO A 7 8.24 25.37 -52.89
C PRO A 7 8.94 24.07 -52.48
N SER A 8 9.16 23.84 -51.18
CA SER A 8 9.79 22.59 -50.72
C SER A 8 8.84 21.40 -50.85
N THR A 9 7.57 21.63 -50.50
CA THR A 9 6.51 20.66 -50.70
C THR A 9 5.39 21.32 -51.47
N LEU A 10 4.89 20.62 -52.48
CA LEU A 10 3.76 21.12 -53.26
C LEU A 10 2.65 20.09 -53.20
N SER A 11 1.50 20.49 -52.66
CA SER A 11 0.34 19.60 -52.54
C SER A 11 -0.70 19.96 -53.58
N ALA A 12 -1.16 18.97 -54.34
CA ALA A 12 -2.08 19.23 -55.44
C ALA A 12 -2.99 18.03 -55.68
N SER A 13 -3.96 18.22 -56.56
CA SER A 13 -4.89 17.16 -56.92
C SER A 13 -4.51 16.57 -58.26
N VAL A 14 -4.93 15.32 -58.46
CA VAL A 14 -4.78 14.69 -59.76
C VAL A 14 -5.44 15.55 -60.84
N GLY A 15 -4.75 15.71 -61.97
CA GLY A 15 -5.25 16.50 -63.06
C GLY A 15 -4.82 17.96 -63.03
N ASP A 16 -4.24 18.41 -61.93
CA ASP A 16 -3.84 19.82 -61.79
C ASP A 16 -2.67 20.19 -62.70
N THR A 17 -2.60 21.45 -63.08
CA THR A 17 -1.40 22.03 -63.68
C THR A 17 -0.63 22.74 -62.56
N ILE A 18 0.61 22.34 -62.35
CA ILE A 18 1.42 22.88 -61.25
C ILE A 18 2.74 23.43 -61.78
N THR A 19 3.36 24.33 -61.03
CA THR A 19 4.67 24.84 -61.40
C THR A 19 5.64 24.78 -60.22
N ILE A 20 6.88 24.40 -60.51
CA ILE A 20 7.95 24.41 -59.53
C ILE A 20 9.00 25.40 -60.00
N THR A 21 9.48 26.26 -59.10
CA THR A 21 10.45 27.31 -59.46
C THR A 21 11.86 26.99 -58.97
N CYS A 22 12.84 27.40 -59.76
CA CYS A 22 14.24 27.34 -59.34
C CYS A 22 14.87 28.71 -59.60
N ARG A 23 15.48 29.28 -58.57
CA ARG A 23 16.22 30.54 -58.71
C ARG A 23 17.71 30.33 -58.53
N ALA A 24 18.48 30.87 -59.46
CA ALA A 24 19.95 30.79 -59.41
C ALA A 24 20.50 32.06 -58.79
N SER A 25 21.59 31.94 -58.04
CA SER A 25 22.17 33.09 -57.31
C SER A 25 22.93 34.05 -58.21
N GLN A 26 23.20 33.61 -59.43
CA GLN A 26 23.80 34.42 -60.48
C GLN A 26 23.35 33.79 -61.79
N SER A 27 23.50 34.51 -62.91
CA SER A 27 23.02 34.02 -64.21
C SER A 27 23.71 32.73 -64.63
N ILE A 28 22.91 31.76 -65.07
CA ILE A 28 23.42 30.49 -65.58
C ILE A 28 22.96 30.20 -67.02
N GLU A 29 22.63 31.26 -67.75
CA GLU A 29 22.10 31.14 -69.12
C GLU A 29 20.94 30.13 -69.13
N THR A 30 21.05 29.06 -69.92
CA THR A 30 20.01 28.01 -69.87
C THR A 30 20.58 26.68 -69.43
N TRP A 31 21.68 26.72 -68.68
CA TRP A 31 22.33 25.49 -68.22
C TRP A 31 21.63 24.88 -66.98
N LEU A 32 20.39 24.44 -67.19
CA LEU A 32 19.57 23.93 -66.11
C LEU A 32 18.88 22.65 -66.55
N ALA A 33 18.86 21.65 -65.67
CA ALA A 33 18.13 20.41 -65.93
C ALA A 33 17.15 20.15 -64.80
N TRP A 34 16.11 19.38 -65.11
CA TRP A 34 15.14 18.96 -64.11
C TRP A 34 15.12 17.44 -64.03
N TYR A 35 15.09 16.91 -62.81
CA TYR A 35 15.04 15.47 -62.57
C TYR A 35 13.84 15.08 -61.72
N GLN A 36 13.30 13.88 -62.00
CA GLN A 36 12.28 13.26 -61.17
C GLN A 36 12.91 12.13 -60.35
N GLN A 37 12.50 11.99 -59.09
CA GLN A 37 13.02 10.88 -58.27
C GLN A 37 11.95 10.33 -57.35
N LYS A 38 11.75 9.02 -57.43
CA LYS A 38 10.85 8.34 -56.53
C LYS A 38 11.64 7.81 -55.34
N PRO A 39 11.01 7.66 -54.17
CA PRO A 39 11.69 7.12 -52.99
C PRO A 39 12.42 5.80 -53.26
N GLY A 40 13.72 5.76 -52.99
CA GLY A 40 14.51 4.55 -53.12
C GLY A 40 14.96 4.21 -54.53
N LYS A 41 14.65 5.10 -55.48
CA LYS A 41 15.00 4.88 -56.89
C LYS A 41 16.04 5.91 -57.33
N ALA A 42 16.55 5.76 -58.54
CA ALA A 42 17.49 6.72 -59.10
C ALA A 42 16.77 7.94 -59.69
N PRO A 43 17.40 9.11 -59.68
CA PRO A 43 16.86 10.27 -60.41
C PRO A 43 16.74 9.94 -61.89
N LYS A 44 15.72 10.51 -62.54
CA LYS A 44 15.50 10.36 -63.98
C LYS A 44 15.48 11.73 -64.63
N LEU A 45 16.29 11.91 -65.66
CA LEU A 45 16.35 13.20 -66.35
C LEU A 45 15.05 13.48 -67.12
N LEU A 46 14.45 14.64 -66.86
CA LEU A 46 13.24 15.05 -67.59
C LEU A 46 13.54 16.08 -68.68
N ILE A 47 14.23 17.13 -68.28
CA ILE A 47 14.44 18.30 -69.13
C ILE A 47 15.85 18.83 -68.93
N TYR A 48 16.46 19.31 -70.01
CA TYR A 48 17.78 19.92 -69.93
C TYR A 48 17.85 21.14 -70.85
N LYS A 49 18.95 21.88 -70.79
CA LYS A 49 19.05 23.23 -71.37
C LYS A 49 17.75 24.05 -71.14
N ALA A 50 17.28 24.02 -69.90
CA ALA A 50 16.07 24.74 -69.45
C ALA A 50 14.73 24.23 -70.01
N SER A 51 14.68 23.95 -71.30
CA SER A 51 13.39 23.69 -71.96
C SER A 51 13.33 22.46 -72.88
N THR A 52 14.45 21.76 -73.04
CA THR A 52 14.50 20.61 -73.95
C THR A 52 14.05 19.34 -73.24
N LEU A 53 12.96 18.75 -73.75
CA LEU A 53 12.43 17.51 -73.18
C LEU A 53 13.28 16.33 -73.66
N LYS A 54 13.70 15.48 -72.73
CA LYS A 54 14.43 14.26 -73.08
C LYS A 54 13.46 13.32 -73.80
N THR A 55 13.93 12.66 -74.86
CA THR A 55 13.03 11.80 -75.63
C THR A 55 12.37 10.75 -74.73
N GLY A 56 11.11 10.48 -74.98
CA GLY A 56 10.37 9.53 -74.17
C GLY A 56 9.69 10.12 -72.95
N VAL A 57 10.14 11.29 -72.48
CA VAL A 57 9.48 11.98 -71.37
C VAL A 57 8.13 12.53 -71.85
N PRO A 58 7.07 12.31 -71.09
CA PRO A 58 5.72 12.74 -71.50
C PRO A 58 5.64 14.25 -71.74
N SER A 59 4.81 14.65 -72.71
CA SER A 59 4.72 16.04 -73.12
C SER A 59 4.06 16.98 -72.09
N ARG A 60 3.46 16.39 -71.05
CA ARG A 60 2.87 17.19 -69.98
C ARG A 60 3.93 17.88 -69.11
N PHE A 61 5.19 17.43 -69.23
CA PHE A 61 6.33 18.10 -68.61
C PHE A 61 6.89 19.16 -69.54
N SER A 62 7.12 20.36 -69.00
CA SER A 62 7.72 21.44 -69.77
C SER A 62 8.55 22.34 -68.86
N GLY A 63 9.56 22.98 -69.44
CA GLY A 63 10.44 23.84 -68.68
C GLY A 63 10.66 25.13 -69.41
N SER A 64 10.87 26.20 -68.64
CA SER A 64 11.15 27.51 -69.21
C SER A 64 12.10 28.27 -68.32
N GLY A 65 12.56 29.42 -68.81
CA GLY A 65 13.44 30.29 -68.06
C GLY A 65 14.80 30.43 -68.69
N SER A 66 15.52 31.46 -68.24
CA SER A 66 16.92 31.69 -68.60
C SER A 66 17.46 32.69 -67.58
N GLY A 67 18.78 32.79 -67.47
CA GLY A 67 19.38 33.72 -66.54
C GLY A 67 19.34 33.17 -65.12
N THR A 68 18.39 33.66 -64.33
CA THR A 68 18.28 33.28 -62.91
C THR A 68 16.94 32.67 -62.51
N GLU A 69 15.95 32.68 -63.41
CA GLU A 69 14.61 32.22 -63.05
C GLU A 69 14.13 31.12 -63.95
N PHE A 70 13.78 29.99 -63.35
CA PHE A 70 13.45 28.79 -64.11
C PHE A 70 12.20 28.14 -63.55
N THR A 71 11.44 27.48 -64.43
CA THR A 71 10.15 26.90 -64.04
C THR A 71 9.96 25.54 -64.68
N LEU A 72 9.50 24.58 -63.89
CA LEU A 72 9.04 23.30 -64.41
C LEU A 72 7.53 23.30 -64.26
N THR A 73 6.84 23.00 -65.35
CA THR A 73 5.38 22.90 -65.35
C THR A 73 4.96 21.48 -65.65
N ILE A 74 4.06 20.96 -64.83
CA ILE A 74 3.42 19.69 -65.12
C ILE A 74 1.94 20.01 -65.38
N SER A 75 1.51 19.83 -66.62
CA SER A 75 0.17 20.20 -67.06
C SER A 75 -0.74 18.97 -67.07
N GLY A 76 -1.36 18.70 -65.93
CA GLY A 76 -2.26 17.57 -65.78
C GLY A 76 -1.60 16.43 -65.01
N LEU A 77 -1.42 16.64 -63.71
CA LEU A 77 -0.79 15.66 -62.85
C LEU A 77 -1.47 14.29 -62.94
N GLN A 78 -0.66 13.26 -63.18
CA GLN A 78 -1.13 11.89 -63.12
C GLN A 78 -0.57 11.25 -61.85
N PHE A 79 -1.17 10.14 -61.40
CA PHE A 79 -0.67 9.49 -60.18
C PHE A 79 0.82 9.20 -60.18
N ASP A 80 1.37 8.84 -61.35
CA ASP A 80 2.79 8.56 -61.53
C ASP A 80 3.70 9.77 -61.27
N ASP A 81 3.13 10.97 -61.28
CA ASP A 81 3.91 12.21 -61.19
C ASP A 81 4.15 12.66 -59.77
N PHE A 82 3.49 12.02 -58.80
CA PHE A 82 3.73 12.37 -57.42
C PHE A 82 5.06 11.76 -56.99
N ALA A 83 6.01 12.65 -56.69
CA ALA A 83 7.44 12.32 -56.65
C ALA A 83 8.19 13.57 -56.19
N THR A 84 9.52 13.44 -56.05
CA THR A 84 10.37 14.61 -55.82
C THR A 84 10.93 15.10 -57.15
N TYR A 85 11.02 16.41 -57.30
CA TYR A 85 11.65 17.01 -58.48
C TYR A 85 12.85 17.81 -58.02
N HIS A 86 13.94 17.70 -58.77
CA HIS A 86 15.19 18.35 -58.46
C HIS A 86 15.63 19.20 -59.64
N CYS A 87 16.02 20.44 -59.37
CA CYS A 87 16.69 21.25 -60.39
C CYS A 87 18.22 21.15 -60.24
N GLN A 88 18.93 21.40 -61.33
CA GLN A 88 20.37 21.26 -61.33
C GLN A 88 20.97 22.25 -62.30
N HIS A 89 21.89 23.09 -61.81
CA HIS A 89 22.80 23.77 -62.71
C HIS A 89 23.97 22.84 -63.02
N TYR A 90 24.24 22.65 -64.31
CA TYR A 90 25.36 21.78 -64.70
C TYR A 90 26.34 22.59 -65.52
N ALA A 91 27.62 22.46 -65.15
CA ALA A 91 28.71 23.06 -65.91
C ALA A 91 29.62 21.96 -66.42
N GLY A 92 30.66 22.34 -67.17
CA GLY A 92 31.57 21.40 -67.78
C GLY A 92 32.08 20.31 -66.86
N TYR A 93 32.52 20.71 -65.67
CA TYR A 93 33.15 19.77 -64.75
C TYR A 93 32.61 19.81 -63.31
N SER A 94 31.44 20.42 -63.13
CA SER A 94 30.78 20.45 -61.82
C SER A 94 29.30 20.71 -61.98
N ALA A 95 28.56 20.54 -60.89
CA ALA A 95 27.13 20.76 -60.89
C ALA A 95 26.69 21.15 -59.48
N THR A 96 25.48 21.68 -59.38
CA THR A 96 24.86 21.91 -58.08
C THR A 96 23.35 21.78 -58.21
N PHE A 97 22.71 21.29 -57.16
CA PHE A 97 21.28 21.04 -57.19
C PHE A 97 20.53 21.98 -56.28
N GLY A 98 19.26 22.22 -56.60
CA GLY A 98 18.32 22.78 -55.64
C GLY A 98 18.06 21.75 -54.54
N GLN A 99 17.20 22.09 -53.58
CA GLN A 99 16.97 21.21 -52.43
C GLN A 99 15.88 20.18 -52.68
N GLY A 100 15.24 20.27 -53.84
CA GLY A 100 14.18 19.33 -54.19
C GLY A 100 12.81 19.82 -53.78
N THR A 101 11.81 19.44 -54.59
CA THR A 101 10.40 19.71 -54.30
C THR A 101 9.63 18.38 -54.28
N ARG A 102 9.01 18.06 -53.14
CA ARG A 102 8.17 16.88 -53.02
C ARG A 102 6.74 17.25 -53.42
N VAL A 103 6.24 16.60 -54.46
CA VAL A 103 4.87 16.83 -54.94
C VAL A 103 4.01 15.69 -54.42
N GLU A 104 2.97 16.05 -53.65
CA GLU A 104 2.12 15.07 -52.97
C GLU A 104 0.65 15.33 -53.27
N ILE A 105 -0.19 14.36 -52.95
CA ILE A 105 -1.64 14.52 -53.10
C ILE A 105 -2.23 15.32 -51.95
N LYS A 106 -2.99 16.35 -52.29
CA LYS A 106 -3.56 17.21 -51.28
C LYS A 106 -4.80 16.56 -50.69
N ARG A 107 -4.94 16.69 -49.38
CA ARG A 107 -6.16 16.29 -48.69
C ARG A 107 -6.31 17.19 -47.47
N THR A 108 -7.39 17.05 -46.72
CA THR A 108 -7.55 17.84 -45.50
C THR A 108 -6.54 17.44 -44.41
N VAL A 109 -6.24 18.38 -43.53
CA VAL A 109 -5.40 18.12 -42.37
C VAL A 109 -6.01 16.99 -41.53
N ALA A 110 -5.18 15.98 -41.19
CA ALA A 110 -5.62 14.90 -40.33
C ALA A 110 -4.58 14.67 -39.23
N ALA A 111 -5.05 14.74 -38.00
CA ALA A 111 -4.20 14.52 -36.83
C ALA A 111 -3.86 13.04 -36.72
N PRO A 112 -2.63 12.73 -36.32
CA PRO A 112 -2.26 11.32 -36.13
C PRO A 112 -3.05 10.71 -34.97
N SER A 113 -3.40 9.44 -35.09
CA SER A 113 -3.86 8.67 -33.95
C SER A 113 -2.57 8.05 -33.39
N VAL A 114 -2.32 8.25 -32.11
CA VAL A 114 -1.04 7.90 -31.50
C VAL A 114 -1.19 6.68 -30.59
N PHE A 115 -0.33 5.69 -30.78
CA PHE A 115 -0.29 4.53 -29.90
C PHE A 115 1.13 4.26 -29.48
N ILE A 116 1.33 3.92 -28.21
CA ILE A 116 2.63 3.48 -27.73
C ILE A 116 2.53 1.98 -27.45
N PHE A 117 3.60 1.26 -27.79
CA PHE A 117 3.69 -0.16 -27.48
C PHE A 117 4.98 -0.36 -26.70
N PRO A 118 4.87 -0.99 -25.52
CA PRO A 118 6.06 -1.44 -24.80
C PRO A 118 6.78 -2.51 -25.66
N PRO A 119 8.00 -2.94 -25.00
CA PRO A 119 8.67 -4.20 -25.41
C PRO A 119 7.85 -5.42 -24.95
N SER A 120 7.72 -6.41 -25.83
CA SER A 120 7.20 -7.74 -25.45
C SER A 120 8.08 -8.40 -24.39
N ASP A 121 7.52 -9.39 -23.69
CA ASP A 121 8.25 -10.16 -22.69
C ASP A 121 9.38 -10.97 -23.34
N GLU A 122 8.98 -11.78 -24.40
CA GLU A 122 9.90 -12.63 -25.18
C GLU A 122 11.28 -11.96 -25.39
N GLN A 123 11.25 -10.74 -25.93
CA GLN A 123 12.46 -9.95 -26.18
C GLN A 123 13.20 -9.59 -24.87
N LEU A 124 12.41 -9.11 -23.88
CA LEU A 124 12.98 -8.64 -22.62
C LEU A 124 13.79 -9.74 -21.92
N LYS A 125 13.43 -10.98 -22.20
CA LYS A 125 14.12 -12.15 -21.68
C LYS A 125 15.51 -12.34 -22.33
N SER A 126 15.70 -11.79 -23.53
CA SER A 126 16.94 -11.91 -24.29
C SER A 126 18.02 -10.89 -23.92
N GLY A 127 17.58 -9.78 -23.20
CA GLY A 127 18.60 -8.74 -22.89
C GLY A 127 18.35 -7.38 -23.55
N THR A 128 17.36 -7.31 -24.43
CA THR A 128 17.04 -6.06 -25.13
C THR A 128 15.58 -5.68 -24.89
N ALA A 129 15.34 -4.37 -24.77
CA ALA A 129 13.98 -3.82 -24.70
C ALA A 129 13.82 -2.79 -25.80
N SER A 130 12.81 -3.06 -26.70
CA SER A 130 12.48 -2.09 -27.75
C SER A 130 11.05 -1.53 -27.47
N VAL A 131 10.89 -0.16 -27.48
CA VAL A 131 9.58 0.48 -27.28
C VAL A 131 9.16 1.25 -28.54
N VAL A 132 7.97 0.94 -29.04
CA VAL A 132 7.50 1.46 -30.33
C VAL A 132 6.36 2.46 -30.15
N CYS A 133 6.44 3.56 -30.89
CA CYS A 133 5.37 4.54 -30.95
C CYS A 133 4.87 4.63 -32.38
N LEU A 134 3.55 4.66 -32.53
CA LEU A 134 2.92 4.70 -33.85
C LEU A 134 2.10 5.96 -34.01
N LEU A 135 2.34 6.67 -35.11
CA LEU A 135 1.53 7.82 -35.50
C LEU A 135 0.76 7.37 -36.73
N ASN A 136 -0.54 7.17 -36.56
CA ASN A 136 -1.34 6.56 -37.62
C ASN A 136 -2.20 7.56 -38.41
N ASN A 137 -2.04 7.52 -39.73
CA ASN A 137 -2.94 8.18 -40.70
C ASN A 137 -3.04 9.68 -40.53
N PHE A 138 -1.90 10.37 -40.66
CA PHE A 138 -1.88 11.82 -40.53
C PHE A 138 -1.55 12.53 -41.82
N TYR A 139 -1.85 13.82 -41.86
CA TYR A 139 -1.52 14.66 -43.00
C TYR A 139 -1.52 16.12 -42.53
N PRO A 140 -0.56 16.96 -42.91
CA PRO A 140 0.55 16.65 -43.82
C PRO A 140 1.65 15.77 -43.23
N ARG A 141 2.76 15.64 -43.94
CA ARG A 141 3.80 14.67 -43.60
C ARG A 141 4.64 15.01 -42.37
N GLU A 142 4.87 16.30 -42.12
CA GLU A 142 5.77 16.65 -41.01
C GLU A 142 5.13 16.37 -39.66
N ALA A 143 5.78 15.52 -38.89
CA ALA A 143 5.35 15.24 -37.54
C ALA A 143 6.61 15.11 -36.71
N LYS A 144 6.55 15.55 -35.47
CA LYS A 144 7.68 15.42 -34.58
C LYS A 144 7.33 14.51 -33.42
N VAL A 145 8.18 13.51 -33.20
CA VAL A 145 8.09 12.61 -32.07
C VAL A 145 9.26 12.88 -31.14
N GLN A 146 8.98 13.09 -29.87
CA GLN A 146 10.00 13.24 -28.85
C GLN A 146 9.78 12.17 -27.81
N TRP A 147 10.83 11.42 -27.52
CA TRP A 147 10.75 10.35 -26.54
C TRP A 147 11.19 10.88 -25.19
N LYS A 148 10.40 10.57 -24.16
CA LYS A 148 10.70 10.98 -22.79
C LYS A 148 10.65 9.78 -21.87
N VAL A 149 11.71 9.62 -21.07
CA VAL A 149 11.84 8.53 -20.12
C VAL A 149 11.99 9.15 -18.72
N ASP A 150 10.97 8.95 -17.88
CA ASP A 150 10.83 9.64 -16.60
C ASP A 150 10.91 11.16 -16.78
N ASN A 151 10.24 11.65 -17.82
CA ASN A 151 10.23 13.06 -18.21
C ASN A 151 11.63 13.67 -18.45
N ALA A 152 12.52 12.85 -19.02
CA ALA A 152 13.81 13.32 -19.50
C ALA A 152 13.91 13.05 -20.99
N LEU A 153 14.22 14.09 -21.77
CA LEU A 153 14.20 13.99 -23.23
C LEU A 153 15.30 13.09 -23.78
N GLN A 154 14.90 12.19 -24.70
CA GLN A 154 15.80 11.22 -25.31
C GLN A 154 16.41 11.79 -26.60
N SER A 155 17.67 11.43 -26.87
CA SER A 155 18.34 11.84 -28.11
C SER A 155 19.33 10.77 -28.57
N GLY A 156 19.24 10.40 -29.84
CA GLY A 156 20.20 9.50 -30.46
C GLY A 156 20.05 8.02 -30.12
N ASN A 157 18.87 7.67 -29.58
CA ASN A 157 18.55 6.27 -29.26
C ASN A 157 17.21 5.83 -29.87
N SER A 158 16.77 6.56 -30.89
CA SER A 158 15.55 6.20 -31.57
C SER A 158 15.72 6.32 -33.07
N GLN A 159 14.96 5.50 -33.80
CA GLN A 159 14.92 5.57 -35.25
C GLN A 159 13.47 5.60 -35.73
N GLU A 160 13.24 6.28 -36.85
CA GLU A 160 11.91 6.54 -37.38
C GLU A 160 11.78 6.04 -38.80
N SER A 161 10.57 5.67 -39.16
CA SER A 161 10.25 5.23 -40.50
C SER A 161 8.84 5.71 -40.86
N VAL A 162 8.68 6.22 -42.08
CA VAL A 162 7.41 6.81 -42.51
C VAL A 162 6.96 6.14 -43.81
N THR A 163 5.66 5.83 -43.90
CA THR A 163 5.12 5.19 -45.10
C THR A 163 4.95 6.24 -46.19
N GLU A 164 4.80 5.78 -47.42
CA GLU A 164 4.35 6.61 -48.51
C GLU A 164 2.86 6.93 -48.39
N GLN A 165 2.40 7.95 -49.11
CA GLN A 165 1.01 8.33 -49.08
C GLN A 165 0.09 7.17 -49.37
N ASP A 166 -0.89 6.96 -48.48
CA ASP A 166 -1.81 5.83 -48.59
C ASP A 166 -2.63 5.97 -49.87
N SER A 167 -2.75 4.87 -50.62
CA SER A 167 -3.37 4.87 -51.94
C SER A 167 -4.84 5.28 -51.89
N LYS A 168 -5.51 4.99 -50.78
CA LYS A 168 -6.94 5.23 -50.64
C LYS A 168 -7.27 6.55 -49.92
N ASP A 169 -6.53 6.86 -48.85
CA ASP A 169 -6.85 8.05 -48.05
C ASP A 169 -5.79 9.18 -48.05
N SER A 170 -4.67 8.96 -48.74
CA SER A 170 -3.63 9.99 -48.88
C SER A 170 -2.97 10.47 -47.57
N THR A 171 -3.07 9.67 -46.52
CA THR A 171 -2.34 9.98 -45.28
C THR A 171 -0.99 9.28 -45.24
N TYR A 172 -0.21 9.66 -44.22
CA TYR A 172 1.07 9.06 -43.88
C TYR A 172 0.95 8.40 -42.52
N SER A 173 1.79 7.41 -42.28
CA SER A 173 1.92 6.81 -40.96
C SER A 173 3.42 6.77 -40.61
N LEU A 174 3.72 6.81 -39.31
CA LEU A 174 5.10 6.88 -38.86
C LEU A 174 5.28 5.94 -37.67
N SER A 175 6.40 5.24 -37.64
CA SER A 175 6.76 4.43 -36.48
C SER A 175 8.10 4.90 -35.97
N SER A 176 8.20 5.06 -34.65
CA SER A 176 9.46 5.40 -34.00
C SER A 176 9.78 4.31 -32.97
N THR A 177 10.99 3.77 -33.04
CA THR A 177 11.43 2.73 -32.11
C THR A 177 12.55 3.27 -31.21
N LEU A 178 12.34 3.16 -29.89
CA LEU A 178 13.36 3.52 -28.89
C LEU A 178 14.00 2.23 -28.38
N THR A 179 15.34 2.19 -28.36
CA THR A 179 16.07 0.95 -28.04
C THR A 179 17.06 1.05 -26.83
N LEU A 180 16.76 0.21 -25.82
CA LEU A 180 17.55 0.16 -24.59
C LEU A 180 17.87 -1.29 -24.18
N SER A 181 19.03 -1.48 -23.56
CA SER A 181 19.34 -2.80 -23.01
C SER A 181 18.42 -3.07 -21.81
N LYS A 182 18.02 -4.38 -21.67
CA LYS A 182 17.20 -4.82 -20.54
C LYS A 182 17.57 -4.09 -19.25
N ALA A 183 18.90 -3.93 -19.04
CA ALA A 183 19.45 -3.24 -17.89
C ALA A 183 18.99 -1.79 -17.81
N ASP A 184 19.25 -1.04 -18.89
CA ASP A 184 18.91 0.39 -18.94
C ASP A 184 17.40 0.65 -18.82
N TYR A 185 16.60 -0.23 -19.46
CA TYR A 185 15.15 -0.18 -19.42
C TYR A 185 14.59 -0.38 -18.01
N GLU A 186 15.22 -1.27 -17.25
CA GLU A 186 14.75 -1.62 -15.91
C GLU A 186 15.14 -0.61 -14.84
N LYS A 187 15.82 0.48 -15.25
CA LYS A 187 16.26 1.52 -14.32
C LYS A 187 15.23 2.66 -14.17
N HIS A 188 14.29 2.75 -15.12
CA HIS A 188 13.32 3.85 -15.11
C HIS A 188 11.84 3.39 -15.04
N LYS A 189 11.01 4.28 -14.48
CA LYS A 189 9.56 4.06 -14.33
C LYS A 189 8.71 4.35 -15.58
N VAL A 190 8.46 5.63 -15.87
CA VAL A 190 7.54 6.03 -16.95
C VAL A 190 8.21 6.20 -18.31
N TYR A 191 7.55 5.66 -19.36
CA TYR A 191 7.98 5.82 -20.75
C TYR A 191 6.90 6.51 -21.55
N ALA A 192 7.32 7.57 -22.29
CA ALA A 192 6.38 8.45 -23.01
C ALA A 192 6.83 8.82 -24.43
N CYS A 193 5.85 8.87 -25.33
CA CYS A 193 5.97 9.35 -26.69
C CYS A 193 5.21 10.67 -26.82
N GLU A 194 5.91 11.76 -27.18
CA GLU A 194 5.28 13.08 -27.31
C GLU A 194 5.24 13.58 -28.75
N VAL A 195 4.02 13.79 -29.26
CA VAL A 195 3.79 14.03 -30.69
C VAL A 195 3.32 15.46 -31.00
N THR A 196 4.02 16.10 -31.93
CA THR A 196 3.64 17.42 -32.46
C THR A 196 3.26 17.27 -33.95
N HIS A 197 2.16 17.92 -34.36
CA HIS A 197 1.69 17.85 -35.75
C HIS A 197 0.72 19.01 -36.04
N GLN A 198 0.67 19.43 -37.30
CA GLN A 198 -0.22 20.53 -37.73
C GLN A 198 -1.67 20.37 -37.26
N GLY A 199 -2.17 19.14 -37.24
CA GLY A 199 -3.54 18.85 -36.84
C GLY A 199 -3.79 18.86 -35.35
N LEU A 200 -2.71 19.04 -34.58
CA LEU A 200 -2.74 19.01 -33.12
C LEU A 200 -2.47 20.42 -32.60
N SER A 201 -3.48 21.03 -31.99
CA SER A 201 -3.31 22.38 -31.45
C SER A 201 -2.41 22.36 -30.22
N SER A 202 -2.35 21.20 -29.56
CA SER A 202 -1.45 20.96 -28.43
C SER A 202 -0.77 19.60 -28.62
N PRO A 203 0.51 19.50 -28.24
CA PRO A 203 1.23 18.21 -28.31
C PRO A 203 0.54 17.10 -27.54
N VAL A 204 0.53 15.89 -28.13
CA VAL A 204 -0.17 14.74 -27.57
C VAL A 204 0.84 13.73 -27.04
N THR A 205 0.58 13.23 -25.83
CA THR A 205 1.49 12.28 -25.20
C THR A 205 0.77 10.96 -24.88
N LYS A 206 1.36 9.85 -25.32
CA LYS A 206 0.91 8.53 -24.90
C LYS A 206 1.98 7.88 -24.01
N SER A 207 1.55 7.27 -22.92
CA SER A 207 2.46 6.75 -21.89
C SER A 207 2.11 5.35 -21.41
N PHE A 208 3.09 4.71 -20.76
CA PHE A 208 2.86 3.52 -19.93
C PHE A 208 3.90 3.45 -18.82
N ASN A 209 3.55 2.78 -17.73
CA ASN A 209 4.50 2.52 -16.64
C ASN A 209 5.13 1.15 -16.78
N ARG A 210 6.46 1.10 -16.67
CA ARG A 210 7.21 -0.15 -16.78
C ARG A 210 6.60 -1.24 -15.89
N GLY A 211 6.26 -2.37 -16.52
CA GLY A 211 5.59 -3.47 -15.84
C GLY A 211 4.19 -3.07 -15.38
N GLU B 1 18.96 -0.23 -72.72
CA GLU B 1 18.95 0.80 -71.65
C GLU B 1 20.35 1.01 -71.09
N VAL B 2 20.80 2.26 -71.08
CA VAL B 2 22.03 2.63 -70.40
C VAL B 2 21.82 2.45 -68.89
N GLN B 3 22.81 1.85 -68.22
CA GLN B 3 22.69 1.58 -66.78
C GLN B 3 24.00 1.81 -66.05
N LEU B 4 23.87 2.22 -64.79
CA LEU B 4 24.99 2.37 -63.87
C LEU B 4 24.61 1.70 -62.56
N VAL B 5 25.60 1.19 -61.84
CA VAL B 5 25.36 0.52 -60.56
C VAL B 5 26.51 0.78 -59.57
N GLU B 6 26.15 1.37 -58.43
CA GLU B 6 27.11 1.62 -57.36
C GLU B 6 27.29 0.38 -56.50
N SER B 7 28.51 0.17 -56.02
CA SER B 7 28.74 -0.83 -54.96
C SER B 7 29.58 -0.24 -53.82
N GLY B 8 29.54 -0.86 -52.64
CA GLY B 8 30.34 -0.39 -51.52
C GLY B 8 29.71 0.33 -50.32
N GLY B 9 28.42 0.64 -50.39
CA GLY B 9 27.76 1.28 -49.25
C GLY B 9 27.77 0.57 -47.89
N GLY B 10 27.27 1.26 -46.86
CA GLY B 10 27.11 0.62 -45.56
C GLY B 10 27.29 1.55 -44.38
N LEU B 11 27.60 0.96 -43.23
CA LEU B 11 27.72 1.70 -41.99
C LEU B 11 29.19 2.00 -41.73
N VAL B 12 29.49 3.27 -41.46
CA VAL B 12 30.86 3.70 -41.19
C VAL B 12 30.85 4.49 -39.89
N LYS B 13 31.90 4.34 -39.08
CA LYS B 13 32.08 5.16 -37.90
C LYS B 13 32.68 6.51 -38.28
N ALA B 14 32.29 7.58 -37.57
CA ALA B 14 32.86 8.90 -37.83
C ALA B 14 34.38 8.81 -37.79
N GLY B 15 35.05 9.42 -38.76
CA GLY B 15 36.49 9.37 -38.85
C GLY B 15 36.99 8.22 -39.74
N GLY B 16 36.12 7.27 -40.04
CA GLY B 16 36.49 6.11 -40.84
C GLY B 16 36.54 6.35 -42.34
N SER B 17 36.94 5.32 -43.09
CA SER B 17 36.98 5.38 -44.55
C SER B 17 36.05 4.36 -45.19
N LEU B 18 35.58 4.68 -46.38
CA LEU B 18 34.76 3.79 -47.19
C LEU B 18 34.99 4.13 -48.63
N ILE B 19 35.17 3.11 -49.46
CA ILE B 19 35.38 3.32 -50.89
C ILE B 19 34.20 2.75 -51.67
N LEU B 20 33.66 3.57 -52.57
CA LEU B 20 32.59 3.17 -53.46
C LEU B 20 33.10 2.92 -54.87
N SER B 21 32.38 2.06 -55.61
CA SER B 21 32.67 1.93 -57.02
C SER B 21 31.39 2.01 -57.83
N CYS B 22 31.55 2.23 -59.12
CA CYS B 22 30.42 2.33 -60.02
C CYS B 22 30.81 1.58 -61.27
N GLY B 23 29.97 0.65 -61.72
CA GLY B 23 30.12 0.03 -63.03
C GLY B 23 28.94 0.36 -63.92
N VAL B 24 29.06 0.03 -65.20
CA VAL B 24 28.07 0.44 -66.20
C VAL B 24 27.63 -0.67 -67.14
N SER B 25 26.50 -0.45 -67.80
CA SER B 25 26.01 -1.35 -68.84
C SER B 25 25.61 -0.56 -70.08
N ASN B 26 25.99 -1.07 -71.23
CA ASN B 26 25.45 -0.62 -72.52
C ASN B 26 25.96 0.75 -73.00
N PHE B 27 27.07 1.19 -72.42
CA PHE B 27 27.85 2.33 -72.92
C PHE B 27 29.27 2.26 -72.36
N ARG B 28 30.17 3.04 -72.96
CA ARG B 28 31.54 3.17 -72.47
C ARG B 28 31.69 4.51 -71.75
N ILE B 29 32.35 4.53 -70.59
CA ILE B 29 32.50 5.80 -69.84
C ILE B 29 33.51 6.79 -70.44
N SER B 30 34.41 6.32 -71.29
CA SER B 30 35.54 7.14 -71.73
C SER B 30 35.21 8.54 -72.28
N ALA B 31 34.11 8.70 -73.03
CA ALA B 31 33.75 10.02 -73.57
C ALA B 31 33.01 10.91 -72.57
N HIS B 32 32.78 10.41 -71.36
CA HIS B 32 31.93 11.11 -70.40
C HIS B 32 32.68 11.60 -69.17
N THR B 33 32.42 12.84 -68.78
CA THR B 33 32.68 13.28 -67.42
C THR B 33 31.75 12.48 -66.49
N MET B 34 32.33 11.89 -65.45
CA MET B 34 31.53 11.10 -64.50
C MET B 34 31.49 11.80 -63.16
N ASN B 35 30.36 11.63 -62.46
CA ASN B 35 30.07 12.39 -61.24
C ASN B 35 29.57 11.49 -60.12
N TRP B 36 29.82 11.93 -58.88
CA TRP B 36 29.12 11.39 -57.72
C TRP B 36 28.21 12.48 -57.18
N VAL B 37 27.00 12.10 -56.79
CA VAL B 37 25.99 13.00 -56.23
C VAL B 37 25.44 12.27 -55.01
N ARG B 38 24.99 12.99 -53.99
CA ARG B 38 24.35 12.32 -52.86
C ARG B 38 23.03 12.94 -52.49
N ARG B 39 22.08 12.12 -52.05
CA ARG B 39 20.82 12.62 -51.52
C ARG B 39 20.86 12.51 -50.00
N VAL B 40 20.82 13.68 -49.35
CA VAL B 40 20.87 13.73 -47.89
C VAL B 40 19.50 13.38 -47.29
N PRO B 41 19.46 13.05 -46.00
CA PRO B 41 18.20 12.65 -45.35
C PRO B 41 17.09 13.72 -45.43
N GLY B 42 17.46 14.98 -45.56
CA GLY B 42 16.48 16.04 -45.72
C GLY B 42 15.77 16.02 -47.07
N GLY B 43 16.36 15.34 -48.06
CA GLY B 43 15.69 15.18 -49.35
C GLY B 43 16.42 15.81 -50.52
N GLY B 44 17.32 16.75 -50.24
CA GLY B 44 18.00 17.49 -51.27
C GLY B 44 19.19 16.72 -51.85
N LEU B 45 19.56 17.07 -53.07
CA LEU B 45 20.75 16.51 -53.70
C LEU B 45 21.94 17.43 -53.48
N GLU B 46 23.12 16.84 -53.37
CA GLU B 46 24.38 17.58 -53.27
C GLU B 46 25.37 16.95 -54.24
N TRP B 47 25.90 17.76 -55.15
CA TRP B 47 26.98 17.30 -56.03
C TRP B 47 28.23 17.05 -55.16
N VAL B 48 28.90 15.92 -55.40
CA VAL B 48 30.04 15.53 -54.56
C VAL B 48 31.37 15.69 -55.30
N ALA B 49 31.46 15.08 -56.47
CA ALA B 49 32.73 15.08 -57.22
C ALA B 49 32.48 14.86 -58.69
N SER B 50 33.42 15.34 -59.49
CA SER B 50 33.43 15.18 -60.94
C SER B 50 34.84 14.80 -61.42
N ILE B 51 34.89 13.93 -62.45
CA ILE B 51 36.17 13.61 -63.08
C ILE B 51 35.97 13.66 -64.58
N SER B 52 36.75 14.51 -65.23
CA SER B 52 36.63 14.73 -66.67
C SER B 52 37.21 13.57 -67.49
N SER B 53 39.85 11.56 -69.57
CA SER B 53 41.29 11.42 -69.34
C SER B 53 41.76 11.79 -67.94
N SER B 54 40.81 11.99 -67.03
CA SER B 54 41.08 12.49 -65.67
C SER B 54 41.82 13.84 -65.65
N THR B 55 41.75 14.61 -66.74
CA THR B 55 42.39 15.94 -66.78
C THR B 55 42.00 16.83 -65.60
N TYR B 56 40.71 16.85 -65.28
CA TYR B 56 40.18 17.66 -64.18
C TYR B 56 39.43 16.80 -63.16
N ARG B 57 39.75 17.00 -61.89
CA ARG B 57 38.98 16.38 -60.81
C ARG B 57 38.50 17.51 -59.92
N ASP B 58 37.21 17.54 -59.64
CA ASP B 58 36.65 18.63 -58.87
C ASP B 58 35.78 18.09 -57.76
N TYR B 59 35.75 18.79 -56.62
CA TYR B 59 35.07 18.30 -55.42
C TYR B 59 34.24 19.40 -54.80
N ALA B 60 33.13 19.02 -54.16
CA ALA B 60 32.37 19.99 -53.37
C ALA B 60 33.25 20.49 -52.21
N ASP B 61 33.09 21.75 -51.84
CA ASP B 61 33.84 22.34 -50.73
C ASP B 61 33.81 21.46 -49.47
N ALA B 62 32.68 20.82 -49.21
CA ALA B 62 32.49 20.05 -47.98
C ALA B 62 33.22 18.70 -47.96
N VAL B 63 33.73 18.26 -49.11
CA VAL B 63 34.48 17.01 -49.15
C VAL B 63 35.93 17.18 -49.63
N LYS B 64 36.29 18.38 -50.03
CA LYS B 64 37.66 18.65 -50.51
C LYS B 64 38.68 18.28 -49.44
N GLY B 65 39.71 17.53 -49.82
CA GLY B 65 40.74 17.09 -48.88
C GLY B 65 40.46 15.74 -48.21
N ARG B 66 39.22 15.23 -48.37
CA ARG B 66 38.78 13.98 -47.72
C ARG B 66 38.34 12.92 -48.73
N PHE B 67 37.83 13.35 -49.87
CA PHE B 67 37.35 12.42 -50.91
C PHE B 67 38.27 12.49 -52.11
N THR B 68 38.36 11.37 -52.84
CA THR B 68 39.07 11.26 -54.10
C THR B 68 38.23 10.50 -55.10
N VAL B 69 38.16 11.00 -56.32
CA VAL B 69 37.45 10.31 -57.40
C VAL B 69 38.50 9.83 -58.44
N SER B 70 38.37 8.57 -58.89
CA SER B 70 39.26 8.03 -59.94
C SER B 70 38.38 7.37 -61.00
N ARG B 71 38.93 7.16 -62.19
CA ARG B 71 38.21 6.44 -63.23
C ARG B 71 39.09 5.36 -63.83
N ASP B 72 38.45 4.34 -64.40
CA ASP B 72 39.11 3.22 -65.07
C ASP B 72 38.39 3.09 -66.42
N ASP B 73 38.97 3.65 -67.48
CA ASP B 73 38.31 3.73 -68.78
C ASP B 73 38.37 2.42 -69.54
N LEU B 74 39.26 1.52 -69.12
CA LEU B 74 39.43 0.26 -69.82
C LEU B 74 38.38 -0.77 -69.43
N GLU B 75 38.02 -0.81 -68.15
CA GLU B 75 36.97 -1.72 -67.67
C GLU B 75 35.73 -0.98 -67.17
N ASP B 76 35.72 0.34 -67.35
CA ASP B 76 34.54 1.18 -67.15
C ASP B 76 34.05 1.21 -65.71
N PHE B 77 34.92 1.67 -64.82
CA PHE B 77 34.58 1.88 -63.42
C PHE B 77 34.93 3.28 -63.01
N VAL B 78 34.14 3.82 -62.10
CA VAL B 78 34.49 5.06 -61.44
C VAL B 78 34.56 4.72 -59.96
N TYR B 79 35.48 5.37 -59.25
CA TYR B 79 35.67 5.12 -57.82
C TYR B 79 35.50 6.39 -57.01
N LEU B 80 34.98 6.26 -55.79
CA LEU B 80 34.99 7.37 -54.83
C LEU B 80 35.56 6.91 -53.50
N GLN B 81 36.73 7.41 -53.15
CA GLN B 81 37.31 7.19 -51.83
C GLN B 81 36.76 8.25 -50.92
N MET B 82 35.36 10.39 -42.44
CA MET B 82 33.93 10.62 -42.68
C MET B 82 33.22 11.29 -41.53
N HIS B 83 37.22 9.55 -46.99
CA HIS B 83 38.02 9.46 -45.77
C HIS B 83 37.58 10.45 -44.71
N ARG B 85 32.21 12.07 -41.87
CA ARG B 85 31.47 12.87 -40.92
C ARG B 85 30.00 12.47 -40.96
N VAL B 86 29.27 12.73 -39.88
CA VAL B 86 27.84 12.42 -39.83
C VAL B 86 27.12 12.98 -41.05
N GLU B 87 27.49 14.19 -41.47
CA GLU B 87 26.82 14.84 -42.60
C GLU B 87 27.13 14.24 -43.96
N ASP B 88 28.07 13.30 -44.01
CA ASP B 88 28.26 12.49 -45.22
C ASP B 88 27.18 11.41 -45.37
N THR B 89 26.35 11.21 -44.34
CA THR B 89 25.27 10.24 -44.40
C THR B 89 24.33 10.56 -45.56
N ALA B 90 24.17 9.62 -46.48
CA ALA B 90 23.41 9.91 -47.70
C ALA B 90 23.29 8.69 -48.59
N ILE B 91 22.42 8.79 -49.59
CA ILE B 91 22.43 7.86 -50.72
C ILE B 91 23.37 8.44 -51.76
N TYR B 92 24.37 7.65 -52.18
CA TYR B 92 25.36 8.09 -53.17
C TYR B 92 25.04 7.50 -54.53
N TYR B 93 24.96 8.36 -55.54
CA TYR B 93 24.70 7.93 -56.92
C TYR B 93 25.90 8.23 -57.77
N CYS B 94 26.17 7.34 -58.72
CA CYS B 94 27.07 7.74 -59.79
C CYS B 94 26.21 8.22 -60.95
N ALA B 95 26.66 9.29 -61.59
CA ALA B 95 25.91 9.92 -62.67
C ALA B 95 26.81 10.31 -63.82
N ARG B 96 26.31 10.09 -65.02
CA ARG B 96 27.01 10.42 -66.25
C ARG B 96 26.60 11.83 -66.66
N LYS B 97 27.57 12.65 -67.05
CA LYS B 97 27.28 13.93 -67.69
C LYS B 97 27.19 13.65 -69.18
N GLY B 98 26.06 13.97 -69.80
CA GLY B 98 25.88 13.74 -71.23
C GLY B 98 24.49 14.09 -71.72
N SER B 99 24.29 13.89 -73.01
CA SER B 99 22.98 14.07 -73.65
C SER B 99 23.04 13.26 -74.93
N ASP B 100 21.93 13.23 -75.68
CA ASP B 100 21.90 12.53 -76.96
C ASP B 100 23.07 12.96 -77.84
N ARG B 101 23.28 14.27 -77.92
CA ARG B 101 24.39 14.88 -78.67
C ARG B 101 25.33 15.60 -77.69
N LEU B 102 26.56 15.12 -77.58
CA LEU B 102 27.49 15.63 -76.57
C LEU B 102 27.95 17.05 -76.86
N ASP B 103 22.47 12.83 -67.52
CA ASP B 103 21.40 12.15 -68.24
C ASP B 103 21.20 10.70 -67.84
N ALA B 104 22.09 10.16 -67.02
CA ALA B 104 21.98 8.77 -66.57
C ALA B 104 22.49 8.64 -65.14
N TRP B 105 21.76 7.91 -64.32
CA TRP B 105 22.05 7.81 -62.89
C TRP B 105 21.96 6.37 -62.45
N GLY B 106 22.82 5.96 -61.53
CA GLY B 106 22.67 4.70 -60.83
C GLY B 106 21.54 4.75 -59.81
N PRO B 107 21.10 3.60 -59.30
CA PRO B 107 20.00 3.56 -58.33
C PRO B 107 20.39 4.07 -56.96
N GLY B 108 21.69 4.16 -56.70
CA GLY B 108 22.20 4.68 -55.44
C GLY B 108 22.57 3.62 -54.43
N THR B 109 23.53 3.94 -53.56
CA THR B 109 23.93 3.06 -52.47
C THR B 109 23.90 3.85 -51.17
N VAL B 110 23.37 3.24 -50.12
CA VAL B 110 23.20 3.92 -48.85
C VAL B 110 24.51 3.90 -48.03
N VAL B 111 24.93 5.09 -47.60
CA VAL B 111 26.11 5.23 -46.74
C VAL B 111 25.64 5.92 -45.47
N THR B 112 25.90 5.33 -44.31
CA THR B 112 25.52 6.03 -43.09
C THR B 112 26.66 6.05 -42.07
N VAL B 113 26.92 7.24 -41.57
CA VAL B 113 28.06 7.49 -40.69
C VAL B 113 27.52 7.74 -39.29
N SER B 114 27.92 6.89 -38.34
CA SER B 114 27.49 7.02 -36.96
C SER B 114 28.33 8.08 -36.27
N PRO B 115 27.72 8.83 -35.34
CA PRO B 115 28.38 9.99 -34.74
C PRO B 115 29.62 9.73 -33.90
N ALA B 116 29.69 8.61 -33.17
CA ALA B 116 30.83 8.35 -32.31
C ALA B 116 32.05 7.82 -33.07
N SER B 117 33.17 8.54 -32.99
CA SER B 117 34.44 8.10 -33.57
C SER B 117 35.20 7.16 -32.64
N THR B 118 34.86 7.18 -31.35
CA THR B 118 35.48 6.32 -30.34
C THR B 118 34.43 5.80 -29.36
N LYS B 119 34.80 4.73 -28.66
CA LYS B 119 34.02 4.22 -27.54
C LYS B 119 34.97 3.58 -26.54
N GLY B 120 34.86 3.99 -25.29
CA GLY B 120 35.68 3.42 -24.22
C GLY B 120 35.12 2.11 -23.71
N PRO B 121 36.01 1.28 -23.16
CA PRO B 121 35.62 -0.07 -22.73
C PRO B 121 34.83 -0.11 -21.43
N SER B 122 34.09 -1.20 -21.25
CA SER B 122 33.58 -1.58 -19.93
C SER B 122 34.58 -2.60 -19.43
N VAL B 123 34.97 -2.48 -18.16
CA VAL B 123 35.96 -3.37 -17.59
C VAL B 123 35.31 -4.24 -16.52
N PHE B 124 35.48 -5.55 -16.66
CA PHE B 124 34.86 -6.52 -15.76
C PHE B 124 35.91 -7.39 -15.11
N PRO B 125 35.76 -7.70 -13.82
CA PRO B 125 36.68 -8.63 -13.15
C PRO B 125 36.61 -10.01 -13.75
N LEU B 126 37.78 -10.64 -13.86
CA LEU B 126 37.88 -12.09 -13.95
C LEU B 126 38.33 -12.55 -12.56
N ALA B 127 37.37 -12.99 -11.76
CA ALA B 127 37.59 -13.24 -10.35
C ALA B 127 38.32 -14.55 -10.12
N PRO B 128 39.23 -14.59 -9.14
CA PRO B 128 39.94 -15.82 -8.78
C PRO B 128 39.01 -16.89 -8.22
N SER B 129 39.22 -18.14 -8.62
CA SER B 129 38.34 -19.26 -8.28
C SER B 129 38.29 -19.56 -6.77
N GLY B 130 48.78 -23.82 -5.27
CA GLY B 130 49.42 -22.65 -4.69
C GLY B 130 49.39 -21.42 -5.58
N THR B 131 48.94 -21.60 -6.83
CA THR B 131 48.87 -20.51 -7.82
C THR B 131 47.42 -20.22 -8.21
N ALA B 132 47.05 -18.94 -8.19
CA ALA B 132 45.73 -18.51 -8.65
C ALA B 132 45.82 -17.57 -9.85
N ALA B 133 44.82 -17.64 -10.73
CA ALA B 133 44.72 -16.70 -11.83
C ALA B 133 43.57 -15.72 -11.59
N LEU B 134 43.81 -14.46 -11.93
CA LEU B 134 42.76 -13.44 -11.89
C LEU B 134 43.00 -12.52 -13.08
N GLY B 135 42.05 -11.64 -13.36
CA GLY B 135 42.20 -10.79 -14.54
C GLY B 135 41.12 -9.76 -14.71
N CYS B 136 41.19 -9.08 -15.84
CA CYS B 136 40.18 -8.12 -16.26
C CYS B 136 39.77 -8.38 -17.68
N LEU B 137 38.47 -8.34 -17.92
CA LEU B 137 37.93 -8.38 -19.28
C LEU B 137 37.61 -6.95 -19.71
N VAL B 138 38.27 -6.53 -20.80
CA VAL B 138 38.14 -5.20 -21.35
C VAL B 138 37.31 -5.29 -22.64
N LYS B 139 36.05 -4.88 -22.54
CA LYS B 139 35.03 -5.21 -23.52
C LYS B 139 34.45 -3.98 -24.23
N ASP B 140 34.24 -4.12 -25.53
CA ASP B 140 33.42 -3.21 -26.34
C ASP B 140 34.01 -1.80 -26.51
N TYR B 141 35.24 -1.74 -26.99
CA TYR B 141 35.88 -0.47 -27.26
C TYR B 141 36.30 -0.33 -28.73
N PHE B 142 36.51 0.91 -29.15
CA PHE B 142 37.09 1.20 -30.46
C PHE B 142 37.54 2.66 -30.51
N PRO B 143 38.59 2.96 -31.27
CA PRO B 143 39.43 1.94 -31.93
C PRO B 143 40.47 1.36 -30.97
N GLU B 144 41.37 0.55 -31.51
CA GLU B 144 42.56 0.13 -30.78
C GLU B 144 43.50 1.35 -30.65
N PRO B 145 44.44 1.34 -29.72
CA PRO B 145 44.63 0.25 -28.73
C PRO B 145 44.15 0.57 -27.31
N VAL B 146 44.16 -0.45 -26.46
CA VAL B 146 43.95 -0.31 -25.02
C VAL B 146 45.24 -0.74 -24.32
N THR B 147 45.64 0.01 -23.29
CA THR B 147 46.73 -0.36 -22.39
C THR B 147 46.15 -0.96 -21.11
N VAL B 148 46.74 -2.06 -20.63
CA VAL B 148 46.42 -2.60 -19.32
C VAL B 148 47.70 -2.75 -18.52
N SER B 149 47.89 -1.94 -17.02
CA SER B 149 48.88 -2.36 -16.03
C SER B 149 48.16 -2.96 -14.82
N TRP B 150 48.96 -3.50 -13.90
CA TRP B 150 48.45 -4.05 -12.67
C TRP B 150 49.13 -3.40 -11.45
N ASN B 151 47.53 -2.25 -9.85
CA ASN B 151 48.52 -1.75 -8.83
C ASN B 151 49.56 -0.82 -9.49
N SER B 152 49.10 -0.09 -10.53
CA SER B 152 49.88 1.01 -11.15
C SER B 152 51.29 0.63 -11.69
N GLY B 153 51.45 -0.61 -12.18
CA GLY B 153 52.70 -1.04 -12.79
C GLY B 153 53.66 -1.72 -11.82
N ALA B 154 53.26 -1.82 -10.57
CA ALA B 154 54.05 -2.50 -9.55
C ALA B 154 54.01 -4.01 -9.70
N LEU B 155 52.96 -4.52 -10.34
CA LEU B 155 52.84 -5.94 -10.63
C LEU B 155 53.03 -6.20 -12.12
N THR B 156 54.12 -6.90 -12.46
CA THR B 156 54.42 -7.26 -13.85
C THR B 156 54.62 -8.76 -14.05
N SER B 157 55.18 -9.44 -13.05
CA SER B 157 55.41 -10.88 -13.15
C SER B 157 54.09 -11.65 -13.28
N GLY B 158 54.08 -12.63 -14.19
CA GLY B 158 52.99 -13.60 -14.31
C GLY B 158 51.62 -12.99 -14.51
N VAL B 159 52.02 -11.26 -15.77
CA VAL B 159 50.90 -10.63 -16.44
C VAL B 159 50.90 -11.11 -17.89
N HIS B 160 49.73 -11.45 -18.42
CA HIS B 160 49.55 -11.62 -19.86
C HIS B 160 48.38 -10.77 -20.30
N THR B 161 48.64 -9.84 -21.22
CA THR B 161 47.59 -9.07 -21.87
C THR B 161 47.51 -9.52 -23.32
N PHE B 162 46.33 -10.05 -23.67
CA PHE B 162 46.14 -10.74 -24.94
C PHE B 162 45.90 -9.74 -26.07
N PRO B 163 46.24 -10.13 -27.31
CA PRO B 163 45.82 -9.35 -28.49
C PRO B 163 44.32 -9.17 -28.46
N ALA B 164 43.82 -8.01 -28.89
CA ALA B 164 42.38 -7.79 -28.96
C ALA B 164 41.76 -8.65 -30.05
N VAL B 165 40.47 -8.92 -29.89
CA VAL B 165 39.72 -9.62 -30.91
C VAL B 165 38.63 -8.68 -31.41
N LEU B 166 38.39 -8.71 -32.71
CA LEU B 166 37.31 -7.95 -33.31
C LEU B 166 36.07 -8.82 -33.21
N GLN B 167 35.08 -8.34 -32.45
CA GLN B 167 33.82 -9.05 -32.25
C GLN B 167 32.90 -8.89 -33.46
N SER B 168 31.91 -9.79 -33.57
CA SER B 168 30.99 -9.82 -34.72
C SER B 168 30.09 -8.60 -34.77
N SER B 169 30.22 -7.28 -33.45
CA SER B 169 29.61 -5.97 -33.28
C SER B 169 30.49 -4.91 -33.93
N GLY B 170 31.69 -5.30 -34.36
CA GLY B 170 32.70 -4.37 -34.83
C GLY B 170 33.38 -3.61 -33.69
N LEU B 171 33.19 -4.11 -32.46
CA LEU B 171 33.87 -3.56 -31.30
C LEU B 171 35.00 -4.53 -30.91
N TYR B 172 36.03 -3.99 -30.29
CA TYR B 172 37.15 -4.80 -29.82
C TYR B 172 36.94 -5.29 -28.40
N SER B 173 37.62 -6.38 -28.05
CA SER B 173 37.66 -6.89 -26.68
C SER B 173 38.96 -7.61 -26.43
N LEU B 174 39.52 -7.42 -25.23
CA LEU B 174 40.70 -8.16 -24.80
C LEU B 174 40.60 -8.52 -23.32
N SER B 175 41.40 -9.51 -22.92
CA SER B 175 41.57 -9.83 -21.52
C SER B 175 43.01 -9.61 -21.10
N SER B 176 43.20 -9.26 -19.83
CA SER B 176 44.53 -9.23 -19.23
C SER B 176 44.42 -10.09 -17.99
N VAL B 177 45.36 -11.02 -17.82
CA VAL B 177 45.36 -11.95 -16.69
C VAL B 177 46.69 -11.90 -15.96
N VAL B 178 46.68 -12.38 -14.72
CA VAL B 178 47.91 -12.51 -13.95
C VAL B 178 47.78 -13.72 -13.02
N THR B 179 48.87 -14.45 -12.85
CA THR B 179 48.90 -15.51 -11.84
C THR B 179 49.66 -15.03 -10.60
N VAL B 180 49.11 -15.35 -9.43
CA VAL B 180 49.68 -14.93 -8.14
C VAL B 180 49.66 -16.09 -7.12
N PRO B 181 50.42 -15.98 -6.03
CA PRO B 181 50.33 -16.95 -4.91
C PRO B 181 48.94 -16.95 -4.21
N SER B 182 48.37 -18.16 -4.08
CA SER B 182 46.99 -18.33 -3.61
C SER B 182 46.77 -17.79 -2.20
N SER B 183 47.85 -17.79 -1.41
CA SER B 183 47.83 -17.26 -0.05
C SER B 183 47.68 -15.74 -0.02
N SER B 184 48.09 -15.06 -1.09
CA SER B 184 48.01 -13.61 -1.17
C SER B 184 46.57 -13.08 -1.32
N LEU B 185 45.68 -13.96 -1.87
CA LEU B 185 44.31 -13.57 -2.24
C LEU B 185 43.51 -12.85 -1.15
N GLY B 186 43.46 -13.44 0.05
CA GLY B 186 42.73 -12.85 1.15
C GLY B 186 43.39 -11.60 1.73
N THR B 187 44.68 -11.44 1.44
CA THR B 187 45.45 -10.30 1.95
C THR B 187 45.75 -9.32 0.81
N GLN B 188 48.05 -8.88 -0.94
CA GLN B 188 47.52 -8.32 -2.17
C GLN B 188 46.23 -9.04 -2.58
N THR B 189 45.73 -5.81 -2.29
CA THR B 189 44.64 -5.91 -3.26
C THR B 189 45.20 -5.96 -4.67
N TYR B 190 44.34 -6.33 -5.63
CA TYR B 190 44.74 -6.35 -7.03
C TYR B 190 43.82 -5.46 -7.84
N ILE B 191 44.42 -4.50 -8.56
CA ILE B 191 43.65 -3.59 -9.43
C ILE B 191 44.26 -3.53 -10.84
N CYS B 192 43.42 -3.64 -11.87
CA CYS B 192 43.88 -3.43 -13.24
C CYS B 192 43.66 -1.97 -13.65
N ASN B 193 44.68 -1.37 -14.24
CA ASN B 193 44.61 0.00 -14.75
C ASN B 193 44.50 -0.02 -16.27
N VAL B 194 43.30 0.29 -16.76
CA VAL B 194 43.01 0.24 -18.20
C VAL B 194 43.01 1.66 -18.75
N ASN B 195 43.80 1.87 -19.81
CA ASN B 195 43.85 3.16 -20.50
C ASN B 195 43.46 3.01 -21.97
N HIS B 196 42.48 3.82 -22.38
CA HIS B 196 42.06 3.88 -23.76
C HIS B 196 42.22 5.31 -24.22
N LYS B 197 43.39 5.59 -24.79
CA LYS B 197 43.77 6.93 -25.25
C LYS B 197 42.75 7.59 -26.19
N PRO B 198 42.28 6.89 -27.23
CA PRO B 198 41.37 7.47 -28.21
C PRO B 198 40.07 8.06 -27.61
N SER B 199 39.49 7.41 -26.60
CA SER B 199 38.26 7.92 -25.99
C SER B 199 38.51 8.67 -24.68
N ASN B 200 39.78 8.94 -24.38
CA ASN B 200 40.22 9.62 -23.16
C ASN B 200 39.70 8.96 -21.86
N THR B 201 39.64 7.64 -21.87
CA THR B 201 39.06 6.88 -20.76
C THR B 201 40.12 6.12 -20.00
N LYS B 202 40.11 6.29 -18.67
CA LYS B 202 40.92 5.50 -17.76
C LYS B 202 40.00 4.83 -16.75
N VAL B 203 40.15 3.53 -16.58
CA VAL B 203 39.32 2.76 -15.65
C VAL B 203 40.19 1.91 -14.74
N ASP B 204 40.01 2.05 -13.43
CA ASP B 204 40.66 1.18 -12.45
C ASP B 204 39.63 0.20 -11.88
N LYS B 205 39.99 -1.08 -11.85
CA LYS B 205 39.04 -2.10 -11.44
C LYS B 205 39.58 -3.03 -10.35
N LYS B 206 38.98 -2.91 -9.17
CA LYS B 206 39.16 -3.87 -8.08
C LYS B 206 37.96 -4.80 -8.06
N VAL B 207 40.31 -6.28 -8.24
CA VAL B 207 39.79 -7.63 -8.46
C VAL B 207 39.93 -8.40 -7.15
N GLU B 208 38.79 -8.85 -6.63
CA GLU B 208 38.73 -9.60 -5.38
C GLU B 208 37.90 -10.87 -5.59
N PRO B 209 38.22 -11.94 -4.82
CA PRO B 209 37.38 -13.14 -4.79
C PRO B 209 35.91 -12.80 -4.57
N LYS B 210 35.01 -13.55 -5.20
CA LYS B 210 33.56 -13.28 -5.16
C LYS B 210 32.94 -13.66 -3.81
N VAL C 1 54.16 -23.28 -60.57
CA VAL C 1 55.22 -23.48 -59.54
C VAL C 1 54.66 -23.49 -58.11
N VAL C 2 54.99 -24.52 -57.35
CA VAL C 2 54.69 -24.54 -55.93
C VAL C 2 56.01 -24.46 -55.16
N MET C 3 56.03 -23.60 -54.15
CA MET C 3 57.19 -23.42 -53.28
C MET C 3 56.91 -24.02 -51.92
N THR C 4 57.83 -24.85 -51.45
CA THR C 4 57.71 -25.45 -50.12
C THR C 4 58.93 -25.15 -49.28
N GLN C 5 58.69 -24.62 -48.08
CA GLN C 5 59.74 -24.35 -47.10
C GLN C 5 59.90 -25.47 -46.08
N SER C 6 61.12 -25.62 -45.58
CA SER C 6 61.42 -26.61 -44.56
C SER C 6 62.44 -25.99 -43.60
N PRO C 7 62.20 -26.05 -42.30
CA PRO C 7 60.97 -26.60 -41.69
C PRO C 7 59.88 -25.53 -41.62
N SER C 8 58.72 -25.87 -41.07
CA SER C 8 57.66 -24.86 -40.86
C SER C 8 57.87 -24.03 -39.60
N THR C 9 58.38 -24.67 -38.55
CA THR C 9 58.83 -23.96 -37.36
C THR C 9 60.28 -24.39 -37.10
N LEU C 10 61.18 -23.42 -36.99
CA LEU C 10 62.57 -23.70 -36.67
C LEU C 10 62.88 -23.13 -35.28
N SER C 11 63.25 -23.99 -34.34
CA SER C 11 63.55 -23.55 -32.96
C SER C 11 65.05 -23.56 -32.77
N ALA C 12 65.57 -22.45 -32.27
CA ALA C 12 67.01 -22.32 -32.06
C ALA C 12 67.33 -21.38 -30.89
N SER C 13 68.60 -21.32 -30.51
CA SER C 13 69.05 -20.41 -29.48
C SER C 13 69.75 -19.20 -30.08
N VAL C 14 69.81 -18.11 -29.32
CA VAL C 14 70.55 -16.93 -29.71
C VAL C 14 71.98 -17.30 -30.03
N GLY C 15 72.48 -16.75 -31.14
CA GLY C 15 73.86 -16.97 -31.55
C GLY C 15 74.04 -18.13 -32.52
N ASP C 16 72.99 -18.94 -32.71
CA ASP C 16 73.08 -20.11 -33.57
C ASP C 16 73.18 -19.72 -35.03
N THR C 17 73.79 -20.60 -35.83
CA THR C 17 73.68 -20.54 -37.28
C THR C 17 72.58 -21.49 -37.73
N ILE C 18 71.57 -20.98 -38.43
CA ILE C 18 70.44 -21.81 -38.83
C ILE C 18 70.25 -21.70 -40.33
N THR C 19 69.63 -22.72 -40.91
CA THR C 19 69.37 -22.77 -42.34
C THR C 19 67.89 -23.08 -42.58
N ILE C 20 67.26 -22.28 -43.43
CA ILE C 20 65.92 -22.57 -43.88
C ILE C 20 66.00 -23.00 -45.35
N THR C 21 65.29 -24.09 -45.69
CA THR C 21 65.30 -24.58 -47.07
C THR C 21 64.02 -24.15 -47.79
N CYS C 22 64.14 -23.91 -49.09
CA CYS C 22 63.00 -23.62 -49.96
C CYS C 22 63.14 -24.44 -51.21
N ARG C 23 62.10 -25.22 -51.53
CA ARG C 23 62.12 -26.00 -52.76
C ARG C 23 61.03 -25.59 -53.73
N ALA C 24 61.40 -25.54 -55.01
CA ALA C 24 60.45 -25.26 -56.08
C ALA C 24 60.07 -26.56 -56.78
N SER C 25 58.80 -26.67 -57.21
CA SER C 25 58.29 -27.89 -57.84
C SER C 25 58.87 -28.07 -59.26
N GLN C 26 59.37 -26.98 -59.84
CA GLN C 26 60.07 -26.99 -61.12
C GLN C 26 61.16 -25.92 -61.09
N SER C 27 62.13 -26.02 -62.00
CA SER C 27 63.25 -25.08 -61.98
C SER C 27 62.80 -23.64 -62.11
N ILE C 28 63.36 -22.79 -61.27
CA ILE C 28 63.09 -21.36 -61.35
C ILE C 28 64.40 -20.56 -61.47
N GLU C 29 65.45 -21.23 -61.97
CA GLU C 29 66.77 -20.57 -62.11
C GLU C 29 67.18 -19.98 -60.78
N THR C 30 67.43 -18.67 -60.73
CA THR C 30 67.68 -18.00 -59.43
C THR C 30 66.64 -16.93 -59.11
N TRP C 31 65.44 -17.06 -59.68
CA TRP C 31 64.39 -16.06 -59.45
C TRP C 31 63.68 -16.32 -58.12
N LEU C 32 64.41 -16.11 -57.03
CA LEU C 32 63.94 -16.48 -55.72
C LEU C 32 64.30 -15.36 -54.74
N ALA C 33 63.34 -14.94 -53.92
CA ALA C 33 63.59 -13.92 -52.91
C ALA C 33 63.20 -14.42 -51.53
N TRP C 34 63.81 -13.83 -50.51
CA TRP C 34 63.53 -14.14 -49.12
C TRP C 34 63.10 -12.87 -48.40
N TYR C 35 62.02 -12.98 -47.62
CA TYR C 35 61.49 -11.85 -46.86
C TYR C 35 61.44 -12.22 -45.39
N GLN C 36 61.61 -11.21 -44.54
CA GLN C 36 61.40 -11.34 -43.12
C GLN C 36 60.09 -10.63 -42.76
N GLN C 37 59.31 -11.22 -41.85
CA GLN C 37 58.09 -10.55 -41.40
C GLN C 37 57.84 -10.79 -39.90
N LYS C 38 57.63 -9.70 -39.20
CA LYS C 38 57.26 -9.72 -37.78
C LYS C 38 55.76 -9.58 -37.67
N PRO C 39 55.18 -10.07 -36.59
CA PRO C 39 53.72 -10.08 -36.45
C PRO C 39 53.14 -8.68 -36.53
N GLY C 40 52.17 -8.51 -37.44
CA GLY C 40 51.49 -7.25 -37.61
C GLY C 40 52.25 -6.23 -38.41
N LYS C 41 53.39 -6.62 -38.97
CA LYS C 41 54.20 -5.66 -39.74
C LYS C 41 54.25 -6.09 -41.20
N ALA C 42 54.85 -5.25 -42.05
CA ALA C 42 55.00 -5.55 -43.46
C ALA C 42 56.18 -6.50 -43.65
N PRO C 43 56.13 -7.38 -44.67
CA PRO C 43 57.30 -8.14 -45.07
C PRO C 43 58.41 -7.18 -45.51
N LYS C 44 59.65 -7.62 -45.30
CA LYS C 44 60.84 -6.85 -45.63
C LYS C 44 61.74 -7.72 -46.46
N LEU C 45 62.12 -7.22 -47.63
CA LEU C 45 62.98 -7.97 -48.54
C LEU C 45 64.38 -8.08 -47.94
N LEU C 46 64.92 -9.29 -47.94
CA LEU C 46 66.28 -9.53 -47.42
C LEU C 46 67.25 -9.84 -48.54
N ILE C 47 66.85 -10.78 -49.39
CA ILE C 47 67.72 -11.36 -50.41
C ILE C 47 66.89 -11.57 -51.67
N TYR C 48 67.51 -11.35 -52.83
CA TYR C 48 66.82 -11.61 -54.08
C TYR C 48 67.79 -12.18 -55.09
N LYS C 49 67.26 -12.62 -56.22
CA LYS C 49 68.02 -13.42 -57.17
C LYS C 49 68.86 -14.49 -56.46
N ALA C 50 68.21 -15.13 -55.47
CA ALA C 50 68.77 -16.22 -54.67
C ALA C 50 69.85 -15.84 -53.67
N SER C 51 70.77 -14.96 -54.05
CA SER C 51 71.95 -14.70 -53.21
C SER C 51 72.34 -13.21 -53.05
N THR C 52 71.58 -12.30 -53.65
CA THR C 52 71.92 -10.87 -53.58
C THR C 52 71.30 -10.29 -52.33
N LEU C 53 72.13 -9.76 -51.44
CA LEU C 53 71.64 -9.12 -50.22
C LEU C 53 71.11 -7.73 -50.58
N LYS C 54 69.90 -7.40 -50.15
CA LYS C 54 69.43 -6.03 -50.30
C LYS C 54 70.32 -5.06 -49.50
N THR C 55 70.63 -3.90 -50.08
CA THR C 55 71.42 -2.89 -49.39
C THR C 55 70.83 -2.60 -48.02
N GLY C 56 71.69 -2.60 -47.01
CA GLY C 56 71.27 -2.30 -45.65
C GLY C 56 70.93 -3.50 -44.78
N VAL C 57 70.71 -4.66 -45.42
CA VAL C 57 70.39 -5.88 -44.65
C VAL C 57 71.70 -6.41 -44.07
N PRO C 58 71.69 -6.83 -42.80
CA PRO C 58 72.93 -7.26 -42.14
C PRO C 58 73.57 -8.46 -42.82
N SER C 59 74.90 -8.52 -42.74
CA SER C 59 75.68 -9.53 -43.46
C SER C 59 75.51 -10.96 -42.93
N ARG C 60 74.91 -11.11 -41.75
CA ARG C 60 74.66 -12.47 -41.22
C ARG C 60 73.59 -13.23 -42.00
N PHE C 61 72.82 -12.52 -42.83
CA PHE C 61 71.85 -13.15 -43.73
C PHE C 61 72.52 -13.48 -45.05
N SER C 62 72.39 -14.72 -45.51
CA SER C 62 72.89 -15.06 -46.84
C SER C 62 71.99 -16.08 -47.50
N GLY C 63 71.99 -16.09 -48.82
CA GLY C 63 71.14 -17.01 -49.55
C GLY C 63 71.98 -17.75 -50.56
N SER C 64 71.58 -18.98 -50.89
CA SER C 64 72.24 -19.73 -51.94
C SER C 64 71.26 -20.66 -52.65
N GLY C 65 71.72 -21.30 -53.72
CA GLY C 65 70.91 -22.22 -54.46
C GLY C 65 70.53 -21.75 -55.85
N SER C 66 70.07 -22.70 -56.67
CA SER C 66 69.54 -22.41 -58.00
C SER C 66 68.73 -23.61 -58.45
N GLY C 67 67.87 -23.41 -59.44
CA GLY C 67 67.08 -24.51 -59.97
C GLY C 67 65.86 -24.75 -59.13
N THR C 68 65.91 -25.77 -58.26
CA THR C 68 64.80 -26.13 -57.36
C THR C 68 65.09 -26.09 -55.87
N GLU C 69 66.36 -25.94 -55.47
CA GLU C 69 66.69 -25.99 -54.04
C GLU C 69 67.45 -24.73 -53.58
N PHE C 70 66.89 -24.05 -52.58
CA PHE C 70 67.40 -22.78 -52.11
C PHE C 70 67.53 -22.78 -50.60
N THR C 71 68.45 -21.99 -50.09
CA THR C 71 68.69 -21.93 -48.64
C THR C 71 68.86 -20.49 -48.20
N LEU C 72 68.24 -20.14 -47.08
CA LEU C 72 68.55 -18.91 -46.37
C LEU C 72 69.33 -19.31 -45.13
N THR C 73 70.49 -18.70 -44.92
CA THR C 73 71.28 -18.99 -43.74
C THR C 73 71.38 -17.75 -42.87
N ILE C 74 71.14 -17.89 -41.57
CA ILE C 74 71.35 -16.78 -40.66
C ILE C 74 72.51 -17.19 -39.76
N SER C 75 73.65 -16.53 -39.94
CA SER C 75 74.86 -16.90 -39.22
C SER C 75 75.05 -16.06 -37.96
N GLY C 76 74.52 -16.56 -36.85
CA GLY C 76 74.60 -15.88 -35.57
C GLY C 76 73.29 -15.17 -35.28
N LEU C 77 72.26 -15.93 -34.93
CA LEU C 77 70.92 -15.42 -34.63
C LEU C 77 70.95 -14.36 -33.52
N GLN C 78 70.36 -13.19 -33.78
CA GLN C 78 70.17 -12.14 -32.77
C GLN C 78 68.70 -12.11 -32.36
N PHE C 79 68.39 -11.50 -31.22
CA PHE C 79 66.99 -11.50 -30.74
C PHE C 79 66.01 -10.89 -31.78
N ASP C 80 66.51 -9.94 -32.56
CA ASP C 80 65.73 -9.30 -33.62
C ASP C 80 65.36 -10.24 -34.76
N ASP C 81 66.04 -11.39 -34.87
CA ASP C 81 65.85 -12.31 -36.00
C ASP C 81 64.76 -13.35 -35.80
N PHE C 82 64.22 -13.46 -34.59
CA PHE C 82 63.12 -14.40 -34.36
C PHE C 82 61.86 -13.74 -34.92
N ALA C 83 61.30 -14.39 -35.94
CA ALA C 83 60.32 -13.82 -36.88
C ALA C 83 59.93 -14.91 -37.90
N THR C 84 59.03 -14.59 -38.82
CA THR C 84 58.71 -15.49 -39.91
C THR C 84 59.56 -15.12 -41.13
N TYR C 85 60.02 -16.12 -41.88
CA TYR C 85 60.76 -15.90 -43.12
C TYR C 85 59.95 -16.54 -44.25
N HIS C 86 59.83 -15.84 -45.37
CA HIS C 86 59.01 -16.29 -46.49
C HIS C 86 59.91 -16.36 -47.70
N CYS C 87 59.83 -17.45 -48.45
CA CYS C 87 60.49 -17.49 -49.74
C CYS C 87 59.47 -17.20 -50.85
N GLN C 88 59.96 -16.70 -51.98
CA GLN C 88 59.08 -16.26 -53.05
C GLN C 88 59.75 -16.49 -54.40
N HIS C 89 59.03 -17.15 -55.31
CA HIS C 89 59.42 -17.13 -56.72
C HIS C 89 58.68 -15.97 -57.38
N TYR C 90 59.41 -15.10 -58.04
CA TYR C 90 58.80 -13.96 -58.73
C TYR C 90 59.07 -14.06 -60.22
N ALA C 91 58.01 -13.94 -61.00
CA ALA C 91 58.06 -14.03 -62.47
C ALA C 91 57.62 -12.70 -63.07
N GLY C 92 57.46 -12.65 -64.40
CA GLY C 92 57.16 -11.41 -65.09
C GLY C 92 55.86 -10.72 -64.67
N TYR C 93 54.85 -11.51 -64.35
CA TYR C 93 53.53 -10.98 -64.04
C TYR C 93 53.08 -11.40 -62.65
N SER C 94 53.33 -12.66 -62.27
CA SER C 94 52.87 -13.18 -60.99
C SER C 94 54.04 -13.58 -60.09
N ALA C 95 53.70 -13.99 -58.87
CA ALA C 95 54.66 -14.52 -57.94
C ALA C 95 53.96 -15.59 -57.10
N THR C 96 54.75 -16.40 -56.42
CA THR C 96 54.20 -17.42 -55.54
C THR C 96 55.11 -17.55 -54.32
N PHE C 97 54.51 -17.73 -53.14
CA PHE C 97 55.27 -17.78 -51.89
C PHE C 97 55.28 -19.18 -51.29
N GLY C 98 56.31 -19.47 -50.50
CA GLY C 98 56.29 -20.67 -49.66
C GLY C 98 55.30 -20.41 -48.53
N GLN C 99 55.17 -21.38 -47.62
CA GLN C 99 54.18 -21.26 -46.55
C GLN C 99 54.66 -20.43 -45.35
N GLY C 100 55.93 -20.06 -45.37
CA GLY C 100 56.54 -19.32 -44.28
C GLY C 100 57.19 -20.27 -43.27
N THR C 101 58.30 -19.81 -42.69
CA THR C 101 58.97 -20.55 -41.63
C THR C 101 59.03 -19.63 -40.41
N ARG C 102 58.48 -20.07 -39.29
CA ARG C 102 58.58 -19.30 -38.05
C ARG C 102 59.86 -19.69 -37.30
N VAL C 103 60.73 -18.72 -37.04
CA VAL C 103 61.96 -18.95 -36.27
C VAL C 103 61.69 -18.50 -34.84
N GLU C 104 61.78 -19.45 -33.90
CA GLU C 104 61.43 -19.22 -32.50
C GLU C 104 62.58 -19.59 -31.59
N ILE C 105 62.56 -19.08 -30.36
CA ILE C 105 63.55 -19.41 -29.36
C ILE C 105 63.24 -20.79 -28.78
N LYS C 106 64.21 -21.70 -28.87
CA LYS C 106 64.04 -23.07 -28.36
C LYS C 106 64.05 -23.11 -26.83
N ARG C 107 63.14 -23.90 -26.28
CA ARG C 107 63.10 -24.25 -24.87
C ARG C 107 62.51 -25.65 -24.75
N THR C 108 62.41 -26.17 -23.51
CA THR C 108 61.85 -27.51 -23.29
C THR C 108 60.34 -27.47 -23.46
N VAL C 109 59.76 -28.63 -23.71
CA VAL C 109 58.32 -28.72 -23.83
C VAL C 109 57.66 -28.35 -22.51
N ALA C 110 56.58 -27.57 -22.59
CA ALA C 110 55.82 -27.17 -21.41
C ALA C 110 54.33 -27.34 -21.68
N ALA C 111 53.67 -28.12 -20.85
CA ALA C 111 52.23 -28.29 -20.96
C ALA C 111 51.51 -27.00 -20.48
N PRO C 112 50.36 -26.67 -21.08
CA PRO C 112 49.56 -25.53 -20.61
C PRO C 112 49.01 -25.74 -19.21
N SER C 113 49.04 -24.67 -18.42
CA SER C 113 48.31 -24.59 -17.16
C SER C 113 46.98 -23.94 -17.49
N VAL C 114 45.89 -24.66 -17.17
CA VAL C 114 44.56 -24.27 -17.70
C VAL C 114 43.69 -23.66 -16.60
N PHE C 115 43.00 -22.57 -16.94
CA PHE C 115 42.10 -21.87 -16.05
C PHE C 115 40.84 -21.46 -16.77
N ILE C 116 39.71 -21.59 -16.10
CA ILE C 116 38.44 -21.13 -16.65
C ILE C 116 37.85 -20.03 -15.77
N PHE C 117 37.28 -19.02 -16.42
CA PHE C 117 36.67 -17.87 -15.73
C PHE C 117 35.22 -17.69 -16.17
N PRO C 118 34.29 -17.72 -15.22
CA PRO C 118 32.90 -17.35 -15.50
C PRO C 118 32.78 -15.88 -15.88
N PRO C 119 31.68 -15.49 -16.52
CA PRO C 119 31.38 -14.07 -16.70
C PRO C 119 31.10 -13.39 -15.35
N SER C 120 31.47 -12.12 -15.23
CA SER C 120 31.12 -11.32 -14.05
C SER C 120 29.61 -11.02 -14.04
N ASP C 121 29.02 -10.91 -12.85
CA ASP C 121 27.58 -10.59 -12.80
C ASP C 121 27.34 -9.15 -13.26
N GLU C 122 28.34 -8.29 -13.08
CA GLU C 122 28.34 -6.92 -13.59
C GLU C 122 28.06 -6.88 -15.11
N GLN C 123 28.80 -7.70 -15.88
CA GLN C 123 28.55 -7.88 -17.32
C GLN C 123 27.15 -8.48 -17.53
N LEU C 124 26.85 -9.54 -16.79
CA LEU C 124 25.66 -10.39 -17.02
C LEU C 124 24.39 -9.55 -16.85
N LYS C 125 24.50 -8.56 -15.96
CA LYS C 125 23.48 -7.56 -15.75
C LYS C 125 23.19 -6.81 -17.06
N SER C 126 24.22 -6.62 -17.88
CA SER C 126 24.09 -5.89 -19.15
C SER C 126 23.51 -6.73 -20.30
N GLY C 127 23.47 -8.05 -20.13
CA GLY C 127 22.86 -8.90 -21.15
C GLY C 127 23.77 -9.81 -21.95
N THR C 128 25.08 -9.75 -21.70
CA THR C 128 26.04 -10.61 -22.36
C THR C 128 26.85 -11.40 -21.32
N ALA C 129 27.34 -12.60 -21.76
CA ALA C 129 28.19 -13.46 -20.94
C ALA C 129 29.43 -13.91 -21.71
N SER C 130 30.59 -13.42 -21.27
CA SER C 130 31.85 -13.86 -21.84
C SER C 130 32.49 -14.87 -20.87
N VAL C 131 32.77 -16.07 -21.38
CA VAL C 131 33.41 -17.12 -20.59
C VAL C 131 34.81 -17.30 -21.14
N VAL C 132 35.82 -17.22 -20.27
CA VAL C 132 37.21 -17.17 -20.71
C VAL C 132 37.99 -18.38 -20.25
N CYS C 133 38.74 -18.97 -21.19
CA CYS C 133 39.67 -20.05 -20.90
C CYS C 133 41.07 -19.58 -21.18
N LEU C 134 41.95 -19.81 -20.21
CA LEU C 134 43.36 -19.45 -20.29
C LEU C 134 44.23 -20.69 -20.34
N LEU C 135 45.11 -20.74 -21.33
CA LEU C 135 46.12 -21.79 -21.46
C LEU C 135 47.42 -21.09 -21.26
N ASN C 136 48.04 -21.36 -20.12
CA ASN C 136 49.15 -20.53 -19.70
C ASN C 136 50.51 -21.22 -19.79
N ASN C 137 51.46 -20.52 -20.41
CA ASN C 137 52.88 -20.83 -20.34
C ASN C 137 53.19 -22.22 -20.91
N PHE C 138 52.89 -22.38 -22.18
CA PHE C 138 53.09 -23.67 -22.82
C PHE C 138 54.04 -23.56 -23.99
N TYR C 139 54.53 -24.72 -24.47
CA TYR C 139 55.49 -24.77 -25.59
C TYR C 139 55.57 -26.21 -26.08
N PRO C 140 55.54 -26.45 -27.38
CA PRO C 140 55.42 -25.44 -28.46
C PRO C 140 54.03 -24.80 -28.62
N ARG C 141 53.88 -23.93 -29.62
CA ARG C 141 52.70 -23.06 -29.73
C ARG C 141 51.39 -23.78 -30.09
N GLU C 142 51.49 -24.99 -30.63
CA GLU C 142 50.31 -25.68 -31.11
C GLU C 142 49.50 -26.27 -29.95
N ALA C 143 48.24 -25.89 -29.87
CA ALA C 143 47.34 -26.37 -28.82
C ALA C 143 45.92 -26.36 -29.36
N LYS C 144 45.05 -27.15 -28.75
CA LYS C 144 43.64 -27.18 -29.15
C LYS C 144 42.74 -26.99 -27.95
N VAL C 145 41.79 -26.07 -28.07
CA VAL C 145 40.78 -25.80 -27.05
C VAL C 145 39.42 -26.04 -27.63
N GLN C 146 38.56 -26.74 -26.90
CA GLN C 146 37.16 -26.90 -27.28
C GLN C 146 36.28 -26.55 -26.09
N TRP C 147 35.11 -25.98 -26.38
CA TRP C 147 34.15 -25.63 -25.34
C TRP C 147 33.02 -26.65 -25.29
N LYS C 148 32.61 -26.99 -24.08
CA LYS C 148 31.44 -27.84 -23.87
C LYS C 148 30.49 -27.13 -22.91
N VAL C 149 29.19 -27.15 -23.24
CA VAL C 149 28.16 -26.57 -22.36
C VAL C 149 27.13 -27.65 -22.07
N ASP C 150 27.00 -28.02 -20.80
CA ASP C 150 26.22 -29.20 -20.40
C ASP C 150 26.61 -30.42 -21.24
N ASN C 151 27.93 -30.64 -21.32
CA ASN C 151 28.56 -31.71 -22.11
C ASN C 151 28.39 -31.61 -23.64
N ALA C 152 27.66 -30.60 -24.10
CA ALA C 152 27.49 -30.39 -25.54
C ALA C 152 28.70 -29.67 -26.15
N LEU C 153 29.33 -30.33 -27.13
CA LEU C 153 30.44 -29.72 -27.84
C LEU C 153 29.98 -28.53 -28.69
N GLN C 154 30.61 -27.39 -28.46
CA GLN C 154 30.21 -26.12 -29.07
C GLN C 154 30.92 -25.92 -30.39
N SER C 155 30.31 -25.10 -31.25
CA SER C 155 30.89 -24.76 -32.56
C SER C 155 30.58 -23.32 -32.93
N GLY C 156 31.60 -22.62 -33.42
CA GLY C 156 31.42 -21.31 -34.03
C GLY C 156 31.09 -20.14 -33.12
N ASN C 157 31.17 -20.33 -31.81
CA ASN C 157 30.88 -19.26 -30.84
C ASN C 157 32.05 -18.91 -29.91
N SER C 158 33.27 -19.11 -30.40
CA SER C 158 34.45 -18.73 -29.61
C SER C 158 35.49 -18.06 -30.47
N GLN C 159 36.34 -17.24 -29.84
CA GLN C 159 37.50 -16.66 -30.50
C GLN C 159 38.75 -16.89 -29.67
N GLU C 160 39.90 -16.95 -30.33
CA GLU C 160 41.18 -17.28 -29.67
C GLU C 160 42.20 -16.21 -29.96
N SER C 161 43.10 -15.98 -29.00
CA SER C 161 44.24 -15.07 -29.17
C SER C 161 45.49 -15.72 -28.55
N VAL C 162 46.66 -15.53 -29.18
CA VAL C 162 47.92 -16.10 -28.66
C VAL C 162 49.02 -15.04 -28.51
N THR C 163 49.74 -15.07 -27.39
CA THR C 163 50.87 -14.15 -27.20
C THR C 163 52.08 -14.59 -28.00
N GLU C 164 53.01 -13.66 -28.20
CA GLU C 164 54.35 -14.00 -28.68
C GLU C 164 55.13 -14.66 -27.54
N GLN C 165 56.26 -15.30 -27.84
CA GLN C 165 57.09 -15.89 -26.79
C GLN C 165 57.38 -14.93 -25.66
N ASP C 166 57.15 -15.39 -24.44
CA ASP C 166 57.38 -14.62 -23.24
C ASP C 166 58.86 -14.25 -23.14
N SER C 167 59.13 -13.00 -22.77
CA SER C 167 60.49 -12.49 -22.79
C SER C 167 61.38 -13.16 -21.75
N LYS C 168 60.78 -13.75 -20.71
CA LYS C 168 61.56 -14.39 -19.66
C LYS C 168 61.68 -15.91 -19.82
N ASP C 169 60.60 -16.59 -20.18
CA ASP C 169 60.67 -18.05 -20.30
C ASP C 169 60.36 -18.64 -21.66
N SER C 170 60.20 -17.78 -22.69
CA SER C 170 59.98 -18.23 -24.07
C SER C 170 58.75 -19.13 -24.29
N THR C 171 57.79 -19.08 -23.37
CA THR C 171 56.54 -19.80 -23.61
C THR C 171 55.49 -18.98 -24.32
N TYR C 172 54.41 -19.67 -24.67
CA TYR C 172 53.24 -19.02 -25.25
C TYR C 172 52.09 -19.14 -24.29
N SER C 173 51.15 -18.21 -24.39
CA SER C 173 49.87 -18.34 -23.71
C SER C 173 48.73 -18.09 -24.69
N LEU C 174 47.55 -18.60 -24.36
CA LEU C 174 46.40 -18.57 -25.26
C LEU C 174 45.15 -18.29 -24.43
N SER C 175 44.30 -17.40 -24.94
CA SER C 175 43.00 -17.17 -24.33
C SER C 175 41.93 -17.51 -25.36
N SER C 176 40.89 -18.20 -24.92
CA SER C 176 39.73 -18.48 -25.75
C SER C 176 38.51 -17.91 -25.03
N THR C 177 37.70 -17.16 -25.77
CA THR C 177 36.51 -16.56 -25.18
C THR C 177 35.27 -17.15 -25.85
N LEU C 178 34.39 -17.71 -25.02
CA LEU C 178 33.11 -18.22 -25.46
C LEU C 178 32.10 -17.11 -25.16
N THR C 179 31.41 -16.65 -26.20
CA THR C 179 30.46 -15.55 -26.06
C THR C 179 29.02 -16.04 -26.23
N LEU C 180 28.21 -15.82 -25.20
CA LEU C 180 26.78 -16.09 -25.29
C LEU C 180 26.02 -14.90 -24.72
N SER C 181 24.79 -14.72 -25.19
CA SER C 181 23.87 -13.77 -24.58
C SER C 181 23.60 -14.20 -23.13
N LYS C 182 23.08 -13.27 -22.32
CA LYS C 182 22.73 -13.59 -20.93
C LYS C 182 21.74 -14.75 -20.92
N ALA C 183 20.68 -14.57 -21.81
CA ALA C 183 19.57 -15.51 -21.83
C ALA C 183 20.01 -16.95 -22.15
N ASP C 184 20.89 -17.10 -23.13
CA ASP C 184 21.39 -18.40 -23.52
C ASP C 184 22.31 -19.00 -22.45
N TYR C 185 23.07 -18.13 -21.78
CA TYR C 185 23.94 -18.53 -20.68
C TYR C 185 23.17 -19.11 -19.50
N GLU C 186 22.02 -18.52 -19.18
CA GLU C 186 21.24 -18.93 -18.02
C GLU C 186 20.38 -20.17 -18.30
N LYS C 187 20.40 -20.61 -19.55
CA LYS C 187 19.75 -21.85 -19.96
C LYS C 187 20.53 -23.11 -19.55
N HIS C 188 21.83 -22.94 -19.23
CA HIS C 188 22.70 -24.09 -18.95
C HIS C 188 23.57 -24.00 -17.70
N LYS C 189 24.00 -25.16 -17.21
CA LYS C 189 24.70 -25.26 -15.93
C LYS C 189 26.21 -25.42 -16.07
N VAL C 190 26.64 -26.48 -16.77
CA VAL C 190 28.05 -26.85 -16.79
C VAL C 190 28.81 -26.17 -17.93
N TYR C 191 29.83 -25.41 -17.58
CA TYR C 191 30.68 -24.76 -18.58
C TYR C 191 32.09 -25.32 -18.48
N ALA C 192 32.63 -25.79 -19.62
CA ALA C 192 33.90 -26.51 -19.62
C ALA C 192 34.77 -26.20 -20.83
N CYS C 193 36.07 -26.09 -20.55
CA CYS C 193 37.12 -25.85 -21.52
C CYS C 193 37.95 -27.12 -21.54
N GLU C 194 38.11 -27.75 -22.71
CA GLU C 194 38.94 -28.94 -22.84
C GLU C 194 40.13 -28.67 -23.74
N VAL C 195 41.32 -29.07 -23.28
CA VAL C 195 42.57 -28.68 -23.91
C VAL C 195 43.44 -29.90 -24.25
N THR C 196 44.00 -29.93 -25.45
CA THR C 196 45.09 -30.86 -25.73
C THR C 196 46.34 -30.15 -26.18
N HIS C 197 47.47 -30.81 -25.92
CA HIS C 197 48.79 -30.29 -26.23
C HIS C 197 49.73 -31.51 -26.12
N GLN C 198 50.77 -31.52 -26.93
CA GLN C 198 51.71 -32.66 -26.96
C GLN C 198 52.36 -32.92 -25.59
N GLY C 199 52.41 -31.88 -24.76
CA GLY C 199 52.99 -31.96 -23.42
C GLY C 199 52.06 -32.60 -22.39
N LEU C 200 50.81 -32.83 -22.78
CA LEU C 200 49.81 -33.49 -21.94
C LEU C 200 49.59 -34.92 -22.41
N SER C 201 49.56 -35.88 -21.49
CA SER C 201 49.31 -37.27 -21.90
C SER C 201 47.82 -37.56 -22.13
N SER C 202 46.95 -36.72 -21.58
CA SER C 202 45.50 -36.82 -21.80
C SER C 202 44.93 -35.40 -21.82
N PRO C 203 43.71 -35.20 -22.33
CA PRO C 203 43.13 -33.86 -22.39
C PRO C 203 42.87 -33.28 -21.01
N VAL C 204 43.04 -31.98 -20.86
CA VAL C 204 42.74 -31.32 -19.59
C VAL C 204 41.44 -30.58 -19.71
N THR C 205 40.55 -30.80 -18.76
CA THR C 205 39.26 -30.10 -18.72
C THR C 205 39.17 -29.26 -17.46
N LYS C 206 38.87 -27.97 -17.64
CA LYS C 206 38.48 -27.13 -16.52
C LYS C 206 37.01 -26.75 -16.68
N SER C 207 36.30 -26.71 -15.57
CA SER C 207 34.87 -26.40 -15.62
C SER C 207 34.37 -25.68 -14.38
N PHE C 208 33.21 -25.05 -14.54
CA PHE C 208 32.46 -24.50 -13.41
C PHE C 208 30.96 -24.72 -13.63
N ASN C 209 30.20 -24.74 -12.53
CA ASN C 209 28.75 -24.78 -12.60
C ASN C 209 28.17 -23.39 -12.42
N ARG C 210 27.35 -22.97 -13.38
CA ARG C 210 26.75 -21.64 -13.38
C ARG C 210 26.04 -21.37 -12.05
N GLY C 211 26.34 -20.20 -11.50
CA GLY C 211 25.85 -19.77 -10.20
C GLY C 211 26.64 -20.40 -9.07
N GLU D 1 62.00 8.92 -48.40
CA GLU D 1 61.92 7.46 -48.72
C GLU D 1 60.59 7.11 -49.36
N VAL D 2 60.60 6.09 -50.21
CA VAL D 2 59.41 5.60 -50.90
C VAL D 2 58.39 5.04 -49.88
N GLN D 3 57.11 5.37 -50.08
CA GLN D 3 56.06 4.94 -49.14
C GLN D 3 54.78 4.64 -49.89
N LEU D 4 54.01 3.68 -49.36
CA LEU D 4 52.68 3.35 -49.85
C LEU D 4 51.75 3.27 -48.62
N VAL D 5 50.48 3.62 -48.78
CA VAL D 5 49.53 3.51 -47.69
C VAL D 5 48.20 3.00 -48.24
N GLU D 6 47.71 1.89 -47.67
CA GLU D 6 46.43 1.34 -48.06
C GLU D 6 45.31 1.96 -47.27
N SER D 7 44.14 2.10 -47.90
CA SER D 7 42.94 2.56 -47.18
C SER D 7 41.77 1.66 -47.53
N GLY D 8 40.77 1.61 -46.66
CA GLY D 8 39.53 0.94 -47.01
C GLY D 8 39.23 -0.38 -46.35
N GLY D 9 40.14 -0.90 -45.54
CA GLY D 9 39.85 -2.14 -44.82
C GLY D 9 38.71 -2.04 -43.80
N GLY D 10 38.17 -3.19 -43.41
CA GLY D 10 37.13 -3.23 -42.38
C GLY D 10 36.43 -4.57 -42.33
N LEU D 11 35.24 -4.59 -41.73
CA LEU D 11 34.45 -5.80 -41.56
C LEU D 11 33.44 -5.89 -42.68
N VAL D 12 33.38 -7.05 -43.33
CA VAL D 12 32.40 -7.29 -44.39
C VAL D 12 31.69 -8.60 -44.14
N LYS D 13 30.44 -8.69 -44.57
CA LYS D 13 29.71 -9.95 -44.45
C LYS D 13 30.00 -10.79 -45.69
N ALA D 14 30.02 -12.11 -45.54
CA ALA D 14 30.19 -13.01 -46.69
C ALA D 14 29.20 -12.64 -47.77
N GLY D 15 29.68 -12.53 -49.01
CA GLY D 15 28.84 -12.19 -50.15
C GLY D 15 28.88 -10.70 -50.46
N GLY D 16 29.39 -9.90 -49.52
CA GLY D 16 29.45 -8.46 -49.65
C GLY D 16 30.63 -7.97 -50.48
N SER D 17 30.71 -6.64 -50.63
CA SER D 17 31.77 -6.01 -51.42
C SER D 17 32.56 -5.02 -50.56
N LEU D 18 33.84 -4.86 -50.88
CA LEU D 18 34.68 -3.85 -50.22
C LEU D 18 35.74 -3.42 -51.21
N ILE D 19 36.03 -2.13 -51.25
CA ILE D 19 37.03 -1.61 -52.18
C ILE D 19 38.16 -0.97 -51.40
N LEU D 20 39.39 -1.32 -51.78
CA LEU D 20 40.58 -0.77 -51.15
C LEU D 20 41.25 0.21 -52.10
N SER D 21 42.00 1.13 -51.53
CA SER D 21 42.81 2.02 -52.35
C SER D 21 44.21 2.07 -51.76
N CYS D 22 45.15 2.49 -52.58
CA CYS D 22 46.53 2.65 -52.16
C CYS D 22 47.03 3.97 -52.76
N GLY D 23 47.62 4.81 -51.93
CA GLY D 23 48.29 6.03 -52.36
C GLY D 23 49.78 5.92 -52.08
N VAL D 24 50.58 6.81 -52.61
CA VAL D 24 52.03 6.67 -52.52
C VAL D 24 52.71 7.98 -52.19
N SER D 25 53.97 7.90 -51.79
CA SER D 25 54.79 9.07 -51.55
C SER D 25 56.17 8.83 -52.13
N ASN D 26 56.70 9.85 -52.81
CA ASN D 26 58.10 9.91 -53.22
C ASN D 26 58.50 9.09 -54.44
N PHE D 27 57.51 8.60 -55.16
CA PHE D 27 57.70 8.00 -56.48
C PHE D 27 56.39 8.12 -57.28
N ARG D 28 56.52 7.93 -58.58
CA ARG D 28 55.36 7.88 -59.46
C ARG D 28 55.08 6.42 -59.79
N ILE D 29 53.82 6.00 -59.68
CA ILE D 29 53.49 4.60 -59.96
C ILE D 29 53.59 4.20 -61.43
N SER D 30 53.57 5.18 -62.35
CA SER D 30 53.41 4.88 -63.79
C SER D 30 54.42 3.92 -64.39
N ALA D 31 55.66 3.95 -63.94
CA ALA D 31 56.66 3.02 -64.46
C ALA D 31 56.69 1.67 -63.74
N HIS D 32 55.76 1.42 -62.81
CA HIS D 32 55.78 0.15 -62.05
C HIS D 32 54.55 -0.69 -62.27
N THR D 33 54.76 -2.01 -62.36
CA THR D 33 53.68 -2.94 -62.13
C THR D 33 53.28 -2.83 -60.65
N MET D 34 51.99 -2.68 -60.36
CA MET D 34 51.55 -2.54 -58.98
C MET D 34 50.79 -3.79 -58.60
N ASN D 35 50.91 -4.16 -57.33
CA ASN D 35 50.41 -5.44 -56.85
C ASN D 35 49.59 -5.29 -55.58
N TRP D 36 48.64 -6.22 -55.40
CA TRP D 36 48.05 -6.46 -54.10
C TRP D 36 48.49 -7.85 -53.62
N VAL D 37 48.83 -7.92 -52.33
CA VAL D 37 49.27 -9.16 -51.64
C VAL D 37 48.52 -9.22 -50.31
N ARG D 38 48.22 -10.42 -49.83
CA ARG D 38 47.61 -10.52 -48.54
C ARG D 38 48.32 -11.50 -47.63
N ARG D 39 48.30 -11.20 -46.34
CA ARG D 39 48.86 -12.12 -45.37
C ARG D 39 47.68 -12.74 -44.64
N VAL D 40 47.57 -14.06 -44.74
CA VAL D 40 46.42 -14.77 -44.17
C VAL D 40 46.71 -15.06 -42.69
N PRO D 41 45.69 -15.33 -41.87
CA PRO D 41 45.91 -15.57 -40.42
C PRO D 41 47.00 -16.62 -40.10
N GLY D 42 47.20 -17.61 -40.98
CA GLY D 42 48.22 -18.62 -40.78
C GLY D 42 49.66 -18.14 -40.95
N GLY D 43 49.83 -16.90 -41.45
CA GLY D 43 51.13 -16.28 -41.49
C GLY D 43 51.76 -16.11 -42.85
N GLY D 44 51.30 -16.88 -43.84
CA GLY D 44 51.86 -16.82 -45.18
C GLY D 44 51.32 -15.69 -46.02
N LEU D 45 52.11 -15.27 -47.01
CA LEU D 45 51.68 -14.27 -47.97
C LEU D 45 51.10 -14.94 -49.21
N GLU D 46 50.08 -14.29 -49.78
CA GLU D 46 49.48 -14.74 -51.04
C GLU D 46 49.37 -13.58 -51.98
N TRP D 47 49.99 -13.71 -53.15
CA TRP D 47 49.83 -12.71 -54.19
C TRP D 47 48.36 -12.74 -54.65
N VAL D 48 47.76 -11.57 -54.83
CA VAL D 48 46.34 -11.43 -55.10
C VAL D 48 46.10 -10.92 -56.52
N ALA D 49 46.77 -9.83 -56.90
CA ALA D 49 46.49 -9.21 -58.19
C ALA D 49 47.63 -8.30 -58.60
N SER D 50 47.76 -8.09 -59.89
CA SER D 50 48.72 -7.09 -60.37
C SER D 50 48.14 -6.35 -61.55
N ILE D 51 48.66 -5.16 -61.79
CA ILE D 51 48.32 -4.43 -63.00
C ILE D 51 49.61 -3.87 -63.59
N SER D 52 49.84 -4.15 -64.86
CA SER D 52 51.08 -3.78 -65.52
C SER D 52 51.09 -2.31 -65.89
N SER D 53 50.69 0.88 -68.07
CA SER D 53 49.75 1.21 -69.16
C SER D 53 48.54 0.25 -69.14
N SER D 54 48.37 -0.48 -68.03
CA SER D 54 47.30 -1.46 -67.88
C SER D 54 47.20 -2.40 -69.09
N THR D 55 48.33 -2.86 -69.65
CA THR D 55 48.27 -3.85 -70.72
C THR D 55 47.67 -5.17 -70.24
N TYR D 56 47.81 -5.47 -68.95
CA TYR D 56 47.29 -6.72 -68.40
C TYR D 56 47.00 -6.61 -66.93
N ARG D 57 45.88 -7.18 -66.51
CA ARG D 57 45.51 -7.30 -65.11
C ARG D 57 45.44 -8.78 -64.78
N ASP D 58 46.24 -9.19 -63.80
CA ASP D 58 46.42 -10.60 -63.48
C ASP D 58 45.88 -10.83 -62.08
N TYR D 59 45.23 -11.98 -61.86
CA TYR D 59 44.59 -12.31 -60.60
C TYR D 59 44.93 -13.71 -60.16
N ALA D 60 45.05 -13.89 -58.85
CA ALA D 60 45.17 -15.24 -58.29
C ALA D 60 43.91 -16.04 -58.64
N ASP D 61 44.06 -17.35 -58.81
CA ASP D 61 42.94 -18.22 -59.15
C ASP D 61 41.78 -18.06 -58.18
N ALA D 62 42.11 -17.85 -56.90
CA ALA D 62 41.15 -17.79 -55.81
C ALA D 62 40.24 -16.56 -55.87
N VAL D 63 40.68 -15.53 -56.58
CA VAL D 63 39.96 -14.26 -56.64
C VAL D 63 39.50 -13.85 -58.04
N LYS D 64 39.95 -14.60 -59.05
CA LYS D 64 39.58 -14.26 -60.42
C LYS D 64 38.06 -14.29 -60.61
N GLY D 65 37.54 -13.23 -61.24
CA GLY D 65 36.11 -13.09 -61.47
C GLY D 65 35.38 -12.41 -60.32
N ARG D 66 36.09 -12.16 -59.22
CA ARG D 66 35.49 -11.55 -58.02
C ARG D 66 36.17 -10.21 -57.68
N PHE D 67 37.45 -10.09 -58.01
CA PHE D 67 38.25 -8.90 -57.70
C PHE D 67 38.60 -8.15 -58.98
N THR D 68 38.81 -6.84 -58.84
CA THR D 68 39.22 -6.00 -59.97
C THR D 68 40.28 -5.07 -59.49
N VAL D 69 41.39 -4.99 -60.22
CA VAL D 69 42.42 -4.00 -59.91
C VAL D 69 42.39 -2.88 -60.95
N SER D 70 42.54 -1.64 -60.49
CA SER D 70 42.61 -0.48 -61.39
C SER D 70 43.80 0.39 -60.99
N ARG D 71 44.34 1.16 -61.92
CA ARG D 71 45.39 2.10 -61.54
C ARG D 71 45.04 3.49 -62.03
N ASP D 72 45.49 4.50 -61.27
CA ASP D 72 45.29 5.90 -61.63
C ASP D 72 46.69 6.52 -61.63
N ASP D 73 47.30 6.58 -62.81
CA ASP D 73 48.69 7.01 -62.95
C ASP D 73 48.85 8.51 -62.79
N LEU D 74 47.75 9.24 -62.84
CA LEU D 74 47.84 10.68 -62.83
C LEU D 74 47.92 11.24 -61.42
N GLU D 75 47.21 10.62 -60.49
CA GLU D 75 47.29 11.01 -59.09
C GLU D 75 47.84 9.88 -58.21
N ASP D 76 48.32 8.82 -58.86
CA ASP D 76 49.09 7.76 -58.21
C ASP D 76 48.31 6.97 -57.17
N PHE D 77 47.25 6.33 -57.64
CA PHE D 77 46.45 5.45 -56.80
C PHE D 77 46.24 4.14 -57.49
N VAL D 78 46.15 3.10 -56.67
CA VAL D 78 45.75 1.78 -57.16
C VAL D 78 44.51 1.38 -56.34
N TYR D 79 43.59 0.67 -56.99
CA TYR D 79 42.36 0.23 -56.35
C TYR D 79 42.25 -1.27 -56.46
N LEU D 80 41.57 -1.87 -55.48
CA LEU D 80 41.20 -3.28 -55.53
C LEU D 80 39.73 -3.37 -55.13
N GLN D 81 38.87 -3.67 -56.09
CA GLN D 81 37.48 -3.99 -55.79
C GLN D 81 37.41 -5.46 -55.40
N MET D 82 32.56 -11.57 -51.38
CA MET D 82 33.65 -11.94 -50.49
C MET D 82 33.38 -13.19 -49.67
N ARG D 85 34.48 -13.88 -49.37
CA ARG D 85 34.43 -15.19 -48.72
C ARG D 85 35.22 -15.09 -47.43
N VAL D 86 34.87 -15.95 -46.47
CA VAL D 86 35.60 -15.97 -45.21
C VAL D 86 37.11 -16.07 -45.45
N GLU D 87 37.51 -16.86 -46.45
CA GLU D 87 38.93 -17.05 -46.73
C GLU D 87 39.65 -15.86 -47.38
N ASP D 88 38.90 -14.77 -47.67
CA ASP D 88 39.51 -13.52 -48.07
C ASP D 88 39.99 -12.72 -46.86
N THR D 89 39.66 -13.19 -45.65
CA THR D 89 40.07 -12.49 -44.43
C THR D 89 41.59 -12.45 -44.36
N ALA D 90 42.16 -11.26 -44.26
CA ALA D 90 43.62 -11.10 -44.29
C ALA D 90 44.00 -9.66 -44.10
N ILE D 91 45.32 -9.42 -44.00
CA ILE D 91 45.86 -8.08 -44.09
C ILE D 91 46.24 -7.90 -45.56
N TYR D 92 45.77 -6.81 -46.17
CA TYR D 92 46.03 -6.56 -47.61
C TYR D 92 47.07 -5.46 -47.77
N TYR D 93 48.10 -5.72 -48.58
CA TYR D 93 49.15 -4.75 -48.80
C TYR D 93 49.15 -4.39 -50.27
N CYS D 94 49.44 -3.13 -50.54
CA CYS D 94 49.86 -2.76 -51.88
C CYS D 94 51.40 -2.77 -51.96
N ALA D 95 51.93 -3.29 -53.05
CA ALA D 95 53.37 -3.44 -53.21
C ALA D 95 53.77 -3.12 -54.63
N ARG D 96 54.86 -2.36 -54.79
CA ARG D 96 55.32 -2.07 -56.13
C ARG D 96 56.37 -3.09 -56.55
N LYS D 97 56.34 -3.46 -57.82
CA LYS D 97 57.41 -4.25 -58.42
C LYS D 97 58.49 -3.26 -58.86
N GLY D 98 59.71 -3.48 -58.41
CA GLY D 98 60.80 -2.52 -58.60
C GLY D 98 62.06 -2.88 -57.79
N SER D 99 63.10 -2.09 -57.99
CA SER D 99 64.37 -2.27 -57.28
C SER D 99 65.09 -0.93 -57.16
N ASP D 100 66.17 -0.91 -56.36
CA ASP D 100 66.97 0.31 -56.22
C ASP D 100 67.84 0.51 -57.47
N ARG D 101 67.48 -0.22 -58.52
CA ARG D 101 68.26 -0.33 -59.75
C ARG D 101 67.36 -0.20 -60.99
N LEU D 102 66.39 -1.11 -61.08
CA LEU D 102 65.36 -1.18 -62.14
C LEU D 102 65.74 -2.05 -63.34
N ASP D 103 59.96 -4.24 -54.04
CA ASP D 103 60.90 -3.52 -53.18
C ASP D 103 60.25 -2.55 -52.20
N ALA D 104 58.97 -2.24 -52.36
CA ALA D 104 58.29 -1.32 -51.45
C ALA D 104 56.85 -1.72 -51.20
N TRP D 105 56.47 -1.78 -49.92
CA TRP D 105 55.17 -2.26 -49.49
C TRP D 105 54.53 -1.25 -48.54
N GLY D 106 53.20 -1.13 -48.61
CA GLY D 106 52.43 -0.44 -47.59
C GLY D 106 52.36 -1.24 -46.29
N PRO D 107 51.92 -0.58 -45.22
CA PRO D 107 51.84 -1.22 -43.89
C PRO D 107 50.70 -2.23 -43.78
N GLY D 108 49.74 -2.17 -44.70
CA GLY D 108 48.65 -3.14 -44.74
C GLY D 108 47.37 -2.58 -44.16
N THR D 109 46.24 -3.07 -44.68
CA THR D 109 44.93 -2.75 -44.13
C THR D 109 44.21 -4.08 -43.85
N VAL D 110 43.56 -4.17 -42.69
CA VAL D 110 42.92 -5.40 -42.22
C VAL D 110 41.53 -5.54 -42.82
N VAL D 111 41.28 -6.70 -43.42
CA VAL D 111 39.98 -7.02 -44.00
C VAL D 111 39.45 -8.32 -43.38
N THR D 112 38.25 -8.26 -42.81
CA THR D 112 37.68 -9.37 -42.08
C THR D 112 36.30 -9.70 -42.62
N VAL D 113 36.11 -10.96 -43.01
CA VAL D 113 34.87 -11.37 -43.61
C VAL D 113 34.15 -12.31 -42.65
N SER D 114 32.97 -11.89 -42.20
CA SER D 114 32.20 -12.71 -41.26
C SER D 114 31.42 -13.78 -42.05
N PRO D 115 31.28 -14.98 -41.49
CA PRO D 115 30.71 -16.13 -42.21
C PRO D 115 29.23 -16.06 -42.62
N ALA D 116 28.40 -15.35 -41.88
CA ALA D 116 26.98 -15.28 -42.23
C ALA D 116 26.69 -14.33 -43.38
N SER D 117 26.12 -14.87 -44.46
CA SER D 117 25.61 -14.08 -45.59
C SER D 117 24.28 -13.41 -45.26
N THR D 118 23.47 -14.10 -44.46
CA THR D 118 22.15 -13.60 -44.08
C THR D 118 21.92 -13.87 -42.61
N LYS D 119 20.96 -13.18 -42.02
CA LYS D 119 20.46 -13.48 -40.69
C LYS D 119 18.95 -13.16 -40.82
N GLY D 120 18.10 -14.09 -40.34
CA GLY D 120 16.61 -13.85 -40.35
C GLY D 120 16.23 -12.98 -39.17
N PRO D 121 15.07 -12.34 -39.26
CA PRO D 121 14.57 -11.47 -38.17
C PRO D 121 14.01 -12.22 -36.96
N SER D 122 14.00 -11.54 -35.80
CA SER D 122 13.21 -12.01 -34.63
C SER D 122 11.86 -11.23 -34.65
N VAL D 123 10.75 -11.91 -34.24
CA VAL D 123 9.41 -11.28 -34.23
C VAL D 123 8.83 -11.18 -32.81
N PHE D 124 8.43 -9.97 -32.39
CA PHE D 124 7.83 -9.75 -31.05
C PHE D 124 6.48 -8.98 -31.09
N PRO D 125 5.55 -9.37 -30.22
CA PRO D 125 4.16 -8.87 -30.28
C PRO D 125 3.82 -7.57 -29.53
N LEU D 126 3.64 -6.44 -30.37
CA LEU D 126 3.05 -5.20 -29.87
C LEU D 126 1.58 -5.37 -29.46
N ALA D 127 1.38 -5.66 -28.16
CA ALA D 127 0.09 -6.11 -27.62
C ALA D 127 -0.99 -5.02 -27.57
N GLY D 130 -14.06 2.18 -29.15
CA GLY D 130 -13.15 2.94 -29.98
C GLY D 130 -12.23 2.06 -30.81
N THR D 131 -11.03 2.58 -31.09
CA THR D 131 -10.03 1.87 -31.90
C THR D 131 -8.81 1.53 -31.04
N ALA D 132 -8.16 0.30 -31.47
CA ALA D 132 -6.89 -0.13 -30.87
C ALA D 132 -5.78 -0.33 -31.90
N ALA D 133 -4.52 -0.25 -31.44
CA ALA D 133 -3.39 -0.48 -32.32
C ALA D 133 -2.49 -1.60 -31.80
N LEU D 134 -2.43 -2.70 -32.73
CA LEU D 134 -1.48 -3.77 -32.44
C LEU D 134 -0.47 -3.92 -33.56
N GLY D 135 0.55 -4.75 -33.34
CA GLY D 135 1.56 -4.95 -34.34
C GLY D 135 2.52 -6.07 -33.99
N CYS D 136 3.56 -6.20 -34.83
CA CYS D 136 4.69 -7.10 -34.65
C CYS D 136 5.94 -6.25 -34.91
N LEU D 137 7.00 -6.48 -34.11
CA LEU D 137 8.31 -5.86 -34.36
C LEU D 137 9.26 -6.89 -35.01
N VAL D 138 9.80 -6.54 -36.17
CA VAL D 138 10.63 -7.46 -36.94
C VAL D 138 12.08 -6.99 -36.86
N LYS D 139 12.85 -7.62 -35.97
CA LYS D 139 14.16 -7.11 -35.57
C LYS D 139 15.35 -7.98 -35.99
N ASP D 140 16.44 -7.30 -36.35
CA ASP D 140 17.76 -7.92 -36.53
C ASP D 140 17.85 -8.90 -37.70
N TYR D 141 17.54 -8.41 -38.89
CA TYR D 141 17.69 -9.24 -40.08
C TYR D 141 18.62 -8.58 -41.08
N PHE D 142 19.13 -9.39 -41.99
CA PHE D 142 20.00 -8.94 -43.06
C PHE D 142 20.02 -10.00 -44.16
N PRO D 143 20.00 -9.58 -45.44
CA PRO D 143 19.78 -8.20 -45.86
C PRO D 143 18.29 -7.93 -46.06
N GLU D 144 17.95 -6.77 -46.62
CA GLU D 144 16.57 -6.51 -47.01
C GLU D 144 16.20 -7.38 -48.22
N PRO D 145 14.91 -7.56 -48.50
CA PRO D 145 13.80 -7.08 -47.67
C PRO D 145 13.11 -8.16 -46.81
N VAL D 146 12.26 -7.69 -45.90
CA VAL D 146 11.31 -8.55 -45.21
C VAL D 146 9.90 -8.21 -45.72
N THR D 147 9.09 -9.25 -45.87
CA THR D 147 7.71 -9.12 -46.33
C THR D 147 6.79 -9.47 -45.17
N VAL D 148 5.79 -8.61 -44.93
CA VAL D 148 4.80 -8.86 -43.89
C VAL D 148 3.40 -8.84 -44.51
N SER D 149 2.44 -10.34 -43.99
CA SER D 149 1.05 -9.97 -44.13
C SER D 149 0.39 -10.03 -42.74
N TRP D 150 -0.92 -9.77 -42.71
CA TRP D 150 -1.68 -9.89 -41.49
C TRP D 150 -2.90 -10.73 -41.78
N ASN D 151 -3.04 -13.19 -40.26
CA ASN D 151 -4.24 -13.51 -41.05
C ASN D 151 -3.93 -13.70 -42.54
N SER D 152 -2.66 -14.02 -42.84
CA SER D 152 -2.23 -14.52 -44.16
C SER D 152 -2.80 -13.74 -45.35
N GLY D 153 -2.96 -12.42 -45.15
CA GLY D 153 -3.45 -11.52 -46.19
C GLY D 153 -4.96 -11.30 -46.25
N ALA D 154 -5.69 -11.80 -45.26
CA ALA D 154 -7.13 -11.54 -45.17
C ALA D 154 -7.38 -10.17 -44.55
N LEU D 155 -6.47 -9.74 -43.70
CA LEU D 155 -6.52 -8.40 -43.09
C LEU D 155 -5.57 -7.46 -43.81
N THR D 156 -6.15 -6.43 -44.43
CA THR D 156 -5.37 -5.41 -45.15
C THR D 156 -5.73 -3.97 -44.71
N SER D 157 -6.99 -3.78 -44.32
CA SER D 157 -7.50 -2.47 -43.89
C SER D 157 -6.95 -2.03 -42.52
N GLY D 158 -6.32 -0.81 -42.52
CA GLY D 158 -5.94 -0.16 -41.26
C GLY D 158 -4.45 0.09 -41.07
N VAL D 159 -3.57 -1.73 -42.57
CA VAL D 159 -2.24 -2.15 -42.15
C VAL D 159 -1.21 -1.10 -42.57
N HIS D 160 -0.24 -0.83 -41.70
CA HIS D 160 0.95 -0.02 -42.04
C HIS D 160 2.21 -0.80 -41.72
N THR D 161 2.94 -1.15 -42.78
CA THR D 161 4.24 -1.78 -42.64
C THR D 161 5.28 -0.74 -43.00
N PHE D 162 6.12 -0.41 -42.03
CA PHE D 162 7.01 0.75 -42.14
C PHE D 162 8.28 0.40 -42.90
N PRO D 163 8.94 1.39 -43.53
CA PRO D 163 10.26 1.16 -44.10
C PRO D 163 11.22 0.70 -43.01
N ALA D 164 12.14 -0.18 -43.37
CA ALA D 164 13.14 -0.66 -42.43
C ALA D 164 14.07 0.46 -42.06
N VAL D 165 14.61 0.38 -40.87
CA VAL D 165 15.68 1.25 -40.44
C VAL D 165 16.96 0.41 -40.30
N LEU D 166 18.09 1.00 -40.66
CA LEU D 166 19.39 0.36 -40.48
C LEU D 166 19.92 0.73 -39.10
N GLN D 167 20.05 -0.26 -38.22
CA GLN D 167 20.51 0.01 -36.86
C GLN D 167 22.03 0.22 -36.81
N SER D 168 22.49 0.83 -35.71
CA SER D 168 23.91 1.16 -35.50
C SER D 168 24.81 -0.05 -35.71
N SER D 169 24.05 -1.81 -35.22
CA SER D 169 24.61 -3.14 -35.35
C SER D 169 24.84 -3.49 -36.82
N GLY D 170 24.23 -2.72 -37.72
CA GLY D 170 24.28 -3.02 -39.14
C GLY D 170 23.22 -4.01 -39.59
N LEU D 171 22.28 -4.31 -38.68
CA LEU D 171 21.14 -5.16 -38.95
C LEU D 171 19.90 -4.27 -39.08
N TYR D 172 18.95 -4.71 -39.90
CA TYR D 172 17.72 -3.96 -40.13
C TYR D 172 16.62 -4.31 -39.13
N SER D 173 15.68 -3.38 -38.97
CA SER D 173 14.51 -3.58 -38.13
C SER D 173 13.33 -2.83 -38.72
N LEU D 174 12.15 -3.45 -38.71
CA LEU D 174 10.93 -2.79 -39.12
C LEU D 174 9.75 -3.18 -38.24
N SER D 175 8.75 -2.31 -38.19
CA SER D 175 7.50 -2.66 -37.52
C SER D 175 6.34 -2.70 -38.51
N SER D 176 5.39 -3.58 -38.26
CA SER D 176 4.15 -3.60 -39.02
C SER D 176 3.04 -3.49 -38.02
N VAL D 177 2.15 -2.51 -38.22
CA VAL D 177 1.03 -2.27 -37.30
C VAL D 177 -0.30 -2.32 -38.04
N VAL D 178 -1.36 -2.50 -37.26
CA VAL D 178 -2.71 -2.46 -37.78
C VAL D 178 -3.60 -1.82 -36.73
N THR D 179 -4.52 -0.96 -37.17
CA THR D 179 -5.60 -0.54 -36.29
C THR D 179 -6.82 -1.41 -36.59
N VAL D 180 -7.46 -1.85 -35.52
CA VAL D 180 -8.68 -2.66 -35.58
C VAL D 180 -9.63 -2.11 -34.53
N PRO D 181 -10.93 -2.44 -34.62
CA PRO D 181 -11.87 -2.13 -33.54
C PRO D 181 -11.34 -2.65 -32.21
N SER D 182 -11.57 -1.90 -31.13
CA SER D 182 -11.19 -2.32 -29.78
C SER D 182 -11.96 -3.58 -29.34
N SER D 183 -13.29 -3.55 -29.68
CA SER D 183 -14.18 -4.68 -29.39
C SER D 183 -13.70 -6.00 -29.97
N SER D 184 -12.97 -5.93 -31.09
CA SER D 184 -12.53 -7.12 -31.83
C SER D 184 -11.33 -7.88 -31.22
N LEU D 185 -10.76 -7.27 -30.13
CA LEU D 185 -9.56 -7.80 -29.49
C LEU D 185 -9.76 -9.11 -28.71
N GLY D 186 -10.89 -9.24 -28.02
CA GLY D 186 -11.12 -10.36 -27.11
C GLY D 186 -11.54 -11.68 -27.74
N THR D 187 -11.93 -11.66 -29.02
CA THR D 187 -12.49 -12.85 -29.66
C THR D 187 -11.43 -13.65 -30.42
N GLN D 188 -11.67 -11.53 -32.89
CA GLN D 188 -10.35 -11.93 -33.33
C GLN D 188 -9.35 -11.87 -32.17
N THR D 189 -8.45 -13.96 -35.04
CA THR D 189 -7.18 -13.78 -34.37
C THR D 189 -6.21 -12.99 -35.26
N TYR D 190 -5.22 -12.33 -34.64
CA TYR D 190 -4.29 -11.44 -35.38
C TYR D 190 -2.86 -11.99 -35.48
N ILE D 191 -2.57 -12.53 -36.68
CA ILE D 191 -1.30 -13.19 -36.94
C ILE D 191 -0.57 -12.39 -38.02
N CYS D 192 0.71 -12.11 -37.75
CA CYS D 192 1.55 -11.44 -38.73
C CYS D 192 2.54 -12.43 -39.34
N ASN D 193 2.36 -12.64 -40.68
CA ASN D 193 3.22 -13.58 -41.38
C ASN D 193 4.44 -12.83 -41.91
N VAL D 194 5.56 -13.09 -41.26
CA VAL D 194 6.83 -12.46 -41.61
C VAL D 194 7.63 -13.42 -42.50
N ASN D 195 8.06 -12.92 -43.66
CA ASN D 195 8.81 -13.71 -44.61
C ASN D 195 10.11 -13.02 -45.02
N HIS D 196 11.23 -13.70 -44.77
CA HIS D 196 12.57 -13.21 -45.09
C HIS D 196 13.19 -14.18 -46.10
N LYS D 197 12.96 -13.91 -47.38
CA LYS D 197 13.37 -14.78 -48.49
C LYS D 197 14.87 -15.11 -48.56
N PRO D 198 15.76 -14.13 -48.41
CA PRO D 198 17.21 -14.38 -48.43
C PRO D 198 17.68 -15.46 -47.45
N SER D 199 17.14 -15.50 -46.24
CA SER D 199 17.50 -16.56 -45.28
C SER D 199 16.56 -17.77 -45.34
N ASN D 200 15.49 -17.66 -46.13
CA ASN D 200 14.43 -18.69 -46.20
C ASN D 200 13.71 -18.88 -44.86
N THR D 201 13.58 -17.77 -44.12
CA THR D 201 12.93 -17.75 -42.81
C THR D 201 11.48 -17.30 -42.94
N LYS D 202 10.58 -18.09 -42.37
CA LYS D 202 9.15 -17.78 -42.32
C LYS D 202 8.66 -17.87 -40.88
N VAL D 203 8.01 -16.82 -40.40
CA VAL D 203 7.48 -16.81 -39.03
C VAL D 203 6.03 -16.34 -39.04
N ASP D 204 5.17 -17.07 -38.34
CA ASP D 204 3.80 -16.62 -38.07
C ASP D 204 3.67 -16.35 -36.57
N LYS D 205 3.29 -15.07 -36.21
CA LYS D 205 3.31 -14.68 -34.80
C LYS D 205 1.91 -14.34 -34.24
N LYS D 206 1.54 -15.11 -33.17
CA LYS D 206 0.46 -14.67 -32.31
C LYS D 206 1.12 -13.91 -31.15
N VAL D 207 -1.02 -12.01 -32.20
CA VAL D 207 -0.74 -10.96 -31.23
C VAL D 207 -1.95 -10.78 -30.31
N GLU D 208 -1.69 -10.98 -29.01
CA GLU D 208 -2.77 -11.01 -28.02
C GLU D 208 -2.60 -9.93 -26.94
N PRO D 209 -3.70 -9.54 -26.29
CA PRO D 209 -3.64 -8.65 -25.11
C PRO D 209 -2.81 -9.27 -23.99
N LYS D 210 -1.87 -8.50 -23.42
CA LYS D 210 -0.93 -8.99 -22.41
C LYS D 210 -1.60 -9.26 -21.07
N PRO E 1 37.09 -48.17 -22.92
CA PRO E 1 38.20 -49.11 -23.20
C PRO E 1 37.99 -49.73 -24.58
N SER E 2 38.95 -49.54 -25.47
CA SER E 2 38.84 -50.12 -26.80
C SER E 2 39.94 -51.13 -26.99
N VAL E 3 39.69 -52.11 -27.86
CA VAL E 3 40.66 -53.17 -28.16
C VAL E 3 40.76 -53.39 -29.65
N PHE E 4 42.00 -53.35 -30.16
CA PHE E 4 42.27 -53.56 -31.58
C PHE E 4 43.23 -54.72 -31.75
N LEU E 5 42.88 -55.65 -32.63
CA LEU E 5 43.74 -56.81 -32.91
C LEU E 5 44.55 -56.59 -34.19
N PHE E 6 45.83 -56.91 -34.15
CA PHE E 6 46.68 -56.70 -35.33
C PHE E 6 47.33 -58.00 -35.76
N PRO E 7 47.25 -58.30 -37.06
CA PRO E 7 47.85 -59.54 -37.55
C PRO E 7 49.31 -59.32 -37.90
N PRO E 8 50.06 -60.42 -38.07
CA PRO E 8 51.48 -60.36 -38.42
C PRO E 8 51.61 -59.78 -39.84
N LYS E 9 52.82 -59.37 -40.18
CA LYS E 9 53.04 -58.81 -41.50
C LYS E 9 53.21 -59.93 -42.47
N PRO E 10 52.72 -59.75 -43.70
CA PRO E 10 52.77 -60.71 -44.79
C PRO E 10 54.06 -61.50 -44.91
N LYS E 11 55.18 -60.83 -44.69
CA LYS E 11 56.48 -61.49 -44.82
C LYS E 11 56.82 -62.35 -43.61
N ASP E 12 56.33 -61.94 -42.45
CA ASP E 12 56.60 -62.66 -41.22
C ASP E 12 56.20 -64.13 -41.24
N THR E 13 55.07 -64.42 -41.86
CA THR E 13 54.57 -65.78 -41.90
C THR E 13 55.03 -66.57 -43.12
N LEU E 14 55.74 -65.90 -44.00
CA LEU E 14 56.22 -66.53 -45.21
C LEU E 14 57.66 -66.98 -45.07
N MET E 15 58.38 -66.33 -44.15
CA MET E 15 59.79 -66.67 -43.94
C MET E 15 60.04 -67.26 -42.55
N ILE E 16 60.46 -68.51 -42.54
CA ILE E 16 60.73 -69.25 -41.31
C ILE E 16 61.68 -68.51 -40.38
N SER E 17 62.56 -67.69 -40.95
CA SER E 17 63.53 -66.95 -40.17
C SER E 17 62.90 -65.75 -39.44
N ARG E 18 61.88 -65.17 -40.05
CA ARG E 18 61.20 -64.04 -39.46
C ARG E 18 60.35 -64.52 -38.27
N THR E 19 59.86 -63.58 -37.48
CA THR E 19 59.05 -63.86 -36.30
C THR E 19 57.66 -63.22 -36.40
N PRO E 20 56.65 -64.00 -36.78
CA PRO E 20 55.26 -63.51 -36.92
C PRO E 20 54.54 -63.39 -35.58
N GLU E 21 53.81 -62.30 -35.41
CA GLU E 21 53.08 -62.13 -34.18
C GLU E 21 51.72 -61.44 -34.32
N VAL E 22 50.84 -61.72 -33.37
CA VAL E 22 49.49 -61.16 -33.30
C VAL E 22 49.50 -60.23 -32.08
N THR E 23 49.18 -58.96 -32.31
CA THR E 23 49.23 -57.99 -31.24
C THR E 23 47.90 -57.45 -30.81
N CYS E 24 47.67 -57.46 -29.49
CA CYS E 24 46.43 -56.96 -28.95
C CYS E 24 46.68 -55.64 -28.25
N VAL E 25 46.04 -54.60 -28.75
CA VAL E 25 46.19 -53.27 -28.21
C VAL E 25 44.91 -52.82 -27.50
N VAL E 26 45.06 -52.23 -26.31
CA VAL E 26 43.91 -51.75 -25.54
C VAL E 26 44.13 -50.29 -25.21
N VAL E 27 43.28 -49.43 -25.73
CA VAL E 27 43.42 -48.01 -25.44
C VAL E 27 42.27 -47.54 -24.56
N ASP E 28 42.50 -46.44 -23.85
CA ASP E 28 41.50 -45.85 -22.98
C ASP E 28 41.20 -46.68 -21.76
N VAL E 29 42.27 -47.12 -21.08
CA VAL E 29 42.12 -47.87 -19.84
C VAL E 29 42.27 -46.81 -18.75
N SER E 30 41.13 -46.33 -18.25
CA SER E 30 41.06 -45.30 -17.22
C SER E 30 42.22 -45.30 -16.21
N HIS E 31 42.53 -44.13 -15.68
CA HIS E 31 43.59 -43.98 -14.70
C HIS E 31 43.24 -44.66 -13.39
N GLU E 32 41.95 -44.69 -13.07
CA GLU E 32 41.46 -45.32 -11.84
C GLU E 32 41.70 -46.82 -11.81
N ASP E 33 41.08 -47.56 -12.72
CA ASP E 33 41.24 -49.02 -12.76
C ASP E 33 42.17 -49.47 -13.89
N PRO E 34 43.50 -49.32 -13.71
CA PRO E 34 44.46 -49.72 -14.74
C PRO E 34 44.72 -51.23 -14.83
N GLN E 35 43.93 -52.03 -14.12
CA GLN E 35 44.13 -53.47 -14.17
C GLN E 35 43.59 -53.98 -15.49
N VAL E 36 44.37 -54.76 -16.21
CA VAL E 36 43.92 -55.36 -17.47
C VAL E 36 44.41 -56.79 -17.51
N LYS E 37 43.50 -57.69 -17.84
CA LYS E 37 43.80 -59.11 -17.90
C LYS E 37 43.63 -59.62 -19.32
N PHE E 38 44.63 -60.32 -19.83
CA PHE E 38 44.56 -60.88 -21.18
C PHE E 38 44.44 -62.38 -21.12
N ASN E 39 43.60 -62.93 -22.00
CA ASN E 39 43.43 -64.38 -22.13
C ASN E 39 43.54 -64.62 -23.63
N TRP E 40 44.35 -65.61 -24.01
CA TRP E 40 44.54 -65.92 -25.43
C TRP E 40 44.04 -67.30 -25.83
N TYR E 41 43.43 -67.32 -27.01
CA TYR E 41 42.89 -68.55 -27.57
C TYR E 41 43.31 -68.71 -29.02
N VAL E 42 43.66 -69.95 -29.35
CA VAL E 42 44.08 -70.36 -30.67
C VAL E 42 43.09 -71.46 -30.98
N ASP E 43 42.04 -71.09 -31.72
CA ASP E 43 40.94 -71.99 -32.07
C ASP E 43 40.13 -72.33 -30.81
N GLY E 44 39.98 -71.34 -29.94
CA GLY E 44 39.21 -71.53 -28.73
C GLY E 44 39.94 -72.22 -27.60
N VAL E 45 41.21 -72.55 -27.80
CA VAL E 45 41.97 -73.19 -26.74
C VAL E 45 43.07 -72.26 -26.21
N GLN E 46 43.37 -72.39 -24.92
CA GLN E 46 44.40 -71.59 -24.23
C GLN E 46 43.89 -70.58 -23.22
N VAL E 47 42.71 -70.76 -22.64
CA VAL E 47 42.26 -69.79 -21.65
C VAL E 47 43.36 -69.73 -20.61
N HIS E 48 44.20 -70.78 -20.61
CA HIS E 48 45.33 -70.95 -19.70
C HIS E 48 46.67 -70.39 -20.20
N ASN E 49 46.67 -69.18 -20.75
CA ASN E 49 47.88 -68.54 -21.27
C ASN E 49 48.45 -69.02 -22.61
N ALA E 50 49.78 -68.96 -22.69
CA ALA E 50 50.54 -69.35 -23.88
C ALA E 50 51.77 -68.46 -23.85
N LYS E 51 52.44 -68.33 -24.98
CA LYS E 51 53.63 -67.48 -25.04
C LYS E 51 53.29 -66.20 -24.30
N THR E 52 52.31 -65.45 -24.80
CA THR E 52 51.86 -64.20 -24.17
C THR E 52 52.97 -63.26 -23.70
N LYS E 53 52.64 -61.99 -23.55
CA LYS E 53 53.61 -61.00 -23.08
C LYS E 53 53.08 -59.56 -23.10
N PRO E 54 52.67 -59.03 -21.93
CA PRO E 54 52.14 -57.66 -21.74
C PRO E 54 53.21 -56.69 -21.20
N ARG E 55 52.90 -55.39 -21.15
CA ARG E 55 53.87 -54.36 -20.69
C ARG E 55 53.42 -53.17 -19.80
N GLU E 56 52.42 -52.39 -20.25
CA GLU E 56 51.90 -51.21 -19.50
C GLU E 56 52.52 -49.85 -19.89
N GLN E 57 51.68 -48.81 -20.01
CA GLN E 57 52.10 -47.44 -20.39
C GLN E 57 51.05 -46.37 -19.98
N GLN E 58 51.36 -45.08 -20.18
CA GLN E 58 50.44 -43.97 -19.86
C GLN E 58 50.39 -42.93 -20.99
N TYR E 59 49.22 -42.34 -21.24
CA TYR E 59 49.09 -41.34 -22.30
C TYR E 59 48.31 -40.06 -21.96
N ASN E 60 47.54 -39.57 -22.94
CA ASN E 60 46.71 -38.37 -22.81
C ASN E 60 46.08 -38.17 -21.44
N SER E 61 45.32 -39.17 -21.01
CA SER E 61 44.61 -39.17 -19.73
C SER E 61 43.95 -40.56 -19.60
N THR E 62 44.65 -41.57 -20.12
CA THR E 62 44.20 -42.96 -20.14
C THR E 62 45.41 -43.87 -20.14
N TYR E 63 45.19 -45.18 -20.19
CA TYR E 63 46.30 -46.13 -20.23
C TYR E 63 46.23 -46.93 -21.50
N ARG E 64 47.37 -47.48 -21.90
CA ARG E 64 47.49 -48.29 -23.10
C ARG E 64 48.23 -49.55 -22.71
N VAL E 65 47.65 -50.71 -23.01
CA VAL E 65 48.26 -51.98 -22.66
C VAL E 65 48.38 -52.86 -23.89
N VAL E 66 49.59 -53.35 -24.13
CA VAL E 66 49.84 -54.17 -25.29
C VAL E 66 50.23 -55.59 -24.93
N SER E 67 49.60 -56.56 -25.58
CA SER E 67 49.94 -57.96 -25.32
C SER E 67 50.38 -58.54 -26.67
N VAL E 68 51.45 -59.32 -26.67
CA VAL E 68 51.96 -59.90 -27.91
C VAL E 68 52.02 -61.43 -27.92
N LEU E 69 51.39 -62.04 -28.91
CA LEU E 69 51.40 -63.50 -29.08
C LEU E 69 52.17 -63.86 -30.33
N THR E 70 53.26 -64.59 -30.17
CA THR E 70 54.06 -65.03 -31.30
C THR E 70 53.28 -66.20 -31.88
N VAL E 71 53.14 -66.26 -33.20
CA VAL E 71 52.42 -67.39 -33.78
C VAL E 71 53.34 -68.27 -34.63
N LEU E 72 52.86 -69.47 -34.93
CA LEU E 72 53.62 -70.41 -35.75
C LEU E 72 53.21 -70.28 -37.23
N HIS E 73 54.18 -69.94 -38.07
CA HIS E 73 53.95 -69.77 -39.50
C HIS E 73 52.86 -70.68 -40.06
N GLN E 74 52.95 -71.98 -39.78
CA GLN E 74 51.95 -72.90 -40.29
C GLN E 74 50.60 -72.81 -39.59
N ASN E 75 50.57 -72.38 -38.33
CA ASN E 75 49.29 -72.23 -37.65
C ASN E 75 48.57 -71.10 -38.37
N TRP E 76 49.29 -70.03 -38.67
CA TRP E 76 48.67 -68.91 -39.37
C TRP E 76 48.27 -69.32 -40.78
N LEU E 77 49.21 -69.94 -41.50
CA LEU E 77 48.92 -70.36 -42.86
C LEU E 77 47.82 -71.41 -42.94
N ASP E 78 47.62 -72.14 -41.83
CA ASP E 78 46.58 -73.16 -41.77
C ASP E 78 45.25 -72.58 -41.25
N GLY E 79 45.13 -71.27 -41.37
CA GLY E 79 43.92 -70.58 -40.98
C GLY E 79 43.51 -70.56 -39.53
N LYS E 80 44.37 -70.98 -38.61
CA LYS E 80 43.96 -70.97 -37.21
C LYS E 80 43.48 -69.58 -36.76
N GLU E 81 42.55 -69.54 -35.81
CA GLU E 81 42.04 -68.27 -35.32
C GLU E 81 42.61 -67.87 -33.95
N TYR E 82 42.93 -66.59 -33.80
CA TYR E 82 43.49 -66.09 -32.56
C TYR E 82 42.57 -65.13 -31.84
N LYS E 83 42.26 -65.48 -30.59
CA LYS E 83 41.37 -64.64 -29.82
C LYS E 83 42.10 -63.94 -28.69
N CYS E 84 41.84 -62.65 -28.54
CA CYS E 84 42.43 -61.87 -27.46
C CYS E 84 41.23 -61.48 -26.62
N LYS E 85 41.28 -61.78 -25.33
CA LYS E 85 40.19 -61.50 -24.42
C LYS E 85 40.70 -60.48 -23.43
N VAL E 86 40.07 -59.31 -23.39
CA VAL E 86 40.48 -58.24 -22.50
C VAL E 86 39.47 -57.99 -21.39
N SER E 87 39.88 -58.26 -20.16
CA SER E 87 39.00 -58.06 -19.02
C SER E 87 39.48 -56.90 -18.17
N ASN E 88 38.57 -55.99 -17.88
CA ASN E 88 38.89 -54.82 -17.06
C ASN E 88 37.75 -54.61 -16.06
N LYS E 89 38.08 -54.35 -14.79
CA LYS E 89 37.06 -54.15 -13.77
C LYS E 89 36.10 -53.01 -14.11
N ALA E 90 36.58 -52.06 -14.91
CA ALA E 90 35.74 -50.94 -15.32
C ALA E 90 34.99 -51.29 -16.61
N LEU E 91 34.74 -52.57 -16.82
CA LEU E 91 34.06 -53.02 -18.04
C LEU E 91 32.87 -53.94 -17.71
N PRO E 92 31.70 -53.67 -18.33
CA PRO E 92 30.48 -54.45 -18.11
C PRO E 92 30.70 -55.94 -18.31
N ALA E 93 31.42 -56.26 -19.39
CA ALA E 93 31.75 -57.64 -19.73
C ALA E 93 33.09 -57.59 -20.44
N PRO E 94 33.76 -58.74 -20.56
CA PRO E 94 35.06 -58.74 -21.24
C PRO E 94 34.88 -58.49 -22.73
N ILE E 95 35.87 -57.89 -23.36
CA ILE E 95 35.82 -57.62 -24.78
C ILE E 95 36.73 -58.60 -25.47
N GLU E 96 36.20 -59.26 -26.49
CA GLU E 96 36.96 -60.24 -27.24
C GLU E 96 37.10 -59.84 -28.71
N LYS E 97 38.29 -60.03 -29.25
CA LYS E 97 38.58 -59.75 -30.66
C LYS E 97 39.22 -61.01 -31.21
N THR E 98 39.01 -61.27 -32.49
CA THR E 98 39.59 -62.47 -33.09
C THR E 98 40.09 -62.19 -34.51
N ILE E 99 41.22 -62.77 -34.88
CA ILE E 99 41.72 -62.53 -36.22
C ILE E 99 42.40 -63.75 -36.82
N SER E 100 42.52 -63.78 -38.15
CA SER E 100 43.18 -64.90 -38.84
C SER E 100 43.32 -64.50 -40.30
N LYS E 101 43.86 -65.38 -41.12
CA LYS E 101 43.95 -65.01 -42.51
C LYS E 101 42.54 -65.21 -43.07
N ALA E 102 42.21 -64.46 -44.12
CA ALA E 102 40.90 -64.54 -44.75
C ALA E 102 40.60 -65.98 -45.16
N LYS E 103 39.34 -66.40 -45.06
CA LYS E 103 38.97 -67.75 -45.44
C LYS E 103 38.89 -67.82 -46.97
N GLY E 104 39.37 -68.91 -47.55
CA GLY E 104 39.35 -69.04 -48.98
C GLY E 104 40.56 -69.82 -49.44
N GLN E 105 40.45 -70.51 -50.56
CA GLN E 105 41.56 -71.29 -51.07
C GLN E 105 42.58 -70.35 -51.71
N PRO E 106 43.87 -70.55 -51.41
CA PRO E 106 45.02 -69.78 -51.90
C PRO E 106 45.27 -69.90 -53.40
N ARG E 107 45.24 -68.77 -54.09
CA ARG E 107 45.49 -68.76 -55.54
C ARG E 107 46.85 -68.17 -55.80
N GLU E 108 47.61 -68.79 -56.70
CA GLU E 108 48.94 -68.31 -57.02
C GLU E 108 48.91 -66.98 -57.75
N PRO E 109 49.76 -66.03 -57.33
CA PRO E 109 49.79 -64.73 -58.00
C PRO E 109 50.57 -64.78 -59.31
N GLN E 110 50.04 -64.13 -60.36
CA GLN E 110 50.73 -64.07 -61.64
C GLN E 110 51.48 -62.75 -61.64
N VAL E 111 52.79 -62.80 -61.81
CA VAL E 111 53.62 -61.59 -61.80
C VAL E 111 54.21 -61.28 -63.18
N TYR E 112 53.83 -60.13 -63.75
CA TYR E 112 54.31 -59.70 -65.06
C TYR E 112 55.03 -58.35 -64.97
N THR E 113 56.08 -58.17 -65.77
CA THR E 113 56.80 -56.90 -65.79
C THR E 113 56.32 -56.10 -67.00
N LEU E 114 56.19 -54.79 -66.82
CA LEU E 114 55.74 -53.93 -67.88
C LEU E 114 56.65 -52.71 -68.06
N PRO E 115 57.31 -52.62 -69.23
CA PRO E 115 58.22 -51.51 -69.53
C PRO E 115 57.42 -50.22 -69.77
N PRO E 116 58.08 -49.05 -69.66
CA PRO E 116 57.41 -47.76 -69.86
C PRO E 116 56.83 -47.54 -71.26
N SER E 117 55.87 -46.60 -71.33
CA SER E 117 55.20 -46.22 -72.57
C SER E 117 56.14 -45.32 -73.39
N ARG E 118 56.15 -45.51 -74.70
CA ARG E 118 57.00 -44.71 -75.57
C ARG E 118 56.84 -43.23 -75.28
N GLU E 119 55.61 -42.82 -74.98
CA GLU E 119 55.30 -41.43 -74.71
C GLU E 119 55.77 -40.91 -73.36
N GLU E 120 56.44 -41.76 -72.57
CA GLU E 120 56.92 -41.32 -71.26
C GLU E 120 58.43 -41.18 -71.27
N MET E 121 59.08 -41.95 -72.14
CA MET E 121 60.53 -41.92 -72.24
C MET E 121 61.04 -40.60 -72.81
N THR E 122 60.22 -39.56 -72.72
CA THR E 122 60.55 -38.23 -73.18
C THR E 122 60.68 -37.34 -71.95
N LYS E 123 60.68 -38.00 -70.79
CA LYS E 123 60.80 -37.34 -69.50
C LYS E 123 62.06 -37.88 -68.84
N ASN E 124 62.61 -37.14 -67.87
CA ASN E 124 63.83 -37.55 -67.18
C ASN E 124 63.71 -38.84 -66.39
N GLN E 125 62.48 -39.24 -66.08
CA GLN E 125 62.25 -40.46 -65.32
C GLN E 125 61.05 -41.22 -65.87
N VAL E 126 61.18 -42.55 -65.90
CA VAL E 126 60.14 -43.43 -66.42
C VAL E 126 59.53 -44.31 -65.35
N SER E 127 58.55 -45.13 -65.75
CA SER E 127 57.86 -46.03 -64.85
C SER E 127 57.99 -47.48 -65.27
N LEU E 128 58.54 -48.30 -64.38
CA LEU E 128 58.68 -49.72 -64.64
C LEU E 128 57.55 -50.37 -63.81
N THR E 129 56.58 -50.98 -64.49
CA THR E 129 55.45 -51.59 -63.81
C THR E 129 55.57 -53.09 -63.60
N CYS E 130 55.03 -53.56 -62.48
CA CYS E 130 55.03 -54.98 -62.10
C CYS E 130 53.58 -55.32 -61.73
N LEU E 131 52.93 -56.10 -62.58
CA LEU E 131 51.55 -56.50 -62.36
C LEU E 131 51.51 -57.83 -61.62
N VAL E 132 50.69 -57.89 -60.57
CA VAL E 132 50.55 -59.09 -59.78
C VAL E 132 49.04 -59.33 -59.68
N LYS E 133 48.56 -60.37 -60.35
CA LYS E 133 47.13 -60.63 -60.35
C LYS E 133 46.73 -62.04 -59.98
N GLY E 134 45.43 -62.24 -59.78
CA GLY E 134 44.91 -63.55 -59.43
C GLY E 134 45.42 -64.20 -58.16
N PHE E 135 45.78 -63.42 -57.14
CA PHE E 135 46.26 -64.04 -55.91
C PHE E 135 45.19 -63.95 -54.84
N TYR E 136 45.33 -64.77 -53.80
CA TYR E 136 44.39 -64.85 -52.67
C TYR E 136 45.09 -65.68 -51.60
N PRO E 137 45.03 -65.26 -50.31
CA PRO E 137 44.35 -64.05 -49.87
C PRO E 137 45.17 -62.83 -50.31
N SER E 138 44.73 -61.65 -49.85
CA SER E 138 45.36 -60.40 -50.22
C SER E 138 46.72 -60.18 -49.58
N ASP E 139 47.00 -60.92 -48.51
CA ASP E 139 48.30 -60.81 -47.83
C ASP E 139 49.36 -61.00 -48.87
N ILE E 140 50.28 -60.04 -48.99
CA ILE E 140 51.30 -60.16 -50.02
C ILE E 140 52.38 -59.10 -49.83
N ALA E 141 53.55 -59.34 -50.41
CA ALA E 141 54.64 -58.37 -50.31
C ALA E 141 55.39 -58.19 -51.66
N VAL E 142 55.63 -56.94 -52.04
CA VAL E 142 56.31 -56.63 -53.31
C VAL E 142 57.58 -55.77 -53.12
N GLU E 143 58.63 -56.06 -53.87
CA GLU E 143 59.86 -55.28 -53.75
C GLU E 143 60.60 -55.15 -55.08
N TRP E 144 61.50 -54.18 -55.16
CA TRP E 144 62.28 -53.97 -56.37
C TRP E 144 63.77 -54.03 -56.09
N GLU E 145 64.51 -54.49 -57.09
CA GLU E 145 65.96 -54.58 -57.02
C GLU E 145 66.49 -54.49 -58.45
N SER E 146 67.59 -53.77 -58.64
CA SER E 146 68.21 -53.58 -59.96
C SER E 146 69.48 -54.42 -60.04
N ASN E 147 70.32 -54.25 -59.03
CA ASN E 147 71.55 -55.01 -58.92
C ASN E 147 71.46 -55.58 -57.52
N GLY E 148 72.56 -56.09 -56.98
CA GLY E 148 72.52 -56.65 -55.65
C GLY E 148 72.13 -55.62 -54.59
N GLN E 149 71.00 -54.96 -54.79
CA GLN E 149 70.52 -53.95 -53.84
C GLN E 149 69.10 -53.47 -54.16
N PRO E 150 68.37 -53.00 -53.14
CA PRO E 150 67.00 -52.49 -53.29
C PRO E 150 66.87 -51.13 -53.95
N GLU E 151 65.80 -50.97 -54.73
CA GLU E 151 65.47 -49.71 -55.38
C GLU E 151 64.48 -49.11 -54.41
N ASN E 152 64.71 -47.90 -53.95
CA ASN E 152 63.82 -47.31 -52.97
C ASN E 152 62.83 -46.25 -53.43
N ASN E 153 62.72 -46.04 -54.75
CA ASN E 153 61.78 -45.06 -55.25
C ASN E 153 60.67 -45.78 -56.00
N TYR E 154 59.84 -46.50 -55.26
CA TYR E 154 58.72 -47.22 -55.86
C TYR E 154 57.52 -47.20 -54.93
N LYS E 155 56.35 -47.48 -55.50
CA LYS E 155 55.12 -47.49 -54.74
C LYS E 155 54.24 -48.63 -55.18
N THR E 156 53.55 -49.24 -54.22
CA THR E 156 52.64 -50.32 -54.55
C THR E 156 51.25 -49.85 -54.18
N THR E 157 50.30 -50.16 -55.06
CA THR E 157 48.90 -49.79 -54.82
C THR E 157 48.44 -50.83 -53.82
N PRO E 158 47.32 -50.56 -53.16
CA PRO E 158 46.89 -51.61 -52.22
C PRO E 158 46.22 -52.72 -53.04
N PRO E 159 46.02 -53.90 -52.44
CA PRO E 159 45.37 -54.92 -53.29
C PRO E 159 43.93 -54.52 -53.67
N VAL E 160 43.48 -55.03 -54.82
CA VAL E 160 42.15 -54.72 -55.32
C VAL E 160 41.42 -56.00 -55.69
N LEU E 161 40.17 -56.09 -55.25
CA LEU E 161 39.33 -57.27 -55.49
C LEU E 161 38.90 -57.34 -56.96
N ASP E 162 39.42 -58.32 -57.67
CA ASP E 162 39.08 -58.49 -59.09
C ASP E 162 37.71 -59.15 -59.23
N SER E 163 37.23 -59.28 -60.48
CA SER E 163 35.92 -59.92 -60.73
C SER E 163 36.03 -61.40 -60.36
N ASP E 164 37.26 -61.90 -60.37
CA ASP E 164 37.63 -63.28 -60.02
C ASP E 164 37.33 -63.55 -58.55
N GLY E 165 37.58 -62.54 -57.72
CA GLY E 165 37.43 -62.72 -56.29
C GLY E 165 38.84 -62.90 -55.77
N SER E 166 39.78 -62.93 -56.72
CA SER E 166 41.19 -63.05 -56.41
C SER E 166 41.65 -61.62 -56.29
N PHE E 167 42.91 -61.40 -55.95
CA PHE E 167 43.40 -60.05 -55.78
C PHE E 167 44.47 -59.63 -56.78
N PHE E 168 44.52 -58.33 -57.07
CA PHE E 168 45.53 -57.80 -57.98
C PHE E 168 46.02 -56.43 -57.52
N LEU E 169 47.25 -56.11 -57.88
CA LEU E 169 47.84 -54.83 -57.53
C LEU E 169 48.94 -54.46 -58.51
N TYR E 170 49.43 -53.23 -58.40
CA TYR E 170 50.54 -52.77 -59.24
C TYR E 170 51.54 -52.03 -58.39
N SER E 171 52.81 -52.32 -58.64
CA SER E 171 53.91 -51.65 -57.98
C SER E 171 54.58 -50.86 -59.10
N LYS E 172 54.87 -49.58 -58.83
CA LYS E 172 55.48 -48.72 -59.82
C LYS E 172 56.84 -48.26 -59.36
N LEU E 173 57.89 -48.69 -60.06
CA LEU E 173 59.25 -48.30 -59.73
C LEU E 173 59.61 -47.15 -60.65
N THR E 174 60.18 -46.10 -60.06
CA THR E 174 60.56 -44.92 -60.81
C THR E 174 62.07 -44.84 -60.96
N VAL E 175 62.54 -44.90 -62.20
CA VAL E 175 63.98 -44.85 -62.49
C VAL E 175 64.37 -43.69 -63.38
N ASP E 176 65.56 -43.16 -63.16
CA ASP E 176 66.08 -42.07 -63.97
C ASP E 176 66.14 -42.61 -65.39
N LYS E 177 65.40 -41.98 -66.29
CA LYS E 177 65.34 -42.38 -67.70
C LYS E 177 66.71 -42.73 -68.23
N SER E 178 67.74 -42.07 -67.71
CA SER E 178 69.11 -42.32 -68.14
C SER E 178 69.53 -43.77 -67.85
N ARG E 179 69.14 -44.27 -66.68
CA ARG E 179 69.49 -45.64 -66.27
C ARG E 179 68.81 -46.70 -67.13
N TRP E 180 67.49 -46.66 -67.19
CA TRP E 180 66.72 -47.60 -67.98
C TRP E 180 67.32 -47.79 -69.37
N GLN E 181 67.88 -46.72 -69.92
CA GLN E 181 68.48 -46.77 -71.26
C GLN E 181 69.85 -47.43 -71.28
N GLN E 182 70.61 -47.30 -70.18
CA GLN E 182 71.93 -47.92 -70.08
C GLN E 182 71.83 -49.44 -70.10
N GLY E 183 70.63 -49.94 -70.41
CA GLY E 183 70.40 -51.37 -70.49
C GLY E 183 70.22 -52.09 -69.16
N ASN E 184 70.13 -51.32 -68.07
CA ASN E 184 69.98 -51.89 -66.74
C ASN E 184 68.79 -52.84 -66.67
N VAL E 185 68.91 -53.83 -65.78
CA VAL E 185 67.86 -54.81 -65.59
C VAL E 185 67.29 -54.70 -64.17
N PHE E 186 65.97 -54.67 -64.08
CA PHE E 186 65.34 -54.59 -62.77
C PHE E 186 64.49 -55.83 -62.56
N SER E 187 63.98 -55.97 -61.34
CA SER E 187 63.15 -57.11 -61.02
C SER E 187 62.34 -56.86 -59.77
N CYS E 188 61.09 -57.31 -59.80
CA CYS E 188 60.24 -57.18 -58.63
C CYS E 188 60.07 -58.54 -58.00
N SER E 189 60.23 -58.60 -56.69
CA SER E 189 60.07 -59.83 -55.99
C SER E 189 58.71 -59.81 -55.31
N VAL E 190 57.94 -60.86 -55.53
CA VAL E 190 56.61 -60.98 -54.93
C VAL E 190 56.65 -62.16 -53.96
N MET E 191 56.15 -61.94 -52.74
CA MET E 191 56.13 -62.99 -51.73
C MET E 191 54.69 -63.31 -51.39
N HIS E 192 54.30 -64.57 -51.60
CA HIS E 192 52.94 -65.01 -51.32
C HIS E 192 52.87 -66.47 -50.86
N GLU E 193 51.83 -66.78 -50.12
CA GLU E 193 51.58 -68.12 -49.60
C GLU E 193 51.55 -69.13 -50.76
N ALA E 194 50.96 -68.73 -51.89
CA ALA E 194 50.81 -69.60 -53.05
C ALA E 194 51.99 -69.69 -54.03
N LEU E 195 53.10 -69.03 -53.72
CA LEU E 195 54.29 -69.09 -54.59
C LEU E 195 55.25 -70.13 -54.03
N HIS E 196 55.85 -70.93 -54.91
CA HIS E 196 56.79 -72.01 -54.54
C HIS E 196 57.39 -71.90 -53.15
N ASN E 197 58.47 -71.13 -53.00
CA ASN E 197 59.01 -70.99 -51.66
C ASN E 197 58.53 -69.67 -51.13
N HIS E 198 57.25 -69.39 -51.36
CA HIS E 198 56.64 -68.15 -50.91
C HIS E 198 57.35 -67.01 -51.62
N TYR E 199 57.78 -67.26 -52.85
CA TYR E 199 58.52 -66.25 -53.59
C TYR E 199 58.80 -66.55 -55.06
N THR E 200 58.51 -65.57 -55.90
CA THR E 200 58.78 -65.71 -57.32
C THR E 200 59.51 -64.43 -57.71
N GLN E 201 59.88 -64.28 -58.97
CA GLN E 201 60.60 -63.08 -59.37
C GLN E 201 60.55 -62.87 -60.87
N LYS E 202 60.48 -61.62 -61.29
CA LYS E 202 60.42 -61.30 -62.71
C LYS E 202 61.35 -60.17 -63.09
N SER E 203 62.03 -60.33 -64.22
CA SER E 203 62.99 -59.35 -64.71
C SER E 203 62.39 -58.43 -65.76
N LEU E 204 63.02 -57.28 -65.95
CA LEU E 204 62.57 -56.29 -66.93
C LEU E 204 63.78 -55.48 -67.41
N SER E 205 63.97 -55.42 -68.74
CA SER E 205 65.11 -54.72 -69.33
C SER E 205 64.72 -53.94 -70.59
N LEU E 206 65.71 -53.26 -71.14
CA LEU E 206 65.56 -52.49 -72.37
C LEU E 206 66.38 -53.17 -73.46
N SER E 207 65.75 -54.09 -74.19
CA SER E 207 66.48 -54.81 -75.25
C SER E 207 65.86 -54.58 -76.62
CA PRO F 1 23.93 -39.93 -32.22
C PRO F 1 25.38 -40.12 -32.65
N SER F 2 25.60 -40.21 -33.96
CA SER F 2 26.93 -40.40 -34.53
C SER F 2 26.91 -39.86 -35.96
N VAL F 3 27.56 -38.72 -36.19
CA VAL F 3 27.57 -38.08 -37.51
C VAL F 3 28.82 -38.27 -38.39
N PHE F 4 28.59 -38.40 -39.70
CA PHE F 4 29.65 -38.59 -40.68
C PHE F 4 29.38 -37.84 -41.99
N LEU F 5 30.21 -36.85 -42.31
CA LEU F 5 30.05 -36.10 -43.56
C LEU F 5 30.77 -36.83 -44.69
N PHE F 6 30.23 -36.70 -45.90
CA PHE F 6 30.81 -37.32 -47.07
C PHE F 6 30.92 -36.30 -48.19
N PRO F 7 32.03 -36.33 -48.94
CA PRO F 7 32.24 -35.39 -50.04
C PRO F 7 31.54 -35.92 -51.29
N PRO F 8 31.33 -35.07 -52.29
CA PRO F 8 30.68 -35.59 -53.49
C PRO F 8 31.58 -36.49 -54.30
N LYS F 9 30.98 -37.26 -55.21
CA LYS F 9 31.73 -38.17 -56.09
C LYS F 9 32.49 -37.28 -57.08
N PRO F 10 33.79 -37.53 -57.27
CA PRO F 10 34.64 -36.77 -58.19
C PRO F 10 33.98 -36.46 -59.52
N LYS F 11 33.48 -37.48 -60.19
CA LYS F 11 32.84 -37.30 -61.48
C LYS F 11 31.71 -36.26 -61.45
N ASP F 12 30.98 -36.16 -60.35
CA ASP F 12 29.86 -35.21 -60.28
C ASP F 12 30.22 -33.73 -60.31
N THR F 13 31.36 -33.37 -59.75
CA THR F 13 31.73 -31.96 -59.71
C THR F 13 32.45 -31.49 -60.96
N LEU F 14 32.91 -32.44 -61.77
CA LEU F 14 33.64 -32.11 -62.97
C LEU F 14 32.80 -31.90 -64.23
N MET F 15 31.53 -32.31 -64.18
CA MET F 15 30.61 -32.16 -65.32
C MET F 15 29.29 -31.53 -64.86
N ILE F 16 28.90 -30.40 -65.45
CA ILE F 16 27.64 -29.76 -65.05
C ILE F 16 26.43 -30.68 -65.29
N SER F 17 26.60 -31.65 -66.17
CA SER F 17 25.53 -32.61 -66.48
C SER F 17 25.06 -33.31 -65.20
N ARG F 18 25.98 -33.56 -64.29
CA ARG F 18 25.63 -34.22 -63.04
C ARG F 18 25.58 -33.24 -61.88
N THR F 19 24.90 -33.63 -60.82
CA THR F 19 24.76 -32.78 -59.65
C THR F 19 25.49 -33.28 -58.42
N PRO F 20 26.56 -32.57 -58.02
CA PRO F 20 27.36 -32.93 -56.84
C PRO F 20 26.54 -32.78 -55.57
N GLU F 21 26.95 -33.47 -54.51
CA GLU F 21 26.20 -33.38 -53.26
C GLU F 21 26.98 -33.81 -52.02
N VAL F 22 26.90 -32.99 -50.98
CA VAL F 22 27.54 -33.27 -49.70
C VAL F 22 26.52 -34.08 -48.90
N THR F 23 26.82 -35.35 -48.65
CA THR F 23 25.91 -36.20 -47.92
C THR F 23 26.24 -36.42 -46.43
N CYS F 24 25.40 -35.86 -45.56
CA CYS F 24 25.54 -35.95 -44.11
C CYS F 24 24.82 -37.19 -43.56
N VAL F 25 25.56 -38.18 -43.08
CA VAL F 25 24.95 -39.40 -42.54
C VAL F 25 25.07 -39.53 -41.02
N VAL F 26 23.94 -39.71 -40.34
CA VAL F 26 23.89 -39.85 -38.88
C VAL F 26 23.43 -41.27 -38.51
N VAL F 27 24.24 -42.01 -37.77
CA VAL F 27 23.85 -43.37 -37.42
C VAL F 27 23.42 -43.55 -35.97
N ASP F 28 22.90 -44.74 -35.68
CA ASP F 28 22.46 -45.12 -34.35
C ASP F 28 21.55 -44.14 -33.62
N VAL F 29 20.45 -43.74 -34.26
CA VAL F 29 19.49 -42.85 -33.60
C VAL F 29 18.44 -43.79 -32.99
N SER F 30 18.09 -43.55 -31.73
CA SER F 30 17.14 -44.40 -31.03
C SER F 30 15.66 -44.27 -31.43
N HIS F 31 14.90 -45.32 -31.11
CA HIS F 31 13.47 -45.33 -31.40
C HIS F 31 12.82 -44.24 -30.57
N GLU F 32 13.15 -44.22 -29.27
CA GLU F 32 12.57 -43.23 -28.36
C GLU F 32 13.21 -41.86 -28.50
N ASP F 33 14.20 -41.75 -29.38
CA ASP F 33 14.86 -40.47 -29.54
C ASP F 33 15.07 -40.07 -31.00
N PRO F 34 14.00 -40.16 -31.81
CA PRO F 34 14.06 -39.80 -33.23
C PRO F 34 14.07 -38.29 -33.37
N GLN F 35 13.21 -37.79 -34.26
CA GLN F 35 13.11 -36.35 -34.48
C GLN F 35 14.52 -35.78 -34.71
N VAL F 36 15.07 -36.08 -35.88
CA VAL F 36 16.40 -35.61 -36.24
C VAL F 36 16.30 -34.35 -37.09
N LYS F 37 17.01 -33.32 -36.67
CA LYS F 37 17.02 -32.03 -37.39
C LYS F 37 18.37 -31.80 -38.06
N PHE F 38 18.41 -30.92 -39.06
CA PHE F 38 19.64 -30.59 -39.79
C PHE F 38 19.78 -29.08 -39.99
N ASN F 39 20.96 -28.67 -40.45
CA ASN F 39 21.28 -27.27 -40.72
C ASN F 39 22.57 -27.21 -41.52
N TRP F 40 22.52 -26.66 -42.73
CA TRP F 40 23.72 -26.59 -43.56
C TRP F 40 24.29 -25.18 -43.69
N TYR F 41 25.61 -25.07 -43.58
CA TYR F 41 26.30 -23.79 -43.67
C TYR F 41 27.45 -23.85 -44.68
N VAL F 42 27.42 -22.96 -45.66
CA VAL F 42 28.47 -22.89 -46.67
C VAL F 42 29.28 -21.61 -46.45
N ASP F 43 30.44 -21.74 -45.80
CA ASP F 43 31.28 -20.58 -45.53
C ASP F 43 30.56 -19.63 -44.57
N GLY F 44 29.95 -20.21 -43.55
CA GLY F 44 29.25 -19.40 -42.56
C GLY F 44 27.77 -19.21 -42.86
N VAL F 45 27.49 -18.52 -43.97
CA VAL F 45 26.11 -18.23 -44.37
C VAL F 45 25.18 -19.44 -44.31
N GLN F 46 23.89 -19.15 -44.40
CA GLN F 46 22.85 -20.17 -44.35
C GLN F 46 22.79 -20.95 -43.04
N VAL F 47 21.83 -20.57 -42.21
CA VAL F 47 21.58 -21.20 -40.92
C VAL F 47 20.18 -21.79 -41.03
N HIS F 48 19.37 -21.15 -41.87
CA HIS F 48 17.99 -21.56 -42.12
C HIS F 48 17.98 -22.46 -43.36
N ASN F 49 17.04 -23.41 -43.40
CA ASN F 49 16.95 -24.36 -44.50
C ASN F 49 17.41 -23.88 -45.88
N ALA F 50 18.51 -24.46 -46.35
CA ALA F 50 19.04 -24.12 -47.65
C ALA F 50 18.31 -25.04 -48.64
N LYS F 51 19.03 -25.57 -49.63
CA LYS F 51 18.42 -26.46 -50.62
C LYS F 51 18.70 -27.91 -50.26
N THR F 52 18.25 -28.31 -49.07
CA THR F 52 18.48 -29.67 -48.59
C THR F 52 17.29 -30.61 -48.83
N LYS F 53 17.43 -31.86 -48.36
CA LYS F 53 16.38 -32.87 -48.54
C LYS F 53 16.81 -34.19 -47.90
N PRO F 54 16.35 -34.48 -46.66
CA PRO F 54 16.70 -35.71 -45.97
C PRO F 54 15.53 -36.64 -45.62
N ARG F 55 15.75 -37.95 -45.73
CA ARG F 55 14.73 -38.94 -45.35
C ARG F 55 15.10 -40.41 -45.57
N GLU F 56 14.39 -41.27 -44.81
CA GLU F 56 14.55 -42.73 -44.78
C GLU F 56 15.45 -43.23 -43.66
N GLN F 57 15.01 -44.31 -42.99
CA GLN F 57 15.77 -44.90 -41.89
C GLN F 57 15.65 -46.43 -41.83
N GLN F 58 15.47 -46.96 -40.62
CA GLN F 58 15.36 -48.40 -40.37
C GLN F 58 16.72 -49.08 -40.56
N TYR F 59 17.17 -49.81 -39.54
CA TYR F 59 18.48 -50.47 -39.59
C TYR F 59 18.59 -51.83 -38.91
N ASN F 60 19.57 -51.93 -38.01
CA ASN F 60 19.85 -53.15 -37.24
C ASN F 60 19.10 -53.12 -35.92
N SER F 61 18.56 -51.95 -35.59
CA SER F 61 17.81 -51.70 -34.35
C SER F 61 17.87 -50.20 -34.09
N THR F 62 18.52 -49.48 -35.00
CA THR F 62 18.69 -48.03 -34.89
C THR F 62 18.05 -47.26 -36.05
N TYR F 63 18.54 -46.04 -36.25
CA TYR F 63 18.05 -45.15 -37.30
C TYR F 63 19.14 -44.92 -38.36
N ARG F 64 19.21 -43.66 -38.79
CA ARG F 64 20.15 -43.14 -39.77
C ARG F 64 19.42 -42.13 -40.66
N VAL F 65 19.34 -40.90 -40.18
CA VAL F 65 18.69 -39.83 -40.92
C VAL F 65 19.70 -39.13 -41.83
N VAL F 66 19.85 -39.66 -43.03
CA VAL F 66 20.78 -39.11 -44.02
C VAL F 66 20.25 -37.87 -44.75
N SER F 67 20.92 -36.74 -44.57
CA SER F 67 20.51 -35.51 -45.26
C SER F 67 21.37 -35.38 -46.51
N VAL F 68 20.89 -34.63 -47.50
CA VAL F 68 21.62 -34.44 -48.76
C VAL F 68 21.53 -33.02 -49.26
N LEU F 69 22.67 -32.46 -49.62
CA LEU F 69 22.73 -31.09 -50.12
C LEU F 69 23.26 -30.98 -51.55
N THR F 70 22.60 -30.19 -52.38
CA THR F 70 23.03 -30.01 -53.76
C THR F 70 24.21 -29.05 -53.80
N VAL F 71 25.29 -29.47 -54.44
CA VAL F 71 26.48 -28.64 -54.53
C VAL F 71 26.67 -27.98 -55.88
N LEU F 72 27.29 -26.81 -55.86
CA LEU F 72 27.60 -26.07 -57.08
C LEU F 72 29.05 -26.41 -57.45
N HIS F 73 29.22 -27.12 -58.55
CA HIS F 73 30.55 -27.52 -59.02
C HIS F 73 31.62 -26.45 -58.72
N GLN F 74 31.31 -25.20 -59.03
CA GLN F 74 32.22 -24.09 -58.81
C GLN F 74 32.48 -23.93 -57.31
N ASN F 75 31.41 -23.83 -56.54
CA ASN F 75 31.50 -23.68 -55.10
C ASN F 75 32.46 -24.70 -54.50
N TRP F 76 32.21 -25.97 -54.78
CA TRP F 76 33.06 -27.04 -54.27
C TRP F 76 34.49 -26.92 -54.80
N LEU F 77 34.66 -26.83 -56.11
CA LEU F 77 35.99 -26.72 -56.68
C LEU F 77 36.80 -25.55 -56.14
N ASP F 78 36.12 -24.45 -55.83
CA ASP F 78 36.81 -23.28 -55.30
C ASP F 78 37.17 -23.47 -53.82
N GLY F 79 36.64 -24.53 -53.22
CA GLY F 79 36.96 -24.81 -51.83
C GLY F 79 36.06 -24.29 -50.74
N LYS F 80 34.80 -23.98 -51.04
CA LYS F 80 33.91 -23.50 -50.00
C LYS F 80 33.75 -24.58 -48.93
N GLU F 81 33.62 -24.16 -47.67
CA GLU F 81 33.49 -25.10 -46.56
C GLU F 81 32.03 -25.45 -46.25
N TYR F 82 31.70 -26.73 -46.37
CA TYR F 82 30.35 -27.21 -46.12
C TYR F 82 30.21 -27.75 -44.71
N LYS F 83 29.31 -27.15 -43.94
CA LYS F 83 29.11 -27.53 -42.55
C LYS F 83 27.74 -28.12 -42.20
N CYS F 84 27.71 -29.40 -41.84
CA CYS F 84 26.48 -30.07 -41.45
C CYS F 84 26.35 -29.95 -39.92
N LYS F 85 25.25 -29.38 -39.47
CA LYS F 85 25.01 -29.17 -38.03
C LYS F 85 23.81 -29.94 -37.54
N VAL F 86 24.03 -31.16 -37.05
CA VAL F 86 22.95 -32.01 -36.55
C VAL F 86 22.49 -31.59 -35.14
N SER F 87 21.26 -31.95 -34.78
CA SER F 87 20.69 -31.62 -33.47
C SER F 87 19.74 -32.72 -32.99
N ASN F 88 20.06 -33.34 -31.85
CA ASN F 88 19.22 -34.41 -31.31
C ASN F 88 19.02 -34.32 -29.79
N LYS F 89 17.85 -34.77 -29.33
CA LYS F 89 17.50 -34.76 -27.91
C LYS F 89 18.43 -35.68 -27.14
N ALA F 90 18.51 -36.93 -27.59
CA ALA F 90 19.35 -37.96 -26.97
C ALA F 90 20.84 -37.69 -27.23
N LEU F 91 21.16 -36.44 -27.53
CA LEU F 91 22.53 -36.04 -27.79
C LEU F 91 22.93 -34.94 -26.82
N PRO F 92 24.03 -35.13 -26.07
CA PRO F 92 24.55 -34.18 -25.09
C PRO F 92 24.62 -32.74 -25.60
N ALA F 93 25.16 -32.57 -26.80
CA ALA F 93 25.30 -31.24 -27.40
C ALA F 93 25.12 -31.31 -28.93
N PRO F 94 25.13 -30.15 -29.60
CA PRO F 94 24.97 -30.17 -31.06
C PRO F 94 26.26 -30.58 -31.77
N ILE F 95 26.29 -31.79 -32.30
CA ILE F 95 27.45 -32.29 -33.03
C ILE F 95 27.65 -31.47 -34.31
N GLU F 96 28.83 -31.60 -34.89
CA GLU F 96 29.16 -30.89 -36.13
C GLU F 96 30.19 -31.67 -36.92
N LYS F 97 30.31 -31.31 -38.20
CA LYS F 97 31.26 -31.92 -39.11
C LYS F 97 31.36 -30.97 -40.29
N THR F 98 32.57 -30.62 -40.69
CA THR F 98 32.77 -29.74 -41.84
C THR F 98 33.60 -30.48 -42.88
N ILE F 99 33.86 -29.82 -44.00
CA ILE F 99 34.62 -30.45 -45.07
C ILE F 99 34.67 -29.54 -46.27
N SER F 100 35.81 -29.55 -46.94
CA SER F 100 36.02 -28.76 -48.15
C SER F 100 36.92 -29.66 -48.97
N LYS F 101 37.17 -29.34 -50.23
CA LYS F 101 38.02 -30.23 -51.00
C LYS F 101 39.45 -30.07 -50.52
N ALA F 102 40.26 -31.09 -50.76
CA ALA F 102 41.67 -31.08 -50.38
C ALA F 102 42.30 -29.79 -50.92
N LYS F 103 42.99 -29.07 -50.05
CA LYS F 103 43.60 -27.80 -50.46
C LYS F 103 44.96 -28.03 -51.14
N GLY F 104 45.36 -27.08 -51.97
CA GLY F 104 46.63 -27.20 -52.65
C GLY F 104 46.53 -27.01 -54.14
N GLN F 105 47.57 -26.45 -54.72
CA GLN F 105 47.62 -26.19 -56.14
C GLN F 105 47.26 -27.46 -56.88
N PRO F 106 46.26 -27.39 -57.77
CA PRO F 106 45.90 -28.62 -58.48
C PRO F 106 46.99 -28.99 -59.48
N ARG F 107 47.11 -30.27 -59.77
CA ARG F 107 48.12 -30.72 -60.71
C ARG F 107 47.56 -31.70 -61.72
N GLU F 108 47.62 -31.29 -62.99
CA GLU F 108 47.12 -32.11 -64.08
C GLU F 108 47.79 -33.48 -64.09
N PRO F 109 46.99 -34.53 -64.29
CA PRO F 109 47.48 -35.91 -64.32
C PRO F 109 48.10 -36.34 -65.66
N GLN F 110 49.06 -37.25 -65.59
CA GLN F 110 49.67 -37.79 -66.80
C GLN F 110 49.00 -39.13 -66.97
N VAL F 111 48.57 -39.42 -68.18
CA VAL F 111 47.90 -40.68 -68.47
C VAL F 111 48.74 -41.45 -69.50
N TYR F 112 49.08 -42.69 -69.16
CA TYR F 112 49.85 -43.56 -70.05
C TYR F 112 49.14 -44.90 -70.11
N THR F 113 49.04 -45.48 -71.29
CA THR F 113 48.39 -46.78 -71.44
C THR F 113 49.48 -47.80 -71.71
N LEU F 114 49.29 -49.02 -71.20
CA LEU F 114 50.28 -50.08 -71.38
C LEU F 114 49.69 -51.36 -71.95
N PRO F 115 50.43 -52.03 -72.86
CA PRO F 115 49.95 -53.28 -73.48
C PRO F 115 50.00 -54.40 -72.45
N PRO F 116 49.32 -55.53 -72.73
CA PRO F 116 49.38 -56.60 -71.73
C PRO F 116 50.81 -57.11 -71.84
N SER F 117 51.28 -57.83 -70.83
CA SER F 117 52.65 -58.37 -70.88
C SER F 117 52.72 -59.53 -71.84
N ARG F 118 53.89 -59.73 -72.42
CA ARG F 118 54.12 -60.82 -73.36
C ARG F 118 53.73 -62.09 -72.64
N GLU F 119 54.16 -62.18 -71.39
CA GLU F 119 53.90 -63.34 -70.54
C GLU F 119 52.43 -63.61 -70.29
N GLU F 120 51.59 -62.57 -70.32
CA GLU F 120 50.17 -62.75 -70.08
C GLU F 120 49.47 -63.21 -71.35
N MET F 121 50.18 -63.18 -72.47
CA MET F 121 49.61 -63.58 -73.75
C MET F 121 49.43 -65.11 -73.82
N THR F 122 49.39 -65.75 -72.67
CA THR F 122 49.21 -67.19 -72.62
C THR F 122 47.87 -67.54 -72.01
N LYS F 123 47.07 -66.52 -71.67
CA LYS F 123 45.77 -66.76 -71.07
C LYS F 123 44.63 -66.36 -72.00
N ASN F 124 43.42 -66.85 -71.73
CA ASN F 124 42.25 -66.55 -72.54
C ASN F 124 41.80 -65.11 -72.33
N GLN F 125 42.51 -64.37 -71.49
CA GLN F 125 42.16 -62.98 -71.22
C GLN F 125 43.40 -62.17 -70.90
N VAL F 126 43.39 -60.90 -71.31
CA VAL F 126 44.52 -60.03 -71.11
C VAL F 126 44.21 -58.78 -70.28
N SER F 127 45.26 -58.09 -69.87
CA SER F 127 45.13 -56.90 -69.05
C SER F 127 45.59 -55.60 -69.68
N LEU F 128 44.63 -54.71 -69.98
CA LEU F 128 44.96 -53.42 -70.54
C LEU F 128 45.15 -52.52 -69.33
N THR F 129 46.31 -51.88 -69.27
CA THR F 129 46.65 -51.04 -68.13
C THR F 129 46.69 -49.56 -68.43
N CYS F 130 46.22 -48.79 -67.45
CA CYS F 130 46.22 -47.35 -67.56
C CYS F 130 46.86 -46.77 -66.31
N LEU F 131 47.94 -46.04 -66.53
CA LEU F 131 48.66 -45.41 -65.44
C LEU F 131 48.25 -43.95 -65.40
N VAL F 132 48.10 -43.43 -64.19
CA VAL F 132 47.73 -42.04 -64.01
C VAL F 132 48.51 -41.52 -62.80
N LYS F 133 49.35 -40.53 -63.02
CA LYS F 133 50.15 -39.97 -61.94
C LYS F 133 50.29 -38.47 -62.04
N GLY F 134 50.91 -37.87 -61.01
CA GLY F 134 51.10 -36.43 -61.00
C GLY F 134 49.85 -35.61 -60.73
N PHE F 135 48.76 -36.23 -60.28
CA PHE F 135 47.58 -35.41 -60.02
C PHE F 135 47.30 -35.08 -58.58
N TYR F 136 46.71 -33.89 -58.40
CA TYR F 136 46.33 -33.39 -57.10
C TYR F 136 45.14 -32.46 -57.33
N PRO F 137 44.11 -32.53 -56.48
CA PRO F 137 43.98 -33.43 -55.34
C PRO F 137 43.72 -34.83 -55.85
N SER F 138 43.33 -35.75 -54.96
CA SER F 138 43.13 -37.15 -55.35
C SER F 138 41.80 -37.48 -56.03
N ASP F 139 40.84 -36.57 -55.97
CA ASP F 139 39.54 -36.81 -56.59
C ASP F 139 39.76 -37.06 -58.08
N ILE F 140 39.28 -38.20 -58.56
CA ILE F 140 39.50 -38.55 -59.95
C ILE F 140 38.55 -39.65 -60.39
N ALA F 141 38.16 -39.61 -61.66
CA ALA F 141 37.26 -40.60 -62.26
C ALA F 141 37.92 -41.23 -63.49
N VAL F 142 38.01 -42.56 -63.54
CA VAL F 142 38.65 -43.25 -64.66
C VAL F 142 37.71 -44.26 -65.34
N GLU F 143 37.56 -44.19 -66.67
CA GLU F 143 36.69 -45.12 -67.40
C GLU F 143 37.32 -45.64 -68.70
N TRP F 144 36.79 -46.74 -69.23
CA TRP F 144 37.31 -47.32 -70.48
C TRP F 144 36.27 -47.39 -71.60
N GLU F 145 36.75 -47.35 -72.84
CA GLU F 145 35.84 -47.42 -73.97
C GLU F 145 36.45 -48.16 -75.14
N SER F 146 35.57 -48.58 -76.05
CA SER F 146 35.95 -49.28 -77.25
C SER F 146 35.06 -48.68 -78.34
N ASN F 147 35.66 -48.16 -79.40
CA ASN F 147 34.95 -47.51 -80.52
C ASN F 147 33.59 -46.93 -80.15
N GLY F 148 33.59 -46.03 -79.16
CA GLY F 148 32.36 -45.39 -78.75
C GLY F 148 31.57 -46.05 -77.64
N GLN F 149 31.72 -47.36 -77.48
CA GLN F 149 30.99 -48.10 -76.45
C GLN F 149 31.78 -48.35 -75.15
N PRO F 150 31.08 -48.35 -74.00
CA PRO F 150 31.63 -48.55 -72.65
C PRO F 150 32.16 -49.96 -72.31
N GLU F 151 33.15 -50.02 -71.44
CA GLU F 151 33.72 -51.28 -70.99
C GLU F 151 33.30 -51.49 -69.56
N ASN F 152 32.88 -52.71 -69.25
CA ASN F 152 32.40 -53.05 -67.92
C ASN F 152 33.40 -53.77 -67.04
N ASN F 153 34.14 -54.72 -67.61
CA ASN F 153 35.09 -55.49 -66.83
C ASN F 153 36.47 -54.83 -66.63
N TYR F 154 36.48 -53.84 -65.76
CA TYR F 154 37.71 -53.15 -65.42
C TYR F 154 37.65 -52.82 -63.93
N LYS F 155 38.82 -52.68 -63.32
CA LYS F 155 38.91 -52.34 -61.91
C LYS F 155 39.98 -51.27 -61.78
N THR F 156 39.77 -50.32 -60.88
CA THR F 156 40.71 -49.22 -60.68
C THR F 156 41.18 -49.14 -59.23
N THR F 157 42.49 -49.13 -59.04
CA THR F 157 43.04 -49.05 -57.71
C THR F 157 42.80 -47.64 -57.22
N PRO F 158 42.60 -47.47 -55.90
CA PRO F 158 42.37 -46.12 -55.38
C PRO F 158 43.63 -45.24 -55.50
N PRO F 159 43.49 -43.94 -55.23
CA PRO F 159 44.61 -42.98 -55.30
C PRO F 159 45.63 -43.29 -54.21
N VAL F 160 46.91 -43.31 -54.60
CA VAL F 160 48.00 -43.57 -53.67
C VAL F 160 48.96 -42.38 -53.73
N LEU F 161 49.49 -42.00 -52.57
CA LEU F 161 50.41 -40.86 -52.44
C LEU F 161 51.83 -41.15 -52.88
N ASP F 162 52.28 -40.48 -53.93
CA ASP F 162 53.64 -40.69 -54.41
C ASP F 162 54.63 -39.82 -53.65
N SER F 163 55.91 -40.03 -53.90
CA SER F 163 56.95 -39.27 -53.20
C SER F 163 56.79 -37.75 -53.22
N ASP F 164 56.34 -37.19 -54.35
CA ASP F 164 56.21 -35.74 -54.46
C ASP F 164 54.91 -35.10 -54.00
N GLY F 165 54.15 -35.81 -53.17
CA GLY F 165 52.90 -35.25 -52.69
C GLY F 165 51.80 -35.26 -53.75
N SER F 166 52.06 -35.93 -54.87
CA SER F 166 51.07 -36.04 -55.93
C SER F 166 50.48 -37.43 -55.76
N PHE F 167 49.44 -37.75 -56.51
CA PHE F 167 48.84 -39.09 -56.42
C PHE F 167 48.96 -39.81 -57.75
N PHE F 168 48.76 -41.11 -57.69
CA PHE F 168 48.77 -41.96 -58.87
C PHE F 168 47.87 -43.14 -58.55
N LEU F 169 47.45 -43.82 -59.59
CA LEU F 169 46.58 -44.99 -59.47
C LEU F 169 46.74 -45.77 -60.78
N TYR F 170 46.18 -46.96 -60.83
CA TYR F 170 46.22 -47.75 -62.06
C TYR F 170 44.83 -48.28 -62.29
N SER F 171 44.42 -48.30 -63.54
CA SER F 171 43.11 -48.85 -63.90
C SER F 171 43.47 -50.06 -64.74
N LYS F 172 42.67 -51.12 -64.62
CA LYS F 172 42.93 -52.36 -65.33
C LYS F 172 41.71 -52.91 -66.01
N LEU F 173 41.77 -52.99 -67.32
CA LEU F 173 40.64 -53.52 -68.10
C LEU F 173 40.95 -54.96 -68.51
N THR F 174 40.01 -55.85 -68.24
CA THR F 174 40.18 -57.24 -68.61
C THR F 174 39.47 -57.56 -69.92
N VAL F 175 40.23 -57.93 -70.95
CA VAL F 175 39.61 -58.26 -72.23
C VAL F 175 40.12 -59.55 -72.88
N ASP F 176 39.24 -60.15 -73.68
CA ASP F 176 39.57 -61.37 -74.40
C ASP F 176 40.79 -61.18 -75.27
N LYS F 177 41.72 -62.12 -75.15
CA LYS F 177 42.95 -62.07 -75.92
C LYS F 177 42.64 -61.93 -77.40
N SER F 178 41.46 -62.41 -77.81
CA SER F 178 41.09 -62.32 -79.22
C SER F 178 40.89 -60.85 -79.63
N ARG F 179 40.03 -60.14 -78.88
CA ARG F 179 39.74 -58.73 -79.15
C ARG F 179 41.02 -57.93 -79.26
N TRP F 180 42.02 -58.31 -78.48
CA TRP F 180 43.30 -57.62 -78.53
C TRP F 180 44.06 -58.06 -79.77
N GLN F 181 43.80 -59.30 -80.19
CA GLN F 181 44.44 -59.85 -81.38
C GLN F 181 43.84 -59.19 -82.61
N GLN F 182 42.51 -59.10 -82.65
CA GLN F 182 41.80 -58.48 -83.78
C GLN F 182 42.21 -57.03 -84.02
N GLY F 183 43.01 -56.46 -83.12
CA GLY F 183 43.45 -55.09 -83.28
C GLY F 183 42.49 -54.02 -82.79
N ASN F 184 41.45 -54.41 -82.05
CA ASN F 184 40.53 -53.41 -81.54
C ASN F 184 41.26 -52.33 -80.74
N VAL F 185 40.68 -51.15 -80.71
CA VAL F 185 41.25 -50.03 -79.99
C VAL F 185 40.47 -49.69 -78.74
N PHE F 186 41.18 -49.69 -77.62
CA PHE F 186 40.58 -49.38 -76.34
C PHE F 186 41.12 -48.04 -75.90
N SER F 187 40.34 -47.33 -75.11
CA SER F 187 40.73 -46.02 -74.65
C SER F 187 40.50 -45.84 -73.15
N CYS F 188 41.45 -45.15 -72.53
CA CYS F 188 41.38 -44.87 -71.10
C CYS F 188 40.89 -43.45 -70.91
N SER F 189 39.77 -43.26 -70.22
CA SER F 189 39.26 -41.91 -69.98
C SER F 189 39.56 -41.47 -68.56
N VAL F 190 40.07 -40.26 -68.43
CA VAL F 190 40.42 -39.71 -67.12
C VAL F 190 39.80 -38.35 -66.89
N MET F 191 39.02 -38.24 -65.82
CA MET F 191 38.36 -37.00 -65.45
C MET F 191 39.04 -36.44 -64.22
N HIS F 192 39.49 -35.20 -64.29
CA HIS F 192 40.16 -34.56 -63.18
C HIS F 192 40.00 -33.07 -63.34
N GLU F 193 40.16 -32.36 -62.21
CA GLU F 193 40.03 -30.92 -62.13
C GLU F 193 41.06 -30.12 -62.92
N ALA F 194 42.31 -30.59 -62.96
CA ALA F 194 43.38 -29.88 -63.66
C ALA F 194 43.52 -30.19 -65.16
N LEU F 195 42.64 -31.03 -65.70
CA LEU F 195 42.68 -31.35 -67.14
C LEU F 195 41.90 -30.31 -67.93
N HIS F 196 42.35 -30.01 -69.14
CA HIS F 196 41.62 -29.07 -69.98
C HIS F 196 40.25 -29.73 -70.19
N ASN F 197 39.18 -28.96 -70.00
CA ASN F 197 37.83 -29.51 -70.17
C ASN F 197 37.57 -30.66 -69.19
N HIS F 198 38.29 -30.68 -68.09
CA HIS F 198 38.13 -31.72 -67.08
C HIS F 198 38.14 -33.11 -67.68
N TYR F 199 38.83 -33.30 -68.79
CA TYR F 199 38.83 -34.62 -69.41
C TYR F 199 39.89 -34.87 -70.46
N THR F 200 40.50 -36.04 -70.37
CA THR F 200 41.54 -36.46 -71.30
C THR F 200 41.25 -37.92 -71.67
N GLN F 201 41.71 -38.34 -72.84
CA GLN F 201 41.45 -39.70 -73.28
C GLN F 201 42.66 -40.29 -73.98
N LYS F 202 43.12 -41.44 -73.51
CA LYS F 202 44.28 -42.10 -74.12
C LYS F 202 43.93 -43.48 -74.67
N SER F 203 44.50 -43.80 -75.83
CA SER F 203 44.22 -45.08 -76.48
C SER F 203 45.31 -46.13 -76.47
N LEU F 204 44.90 -47.36 -76.74
CA LEU F 204 45.80 -48.51 -76.77
C LEU F 204 45.22 -49.55 -77.72
N SER F 205 46.11 -50.26 -78.42
CA SER F 205 45.69 -51.30 -79.34
C SER F 205 46.90 -52.08 -79.84
N LEU F 206 46.64 -53.20 -80.52
CA LEU F 206 47.72 -54.01 -81.05
C LEU F 206 48.26 -53.37 -82.33
N VAL G 1 47.80 -28.26 54.33
CA VAL G 1 47.22 -29.63 54.53
C VAL G 1 46.72 -30.25 53.21
N VAL G 2 47.52 -31.13 52.62
CA VAL G 2 47.18 -31.80 51.37
C VAL G 2 47.05 -33.31 51.58
N MET G 3 45.95 -33.90 51.10
CA MET G 3 45.69 -35.32 51.20
C MET G 3 45.97 -36.03 49.88
N THR G 4 46.82 -37.05 49.93
CA THR G 4 47.15 -37.82 48.73
C THR G 4 46.64 -39.25 48.87
N GLN G 5 45.72 -39.61 47.98
CA GLN G 5 45.10 -40.93 47.95
C GLN G 5 45.80 -41.80 46.92
N SER G 6 45.99 -43.07 47.26
CA SER G 6 46.51 -44.05 46.30
C SER G 6 45.83 -45.42 46.48
N PRO G 7 45.64 -46.16 45.38
CA PRO G 7 45.96 -45.70 44.02
C PRO G 7 44.80 -44.87 43.45
N SER G 8 44.95 -44.30 42.26
CA SER G 8 43.86 -43.55 41.63
C SER G 8 42.75 -44.47 41.12
N THR G 9 43.16 -45.59 40.53
CA THR G 9 42.25 -46.64 40.11
C THR G 9 42.71 -47.94 40.71
N LEU G 10 41.78 -48.70 41.29
CA LEU G 10 42.09 -50.01 41.85
C LEU G 10 41.21 -51.03 41.17
N SER G 11 41.82 -52.00 40.49
CA SER G 11 41.08 -53.05 39.78
C SER G 11 41.18 -54.34 40.57
N ALA G 12 40.04 -54.98 40.82
CA ALA G 12 40.02 -56.17 41.65
C ALA G 12 38.86 -57.10 41.26
N SER G 13 38.83 -58.28 41.86
CA SER G 13 37.78 -59.24 41.61
C SER G 13 36.80 -59.24 42.74
N VAL G 14 35.58 -59.67 42.44
CA VAL G 14 34.57 -59.87 43.46
C VAL G 14 35.10 -60.83 44.54
N GLY G 15 34.87 -60.48 45.80
CA GLY G 15 35.34 -61.28 46.91
C GLY G 15 36.69 -60.89 47.46
N ASP G 16 37.42 -60.04 46.73
CA ASP G 16 38.78 -59.65 47.15
C ASP G 16 38.77 -58.78 48.41
N THR G 17 39.86 -58.85 49.17
CA THR G 17 40.15 -57.88 50.21
C THR G 17 41.12 -56.85 49.63
N ILE G 18 40.72 -55.59 49.65
CA ILE G 18 41.51 -54.52 49.03
C ILE G 18 41.78 -53.41 50.04
N THR G 19 42.83 -52.63 49.80
CA THR G 19 43.12 -51.47 50.66
C THR G 19 43.35 -50.22 49.82
N ILE G 20 42.82 -49.11 50.31
CA ILE G 20 43.06 -47.81 49.71
C ILE G 20 43.79 -46.95 50.73
N THR G 21 44.84 -46.26 50.31
CA THR G 21 45.68 -45.45 51.22
C THR G 21 45.41 -43.96 51.06
N CYS G 22 45.51 -43.24 52.18
CA CYS G 22 45.48 -41.78 52.16
C CYS G 22 46.67 -41.28 52.98
N ARG G 23 47.49 -40.42 52.38
CA ARG G 23 48.60 -39.77 53.10
C ARG G 23 48.35 -38.29 53.27
N ALA G 24 48.53 -37.81 54.51
CA ALA G 24 48.37 -36.39 54.82
C ALA G 24 49.75 -35.72 54.81
N SER G 25 49.79 -34.46 54.39
CA SER G 25 51.05 -33.72 54.22
C SER G 25 51.65 -33.27 55.55
N GLN G 26 50.84 -33.33 56.60
CA GLN G 26 51.25 -33.08 57.97
C GLN G 26 50.29 -33.87 58.85
N SER G 27 50.63 -34.04 60.13
CA SER G 27 49.80 -34.86 61.03
C SER G 27 48.40 -34.28 61.21
N ILE G 28 47.40 -35.16 61.10
CA ILE G 28 46.00 -34.77 61.31
C ILE G 28 45.33 -35.61 62.40
N GLU G 29 46.13 -36.16 63.31
CA GLU G 29 45.64 -37.05 64.37
C GLU G 29 44.76 -38.14 63.76
N THR G 30 43.48 -38.23 64.17
CA THR G 30 42.58 -39.19 63.54
C THR G 30 41.41 -38.48 62.87
N TRP G 31 41.60 -37.22 62.50
CA TRP G 31 40.53 -36.44 61.87
C TRP G 31 40.36 -36.76 60.38
N LEU G 32 39.97 -38.00 60.09
CA LEU G 32 39.86 -38.48 58.73
C LEU G 32 38.55 -39.24 58.54
N ALA G 33 37.86 -38.98 57.44
CA ALA G 33 36.66 -39.72 57.09
C ALA G 33 36.82 -40.34 55.71
N TRP G 34 36.06 -41.41 55.47
CA TRP G 34 36.01 -42.06 54.16
C TRP G 34 34.60 -42.02 53.63
N TYR G 35 34.46 -41.69 52.32
CA TYR G 35 33.17 -41.65 51.66
C TYR G 35 33.13 -42.55 50.44
N GLN G 36 31.96 -43.12 50.18
CA GLN G 36 31.68 -43.85 48.94
C GLN G 36 30.80 -42.99 48.03
N GLN G 37 31.07 -43.03 46.73
CA GLN G 37 30.23 -42.28 45.79
C GLN G 37 30.06 -43.04 44.48
N LYS G 38 28.81 -43.22 44.10
CA LYS G 38 28.49 -43.82 42.82
C LYS G 38 28.29 -42.72 41.78
N PRO G 39 28.55 -43.00 40.50
CA PRO G 39 28.34 -41.99 39.45
C PRO G 39 26.96 -41.35 39.49
N GLY G 40 26.92 -40.02 39.57
CA GLY G 40 25.67 -39.27 39.54
C GLY G 40 24.90 -39.22 40.85
N LYS G 41 25.47 -39.80 41.90
CA LYS G 41 24.82 -39.86 43.22
C LYS G 41 25.60 -39.00 44.21
N ALA G 42 25.06 -38.85 45.41
CA ALA G 42 25.74 -38.12 46.48
C ALA G 42 26.76 -39.01 47.19
N PRO G 43 27.85 -38.43 47.72
CA PRO G 43 28.76 -39.17 48.59
C PRO G 43 28.01 -39.70 49.81
N LYS G 44 28.42 -40.87 50.29
CA LYS G 44 27.85 -41.48 51.49
C LYS G 44 28.96 -41.71 52.50
N LEU G 45 28.77 -41.22 53.73
CA LEU G 45 29.79 -41.39 54.77
C LEU G 45 29.91 -42.86 55.19
N LEU G 46 31.13 -43.40 55.16
CA LEU G 46 31.38 -44.76 55.63
C LEU G 46 32.00 -44.80 57.02
N ILE G 47 33.09 -44.05 57.16
CA ILE G 47 33.93 -44.11 58.35
C ILE G 47 34.39 -42.71 58.71
N TYR G 48 34.49 -42.43 60.02
CA TYR G 48 35.01 -41.16 60.49
C TYR G 48 35.89 -41.38 61.72
N LYS G 49 36.54 -40.32 62.20
CA LYS G 49 37.65 -40.43 63.16
C LYS G 49 38.57 -41.62 62.86
N ALA G 50 38.95 -41.73 61.59
CA ALA G 50 39.84 -42.78 61.07
C ALA G 50 39.29 -44.21 61.06
N SER G 51 38.62 -44.62 62.14
CA SER G 51 38.26 -46.03 62.31
C SER G 51 36.83 -46.32 62.75
N THR G 52 36.04 -45.27 62.99
CA THR G 52 34.68 -45.44 63.47
C THR G 52 33.71 -45.66 62.31
N LEU G 53 33.06 -46.82 62.30
CA LEU G 53 32.08 -47.15 61.25
C LEU G 53 30.76 -46.45 61.56
N LYS G 54 30.20 -45.76 60.56
CA LYS G 54 28.89 -45.13 60.71
C LYS G 54 27.85 -46.24 60.81
N THR G 55 26.87 -46.07 61.70
CA THR G 55 25.88 -47.13 61.90
C THR G 55 25.19 -47.48 60.57
N GLY G 56 24.94 -48.78 60.37
CA GLY G 56 24.33 -49.23 59.14
C GLY G 56 25.31 -49.55 58.03
N VAL G 57 26.53 -49.01 58.09
CA VAL G 57 27.56 -49.35 57.10
C VAL G 57 28.03 -50.79 57.34
N PRO G 58 28.12 -51.60 56.29
CA PRO G 58 28.49 -53.01 56.42
C PRO G 58 29.86 -53.20 57.08
N SER G 59 30.01 -54.27 57.87
CA SER G 59 31.22 -54.50 58.66
C SER G 59 32.44 -54.87 57.81
N ARG G 60 32.25 -55.15 56.53
CA ARG G 60 33.37 -55.43 55.63
C ARG G 60 34.21 -54.18 55.35
N PHE G 61 33.67 -53.01 55.65
CA PHE G 61 34.43 -51.75 55.61
C PHE G 61 35.12 -51.49 56.94
N SER G 62 36.40 -51.16 56.88
CA SER G 62 37.16 -50.81 58.07
C SER G 62 38.24 -49.77 57.74
N GLY G 63 38.60 -48.98 58.74
CA GLY G 63 39.59 -47.94 58.55
C GLY G 63 40.58 -47.97 59.67
N SER G 64 41.81 -47.58 59.36
CA SER G 64 42.88 -47.51 60.36
C SER G 64 43.81 -46.35 60.05
N GLY G 65 44.72 -46.08 60.98
CA GLY G 65 45.72 -45.05 60.80
C GLY G 65 45.58 -43.91 61.78
N SER G 66 46.64 -43.12 61.88
CA SER G 66 46.67 -41.89 62.66
C SER G 66 47.89 -41.11 62.19
N GLY G 67 47.93 -39.82 62.48
CA GLY G 67 49.05 -38.99 62.08
C GLY G 67 48.96 -38.62 60.61
N THR G 68 49.73 -39.32 59.77
CA THR G 68 49.80 -39.03 58.34
C THR G 68 49.42 -40.20 57.42
N GLU G 69 49.23 -41.39 57.98
CA GLU G 69 49.00 -42.57 57.14
C GLU G 69 47.70 -43.26 57.50
N PHE G 70 46.83 -43.39 56.50
CA PHE G 70 45.48 -43.91 56.74
C PHE G 70 45.11 -44.94 55.69
N THR G 71 44.27 -45.89 56.08
CA THR G 71 43.91 -47.00 55.19
C THR G 71 42.45 -47.34 55.30
N LEU G 72 41.80 -47.53 54.16
CA LEU G 72 40.46 -48.09 54.11
C LEU G 72 40.60 -49.50 53.56
N THR G 73 40.03 -50.46 54.28
CA THR G 73 40.03 -51.85 53.86
C THR G 73 38.61 -52.31 53.57
N ILE G 74 38.43 -52.94 52.43
CA ILE G 74 37.18 -53.61 52.12
C ILE G 74 37.50 -55.10 52.06
N SER G 75 36.98 -55.87 53.02
CA SER G 75 37.28 -57.28 53.17
C SER G 75 36.17 -58.13 52.55
N GLY G 76 36.30 -58.40 51.25
CA GLY G 76 35.32 -59.19 50.53
C GLY G 76 34.44 -58.31 49.66
N LEU G 77 35.02 -57.79 48.58
CA LEU G 77 34.30 -56.92 47.66
C LEU G 77 33.02 -57.57 47.15
N GLN G 78 31.92 -56.84 47.27
CA GLN G 78 30.66 -57.24 46.66
C GLN G 78 30.39 -56.33 45.45
N PHE G 79 29.51 -56.75 44.55
CA PHE G 79 29.23 -55.93 43.37
C PHE G 79 28.86 -54.48 43.68
N ASP G 80 28.14 -54.29 44.79
CA ASP G 80 27.71 -52.96 45.25
C ASP G 80 28.88 -52.04 45.64
N ASP G 81 30.06 -52.62 45.86
CA ASP G 81 31.22 -51.87 46.38
C ASP G 81 32.06 -51.24 45.28
N PHE G 82 31.78 -51.60 44.02
CA PHE G 82 32.52 -50.99 42.93
C PHE G 82 31.98 -49.58 42.71
N ALA G 83 32.85 -48.61 42.99
CA ALA G 83 32.45 -47.22 43.22
C ALA G 83 33.74 -46.40 43.39
N THR G 84 33.57 -45.08 43.58
CA THR G 84 34.70 -44.22 43.97
C THR G 84 34.72 -44.06 45.48
N TYR G 85 35.93 -44.05 46.06
CA TYR G 85 36.08 -43.79 47.49
C TYR G 85 36.92 -42.54 47.64
N HIS G 86 36.52 -41.69 48.59
CA HIS G 86 37.14 -40.41 48.84
C HIS G 86 37.57 -40.35 50.30
N CYS G 87 38.80 -39.92 50.55
CA CYS G 87 39.22 -39.58 51.90
C CYS G 87 39.08 -38.07 52.15
N GLN G 88 38.93 -37.69 53.41
CA GLN G 88 38.71 -36.30 53.77
C GLN G 88 39.32 -36.04 55.12
N HIS G 89 40.20 -35.03 55.18
CA HIS G 89 40.52 -34.42 56.46
C HIS G 89 39.47 -33.36 56.76
N TYR G 90 38.88 -33.45 57.95
CA TYR G 90 37.86 -32.47 58.36
C TYR G 90 38.33 -31.77 59.61
N ALA G 91 38.23 -30.44 59.59
CA ALA G 91 38.50 -29.62 60.76
C ALA G 91 37.23 -28.87 61.14
N GLY G 92 37.31 -28.09 62.22
CA GLY G 92 36.16 -27.37 62.74
C GLY G 92 35.37 -26.59 61.70
N TYR G 93 36.08 -25.85 60.86
CA TYR G 93 35.43 -24.96 59.89
C TYR G 93 35.93 -25.08 58.45
N SER G 94 36.64 -26.16 58.15
CA SER G 94 37.11 -26.43 56.79
C SER G 94 37.40 -27.90 56.61
N ALA G 95 37.63 -28.30 55.36
CA ALA G 95 37.92 -29.68 55.05
C ALA G 95 38.75 -29.72 53.77
N THR G 96 39.36 -30.87 53.50
CA THR G 96 40.02 -31.11 52.22
C THR G 96 39.95 -32.60 51.89
N PHE G 97 39.85 -32.91 50.60
CA PHE G 97 39.68 -34.28 50.17
C PHE G 97 40.91 -34.76 49.43
N GLY G 98 41.12 -36.08 49.44
CA GLY G 98 42.01 -36.73 48.49
C GLY G 98 41.37 -36.65 47.09
N GLN G 99 42.04 -37.21 46.09
CA GLN G 99 41.58 -37.09 44.71
C GLN G 99 40.59 -38.18 44.32
N GLY G 100 40.36 -39.12 45.23
CA GLY G 100 39.43 -40.21 44.98
C GLY G 100 40.11 -41.43 44.39
N THR G 101 39.57 -42.60 44.72
CA THR G 101 40.00 -43.89 44.16
C THR G 101 38.81 -44.59 43.53
N ARG G 102 38.88 -44.86 42.22
CA ARG G 102 37.84 -45.60 41.53
C ARG G 102 38.16 -47.10 41.61
N VAL G 103 37.27 -47.86 42.22
CA VAL G 103 37.43 -49.31 42.37
C VAL G 103 36.56 -49.96 41.30
N GLU G 104 37.21 -50.75 40.43
CA GLU G 104 36.54 -51.35 39.27
C GLU G 104 36.79 -52.86 39.23
N ILE G 105 36.02 -53.56 38.40
CA ILE G 105 36.21 -55.00 38.21
C ILE G 105 37.36 -55.27 37.23
N LYS G 106 38.29 -56.10 37.65
CA LYS G 106 39.46 -56.39 36.83
C LYS G 106 39.09 -57.39 35.77
N ARG G 107 39.62 -57.17 34.57
CA ARG G 107 39.51 -58.15 33.50
C ARG G 107 40.75 -57.97 32.62
N THR G 108 40.92 -58.80 31.59
CA THR G 108 42.05 -58.62 30.68
C THR G 108 41.93 -57.35 29.85
N VAL G 109 43.08 -56.83 29.40
CA VAL G 109 43.12 -55.70 28.49
C VAL G 109 42.33 -56.02 27.22
N ALA G 110 41.44 -55.11 26.82
CA ALA G 110 40.69 -55.26 25.58
C ALA G 110 40.73 -53.94 24.80
N ALA G 111 41.20 -54.05 23.57
CA ALA G 111 41.29 -52.91 22.67
C ALA G 111 39.89 -52.52 22.20
N PRO G 112 39.64 -51.23 22.07
CA PRO G 112 38.33 -50.78 21.57
C PRO G 112 38.15 -51.20 20.11
N SER G 113 36.92 -51.54 19.74
CA SER G 113 36.56 -51.64 18.33
C SER G 113 36.06 -50.25 17.98
N VAL G 114 36.63 -49.65 16.93
CA VAL G 114 36.39 -48.25 16.63
C VAL G 114 35.52 -48.12 15.38
N PHE G 115 34.46 -47.31 15.49
CA PHE G 115 33.62 -47.01 14.34
C PHE G 115 33.40 -45.51 14.27
N ILE G 116 33.44 -44.97 13.05
CA ILE G 116 33.09 -43.58 12.84
C ILE G 116 31.75 -43.55 12.09
N PHE G 117 30.89 -42.60 12.47
CA PHE G 117 29.62 -42.40 11.78
C PHE G 117 29.60 -40.94 11.35
N PRO G 118 29.35 -40.71 10.05
CA PRO G 118 29.07 -39.35 9.58
C PRO G 118 27.74 -38.88 10.23
N PRO G 119 27.44 -37.51 9.83
CA PRO G 119 26.09 -36.94 10.00
C PRO G 119 25.12 -37.58 8.97
N SER G 120 23.92 -37.93 9.43
CA SER G 120 22.81 -38.29 8.53
C SER G 120 22.44 -37.14 7.61
N ASP G 121 21.74 -37.46 6.51
CA ASP G 121 21.26 -36.45 5.56
C ASP G 121 20.23 -35.54 6.21
N GLU G 122 19.16 -36.21 6.82
CA GLU G 122 18.06 -35.53 7.53
C GLU G 122 18.53 -34.27 8.30
N GLN G 123 19.53 -34.46 9.16
CA GLN G 123 20.13 -33.39 9.95
C GLN G 123 20.82 -32.33 9.08
N LEU G 124 21.63 -32.82 8.12
CA LEU G 124 22.41 -31.93 7.26
C LEU G 124 21.54 -30.93 6.51
N LYS G 125 20.29 -31.34 6.28
CA LYS G 125 19.29 -30.50 5.64
C LYS G 125 18.83 -29.34 6.53
N SER G 126 18.98 -29.51 7.86
CA SER G 126 18.55 -28.53 8.85
C SER G 126 19.56 -27.41 9.11
N GLY G 127 20.86 -27.65 8.68
CA GLY G 127 21.88 -26.61 9.00
C GLY G 127 22.98 -27.06 9.96
N THR G 128 22.86 -28.27 10.51
CA THR G 128 23.86 -28.79 11.45
C THR G 128 24.39 -30.13 10.94
N ALA G 129 25.68 -30.37 11.17
CA ALA G 129 26.31 -31.66 10.92
C ALA G 129 26.97 -32.15 12.20
N SER G 130 26.51 -33.36 12.64
CA SER G 130 27.14 -34.00 13.82
C SER G 130 27.86 -35.30 13.35
N VAL G 131 29.16 -35.48 13.74
CA VAL G 131 29.92 -36.70 13.39
C VAL G 131 30.29 -37.47 14.66
N VAL G 132 29.92 -38.76 14.70
CA VAL G 132 30.07 -39.57 15.91
C VAL G 132 31.14 -40.64 15.74
N CYS G 133 31.96 -40.79 16.78
CA CYS G 133 32.95 -41.86 16.84
C CYS G 133 32.63 -42.74 18.03
N LEU G 134 32.70 -44.06 17.82
CA LEU G 134 32.38 -45.02 18.86
C LEU G 134 33.59 -45.89 19.18
N LEU G 135 33.91 -45.97 20.47
CA LEU G 135 34.94 -46.89 20.96
C LEU G 135 34.19 -47.96 21.73
N ASN G 136 34.13 -49.16 21.16
CA ASN G 136 33.29 -50.22 21.71
C ASN G 136 34.06 -51.28 22.51
N ASN G 137 33.62 -51.49 23.74
CA ASN G 137 34.01 -52.63 24.59
C ASN G 137 35.49 -52.72 24.87
N PHE G 138 36.03 -51.69 25.51
CA PHE G 138 37.45 -51.65 25.83
C PHE G 138 37.72 -51.72 27.33
N TYR G 139 38.94 -52.05 27.68
CA TYR G 139 39.40 -52.06 29.06
C TYR G 139 40.93 -51.97 29.08
N PRO G 140 41.54 -51.17 29.95
CA PRO G 140 40.89 -50.35 30.99
C PRO G 140 40.15 -49.10 30.47
N ARG G 141 39.75 -48.24 31.40
CA ARG G 141 38.88 -47.12 31.07
C ARG G 141 39.51 -45.99 30.28
N GLU G 142 40.80 -45.73 30.49
CA GLU G 142 41.41 -44.56 29.85
C GLU G 142 41.58 -44.80 28.36
N ALA G 143 40.97 -43.93 27.57
CA ALA G 143 41.13 -43.95 26.13
C ALA G 143 41.17 -42.51 25.68
N LYS G 144 41.98 -42.24 24.68
CA LYS G 144 42.04 -40.90 24.12
C LYS G 144 41.55 -40.89 22.69
N VAL G 145 40.61 -39.99 22.43
CA VAL G 145 40.10 -39.74 21.08
C VAL G 145 40.56 -38.37 20.64
N GLN G 146 41.17 -38.29 19.47
CA GLN G 146 41.55 -37.02 18.87
C GLN G 146 40.86 -36.94 17.52
N TRP G 147 40.16 -35.82 17.31
CA TRP G 147 39.45 -35.60 16.07
C TRP G 147 40.34 -34.81 15.12
N LYS G 148 40.40 -35.27 13.88
CA LYS G 148 41.18 -34.61 12.84
C LYS G 148 40.32 -34.37 11.61
N VAL G 149 40.35 -33.14 11.12
CA VAL G 149 39.59 -32.71 9.95
C VAL G 149 40.58 -32.20 8.91
N ASP G 150 40.71 -32.94 7.81
CA ASP G 150 41.77 -32.73 6.81
C ASP G 150 43.15 -32.73 7.47
N ASN G 151 43.35 -33.69 8.38
CA ASN G 151 44.58 -33.83 9.16
C ASN G 151 44.99 -32.58 9.96
N ALA G 152 43.98 -31.86 10.47
CA ALA G 152 44.20 -30.75 11.39
C ALA G 152 43.47 -31.08 12.70
N LEU G 153 44.22 -31.02 13.82
CA LEU G 153 43.68 -31.44 15.12
C LEU G 153 42.58 -30.52 15.64
N GLN G 154 41.48 -31.15 16.08
CA GLN G 154 40.32 -30.43 16.60
C GLN G 154 40.44 -30.22 18.10
N SER G 155 39.93 -29.07 18.58
CA SER G 155 39.89 -28.79 20.02
C SER G 155 38.68 -27.93 20.38
N GLY G 156 37.95 -28.36 21.40
CA GLY G 156 36.84 -27.59 21.95
C GLY G 156 35.54 -27.62 21.14
N ASN G 157 35.46 -28.60 20.23
CA ASN G 157 34.25 -28.78 19.42
C ASN G 157 33.72 -30.22 19.48
N SER G 158 34.15 -30.94 20.50
CA SER G 158 33.67 -32.30 20.68
C SER G 158 33.32 -32.56 22.14
N GLN G 159 32.37 -33.47 22.35
CA GLN G 159 32.01 -33.92 23.68
C GLN G 159 31.98 -35.44 23.72
N GLU G 160 32.31 -35.98 24.90
CA GLU G 160 32.48 -37.41 25.09
C GLU G 160 31.59 -37.92 26.20
N SER G 161 31.20 -39.18 26.09
CA SER G 161 30.40 -39.85 27.09
C SER G 161 30.84 -41.32 27.18
N VAL G 162 30.98 -41.82 28.40
CA VAL G 162 31.47 -43.18 28.63
C VAL G 162 30.49 -43.97 29.49
N THR G 163 30.24 -45.23 29.12
CA THR G 163 29.31 -46.05 29.88
C THR G 163 29.99 -46.55 31.13
N GLU G 164 29.19 -47.02 32.08
CA GLU G 164 29.70 -47.79 33.21
C GLU G 164 30.12 -49.18 32.79
N GLN G 165 30.90 -49.85 33.64
CA GLN G 165 31.37 -51.19 33.34
C GLN G 165 30.23 -52.13 33.00
N ASP G 166 30.36 -52.82 31.87
CA ASP G 166 29.32 -53.70 31.37
C ASP G 166 29.12 -54.85 32.36
N SER G 167 27.85 -55.15 32.66
CA SER G 167 27.50 -56.12 33.70
C SER G 167 28.00 -57.53 33.38
N LYS G 168 28.09 -57.85 32.10
CA LYS G 168 28.46 -59.19 31.65
C LYS G 168 29.95 -59.32 31.32
N ASP G 169 30.52 -58.33 30.63
CA ASP G 169 31.92 -58.44 30.19
C ASP G 169 32.92 -57.46 30.83
N SER G 170 32.44 -56.55 31.68
CA SER G 170 33.30 -55.63 32.42
C SER G 170 34.11 -54.64 31.55
N THR G 171 33.68 -54.42 30.31
CA THR G 171 34.29 -53.39 29.48
C THR G 171 33.55 -52.06 29.59
N TYR G 172 34.18 -51.04 29.00
CA TYR G 172 33.62 -49.70 28.84
C TYR G 172 33.42 -49.42 27.37
N SER G 173 32.48 -48.51 27.08
CA SER G 173 32.32 -48.02 25.73
C SER G 173 32.29 -46.49 25.80
N LEU G 174 32.68 -45.84 24.71
CA LEU G 174 32.80 -44.38 24.69
C LEU G 174 32.26 -43.86 23.37
N SER G 175 31.52 -42.76 23.43
CA SER G 175 31.08 -42.07 22.23
C SER G 175 31.61 -40.65 22.27
N SER G 176 32.13 -40.19 21.14
CA SER G 176 32.57 -38.81 21.00
C SER G 176 31.84 -38.18 19.81
N THR G 177 31.21 -37.02 20.04
CA THR G 177 30.48 -36.32 18.99
C THR G 177 31.18 -35.02 18.63
N LEU G 178 31.50 -34.84 17.34
CA LEU G 178 32.07 -33.60 16.83
C LEU G 178 30.96 -32.80 16.13
N THR G 179 30.83 -31.51 16.46
CA THR G 179 29.70 -30.69 15.99
C THR G 179 30.10 -29.41 15.18
N LEU G 180 29.63 -29.40 13.93
CA LEU G 180 29.90 -28.30 13.01
C LEU G 180 28.63 -27.84 12.28
N SER G 181 28.56 -26.54 11.96
CA SER G 181 27.45 -26.07 11.14
C SER G 181 27.60 -26.61 9.71
N LYS G 182 26.43 -26.92 9.08
CA LYS G 182 26.41 -27.39 7.69
C LYS G 182 27.47 -26.69 6.83
N ALA G 183 27.59 -25.36 7.05
CA ALA G 183 28.56 -24.52 6.36
C ALA G 183 30.01 -24.98 6.62
N ASP G 184 30.36 -25.06 7.91
CA ASP G 184 31.73 -25.42 8.29
C ASP G 184 32.11 -26.84 7.86
N TYR G 185 31.14 -27.76 7.94
CA TYR G 185 31.30 -29.16 7.54
C TYR G 185 31.56 -29.29 6.03
N GLU G 186 30.90 -28.46 5.25
CA GLU G 186 31.00 -28.52 3.78
C GLU G 186 32.27 -27.86 3.23
N LYS G 187 33.12 -27.36 4.12
CA LYS G 187 34.37 -26.70 3.71
C LYS G 187 35.57 -27.67 3.64
N HIS G 188 35.43 -28.84 4.29
CA HIS G 188 36.54 -29.80 4.35
C HIS G 188 36.22 -31.19 3.75
N LYS G 189 37.29 -31.84 3.27
CA LYS G 189 37.22 -33.18 2.68
C LYS G 189 37.18 -34.37 3.68
N VAL G 190 38.33 -34.72 4.26
CA VAL G 190 38.44 -35.92 5.12
C VAL G 190 38.16 -35.65 6.60
N TYR G 191 37.36 -36.56 7.21
CA TYR G 191 37.06 -36.53 8.64
C TYR G 191 37.56 -37.82 9.28
N ALA G 192 38.31 -37.65 10.41
CA ALA G 192 38.99 -38.76 11.08
C ALA G 192 38.88 -38.74 12.60
N CYS G 193 38.73 -39.94 13.18
CA CYS G 193 38.77 -40.20 14.60
C CYS G 193 40.03 -41.00 14.92
N GLU G 194 40.90 -40.46 15.77
CA GLU G 194 42.17 -41.12 16.12
C GLU G 194 42.22 -41.58 17.58
N VAL G 195 42.34 -42.89 17.78
CA VAL G 195 42.15 -43.52 19.08
C VAL G 195 43.45 -44.09 19.68
N THR G 196 43.73 -43.69 20.92
CA THR G 196 44.85 -44.24 21.71
C THR G 196 44.28 -45.02 22.91
N HIS G 197 44.85 -46.19 23.19
CA HIS G 197 44.39 -47.03 24.32
C HIS G 197 45.46 -48.06 24.66
N GLN G 198 45.50 -48.48 25.93
CA GLN G 198 46.47 -49.49 26.43
C GLN G 198 46.56 -50.74 25.55
N GLY G 199 45.42 -51.18 25.01
CA GLY G 199 45.36 -52.39 24.19
C GLY G 199 45.84 -52.20 22.76
N LEU G 200 46.16 -50.96 22.41
CA LEU G 200 46.59 -50.58 21.06
C LEU G 200 48.06 -50.21 21.11
N SER G 201 48.90 -51.02 20.46
CA SER G 201 50.33 -50.74 20.42
C SER G 201 50.61 -49.52 19.54
N SER G 202 49.71 -49.27 18.59
CA SER G 202 49.77 -48.08 17.75
C SER G 202 48.38 -47.44 17.68
N PRO G 203 48.30 -46.11 17.65
CA PRO G 203 47.02 -45.40 17.51
C PRO G 203 46.23 -45.83 16.27
N VAL G 204 44.91 -45.98 16.44
CA VAL G 204 44.03 -46.47 15.39
C VAL G 204 43.17 -45.33 14.87
N THR G 205 43.06 -45.22 13.55
CA THR G 205 42.28 -44.16 12.92
C THR G 205 41.18 -44.73 12.03
N LYS G 206 39.96 -44.26 12.24
CA LYS G 206 38.84 -44.54 11.34
C LYS G 206 38.44 -43.26 10.62
N SER G 207 38.21 -43.35 9.31
CA SER G 207 37.97 -42.19 8.48
C SER G 207 36.81 -42.35 7.50
N PHE G 208 36.34 -41.21 6.98
CA PHE G 208 35.46 -41.18 5.80
C PHE G 208 35.65 -39.87 5.04
N ASN G 209 35.37 -39.88 3.75
CA ASN G 209 35.40 -38.67 2.93
C ASN G 209 34.01 -38.06 2.81
N ARG G 210 33.90 -36.75 3.06
CA ARG G 210 32.63 -36.04 2.97
C ARG G 210 31.91 -36.35 1.67
N GLY G 211 30.66 -36.82 1.79
CA GLY G 211 29.88 -37.26 0.66
C GLY G 211 30.47 -38.48 -0.01
N GLU H 1 14.92 -40.36 57.14
CA GLU H 1 16.23 -40.09 56.50
C GLU H 1 16.50 -38.59 56.42
N VAL H 2 17.67 -38.19 56.92
CA VAL H 2 18.15 -36.83 56.75
C VAL H 2 18.44 -36.60 55.27
N GLN H 3 18.01 -35.45 54.74
CA GLN H 3 18.19 -35.16 53.32
C GLN H 3 18.55 -33.70 53.07
N LEU H 4 19.32 -33.48 52.01
CA LEU H 4 19.67 -32.16 51.52
C LEU H 4 19.45 -32.13 50.02
N VAL H 5 19.12 -30.97 49.48
CA VAL H 5 18.88 -30.84 48.04
C VAL H 5 19.36 -29.48 47.53
N GLU H 6 20.29 -29.50 46.58
CA GLU H 6 20.78 -28.29 45.94
C GLU H 6 19.85 -27.85 44.82
N SER H 7 19.72 -26.53 44.64
CA SER H 7 19.08 -25.99 43.44
C SER H 7 19.93 -24.88 42.81
N GLY H 8 19.69 -24.58 41.53
CA GLY H 8 20.42 -23.51 40.87
C GLY H 8 21.50 -23.80 39.83
N GLY H 9 21.87 -25.06 39.63
CA GLY H 9 22.87 -25.40 38.60
C GLY H 9 22.61 -24.98 37.16
N GLY H 10 23.60 -25.19 36.29
CA GLY H 10 23.39 -24.97 34.87
C GLY H 10 24.63 -24.50 34.13
N LEU H 11 24.38 -23.87 32.97
CA LEU H 11 25.45 -23.42 32.10
C LEU H 11 25.73 -21.94 32.36
N VAL H 12 26.98 -21.61 32.59
CA VAL H 12 27.39 -20.22 32.85
C VAL H 12 28.54 -19.89 31.91
N LYS H 13 28.56 -18.66 31.41
CA LYS H 13 29.70 -18.17 30.63
C LYS H 13 30.83 -17.73 31.57
N ALA H 14 32.08 -17.93 31.13
CA ALA H 14 33.23 -17.49 31.94
C ALA H 14 33.05 -16.01 32.28
N GLY H 15 33.29 -15.66 33.54
CA GLY H 15 33.11 -14.29 34.00
C GLY H 15 31.73 -14.03 34.59
N GLY H 16 30.80 -14.94 34.34
CA GLY H 16 29.42 -14.78 34.81
C GLY H 16 29.20 -15.16 36.26
N SER H 17 27.97 -14.96 36.73
CA SER H 17 27.58 -15.32 38.10
C SER H 17 26.49 -16.37 38.11
N LEU H 18 26.46 -17.17 39.18
CA LEU H 18 25.42 -18.15 39.41
C LEU H 18 25.29 -18.35 40.90
N ILE H 19 24.06 -18.39 41.38
CA ILE H 19 23.81 -18.59 42.80
C ILE H 19 23.12 -19.93 43.02
N LEU H 20 23.65 -20.71 43.96
CA LEU H 20 23.07 -21.98 44.35
C LEU H 20 22.38 -21.88 45.69
N SER H 21 21.38 -22.75 45.91
CA SER H 21 20.82 -22.86 47.23
C SER H 21 20.73 -24.32 47.64
N CYS H 22 20.54 -24.53 48.94
CA CYS H 22 20.44 -25.87 49.47
C CYS H 22 19.33 -25.82 50.50
N GLY H 23 18.36 -26.73 50.39
CA GLY H 23 17.37 -26.94 51.43
C GLY H 23 17.49 -28.33 52.03
N VAL H 24 16.79 -28.56 53.13
CA VAL H 24 16.93 -29.81 53.89
C VAL H 24 15.62 -30.45 54.29
N SER H 25 15.71 -31.74 54.65
CA SER H 25 14.57 -32.47 55.20
C SER H 25 14.97 -33.22 56.44
N ASN H 26 14.11 -33.17 57.45
CA ASN H 26 14.19 -34.06 58.62
C ASN H 26 15.32 -33.73 59.61
N PHE H 27 15.84 -32.51 59.52
CA PHE H 27 16.72 -31.93 60.54
C PHE H 27 16.74 -30.41 60.39
N ARG H 28 17.22 -29.73 61.43
CA ARG H 28 17.41 -28.29 61.40
C ARG H 28 18.88 -27.97 61.19
N ILE H 29 19.21 -27.00 60.32
CA ILE H 29 20.64 -26.69 60.07
C ILE H 29 21.34 -25.91 61.18
N SER H 30 20.57 -25.27 62.07
CA SER H 30 21.15 -24.32 63.03
C SER H 30 22.34 -24.82 63.87
N ALA H 31 22.33 -26.09 64.30
CA ALA H 31 23.46 -26.62 65.11
C ALA H 31 24.65 -27.07 64.27
N HIS H 32 24.55 -26.95 62.95
CA HIS H 32 25.56 -27.50 62.05
C HIS H 32 26.35 -26.45 61.29
N THR H 33 27.67 -26.64 61.25
CA THR H 33 28.48 -26.01 60.21
C THR H 33 28.06 -26.63 58.86
N MET H 34 27.77 -25.77 57.88
CA MET H 34 27.36 -26.25 56.57
C MET H 34 28.44 -25.93 55.55
N ASN H 35 28.57 -26.81 54.55
CA ASN H 35 29.67 -26.78 53.59
C ASN H 35 29.18 -26.92 52.15
N TRP H 36 29.95 -26.34 51.23
CA TRP H 36 29.83 -26.68 49.82
C TRP H 36 31.10 -27.43 49.42
N VAL H 37 30.93 -28.48 48.61
CA VAL H 37 32.03 -29.30 48.10
C VAL H 37 31.74 -29.48 46.61
N ARG H 38 32.77 -29.64 45.78
CA ARG H 38 32.49 -29.92 44.36
C ARG H 38 33.30 -31.11 43.86
N ARG H 39 32.70 -31.88 42.96
CA ARG H 39 33.42 -32.96 42.28
C ARG H 39 33.77 -32.48 40.87
N VAL H 40 35.08 -32.37 40.63
CA VAL H 40 35.56 -31.91 39.33
C VAL H 40 35.51 -33.05 38.30
N PRO H 41 35.58 -32.72 37.01
CA PRO H 41 35.48 -33.75 35.95
C PRO H 41 36.54 -34.85 36.05
N GLY H 42 37.68 -34.57 36.66
CA GLY H 42 38.70 -35.58 36.86
C GLY H 42 38.33 -36.63 37.90
N GLY H 43 37.35 -36.33 38.76
CA GLY H 43 36.85 -37.32 39.70
C GLY H 43 37.04 -36.97 41.16
N GLY H 44 37.96 -36.04 41.42
CA GLY H 44 38.30 -35.69 42.79
C GLY H 44 37.33 -34.70 43.40
N LEU H 45 37.25 -34.70 44.72
CA LEU H 45 36.47 -33.72 45.46
C LEU H 45 37.33 -32.53 45.86
N GLU H 46 36.72 -31.34 45.90
CA GLU H 46 37.38 -30.13 46.37
C GLU H 46 36.42 -29.44 47.33
N TRP H 47 36.89 -29.20 48.55
CA TRP H 47 36.11 -28.40 49.51
C TRP H 47 36.04 -26.95 48.99
N VAL H 48 34.85 -26.35 49.04
CA VAL H 48 34.67 -25.01 48.46
C VAL H 48 34.51 -23.94 49.54
N ALA H 49 33.57 -24.17 50.45
CA ALA H 49 33.26 -23.16 51.48
C ALA H 49 32.62 -23.81 52.68
N SER H 50 32.77 -23.14 53.81
CA SER H 50 32.18 -23.52 55.10
C SER H 50 31.58 -22.30 55.79
N ILE H 51 30.46 -22.51 56.48
CA ILE H 51 29.88 -21.45 57.30
C ILE H 51 29.48 -22.07 58.63
N SER H 52 30.04 -21.52 59.70
CA SER H 52 29.83 -22.04 61.04
C SER H 52 28.44 -21.69 61.60
N SER H 53 25.73 -19.69 63.59
CA SER H 53 25.58 -18.23 63.75
C SER H 53 26.31 -17.41 62.69
N SER H 54 26.84 -18.06 61.66
CA SER H 54 27.71 -17.44 60.66
C SER H 54 28.95 -16.76 61.26
N THR H 55 29.36 -17.14 62.47
CA THR H 55 30.56 -16.57 63.08
C THR H 55 31.80 -16.63 62.18
N TYR H 56 32.00 -17.79 61.54
CA TYR H 56 33.13 -18.00 60.65
C TYR H 56 32.68 -18.42 59.25
N ARG H 57 33.22 -17.77 58.23
CA ARG H 57 33.01 -18.18 56.85
C ARG H 57 34.38 -18.42 56.26
N ASP H 58 34.58 -19.59 55.66
CA ASP H 58 35.89 -19.94 55.14
C ASP H 58 35.77 -20.45 53.72
N TYR H 59 36.77 -20.17 52.90
CA TYR H 59 36.71 -20.48 51.46
C TYR H 59 38.00 -21.13 51.01
N ALA H 60 37.91 -22.00 50.01
CA ALA H 60 39.12 -22.54 49.37
C ALA H 60 39.88 -21.39 48.71
N ASP H 61 41.21 -21.46 48.73
CA ASP H 61 42.05 -20.45 48.09
C ASP H 61 41.59 -20.10 46.67
N ALA H 62 41.14 -21.10 45.93
CA ALA H 62 40.80 -20.93 44.52
C ALA H 62 39.46 -20.19 44.27
N VAL H 63 38.68 -20.00 45.33
CA VAL H 63 37.42 -19.28 45.19
C VAL H 63 37.33 -18.01 46.07
N LYS H 64 38.33 -17.80 46.91
CA LYS H 64 38.36 -16.63 47.79
C LYS H 64 38.27 -15.35 46.99
N GLY H 65 37.37 -14.45 47.39
CA GLY H 65 37.16 -13.19 46.67
C GLY H 65 36.11 -13.24 45.57
N ARG H 66 35.65 -14.45 45.22
CA ARG H 66 34.69 -14.67 44.12
C ARG H 66 33.40 -15.34 44.59
N PHE H 67 33.50 -16.17 45.63
CA PHE H 67 32.34 -16.91 46.16
C PHE H 67 31.98 -16.36 47.54
N THR H 68 30.69 -16.46 47.87
CA THR H 68 30.16 -16.12 49.18
C THR H 68 29.18 -17.18 49.63
N VAL H 69 29.31 -17.61 50.88
CA VAL H 69 28.36 -18.56 51.46
C VAL H 69 27.52 -17.84 52.54
N SER H 70 26.21 -18.06 52.53
CA SER H 70 25.31 -17.49 53.56
C SER H 70 24.43 -18.61 54.09
N ARG H 71 23.83 -18.42 55.26
CA ARG H 71 22.87 -19.38 55.80
C ARG H 71 21.60 -18.68 56.24
N ASP H 72 20.50 -19.44 56.28
CA ASP H 72 19.20 -18.95 56.73
C ASP H 72 18.71 -20.02 57.72
N ASP H 73 18.89 -19.77 59.02
CA ASP H 73 18.61 -20.77 60.04
C ASP H 73 17.13 -20.89 60.34
N LEU H 74 16.35 -19.91 59.92
CA LEU H 74 14.93 -19.90 60.23
C LEU H 74 14.14 -20.78 59.27
N GLU H 75 14.51 -20.77 57.99
CA GLU H 75 13.86 -21.62 56.98
C GLU H 75 14.79 -22.69 56.42
N ASP H 76 15.99 -22.78 56.99
CA ASP H 76 16.93 -23.88 56.74
C ASP H 76 17.43 -23.95 55.30
N PHE H 77 18.08 -22.87 54.88
CA PHE H 77 18.71 -22.82 53.57
C PHE H 77 20.14 -22.39 53.73
N VAL H 78 20.99 -22.91 52.85
CA VAL H 78 22.35 -22.41 52.72
C VAL H 78 22.47 -21.92 51.28
N TYR H 79 23.24 -20.86 51.09
CA TYR H 79 23.41 -20.28 49.76
C TYR H 79 24.88 -20.25 49.36
N LEU H 80 25.16 -20.40 48.07
CA LEU H 80 26.50 -20.14 47.55
C LEU H 80 26.43 -19.22 46.34
N GLN H 81 26.94 -18.01 46.49
CA GLN H 81 27.08 -17.08 45.37
C GLN H 81 28.41 -17.39 44.72
N MET H 82 33.09 -16.41 37.28
CA MET H 82 33.33 -17.84 37.18
C MET H 82 34.36 -18.22 36.14
N HIS H 83 30.80 -15.87 41.68
CA HIS H 83 31.02 -14.76 40.75
C HIS H 83 32.31 -14.91 39.96
N LYS H 84 32.42 -14.18 38.86
CA LYS H 84 33.62 -14.18 38.02
C LYS H 84 34.04 -15.61 37.74
N ARG H 85 35.06 -19.31 36.42
CA ARG H 85 36.17 -19.77 35.58
C ARG H 85 35.86 -21.18 35.12
N VAL H 86 36.48 -21.58 34.00
CA VAL H 86 36.30 -22.94 33.47
C VAL H 86 36.50 -23.99 34.56
N GLU H 87 37.50 -23.77 35.42
CA GLU H 87 37.84 -24.75 36.46
C GLU H 87 36.83 -24.82 37.61
N ASP H 88 35.85 -23.91 37.62
CA ASP H 88 34.71 -24.05 38.52
C ASP H 88 33.71 -25.11 38.03
N THR H 89 33.88 -25.59 36.81
CA THR H 89 33.00 -26.64 36.27
C THR H 89 33.03 -27.87 37.17
N ALA H 90 31.87 -28.26 37.69
CA ALA H 90 31.82 -29.33 38.67
C ALA H 90 30.41 -29.67 39.08
N ILE H 91 30.25 -30.79 39.78
CA ILE H 91 29.03 -31.07 40.52
C ILE H 91 29.20 -30.47 41.91
N TYR H 92 28.26 -29.61 42.33
CA TYR H 92 28.32 -28.95 43.63
C TYR H 92 27.36 -29.61 44.61
N TYR H 93 27.88 -30.00 45.77
CA TYR H 93 27.08 -30.63 46.82
C TYR H 93 27.03 -29.72 48.01
N CYS H 94 25.88 -29.70 48.68
CA CYS H 94 25.88 -29.14 50.02
C CYS H 94 26.03 -30.30 51.00
N ALA H 95 26.83 -30.07 52.03
CA ALA H 95 27.15 -31.11 53.00
C ALA H 95 27.12 -30.58 54.42
N ARG H 96 26.58 -31.39 55.31
CA ARG H 96 26.49 -31.06 56.72
C ARG H 96 27.72 -31.61 57.42
N LYS H 97 28.33 -30.79 58.28
CA LYS H 97 29.37 -31.29 59.19
C LYS H 97 28.64 -31.78 60.43
N GLY H 98 28.85 -33.04 60.80
CA GLY H 98 28.21 -33.61 61.96
C GLY H 98 28.49 -35.09 62.15
N SER H 99 27.92 -35.64 63.21
CA SER H 99 27.98 -37.07 63.50
C SER H 99 26.83 -37.37 64.44
N ASP H 100 26.64 -38.63 64.79
CA ASP H 100 25.59 -39.01 65.74
C ASP H 100 25.66 -38.13 66.99
N ARG H 101 26.87 -37.99 67.54
CA ARG H 101 27.15 -37.15 68.70
C ARG H 101 28.06 -35.99 68.29
N LEU H 102 27.56 -34.76 68.39
CA LEU H 102 28.29 -33.59 67.87
C LEU H 102 29.53 -33.27 68.69
N ASP H 103 28.69 -35.82 57.38
CA ASP H 103 27.90 -37.03 57.55
C ASP H 103 26.65 -37.10 56.68
N ALA H 104 26.32 -35.99 56.00
CA ALA H 104 25.15 -35.95 55.14
C ALA H 104 25.41 -35.05 53.93
N TRP H 105 25.01 -35.52 52.76
CA TRP H 105 25.33 -34.82 51.52
C TRP H 105 24.10 -34.77 50.64
N GLY H 106 23.94 -33.66 49.91
CA GLY H 106 22.95 -33.58 48.83
C GLY H 106 23.40 -34.39 47.61
N PRO H 107 22.47 -34.64 46.67
CA PRO H 107 22.80 -35.44 45.49
C PRO H 107 23.68 -34.68 44.49
N GLY H 108 23.76 -33.36 44.64
CA GLY H 108 24.59 -32.53 43.79
C GLY H 108 23.87 -31.87 42.64
N THR H 109 24.37 -30.72 42.21
CA THR H 109 23.84 -30.01 41.05
C THR H 109 24.99 -29.69 40.10
N VAL H 110 24.75 -29.90 38.81
CA VAL H 110 25.80 -29.72 37.81
C VAL H 110 25.94 -28.24 37.43
N VAL H 111 27.16 -27.73 37.51
CA VAL H 111 27.48 -26.37 37.09
C VAL H 111 28.55 -26.48 36.02
N THR H 112 28.32 -25.89 34.85
CA THR H 112 29.38 -25.94 33.85
C THR H 112 29.64 -24.56 33.23
N VAL H 113 30.91 -24.19 33.22
CA VAL H 113 31.34 -22.86 32.80
C VAL H 113 32.03 -23.00 31.46
N SER H 114 31.48 -22.33 30.44
CA SER H 114 32.04 -22.35 29.10
C SER H 114 33.21 -21.39 29.03
N PRO H 115 34.24 -21.73 28.24
CA PRO H 115 35.49 -20.95 28.22
C PRO H 115 35.41 -19.51 27.72
N ALA H 116 34.56 -19.23 26.73
CA ALA H 116 34.49 -17.88 26.17
C ALA H 116 33.68 -16.91 27.05
N SER H 117 34.33 -15.83 27.49
CA SER H 117 33.64 -14.76 28.23
C SER H 117 32.97 -13.75 27.30
N THR H 118 33.42 -13.72 26.04
CA THR H 118 32.87 -12.83 25.03
C THR H 118 32.73 -13.54 23.68
N LYS H 119 31.89 -12.98 22.82
CA LYS H 119 31.81 -13.39 21.43
C LYS H 119 31.43 -12.19 20.58
N GLY H 120 32.21 -11.95 19.53
CA GLY H 120 31.94 -10.87 18.61
C GLY H 120 30.88 -11.22 17.59
N PRO H 121 30.20 -10.21 17.06
CA PRO H 121 29.06 -10.42 16.15
C PRO H 121 29.47 -10.82 14.75
N SER H 122 28.53 -11.46 14.03
CA SER H 122 28.60 -11.56 12.59
C SER H 122 27.73 -10.44 12.08
N VAL H 123 28.19 -9.72 11.07
CA VAL H 123 27.46 -8.58 10.54
C VAL H 123 26.99 -8.89 9.12
N PHE H 124 25.70 -8.74 8.89
CA PHE H 124 25.08 -9.06 7.61
C PHE H 124 24.37 -7.85 7.03
N PRO H 125 24.48 -7.63 5.73
CA PRO H 125 23.75 -6.55 5.08
C PRO H 125 22.24 -6.74 5.18
N LEU H 126 21.54 -5.64 5.40
CA LEU H 126 20.12 -5.53 5.06
C LEU H 126 20.09 -4.70 3.78
N ALA H 127 19.97 -5.39 2.66
CA ALA H 127 20.14 -4.77 1.35
C ALA H 127 18.91 -3.99 0.93
N PRO H 128 19.12 -2.84 0.28
CA PRO H 128 18.00 -2.02 -0.23
C PRO H 128 17.23 -2.74 -1.33
N SER H 129 15.90 -2.62 -1.29
CA SER H 129 15.00 -3.34 -2.19
C SER H 129 15.15 -2.96 -3.67
N GLY H 130 10.88 7.61 -3.48
CA GLY H 130 12.13 8.37 -3.49
C GLY H 130 13.03 8.05 -2.30
N THR H 131 12.51 7.29 -1.34
CA THR H 131 13.25 6.91 -0.12
C THR H 131 13.51 5.40 -0.07
N ALA H 132 14.76 5.02 0.21
CA ALA H 132 15.11 3.62 0.39
C ALA H 132 15.64 3.35 1.80
N ALA H 133 15.37 2.15 2.31
CA ALA H 133 15.94 1.72 3.58
C ALA H 133 17.02 0.67 3.35
N LEU H 134 18.10 0.77 4.11
CA LEU H 134 19.15 -0.24 4.10
C LEU H 134 19.65 -0.37 5.53
N GLY H 135 20.46 -1.38 5.80
CA GLY H 135 20.91 -1.58 7.17
C GLY H 135 21.91 -2.69 7.36
N CYS H 136 22.21 -2.95 8.62
CA CYS H 136 23.06 -4.07 9.01
C CYS H 136 22.42 -4.83 10.13
N LEU H 137 22.46 -6.16 10.01
CA LEU H 137 22.05 -7.05 11.08
C LEU H 137 23.30 -7.52 11.83
N VAL H 138 23.33 -7.20 13.12
CA VAL H 138 24.45 -7.51 14.01
C VAL H 138 24.01 -8.66 14.92
N LYS H 139 24.52 -9.85 14.62
CA LYS H 139 23.98 -11.10 15.14
C LYS H 139 24.96 -11.88 15.99
N ASP H 140 24.45 -12.44 17.09
CA ASP H 140 25.14 -13.47 17.88
C ASP H 140 26.38 -12.99 18.63
N TYR H 141 26.21 -11.94 19.42
CA TYR H 141 27.30 -11.42 20.24
C TYR H 141 26.96 -11.44 21.72
N PHE H 142 28.00 -11.39 22.55
CA PHE H 142 27.85 -11.19 24.00
C PHE H 142 29.20 -10.81 24.61
N PRO H 143 29.17 -10.01 25.68
CA PRO H 143 27.96 -9.37 26.20
C PRO H 143 27.63 -8.10 25.44
N GLU H 144 26.63 -7.36 25.91
CA GLU H 144 26.38 -6.02 25.44
C GLU H 144 27.51 -5.11 25.96
N PRO H 145 27.72 -3.93 25.35
CA PRO H 145 26.98 -3.46 24.18
C PRO H 145 27.74 -3.53 22.85
N VAL H 146 27.02 -3.26 21.76
CA VAL H 146 27.60 -3.06 20.44
C VAL H 146 27.31 -1.61 20.01
N THR H 147 28.32 -0.96 19.41
CA THR H 147 28.16 0.35 18.77
C THR H 147 28.02 0.16 17.27
N VAL H 148 27.08 0.88 16.66
CA VAL H 148 26.99 0.94 15.21
C VAL H 148 27.01 2.41 14.79
N SER H 149 28.21 2.99 13.72
CA SER H 149 28.04 4.22 12.95
C SER H 149 27.88 3.89 11.47
N TRP H 150 27.59 4.93 10.68
CA TRP H 150 27.47 4.79 9.25
C TRP H 150 28.41 5.77 8.52
N ASN H 151 30.11 4.65 6.98
CA ASN H 151 30.82 5.87 6.48
C ASN H 151 31.43 6.67 7.65
N SER H 152 31.85 5.93 8.69
CA SER H 152 32.65 6.47 9.80
C SER H 152 32.04 7.68 10.56
N GLY H 153 30.70 7.72 10.68
CA GLY H 153 30.03 8.77 11.44
C GLY H 153 29.61 9.97 10.62
N ALA H 154 29.92 9.94 9.32
CA ALA H 154 29.53 11.01 8.41
C ALA H 154 28.04 10.96 8.07
N LEU H 155 27.45 9.78 8.21
CA LEU H 155 26.01 9.61 8.00
C LEU H 155 25.29 9.39 9.33
N THR H 156 24.45 10.36 9.73
CA THR H 156 23.68 10.27 10.96
C THR H 156 22.18 10.44 10.74
N SER H 157 21.80 11.27 9.77
CA SER H 157 20.37 11.49 9.48
C SER H 157 19.69 10.21 9.01
N GLY H 158 18.49 9.96 9.53
CA GLY H 158 17.61 8.91 9.04
C GLY H 158 18.22 7.53 9.05
N VAL H 159 19.45 7.53 10.83
CA VAL H 159 19.91 6.24 11.32
C VAL H 159 19.03 5.85 12.51
N HIS H 160 18.62 4.58 12.56
CA HIS H 160 18.04 4.02 13.78
C HIS H 160 18.79 2.74 14.13
N THR H 161 19.38 2.73 15.32
CA THR H 161 19.98 1.52 15.86
C THR H 161 19.11 1.03 17.02
N PHE H 162 18.58 -0.17 16.86
CA PHE H 162 17.57 -0.71 17.75
C PHE H 162 18.19 -1.27 19.03
N PRO H 163 17.42 -1.28 20.13
CA PRO H 163 17.84 -2.02 21.33
C PRO H 163 18.12 -3.46 20.95
N ALA H 164 19.12 -4.08 21.56
CA ALA H 164 19.41 -5.49 21.30
C ALA H 164 18.30 -6.38 21.86
N VAL H 165 18.17 -7.56 21.28
CA VAL H 165 17.25 -8.55 21.79
C VAL H 165 18.06 -9.76 22.24
N LEU H 166 17.65 -10.35 23.35
CA LEU H 166 18.26 -11.57 23.84
C LEU H 166 17.55 -12.72 23.13
N GLN H 167 18.30 -13.46 22.33
CA GLN H 167 17.77 -14.60 21.59
C GLN H 167 17.62 -15.83 22.48
N SER H 168 16.80 -16.79 22.05
CA SER H 168 16.47 -17.99 22.83
C SER H 168 17.68 -18.90 23.00
N SER H 169 19.33 -18.44 22.24
CA SER H 169 20.66 -19.00 22.33
C SER H 169 21.42 -18.37 23.48
N GLY H 170 20.84 -17.32 24.07
CA GLY H 170 21.52 -16.50 25.07
C GLY H 170 22.54 -15.55 24.44
N LEU H 171 22.44 -15.38 23.12
CA LEU H 171 23.27 -14.42 22.42
C LEU H 171 22.40 -13.20 22.08
N TYR H 172 23.03 -12.05 21.95
CA TYR H 172 22.32 -10.82 21.58
C TYR H 172 22.31 -10.61 20.08
N SER H 173 21.33 -9.84 19.61
CA SER H 173 21.25 -9.42 18.20
C SER H 173 20.56 -8.07 18.12
N LEU H 174 21.07 -7.21 17.24
CA LEU H 174 20.42 -5.94 16.93
C LEU H 174 20.53 -5.61 15.45
N SER H 175 19.66 -4.72 15.00
CA SER H 175 19.75 -4.15 13.66
C SER H 175 20.00 -2.66 13.74
N SER H 176 20.71 -2.13 12.74
CA SER H 176 20.83 -0.69 12.57
C SER H 176 20.38 -0.43 11.14
N VAL H 177 19.50 0.54 10.97
CA VAL H 177 18.95 0.87 9.66
C VAL H 177 19.13 2.36 9.35
N VAL H 178 19.06 2.71 8.08
CA VAL H 178 19.08 4.11 7.67
C VAL H 178 18.21 4.27 6.42
N THR H 179 17.50 5.39 6.32
CA THR H 179 16.79 5.71 5.09
C THR H 179 17.57 6.77 4.31
N VAL H 180 17.66 6.59 3.00
CA VAL H 180 18.41 7.49 2.11
C VAL H 180 17.62 7.77 0.82
N PRO H 181 18.00 8.80 0.06
CA PRO H 181 17.42 9.05 -1.28
C PRO H 181 17.72 7.92 -2.31
N SER H 182 16.66 7.43 -2.95
CA SER H 182 16.72 6.24 -3.80
C SER H 182 17.68 6.40 -4.99
N SER H 183 17.84 7.66 -5.40
CA SER H 183 18.76 8.01 -6.49
C SER H 183 20.23 7.84 -6.09
N SER H 184 20.52 7.92 -4.79
CA SER H 184 21.89 7.79 -4.29
C SER H 184 22.43 6.35 -4.38
N LEU H 185 21.49 5.37 -4.40
CA LEU H 185 21.84 3.94 -4.31
C LEU H 185 22.90 3.46 -5.31
N GLY H 186 22.70 3.76 -6.60
CA GLY H 186 23.65 3.36 -7.62
C GLY H 186 24.96 4.12 -7.58
N THR H 187 24.95 5.27 -6.92
CA THR H 187 26.13 6.13 -6.81
C THR H 187 26.70 6.07 -5.40
N GLN H 188 26.44 7.79 -3.04
CA GLN H 188 26.64 6.91 -1.89
C GLN H 188 25.91 5.59 -2.09
N THR H 189 29.11 5.11 -1.50
CA THR H 189 28.80 3.80 -0.94
C THR H 189 28.29 3.95 0.49
N TYR H 190 27.70 2.87 1.01
CA TYR H 190 27.23 2.85 2.40
C TYR H 190 27.90 1.72 3.16
N ILE H 191 28.55 2.07 4.27
CA ILE H 191 29.20 1.07 5.13
C ILE H 191 28.79 1.26 6.60
N CYS H 192 28.43 0.17 7.28
CA CYS H 192 28.19 0.23 8.72
C CYS H 192 29.47 -0.14 9.48
N ASN H 193 29.80 0.68 10.48
CA ASN H 193 30.95 0.44 11.34
C ASN H 193 30.48 -0.10 12.70
N VAL H 194 30.71 -1.39 12.92
CA VAL H 194 30.24 -2.07 14.12
C VAL H 194 31.43 -2.25 15.08
N ASN H 195 31.26 -1.80 16.32
CA ASN H 195 32.27 -1.98 17.35
C ASN H 195 31.72 -2.76 18.55
N HIS H 196 32.42 -3.83 18.90
CA HIS H 196 32.08 -4.62 20.07
C HIS H 196 33.31 -4.62 20.96
N LYS H 197 33.33 -3.66 21.90
CA LYS H 197 34.44 -3.46 22.82
C LYS H 197 34.84 -4.72 23.61
N PRO H 198 33.89 -5.43 24.22
CA PRO H 198 34.21 -6.61 25.04
C PRO H 198 35.04 -7.69 24.32
N SER H 199 34.76 -7.95 23.04
CA SER H 199 35.52 -8.98 22.31
C SER H 199 36.61 -8.39 21.42
N ASN H 200 36.87 -7.08 21.57
CA ASN H 200 37.86 -6.34 20.77
C ASN H 200 37.65 -6.47 19.26
N THR H 201 36.39 -6.49 18.83
CA THR H 201 36.04 -6.74 17.44
C THR H 201 35.48 -5.47 16.79
N LYS H 202 36.05 -5.12 15.64
CA LYS H 202 35.51 -4.08 14.78
C LYS H 202 35.25 -4.66 13.41
N VAL H 203 34.05 -4.44 12.88
CA VAL H 203 33.65 -4.97 11.58
C VAL H 203 33.05 -3.85 10.72
N ASP H 204 33.60 -3.66 9.53
CA ASP H 204 33.02 -2.75 8.54
C ASP H 204 32.33 -3.55 7.44
N LYS H 205 31.10 -3.17 7.12
CA LYS H 205 30.31 -3.94 6.16
C LYS H 205 29.72 -3.11 5.03
N LYS H 206 30.23 -3.34 3.84
CA LYS H 206 29.63 -2.85 2.59
C LYS H 206 28.84 -3.97 1.95
N VAL H 207 27.21 -1.74 2.31
CA VAL H 207 25.91 -2.27 1.95
C VAL H 207 25.56 -1.74 0.55
N GLU H 208 25.37 -2.69 -0.36
CA GLU H 208 25.03 -2.38 -1.74
C GLU H 208 23.81 -3.20 -2.19
N PRO H 209 23.00 -2.65 -3.11
CA PRO H 209 21.93 -3.43 -3.75
C PRO H 209 22.41 -4.80 -4.25
N LYS H 210 21.56 -5.82 -4.14
CA LYS H 210 21.92 -7.20 -4.50
C LYS H 210 22.02 -7.41 -6.01
N VAL I 1 -5.63 -2.65 48.55
CA VAL I 1 -5.58 -1.34 47.85
C VAL I 1 -5.12 -1.48 46.39
N VAL I 2 -5.89 -0.94 45.46
CA VAL I 2 -5.47 -0.82 44.08
C VAL I 2 -5.24 0.66 43.76
N MET I 3 -4.13 0.94 43.12
CA MET I 3 -3.76 2.30 42.70
C MET I 3 -3.91 2.41 41.20
N THR I 4 -4.62 3.44 40.76
CA THR I 4 -4.78 3.71 39.33
C THR I 4 -4.32 5.12 38.98
N GLN I 5 -3.44 5.21 37.99
CA GLN I 5 -2.95 6.50 37.47
C GLN I 5 -3.72 6.95 36.23
N SER I 6 -3.79 8.26 36.07
CA SER I 6 -4.45 8.87 34.91
C SER I 6 -3.64 10.10 34.51
N PRO I 7 -3.29 10.23 33.23
CA PRO I 7 -3.54 9.23 32.18
C PRO I 7 -2.43 8.18 32.15
N SER I 8 -2.50 7.22 31.22
CA SER I 8 -1.43 6.24 31.05
C SER I 8 -0.26 6.78 30.21
N THR I 9 -0.59 7.58 29.20
CA THR I 9 0.41 8.32 28.46
C THR I 9 -0.01 9.80 28.48
N LEU I 10 0.88 10.67 28.93
CA LEU I 10 0.62 12.10 28.94
C LEU I 10 1.57 12.77 27.92
N SER I 11 1.00 13.40 26.89
CA SER I 11 1.82 14.06 25.86
C SER I 11 1.78 15.56 26.08
N ALA I 12 2.95 16.18 26.11
CA ALA I 12 3.04 17.62 26.37
C ALA I 12 4.26 18.22 25.67
N SER I 13 4.35 19.54 25.68
CA SER I 13 5.50 20.25 25.15
C SER I 13 6.42 20.73 26.26
N VAL I 14 7.69 20.97 25.91
CA VAL I 14 8.65 21.54 26.84
C VAL I 14 8.11 22.84 27.40
N GLY I 15 8.26 23.01 28.72
CA GLY I 15 7.84 24.20 29.40
C GLY I 15 6.44 24.14 29.98
N ASP I 16 5.67 23.10 29.62
CA ASP I 16 4.29 22.97 30.06
C ASP I 16 4.21 22.65 31.55
N THR I 17 3.10 23.03 32.16
CA THR I 17 2.73 22.52 33.48
C THR I 17 1.75 21.36 33.30
N ILE I 18 2.09 20.18 33.82
CA ILE I 18 1.26 19.01 33.62
C ILE I 18 0.92 18.40 34.97
N THR I 19 -0.18 17.67 35.01
CA THR I 19 -0.64 17.02 36.23
C THR I 19 -0.92 15.55 35.96
N ILE I 20 -0.36 14.68 36.81
CA ILE I 20 -0.69 13.28 36.75
C ILE I 20 -1.56 12.96 37.98
N THR I 21 -2.64 12.21 37.77
CA THR I 21 -3.52 11.83 38.88
C THR I 21 -3.26 10.40 39.32
N CYS I 22 -3.42 10.15 40.62
CA CYS I 22 -3.33 8.80 41.18
C CYS I 22 -4.50 8.61 42.11
N ARG I 23 -5.27 7.54 41.88
CA ARG I 23 -6.38 7.23 42.76
C ARG I 23 -6.22 5.90 43.48
N ALA I 24 -6.57 5.90 44.76
CA ALA I 24 -6.58 4.68 45.57
C ALA I 24 -7.99 4.15 45.70
N SER I 25 -8.14 2.82 45.71
CA SER I 25 -9.46 2.18 45.78
C SER I 25 -10.10 2.34 47.17
N GLN I 26 -9.27 2.63 48.17
CA GLN I 26 -9.71 2.95 49.53
C GLN I 26 -8.76 3.99 50.12
N SER I 27 -9.19 4.66 51.18
CA SER I 27 -8.37 5.72 51.77
C SER I 27 -7.00 5.22 52.21
N ILE I 28 -5.98 5.97 51.85
CA ILE I 28 -4.62 5.67 52.28
C ILE I 28 -3.99 6.86 53.00
N GLU I 29 -4.84 7.76 53.54
CA GLU I 29 -4.35 8.96 54.23
C GLU I 29 -3.40 9.71 53.31
N THR I 30 -2.16 9.94 53.73
CA THR I 30 -1.16 10.52 52.83
C THR I 30 0.03 9.60 52.57
N TRP I 31 -0.18 8.29 52.74
CA TRP I 31 0.90 7.32 52.54
C TRP I 31 1.11 7.02 51.06
N LEU I 32 1.59 8.02 50.33
CA LEU I 32 1.66 7.93 48.89
C LEU I 32 2.99 8.54 48.43
N ALA I 33 3.71 7.83 47.56
CA ALA I 33 4.97 8.33 47.02
C ALA I 33 4.93 8.35 45.50
N TRP I 34 5.76 9.20 44.92
CA TRP I 34 5.90 9.33 43.48
C TRP I 34 7.35 9.09 43.11
N TYR I 35 7.56 8.28 42.06
CA TYR I 35 8.89 7.96 41.56
C TYR I 35 8.99 8.32 40.10
N GLN I 36 10.20 8.70 39.69
CA GLN I 36 10.51 8.90 38.29
C GLN I 36 11.39 7.72 37.83
N GLN I 37 11.15 7.24 36.60
CA GLN I 37 12.00 6.18 36.06
C GLN I 37 12.24 6.37 34.56
N LYS I 38 13.51 6.33 34.19
CA LYS I 38 13.93 6.37 32.80
C LYS I 38 14.20 4.96 32.34
N PRO I 39 14.09 4.71 31.04
CA PRO I 39 14.23 3.35 30.50
C PRO I 39 15.57 2.74 30.86
N GLY I 40 15.52 1.55 31.46
CA GLY I 40 16.71 0.82 31.83
C GLY I 40 17.40 1.31 33.09
N LYS I 41 16.78 2.26 33.78
CA LYS I 41 17.41 2.81 34.99
C LYS I 41 16.56 2.45 36.21
N ALA I 42 17.07 2.77 37.40
CA ALA I 42 16.34 2.53 38.64
C ALA I 42 15.29 3.63 38.85
N PRO I 43 14.16 3.32 39.48
CA PRO I 43 13.24 4.35 39.94
C PRO I 43 13.95 5.26 40.94
N LYS I 44 13.51 6.52 40.95
CA LYS I 44 14.07 7.55 41.81
C LYS I 44 12.93 8.21 42.54
N LEU I 45 13.03 8.23 43.87
CA LEU I 45 11.99 8.83 44.70
C LEU I 45 11.96 10.34 44.49
N LEU I 46 10.78 10.89 44.28
CA LEU I 46 10.63 12.34 44.10
C LEU I 46 9.93 12.97 45.29
N ILE I 47 8.80 12.36 45.66
CA ILE I 47 7.89 12.93 46.65
C ILE I 47 7.36 11.80 47.51
N TYR I 48 7.17 12.05 48.81
CA TYR I 48 6.60 11.05 49.68
C TYR I 48 5.70 11.72 50.69
N LYS I 49 4.97 10.90 51.43
CA LYS I 49 3.87 11.38 52.26
C LYS I 49 3.01 12.41 51.52
N ALA I 50 2.73 12.08 50.24
CA ALA I 50 1.91 12.86 49.32
C ALA I 50 2.50 14.17 48.83
N SER I 51 3.17 14.92 49.70
CA SER I 51 3.59 16.29 49.34
C SER I 51 5.02 16.67 49.75
N THR I 52 5.75 15.75 50.37
CA THR I 52 7.11 16.08 50.84
C THR I 52 8.09 15.81 49.71
N LEU I 53 8.80 16.85 49.28
CA LEU I 53 9.81 16.70 48.24
C LEU I 53 11.06 16.06 48.86
N LYS I 54 11.59 15.01 48.23
CA LYS I 54 12.88 14.47 48.66
C LYS I 54 13.98 15.52 48.47
N THR I 55 14.90 15.64 49.44
CA THR I 55 16.01 16.57 49.34
C THR I 55 16.74 16.38 48.02
N GLY I 56 16.99 17.49 47.32
CA GLY I 56 17.71 17.46 46.07
C GLY I 56 16.84 17.40 44.82
N VAL I 57 15.57 17.04 44.97
CA VAL I 57 14.66 16.97 43.82
C VAL I 57 14.25 18.41 43.49
N PRO I 58 14.23 18.76 42.19
CA PRO I 58 13.94 20.14 41.78
C PRO I 58 12.55 20.60 42.21
N SER I 59 12.43 21.89 42.49
CA SER I 59 11.19 22.47 43.04
C SER I 59 10.01 22.49 42.07
N ARG I 60 10.25 22.24 40.79
CA ARG I 60 9.16 22.18 39.82
C ARG I 60 8.26 20.95 40.01
N PHE I 61 8.73 19.97 40.77
CA PHE I 61 7.93 18.81 41.14
C PHE I 61 7.18 19.10 42.42
N SER I 62 5.87 18.85 42.42
CA SER I 62 5.10 18.98 43.67
C SER I 62 3.99 17.95 43.71
N GLY I 63 3.58 17.58 44.91
CA GLY I 63 2.54 16.58 45.06
C GLY I 63 1.48 17.12 45.98
N SER I 64 0.24 16.67 45.79
CA SER I 64 -0.84 17.03 46.71
C SER I 64 -1.86 15.91 46.79
N GLY I 65 -2.82 16.08 47.70
CA GLY I 65 -3.88 15.11 47.87
C GLY I 65 -3.81 14.34 49.19
N SER I 66 -4.94 13.69 49.50
CA SER I 66 -5.03 12.82 50.67
C SER I 66 -6.26 11.93 50.49
N GLY I 67 -6.31 10.82 51.22
CA GLY I 67 -7.47 9.95 51.15
C GLY I 67 -7.36 9.02 49.97
N THR I 68 -8.07 9.33 48.88
CA THR I 68 -8.07 8.52 47.66
C THR I 68 -7.60 9.22 46.38
N GLU I 69 -7.43 10.54 46.40
CA GLU I 69 -7.05 11.26 45.17
C GLU I 69 -5.78 12.09 45.35
N PHE I 70 -4.79 11.81 44.50
CA PHE I 70 -3.46 12.40 44.60
C PHE I 70 -3.02 12.95 43.26
N THR I 71 -2.18 13.97 43.29
CA THR I 71 -1.69 14.59 42.05
C THR I 71 -0.21 14.84 42.14
N LEU I 72 0.51 14.57 41.05
CA LEU I 72 1.87 15.02 40.87
C LEU I 72 1.80 16.12 39.82
N THR I 73 2.38 17.28 40.14
CA THR I 73 2.41 18.39 39.19
C THR I 73 3.85 18.69 38.81
N ILE I 74 4.11 18.83 37.51
CA ILE I 74 5.43 19.26 37.08
C ILE I 74 5.24 20.64 36.45
N SER I 75 5.74 21.66 37.13
CA SER I 75 5.53 23.03 36.69
C SER I 75 6.69 23.55 35.85
N GLY I 76 6.58 23.37 34.54
CA GLY I 76 7.61 23.77 33.60
C GLY I 76 8.47 22.57 33.20
N LEU I 77 7.90 21.71 32.36
CA LEU I 77 8.57 20.50 31.89
C LEU I 77 9.92 20.82 31.21
N GLN I 78 10.99 20.14 31.64
CA GLN I 78 12.30 20.23 31.00
C GLN I 78 12.55 18.92 30.23
N PHE I 79 13.49 18.92 29.30
CA PHE I 79 13.73 17.73 28.49
C PHE I 79 14.05 16.48 29.34
N ASP I 80 14.70 16.72 30.48
CA ASP I 80 15.05 15.66 31.44
C ASP I 80 13.82 15.00 32.09
N ASP I 81 12.65 15.66 32.02
CA ASP I 81 11.45 15.18 32.71
C ASP I 81 10.59 14.21 31.92
N PHE I 82 10.89 14.03 30.63
CA PHE I 82 10.13 13.06 29.83
C PHE I 82 10.68 11.68 30.21
N ALA I 83 9.79 10.88 30.78
CA ALA I 83 10.11 9.66 31.55
C ALA I 83 8.78 9.02 32.03
N THR I 84 8.88 7.89 32.73
CA THR I 84 7.70 7.30 33.36
C THR I 84 7.64 7.77 34.81
N TYR I 85 6.43 8.03 35.31
CA TYR I 85 6.22 8.38 36.72
C TYR I 85 5.32 7.31 37.33
N HIS I 86 5.66 6.87 38.53
CA HIS I 86 4.93 5.77 39.20
C HIS I 86 4.45 6.30 40.51
N CYS I 87 3.19 6.05 40.85
CA CYS I 87 2.73 6.32 42.19
C CYS I 87 2.73 5.03 43.01
N GLN I 88 2.84 5.16 44.32
CA GLN I 88 2.99 4.00 45.20
C GLN I 88 2.33 4.28 46.54
N HIS I 89 1.47 3.35 46.98
CA HIS I 89 1.04 3.33 48.37
C HIS I 89 1.99 2.41 49.12
N TYR I 90 2.56 2.91 50.20
CA TYR I 90 3.48 2.11 51.01
C TYR I 90 2.93 1.95 52.41
N ALA I 91 2.87 0.71 52.87
CA ALA I 91 2.33 0.36 54.19
C ALA I 91 3.45 -0.26 55.04
N GLY I 92 3.10 -0.79 56.22
CA GLY I 92 4.10 -1.29 57.15
C GLY I 92 4.97 -2.44 56.62
N TYR I 93 4.37 -3.30 55.82
CA TYR I 93 5.06 -4.51 55.33
C TYR I 93 5.11 -4.53 53.81
N SER I 94 4.01 -4.16 53.15
CA SER I 94 3.93 -4.23 51.70
C SER I 94 3.76 -2.85 51.07
N ALA I 95 3.74 -2.83 49.74
CA ALA I 95 3.45 -1.63 49.00
C ALA I 95 2.74 -2.05 47.71
N THR I 96 2.13 -1.08 47.06
CA THR I 96 1.46 -1.33 45.79
C THR I 96 1.64 -0.12 44.87
N PHE I 97 1.85 -0.37 43.59
CA PHE I 97 2.13 0.71 42.64
C PHE I 97 0.98 0.91 41.66
N GLY I 98 0.88 2.14 41.13
CA GLY I 98 0.00 2.38 39.99
C GLY I 98 0.65 1.73 38.77
N GLN I 99 0.03 1.88 37.61
CA GLN I 99 0.50 1.22 36.40
C GLN I 99 1.63 2.01 35.70
N GLY I 100 1.90 3.21 36.18
CA GLY I 100 2.89 4.09 35.57
C GLY I 100 2.25 5.01 34.53
N THR I 101 2.79 6.22 34.44
CA THR I 101 2.36 7.19 33.44
C THR I 101 3.60 7.56 32.63
N ARG I 102 3.56 7.35 31.31
CA ARG I 102 4.66 7.79 30.45
C ARG I 102 4.42 9.22 30.00
N VAL I 103 5.38 10.11 30.30
CA VAL I 103 5.30 11.51 29.85
C VAL I 103 6.18 11.64 28.62
N GLU I 104 5.56 12.01 27.49
CA GLU I 104 6.22 12.06 26.20
C GLU I 104 6.06 13.44 25.57
N ILE I 105 6.92 13.73 24.60
CA ILE I 105 6.85 14.98 23.85
C ILE I 105 5.73 14.87 22.82
N LYS I 106 4.78 15.80 22.87
CA LYS I 106 3.65 15.81 21.94
C LYS I 106 4.07 16.25 20.54
N ARG I 107 3.53 15.54 19.55
CA ARG I 107 3.62 15.92 18.14
C ARG I 107 2.37 15.41 17.43
N THR I 108 2.26 15.67 16.13
CA THR I 108 1.08 15.22 15.37
C THR I 108 1.17 13.73 15.12
N VAL I 109 0.03 13.13 14.83
CA VAL I 109 0.00 11.71 14.52
C VAL I 109 0.80 11.45 13.24
N ALA I 110 1.58 10.36 13.26
CA ALA I 110 2.37 9.96 12.11
C ALA I 110 2.23 8.46 11.90
N ALA I 111 1.77 8.07 10.72
CA ALA I 111 1.67 6.65 10.37
C ALA I 111 3.09 6.07 10.15
N PRO I 112 3.29 4.79 10.47
CA PRO I 112 4.58 4.12 10.18
C PRO I 112 4.83 3.99 8.68
N SER I 113 6.09 4.22 8.32
CA SER I 113 6.60 3.87 7.00
C SER I 113 7.19 2.48 7.11
N VAL I 114 6.69 1.53 6.32
CA VAL I 114 6.97 0.12 6.55
C VAL I 114 7.95 -0.44 5.49
N PHE I 115 8.92 -1.21 5.96
CA PHE I 115 9.93 -1.85 5.11
C PHE I 115 10.18 -3.26 5.56
N ILE I 116 10.32 -4.16 4.59
CA ILE I 116 10.68 -5.54 4.90
C ILE I 116 12.03 -5.89 4.28
N PHE I 117 12.84 -6.64 5.03
CA PHE I 117 14.17 -7.06 4.58
C PHE I 117 14.31 -8.58 4.64
N PRO I 118 14.62 -9.21 3.51
CA PRO I 118 14.98 -10.62 3.51
C PRO I 118 16.28 -10.88 4.27
N PRO I 119 16.53 -12.12 4.67
CA PRO I 119 17.83 -12.50 5.19
C PRO I 119 18.92 -12.41 4.10
N SER I 120 20.14 -12.05 4.48
CA SER I 120 21.28 -12.06 3.56
C SER I 120 21.66 -13.52 3.23
N ASP I 121 22.17 -13.76 2.02
CA ASP I 121 22.58 -15.13 1.68
C ASP I 121 23.83 -15.53 2.48
N GLU I 122 24.64 -14.53 2.84
CA GLU I 122 25.79 -14.70 3.74
C GLU I 122 25.38 -15.40 5.06
N GLN I 123 24.31 -14.89 5.71
CA GLN I 123 23.72 -15.53 6.89
C GLN I 123 23.18 -16.92 6.53
N LEU I 124 22.42 -16.97 5.45
CA LEU I 124 21.63 -18.16 5.07
C LEU I 124 22.55 -19.35 4.83
N LYS I 125 23.76 -19.01 4.35
CA LYS I 125 24.84 -19.97 4.19
C LYS I 125 25.17 -20.63 5.53
N SER I 126 25.05 -19.87 6.62
CA SER I 126 25.36 -20.36 7.97
C SER I 126 24.25 -21.23 8.59
N GLY I 127 23.05 -21.19 8.03
CA GLY I 127 21.97 -22.03 8.52
C GLY I 127 20.80 -21.37 9.23
N THR I 128 20.86 -20.04 9.37
CA THR I 128 19.77 -19.27 9.97
C THR I 128 19.28 -18.19 9.00
N ALA I 129 17.98 -17.82 9.16
CA ALA I 129 17.36 -16.76 8.38
C ALA I 129 16.62 -15.77 9.28
N SER I 130 17.13 -14.54 9.35
CA SER I 130 16.46 -13.47 10.07
C SER I 130 15.75 -12.58 9.06
N VAL I 131 14.44 -12.42 9.22
CA VAL I 131 13.65 -11.56 8.36
C VAL I 131 13.21 -10.36 9.18
N VAL I 132 13.48 -9.16 8.69
CA VAL I 132 13.30 -7.95 9.49
C VAL I 132 12.23 -7.05 8.91
N CYS I 133 11.35 -6.58 9.78
CA CYS I 133 10.35 -5.58 9.44
C CYS I 133 10.62 -4.31 10.22
N LEU I 134 10.63 -3.19 9.51
CA LEU I 134 10.86 -1.87 10.07
C LEU I 134 9.61 -1.03 9.98
N LEU I 135 9.21 -0.45 11.11
CA LEU I 135 8.11 0.50 11.17
C LEU I 135 8.74 1.79 11.56
N ASN I 136 8.79 2.70 10.61
CA ASN I 136 9.63 3.88 10.78
C ASN I 136 8.86 5.16 11.02
N ASN I 137 9.28 5.89 12.05
CA ASN I 137 8.91 7.29 12.28
C ASN I 137 7.41 7.46 12.46
N PHE I 138 6.88 6.81 13.49
CA PHE I 138 5.45 6.85 13.72
C PHE I 138 5.13 7.44 15.10
N TYR I 139 3.86 7.81 15.30
CA TYR I 139 3.41 8.41 16.57
C TYR I 139 1.90 8.39 16.59
N PRO I 140 1.27 8.00 17.70
CA PRO I 140 1.91 7.56 18.96
C PRO I 140 2.57 6.17 18.92
N ARG I 141 3.09 5.72 20.06
CA ARG I 141 3.97 4.54 20.12
C ARG I 141 3.27 3.21 19.86
N GLU I 142 1.95 3.17 20.01
CA GLU I 142 1.21 1.91 19.92
C GLU I 142 1.06 1.48 18.46
N ALA I 143 1.54 0.27 18.15
CA ALA I 143 1.45 -0.28 16.80
C ALA I 143 1.40 -1.79 16.91
N LYS I 144 0.87 -2.44 15.88
CA LYS I 144 0.81 -3.90 15.85
C LYS I 144 1.42 -4.43 14.56
N VAL I 145 2.32 -5.41 14.71
CA VAL I 145 2.95 -6.08 13.58
C VAL I 145 2.64 -7.56 13.67
N GLN I 146 2.25 -8.16 12.55
CA GLN I 146 2.07 -9.60 12.47
C GLN I 146 2.83 -10.12 11.25
N TRP I 147 3.35 -11.34 11.37
CA TRP I 147 4.07 -11.98 10.27
C TRP I 147 3.18 -13.03 9.61
N LYS I 148 3.25 -13.09 8.28
CA LYS I 148 2.59 -14.13 7.50
C LYS I 148 3.61 -14.80 6.60
N VAL I 149 3.56 -16.12 6.53
CA VAL I 149 4.46 -16.88 5.65
C VAL I 149 3.59 -17.77 4.76
N ASP I 150 3.63 -17.53 3.45
CA ASP I 150 2.68 -18.14 2.51
C ASP I 150 1.23 -17.97 3.01
N ASN I 151 0.91 -16.72 3.38
CA ASN I 151 -0.39 -16.31 3.93
C ASN I 151 -0.73 -16.91 5.31
N ALA I 152 0.13 -17.76 5.84
CA ALA I 152 -0.09 -18.33 7.18
C ALA I 152 0.32 -17.35 8.29
N LEU I 153 -0.64 -17.00 9.15
CA LEU I 153 -0.35 -16.14 10.29
C LEU I 153 0.57 -16.85 11.30
N GLN I 154 1.68 -16.21 11.61
CA GLN I 154 2.72 -16.79 12.45
C GLN I 154 2.46 -16.48 13.91
N SER I 155 3.04 -17.33 14.78
CA SER I 155 2.92 -17.15 16.23
C SER I 155 4.20 -17.58 16.92
N GLY I 156 4.65 -16.75 17.87
CA GLY I 156 5.73 -17.13 18.78
C GLY I 156 7.14 -17.21 18.23
N ASN I 157 7.34 -16.77 16.98
CA ASN I 157 8.67 -16.80 16.36
C ASN I 157 9.21 -15.42 15.94
N SER I 158 8.79 -14.38 16.64
CA SER I 158 9.32 -13.05 16.37
C SER I 158 9.63 -12.29 17.65
N GLN I 159 10.54 -11.33 17.54
CA GLN I 159 10.82 -10.41 18.64
C GLN I 159 10.78 -8.98 18.15
N GLU I 160 10.44 -8.04 19.06
CA GLU I 160 10.23 -6.64 18.70
C GLU I 160 11.10 -5.76 19.58
N SER I 161 11.55 -4.63 19.02
CA SER I 161 12.29 -3.61 19.75
C SER I 161 11.79 -2.22 19.33
N VAL I 162 11.69 -1.27 20.28
CA VAL I 162 11.22 0.09 19.98
C VAL I 162 12.20 1.17 20.46
N THR I 163 12.47 2.17 19.63
CA THR I 163 13.33 3.29 20.04
C THR I 163 12.59 4.24 20.97
N GLU I 164 13.35 5.06 21.70
CA GLU I 164 12.80 6.21 22.39
C GLU I 164 12.46 7.30 21.36
N GLN I 165 11.69 8.32 21.75
CA GLN I 165 11.39 9.41 20.83
C GLN I 165 12.63 9.98 20.17
N ASP I 166 12.57 10.12 18.86
CA ASP I 166 13.65 10.66 18.07
C ASP I 166 13.94 12.09 18.49
N SER I 167 15.23 12.42 18.61
CA SER I 167 15.61 13.71 19.16
C SER I 167 15.23 14.88 18.24
N LYS I 168 15.02 14.60 16.95
CA LYS I 168 14.68 15.66 16.00
C LYS I 168 13.17 15.76 15.73
N ASP I 169 12.49 14.64 15.55
CA ASP I 169 11.07 14.71 15.22
C ASP I 169 10.11 14.04 16.20
N SER I 170 10.63 13.58 17.35
CA SER I 170 9.80 13.00 18.42
C SER I 170 8.96 11.78 18.01
N THR I 171 9.35 11.11 16.92
CA THR I 171 8.67 9.85 16.58
C THR I 171 9.31 8.64 17.19
N TYR I 172 8.62 7.52 17.01
CA TYR I 172 9.13 6.23 17.42
C TYR I 172 9.38 5.38 16.19
N SER I 173 10.30 4.43 16.31
CA SER I 173 10.46 3.40 15.30
C SER I 173 10.48 2.03 15.97
N LEU I 174 10.17 0.99 15.19
CA LEU I 174 10.00 -0.35 15.70
C LEU I 174 10.60 -1.34 14.70
N SER I 175 11.35 -2.31 15.20
CA SER I 175 11.84 -3.40 14.37
C SER I 175 11.26 -4.70 14.90
N SER I 176 10.82 -5.57 14.00
CA SER I 176 10.38 -6.91 14.36
C SER I 176 11.22 -7.89 13.56
N THR I 177 11.76 -8.89 14.23
CA THR I 177 12.58 -9.88 13.56
C THR I 177 11.90 -11.23 13.64
N LEU I 178 11.67 -11.84 12.48
CA LEU I 178 11.15 -13.17 12.38
C LEU I 178 12.35 -14.09 12.17
N THR I 179 12.52 -15.05 13.07
CA THR I 179 13.67 -15.96 13.02
C THR I 179 13.25 -17.37 12.64
N LEU I 180 13.82 -17.87 11.55
CA LEU I 180 13.63 -19.26 11.15
C LEU I 180 14.98 -19.86 10.79
N SER I 181 15.10 -21.18 10.94
CA SER I 181 16.25 -21.92 10.42
C SER I 181 16.28 -21.76 8.90
N LYS I 182 17.45 -22.05 8.31
CA LYS I 182 17.59 -21.99 6.86
C LYS I 182 16.54 -22.91 6.21
N ALA I 183 16.52 -24.18 6.79
CA ALA I 183 15.69 -25.23 6.22
C ALA I 183 14.20 -24.87 6.18
N ASP I 184 13.71 -24.30 7.28
CA ASP I 184 12.32 -23.88 7.37
C ASP I 184 12.02 -22.70 6.45
N TYR I 185 12.99 -21.80 6.32
CA TYR I 185 12.88 -20.64 5.43
C TYR I 185 12.73 -21.04 3.95
N GLU I 186 13.48 -22.07 3.54
CA GLU I 186 13.48 -22.50 2.14
C GLU I 186 12.27 -23.35 1.79
N LYS I 187 11.47 -23.69 2.80
CA LYS I 187 10.21 -24.39 2.61
C LYS I 187 9.09 -23.49 2.06
N HIS I 188 9.26 -22.18 2.17
CA HIS I 188 8.20 -21.23 1.81
C HIS I 188 8.61 -20.05 0.93
N LYS I 189 7.62 -19.47 0.24
CA LYS I 189 7.87 -18.44 -0.76
C LYS I 189 7.58 -17.02 -0.27
N VAL I 190 6.34 -16.78 0.15
CA VAL I 190 5.87 -15.42 0.45
C VAL I 190 6.13 -15.04 1.89
N TYR I 191 6.89 -13.96 2.09
CA TYR I 191 7.15 -13.45 3.43
C TYR I 191 6.56 -12.06 3.56
N ALA I 192 5.75 -11.85 4.59
CA ALA I 192 4.97 -10.61 4.71
C ALA I 192 4.84 -10.11 6.15
N CYS I 193 4.94 -8.80 6.28
CA CYS I 193 4.81 -8.06 7.52
C CYS I 193 3.54 -7.25 7.38
N GLU I 194 2.58 -7.41 8.30
CA GLU I 194 1.35 -6.61 8.28
C GLU I 194 1.26 -5.73 9.51
N VAL I 195 0.95 -4.45 9.29
CA VAL I 195 1.04 -3.42 10.32
C VAL I 195 -0.27 -2.67 10.49
N THR I 196 -0.70 -2.46 11.73
CA THR I 196 -1.75 -1.47 11.99
C THR I 196 -1.30 -0.41 12.97
N HIS I 197 -1.92 0.76 12.82
CA HIS I 197 -1.60 1.93 13.62
C HIS I 197 -2.78 2.89 13.41
N GLN I 198 -3.11 3.67 14.43
CA GLN I 198 -4.26 4.58 14.36
C GLN I 198 -4.13 5.59 13.21
N GLY I 199 -2.91 5.85 12.79
CA GLY I 199 -2.62 6.78 11.69
C GLY I 199 -2.85 6.20 10.31
N LEU I 200 -3.10 4.89 10.25
CA LEU I 200 -3.40 4.17 9.01
C LEU I 200 -4.91 3.87 8.94
N SER I 201 -5.54 4.12 7.80
CA SER I 201 -6.96 3.80 7.68
C SER I 201 -7.21 2.30 7.38
N SER I 202 -6.19 1.60 6.91
CA SER I 202 -6.26 0.15 6.69
C SER I 202 -4.88 -0.44 6.99
N PRO I 203 -4.76 -1.75 7.19
CA PRO I 203 -3.46 -2.36 7.49
C PRO I 203 -2.49 -2.24 6.34
N VAL I 204 -1.21 -2.07 6.65
CA VAL I 204 -0.19 -2.00 5.61
C VAL I 204 0.58 -3.31 5.60
N THR I 205 0.71 -3.89 4.42
CA THR I 205 1.47 -5.13 4.24
C THR I 205 2.66 -4.89 3.34
N LYS I 206 3.84 -5.25 3.81
CA LYS I 206 5.00 -5.33 2.94
C LYS I 206 5.43 -6.79 2.80
N SER I 207 5.84 -7.17 1.61
CA SER I 207 6.20 -8.57 1.37
C SER I 207 7.31 -8.73 0.32
N PHE I 208 7.93 -9.90 0.35
CA PHE I 208 8.85 -10.31 -0.72
C PHE I 208 8.67 -11.80 -0.99
N ASN I 209 9.03 -12.22 -2.20
CA ASN I 209 9.05 -13.63 -2.55
C ASN I 209 10.48 -14.17 -2.44
N ARG I 210 10.64 -15.24 -1.66
CA ARG I 210 11.94 -15.85 -1.42
C ARG I 210 12.65 -16.16 -2.74
N GLY I 211 13.91 -15.74 -2.80
CA GLY I 211 14.74 -15.86 -3.99
C GLY I 211 14.43 -14.78 -5.00
N GLU J 1 28.15 7.54 49.50
CA GLU J 1 26.67 7.41 49.32
C GLU J 1 26.24 5.95 49.44
N VAL J 2 25.01 5.76 49.91
CA VAL J 2 24.41 4.43 50.05
C VAL J 2 24.25 3.75 48.68
N GLN J 3 24.59 2.46 48.60
CA GLN J 3 24.53 1.72 47.34
C GLN J 3 24.10 0.29 47.57
N LEU J 4 23.40 -0.28 46.60
CA LEU J 4 23.03 -1.69 46.58
C LEU J 4 23.38 -2.23 45.18
N VAL J 5 23.76 -3.50 45.09
CA VAL J 5 24.03 -4.11 43.79
C VAL J 5 23.47 -5.51 43.78
N GLU J 6 22.62 -5.81 42.78
CA GLU J 6 22.06 -7.14 42.63
C GLU J 6 22.97 -8.01 41.79
N SER J 7 22.98 -9.30 42.09
CA SER J 7 23.71 -10.27 41.25
C SER J 7 22.82 -11.48 40.97
N GLY J 8 23.10 -12.19 39.88
CA GLY J 8 22.45 -13.46 39.67
C GLY J 8 21.41 -13.54 38.58
N GLY J 9 21.10 -12.42 37.93
CA GLY J 9 20.15 -12.48 36.82
C GLY J 9 20.63 -13.28 35.60
N GLY J 10 19.69 -13.68 34.74
CA GLY J 10 20.03 -14.38 33.52
C GLY J 10 18.82 -15.01 32.85
N LEU J 11 19.07 -15.98 31.99
CA LEU J 11 18.01 -16.67 31.24
C LEU J 11 17.65 -17.96 31.96
N VAL J 12 16.36 -18.16 32.18
CA VAL J 12 15.88 -19.39 32.80
C VAL J 12 14.75 -19.97 31.97
N LYS J 13 14.62 -21.29 32.00
CA LYS J 13 13.50 -21.94 31.31
C LYS J 13 12.31 -21.99 32.27
N ALA J 14 11.10 -21.89 31.72
CA ALA J 14 9.88 -22.02 32.54
C ALA J 14 9.98 -23.29 33.37
N GLY J 15 9.67 -23.17 34.67
CA GLY J 15 9.72 -24.30 35.58
C GLY J 15 11.03 -24.38 36.34
N GLY J 16 12.04 -23.65 35.86
CA GLY J 16 13.37 -23.67 36.44
C GLY J 16 13.51 -22.77 37.66
N SER J 17 14.72 -22.76 38.24
CA SER J 17 15.02 -21.98 39.44
C SER J 17 16.16 -21.01 39.17
N LEU J 18 16.14 -19.87 39.86
CA LEU J 18 17.24 -18.91 39.80
C LEU J 18 17.27 -18.18 41.13
N ILE J 19 18.48 -17.94 41.63
CA ILE J 19 18.63 -17.25 42.92
C ILE J 19 19.40 -15.95 42.72
N LEU J 20 18.87 -14.88 43.28
CA LEU J 20 19.50 -13.56 43.21
C LEU J 20 20.11 -13.22 44.55
N SER J 21 21.11 -12.36 44.52
CA SER J 21 21.66 -11.82 45.76
C SER J 21 21.79 -10.32 45.62
N CYS J 22 21.88 -9.65 46.75
CA CYS J 22 22.07 -8.22 46.80
C CYS J 22 23.10 -7.93 47.89
N GLY J 23 24.11 -7.15 47.54
CA GLY J 23 25.11 -6.66 48.49
C GLY J 23 25.00 -5.15 48.60
N VAL J 24 25.63 -4.55 49.59
CA VAL J 24 25.42 -3.13 49.85
C VAL J 24 26.72 -2.41 50.15
N SER J 25 26.67 -1.09 50.10
CA SER J 25 27.81 -0.26 50.46
C SER J 25 27.32 0.91 51.30
N ASN J 26 28.05 1.21 52.37
CA ASN J 26 27.91 2.43 53.15
C ASN J 26 26.72 2.51 54.11
N PHE J 27 26.10 1.35 54.35
CA PHE J 27 25.14 1.17 55.42
C PHE J 27 25.08 -0.30 55.82
N ARG J 28 24.50 -0.54 56.99
CA ARG J 28 24.26 -1.90 57.47
C ARG J 28 22.80 -2.22 57.23
N ILE J 29 22.51 -3.39 56.68
CA ILE J 29 21.11 -3.76 56.41
C ILE J 29 20.29 -4.07 57.65
N SER J 30 20.93 -4.36 58.77
CA SER J 30 20.23 -4.91 59.95
C SER J 30 19.06 -4.08 60.48
N ALA J 31 19.16 -2.76 60.41
CA ALA J 31 18.05 -1.94 60.88
C ALA J 31 16.98 -1.67 59.81
N HIS J 32 17.08 -2.29 58.64
CA HIS J 32 16.11 -2.05 57.56
C HIS J 32 15.32 -3.26 57.17
N THR J 33 14.03 -3.05 56.90
CA THR J 33 13.28 -4.01 56.11
C THR J 33 13.86 -3.98 54.69
N MET J 34 14.17 -5.15 54.13
CA MET J 34 14.74 -5.18 52.78
C MET J 34 13.73 -5.77 51.84
N ASN J 35 13.74 -5.30 50.61
CA ASN J 35 12.71 -5.63 49.64
C ASN J 35 13.28 -6.06 48.30
N TRP J 36 12.51 -6.88 47.59
CA TRP J 36 12.71 -7.10 46.17
C TRP J 36 11.51 -6.51 45.42
N VAL J 37 11.81 -5.81 44.32
CA VAL J 37 10.81 -5.18 43.42
C VAL J 37 11.21 -5.52 42.00
N ARG J 38 10.22 -5.65 41.12
CA ARG J 38 10.56 -5.87 39.73
C ARG J 38 9.85 -4.92 38.80
N ARG J 39 10.53 -4.58 37.71
CA ARG J 39 9.91 -3.76 36.69
C ARG J 39 9.61 -4.67 35.51
N VAL J 40 8.34 -4.77 35.17
CA VAL J 40 7.90 -5.70 34.13
C VAL J 40 8.06 -4.99 32.77
N PRO J 41 8.12 -5.74 31.64
CA PRO J 41 8.31 -5.12 30.32
C PRO J 41 7.34 -3.97 29.99
N GLY J 42 6.12 -4.00 30.55
CA GLY J 42 5.15 -2.94 30.34
C GLY J 42 5.48 -1.61 31.03
N GLY J 43 6.48 -1.63 31.91
CA GLY J 43 6.98 -0.40 32.50
C GLY J 43 6.68 -0.18 33.96
N GLY J 44 5.69 -0.88 34.49
CA GLY J 44 5.30 -0.71 35.88
C GLY J 44 6.16 -1.49 36.86
N LEU J 45 6.20 -1.02 38.10
CA LEU J 45 6.89 -1.72 39.18
C LEU J 45 5.92 -2.61 39.93
N GLU J 46 6.43 -3.75 40.37
CA GLU J 46 5.67 -4.68 41.22
C GLU J 46 6.49 -5.07 42.41
N TRP J 47 5.97 -4.79 43.60
CA TRP J 47 6.64 -5.26 44.81
C TRP J 47 6.56 -6.81 44.83
N VAL J 48 7.65 -7.45 45.19
CA VAL J 48 7.79 -8.91 45.10
C VAL J 48 7.87 -9.55 46.49
N ALA J 49 8.75 -9.03 47.33
CA ALA J 49 8.97 -9.66 48.63
C ALA J 49 9.64 -8.71 49.59
N SER J 50 9.44 -8.95 50.87
CA SER J 50 10.18 -8.17 51.87
C SER J 50 10.56 -9.09 53.02
N ILE J 51 11.59 -8.68 53.74
CA ILE J 51 11.94 -9.36 54.99
C ILE J 51 12.22 -8.29 56.04
N SER J 52 11.55 -8.43 57.18
CA SER J 52 11.63 -7.43 58.23
C SER J 52 12.91 -7.56 59.03
N SER J 53 15.32 -8.62 61.89
CA SER J 53 15.35 -9.84 62.72
C SER J 53 14.53 -10.96 62.08
N SER J 54 14.19 -10.80 60.80
CA SER J 54 13.36 -11.76 60.07
C SER J 54 12.11 -12.19 60.86
N THR J 55 11.43 -11.24 61.53
CA THR J 55 10.17 -11.58 62.19
C THR J 55 9.10 -11.99 61.19
N TYR J 56 9.19 -11.49 59.95
CA TYR J 56 8.21 -11.80 58.93
C TYR J 56 8.78 -11.67 57.53
N ARG J 57 8.42 -12.62 56.67
CA ARG J 57 8.76 -12.58 55.25
C ARG J 57 7.46 -12.52 54.49
N ASP J 58 7.32 -11.47 53.69
CA ASP J 58 6.05 -11.18 53.01
C ASP J 58 6.30 -11.31 51.51
N TYR J 59 5.31 -11.84 50.79
CA TYR J 59 5.42 -12.10 49.36
C TYR J 59 4.19 -11.62 48.62
N ALA J 60 4.41 -11.13 47.39
CA ALA J 60 3.29 -10.82 46.51
C ALA J 60 2.50 -12.12 46.24
N ASP J 61 1.20 -12.00 46.03
CA ASP J 61 0.34 -13.14 45.77
C ASP J 61 0.86 -13.99 44.62
N ALA J 62 1.42 -13.32 43.61
CA ALA J 62 1.87 -13.94 42.37
C ALA J 62 3.08 -14.85 42.55
N VAL J 63 3.82 -14.65 43.65
CA VAL J 63 5.06 -15.39 43.88
C VAL J 63 5.06 -16.23 45.17
N LYS J 64 4.02 -16.07 45.98
CA LYS J 64 3.94 -16.81 47.23
C LYS J 64 3.96 -18.32 46.97
N GLY J 65 4.81 -19.02 47.74
CA GLY J 65 4.97 -20.46 47.60
C GLY J 65 6.02 -20.86 46.56
N ARG J 66 6.53 -19.88 45.83
CA ARG J 66 7.52 -20.13 44.76
C ARG J 66 8.84 -19.41 45.04
N PHE J 67 8.77 -18.29 45.73
CA PHE J 67 9.94 -17.45 46.03
C PHE J 67 10.26 -17.49 47.53
N THR J 68 11.52 -17.28 47.87
CA THR J 68 11.95 -17.22 49.26
C THR J 68 12.92 -16.08 49.40
N VAL J 69 12.70 -15.23 50.40
CA VAL J 69 13.67 -14.17 50.69
C VAL J 69 14.42 -14.52 51.98
N SER J 70 15.74 -14.27 51.99
CA SER J 70 16.57 -14.48 53.18
C SER J 70 17.43 -13.25 53.40
N ARG J 71 17.85 -13.01 54.64
CA ARG J 71 18.79 -11.92 54.87
C ARG J 71 19.99 -12.42 55.66
N ASP J 72 21.14 -11.81 55.39
CA ASP J 72 22.38 -12.12 56.08
C ASP J 72 22.88 -10.79 56.66
N ASP J 73 22.54 -10.54 57.92
CA ASP J 73 22.81 -9.25 58.56
C ASP J 73 24.28 -9.09 58.92
N LEU J 74 25.04 -10.17 58.89
CA LEU J 74 26.40 -10.12 59.35
C LEU J 74 27.35 -9.66 58.25
N GLU J 75 27.09 -10.07 57.02
CA GLU J 75 27.88 -9.61 55.88
C GLU J 75 27.03 -8.81 54.90
N ASP J 76 25.79 -8.50 55.30
CA ASP J 76 24.93 -7.56 54.59
C ASP J 76 24.55 -8.00 53.18
N PHE J 77 23.87 -9.15 53.12
CA PHE J 77 23.33 -9.65 51.86
C PHE J 77 21.90 -10.02 52.02
N VAL J 78 21.15 -9.85 50.94
CA VAL J 78 19.79 -10.34 50.87
C VAL J 78 19.73 -11.30 49.67
N TYR J 79 18.91 -12.34 49.79
CA TYR J 79 18.77 -13.34 48.74
C TYR J 79 17.31 -13.44 48.34
N LEU J 80 17.09 -13.81 47.08
CA LEU J 80 15.76 -14.14 46.60
C LEU J 80 15.89 -15.43 45.80
N GLN J 81 15.37 -16.53 46.35
CA GLN J 81 15.24 -17.77 45.59
C GLN J 81 13.96 -17.69 44.77
N MET J 82 9.69 -21.09 37.90
CA MET J 82 9.54 -19.78 37.28
C MET J 82 8.61 -19.79 36.07
N HIS J 83 11.66 -20.15 42.38
CA HIS J 83 11.43 -21.50 41.86
C HIS J 83 10.20 -21.59 40.98
N ARG J 85 7.97 -18.63 35.88
CA ARG J 85 6.92 -18.47 34.88
C ARG J 85 7.35 -17.37 33.95
N VAL J 86 6.86 -17.40 32.72
CA VAL J 86 7.16 -16.35 31.75
C VAL J 86 6.89 -14.96 32.35
N GLU J 87 5.83 -14.85 33.13
CA GLU J 87 5.46 -13.54 33.72
C GLU J 87 6.36 -13.07 34.86
N ASP J 88 7.35 -13.90 35.25
CA ASP J 88 8.38 -13.44 36.18
C ASP J 88 9.47 -12.67 35.45
N THR J 89 9.42 -12.64 34.12
CA THR J 89 10.42 -11.93 33.32
C THR J 89 10.37 -10.43 33.69
N ALA J 90 11.51 -9.90 34.12
CA ALA J 90 11.54 -8.51 34.59
C ALA J 90 12.96 -8.11 34.97
N ILE J 91 13.12 -6.83 35.30
CA ILE J 91 14.33 -6.37 35.95
C ILE J 91 14.04 -6.42 37.45
N TYR J 92 14.92 -7.06 38.22
CA TYR J 92 14.70 -7.22 39.67
C TYR J 92 15.64 -6.30 40.44
N TYR J 93 15.08 -5.53 41.37
CA TYR J 93 15.86 -4.60 42.17
C TYR J 93 15.77 -5.01 43.61
N CYS J 94 16.87 -4.84 44.32
CA CYS J 94 16.78 -4.82 45.78
C CYS J 94 16.66 -3.36 46.26
N ALA J 95 15.80 -3.15 47.25
CA ALA J 95 15.51 -1.80 47.73
C ALA J 95 15.37 -1.82 49.23
N ARG J 96 15.96 -0.84 49.91
CA ARG J 96 15.80 -0.78 51.34
C ARG J 96 14.64 0.14 51.71
N LYS J 97 13.90 -0.24 52.74
CA LYS J 97 12.91 0.63 53.34
C LYS J 97 13.64 1.53 54.33
N GLY J 98 13.49 2.84 54.20
CA GLY J 98 14.27 3.80 54.95
C GLY J 98 14.09 5.25 54.46
N SER J 99 14.72 6.17 55.17
CA SER J 99 14.67 7.59 54.81
C SER J 99 15.94 8.29 55.29
N ASP J 100 16.14 9.54 54.87
CA ASP J 100 17.29 10.32 55.35
C ASP J 100 17.04 10.81 56.78
N ARG J 101 16.05 10.18 57.41
CA ARG J 101 15.53 10.60 58.71
C ARG J 101 15.34 9.38 59.63
N LEU J 102 14.50 8.45 59.18
CA LEU J 102 14.18 7.17 59.84
C LEU J 102 12.96 7.20 60.76
N ALA J 104 16.54 3.78 48.87
CA ALA J 104 17.74 3.36 48.12
C ALA J 104 17.51 2.06 47.38
N TRP J 105 17.88 2.05 46.10
CA TRP J 105 17.63 0.93 45.20
C TRP J 105 18.92 0.56 44.46
N GLY J 106 19.10 -0.74 44.21
CA GLY J 106 20.12 -1.21 43.29
C GLY J 106 19.76 -0.89 41.83
N PRO J 107 20.74 -1.03 40.95
CA PRO J 107 20.53 -0.72 39.51
C PRO J 107 19.68 -1.76 38.79
N GLY J 108 19.52 -2.94 39.38
CA GLY J 108 18.66 -3.98 38.83
C GLY J 108 19.44 -5.07 38.11
N THR J 109 18.89 -6.28 38.14
CA THR J 109 19.45 -7.39 37.37
C THR J 109 18.32 -7.98 36.51
N VAL J 110 18.63 -8.27 35.25
CA VAL J 110 17.64 -8.72 34.27
C VAL J 110 17.42 -10.23 34.40
N VAL J 111 16.15 -10.61 34.52
CA VAL J 111 15.75 -12.01 34.59
C VAL J 111 14.74 -12.32 33.48
N THR J 112 15.06 -13.31 32.66
CA THR J 112 14.25 -13.63 31.50
C THR J 112 13.87 -15.10 31.52
N VAL J 113 12.56 -15.36 31.43
CA VAL J 113 12.06 -16.72 31.51
C VAL J 113 11.51 -17.12 30.16
N SER J 114 12.12 -18.12 29.55
CA SER J 114 11.67 -18.59 28.24
C SER J 114 10.47 -19.53 28.41
N PRO J 115 9.52 -19.48 27.48
CA PRO J 115 8.23 -20.21 27.64
C PRO J 115 8.27 -21.74 27.63
N ALA J 116 9.23 -22.36 26.96
CA ALA J 116 9.28 -23.81 26.90
C ALA J 116 9.86 -24.44 28.17
N SER J 117 9.05 -25.27 28.83
CA SER J 117 9.50 -26.09 29.96
C SER J 117 10.32 -27.29 29.51
N THR J 118 9.96 -27.83 28.35
CA THR J 118 10.63 -29.00 27.80
C THR J 118 10.84 -28.80 26.30
N LYS J 119 11.73 -29.59 25.73
CA LYS J 119 11.88 -29.68 24.29
C LYS J 119 12.25 -31.18 24.08
N GLY J 120 11.55 -31.84 23.13
CA GLY J 120 11.89 -33.28 22.82
C GLY J 120 13.10 -33.33 21.90
N PRO J 121 13.75 -34.48 21.86
CA PRO J 121 14.93 -34.67 21.00
C PRO J 121 14.62 -34.86 19.51
N SER J 122 15.62 -34.57 18.66
CA SER J 122 15.58 -34.99 17.23
C SER J 122 16.40 -36.31 17.12
N VAL J 123 15.96 -37.24 16.24
CA VAL J 123 16.65 -38.53 16.06
C VAL J 123 17.20 -38.70 14.63
N PHE J 124 18.51 -38.99 14.52
CA PHE J 124 19.16 -39.20 13.20
C PHE J 124 19.96 -40.53 13.11
N PRO J 125 19.92 -41.17 11.94
CA PRO J 125 20.47 -42.53 11.79
C PRO J 125 21.96 -42.68 11.40
N LEU J 126 22.78 -43.11 12.46
CA LEU J 126 24.16 -43.57 12.23
C LEU J 126 24.21 -44.86 11.40
N ALA J 127 24.34 -44.67 10.07
CA ALA J 127 24.17 -45.76 9.09
C ALA J 127 25.29 -46.81 9.09
N GLY J 130 32.51 -59.97 9.18
CA GLY J 130 32.93 -59.33 10.42
C GLY J 130 31.78 -58.66 11.16
N THR J 131 32.10 -57.61 11.90
CA THR J 131 31.12 -56.85 12.69
C THR J 131 30.98 -55.43 12.14
N ALA J 132 29.64 -54.90 12.33
CA ALA J 132 29.33 -53.50 11.99
C ALA J 132 28.76 -52.72 13.18
N ALA J 133 28.88 -51.38 13.12
CA ALA J 133 28.32 -50.53 14.16
C ALA J 133 27.35 -49.50 13.59
N LEU J 134 26.03 -49.68 14.11
CA LEU J 134 25.03 -48.67 13.78
C LEU J 134 24.49 -48.01 15.03
N GLY J 135 23.70 -46.94 14.84
CA GLY J 135 23.14 -46.25 15.97
C GLY J 135 22.12 -45.20 15.56
N CYS J 136 21.68 -44.45 16.58
CA CYS J 136 20.80 -43.29 16.45
C CYS J 136 21.45 -42.18 17.29
N LEU J 137 21.41 -40.93 16.77
CA LEU J 137 21.83 -39.76 17.54
C LEU J 137 20.60 -39.00 18.08
N VAL J 138 20.54 -38.81 19.39
CA VAL J 138 19.38 -38.22 20.04
C VAL J 138 19.75 -36.80 20.50
N LYS J 139 19.38 -35.80 19.70
CA LYS J 139 19.89 -34.45 19.87
C LYS J 139 18.87 -33.40 20.30
N ASP J 140 19.33 -32.48 21.14
CA ASP J 140 18.60 -31.24 21.47
C ASP J 140 17.31 -31.46 22.25
N TYR J 141 17.43 -32.09 23.40
CA TYR J 141 16.28 -32.27 24.27
C TYR J 141 16.55 -31.67 25.63
N PHE J 142 15.47 -31.42 26.36
CA PHE J 142 15.52 -30.88 27.72
C PHE J 142 14.18 -31.16 28.40
N PRO J 143 14.19 -31.54 29.68
CA PRO J 143 15.39 -31.89 30.43
C PRO J 143 15.69 -33.38 30.29
N GLU J 144 16.64 -33.90 31.06
CA GLU J 144 16.87 -35.34 31.12
C GLU J 144 15.70 -36.02 31.86
N PRO J 145 15.52 -37.33 31.71
CA PRO J 145 16.30 -38.17 30.80
C PRO J 145 15.58 -38.57 29.50
N VAL J 146 16.36 -39.14 28.58
CA VAL J 146 15.81 -39.85 27.42
C VAL J 146 16.07 -41.34 27.62
N THR J 147 15.09 -42.14 27.21
CA THR J 147 15.16 -43.60 27.30
C THR J 147 15.24 -44.15 25.87
N VAL J 148 16.18 -45.06 25.65
CA VAL J 148 16.33 -45.72 24.36
C VAL J 148 16.26 -47.23 24.55
N SER J 149 15.05 -47.98 23.35
CA SER J 149 15.45 -49.36 23.20
C SER J 149 15.85 -49.60 21.75
N TRP J 150 16.19 -50.85 21.44
CA TRP J 150 16.50 -51.24 20.08
C TRP J 150 15.69 -52.47 19.75
N ASN J 151 13.82 -52.13 17.58
CA ASN J 151 13.36 -53.50 17.87
C ASN J 151 12.71 -53.60 19.27
N SER J 152 12.23 -52.46 19.78
CA SER J 152 11.32 -52.40 20.95
C SER J 152 11.75 -53.30 22.12
N GLY J 153 13.08 -53.44 22.30
CA GLY J 153 13.64 -54.21 23.39
C GLY J 153 13.94 -55.68 23.11
N ALA J 154 13.81 -56.11 21.85
CA ALA J 154 14.17 -57.47 21.46
C ALA J 154 15.68 -57.57 21.25
N LEU J 155 16.29 -56.46 20.84
CA LEU J 155 17.75 -56.36 20.69
C LEU J 155 18.37 -55.69 21.90
N THR J 156 19.20 -56.43 22.62
CA THR J 156 19.90 -55.91 23.81
C THR J 156 21.42 -56.15 23.74
N SER J 157 21.80 -57.26 23.09
CA SER J 157 23.22 -57.67 22.98
C SER J 157 24.01 -56.77 22.02
N GLY J 158 25.13 -56.19 22.56
CA GLY J 158 26.10 -55.49 21.72
C GLY J 158 26.31 -54.02 22.02
N VAL J 159 24.06 -53.54 23.06
CA VAL J 159 23.70 -52.14 22.92
C VAL J 159 24.50 -51.28 23.91
N HIS J 160 24.96 -50.12 23.46
CA HIS J 160 25.55 -49.10 24.34
C HIS J 160 24.81 -47.78 24.16
N THR J 161 24.12 -47.37 25.21
CA THR J 161 23.47 -46.07 25.24
C THR J 161 24.30 -45.19 26.18
N PHE J 162 24.85 -44.13 25.63
CA PHE J 162 25.86 -43.32 26.33
C PHE J 162 25.21 -42.30 27.25
N PRO J 163 25.92 -41.87 28.30
CA PRO J 163 25.44 -40.75 29.11
C PRO J 163 25.28 -39.52 28.24
N ALA J 164 24.27 -38.72 28.56
CA ALA J 164 24.02 -37.48 27.82
C ALA J 164 25.15 -36.51 28.09
N VAL J 165 25.39 -35.66 27.11
CA VAL J 165 26.29 -34.54 27.29
C VAL J 165 25.44 -33.25 27.25
N LEU J 166 25.82 -32.28 28.07
CA LEU J 166 25.18 -30.97 28.05
C LEU J 166 25.90 -30.08 27.06
N GLN J 167 25.22 -29.68 25.98
CA GLN J 167 25.86 -28.86 24.96
C GLN J 167 25.98 -27.40 25.37
N SER J 168 26.86 -26.66 24.69
CA SER J 168 27.15 -25.26 24.99
C SER J 168 25.88 -24.42 25.06
N SER J 169 24.40 -24.97 23.87
CA SER J 169 23.05 -24.44 23.72
C SER J 169 22.26 -24.62 25.01
N GLY J 170 22.77 -25.48 25.91
CA GLY J 170 22.05 -25.81 27.14
C GLY J 170 21.05 -26.94 26.94
N LEU J 171 21.10 -27.58 25.77
CA LEU J 171 20.27 -28.74 25.44
C LEU J 171 21.16 -29.97 25.50
N TYR J 172 20.57 -31.11 25.85
CA TYR J 172 21.30 -32.38 25.96
C TYR J 172 21.32 -33.14 24.64
N SER J 173 22.32 -34.02 24.52
CA SER J 173 22.45 -34.91 23.37
C SER J 173 23.07 -36.22 23.83
N LEU J 174 22.56 -37.33 23.30
CA LEU J 174 23.14 -38.63 23.55
C LEU J 174 23.11 -39.51 22.30
N SER J 175 24.02 -40.49 22.25
CA SER J 175 23.98 -41.48 21.19
C SER J 175 23.72 -42.87 21.77
N SER J 176 23.01 -43.70 21.01
CA SER J 176 22.84 -45.10 21.36
C SER J 176 23.33 -45.89 20.17
N VAL J 177 24.25 -46.82 20.41
CA VAL J 177 24.83 -47.64 19.35
C VAL J 177 24.65 -49.13 19.64
N VAL J 178 24.78 -49.93 18.59
CA VAL J 178 24.75 -51.37 18.72
C VAL J 178 25.73 -51.94 17.71
N THR J 179 26.48 -52.97 18.12
CA THR J 179 27.22 -53.77 17.17
C THR J 179 26.38 -55.00 16.84
N VAL J 180 26.31 -55.30 15.55
CA VAL J 180 25.61 -56.48 15.02
C VAL J 180 26.52 -57.12 13.98
N PRO J 181 26.26 -58.37 13.59
CA PRO J 181 26.95 -58.99 12.46
C PRO J 181 26.80 -58.08 11.22
N SER J 182 27.87 -58.04 10.41
CA SER J 182 27.85 -57.28 9.15
C SER J 182 26.84 -57.86 8.16
N SER J 183 26.84 -59.24 8.11
CA SER J 183 25.92 -59.99 7.26
C SER J 183 24.45 -59.66 7.52
N SER J 184 24.14 -59.27 8.75
CA SER J 184 22.76 -59.03 9.18
C SER J 184 22.14 -57.69 8.72
N LEU J 185 23.01 -56.85 8.08
CA LEU J 185 22.61 -55.51 7.65
C LEU J 185 21.62 -55.45 6.48
N GLY J 186 21.78 -56.35 5.50
CA GLY J 186 21.01 -56.28 4.27
C GLY J 186 19.58 -56.84 4.31
N THR J 187 19.25 -57.56 5.38
CA THR J 187 17.95 -58.25 5.45
C THR J 187 16.90 -57.43 6.19
N GLN J 188 18.19 -58.40 9.03
CA GLN J 188 17.58 -57.24 9.66
C GLN J 188 17.93 -55.96 8.90
N THR J 189 15.02 -55.86 11.11
CA THR J 189 15.30 -54.45 10.91
C THR J 189 15.74 -53.78 12.22
N TYR J 190 16.47 -52.67 12.14
CA TYR J 190 17.04 -52.01 13.32
C TYR J 190 16.39 -50.65 13.64
N ILE J 191 15.49 -50.70 14.64
CA ILE J 191 14.71 -49.53 15.03
C ILE J 191 15.09 -49.15 16.46
N CYS J 192 15.36 -47.85 16.65
CA CYS J 192 15.64 -47.34 17.98
C CYS J 192 14.45 -46.53 18.50
N ASN J 193 13.86 -47.08 19.60
CA ASN J 193 12.71 -46.44 20.19
C ASN J 193 13.17 -45.43 21.22
N VAL J 194 13.06 -44.15 20.86
CA VAL J 194 13.46 -43.04 21.73
C VAL J 194 12.23 -42.51 22.45
N ASN J 195 12.33 -42.43 23.79
CA ASN J 195 11.22 -41.96 24.62
C ASN J 195 11.69 -40.84 25.56
N HIS J 196 11.04 -39.68 25.42
CA HIS J 196 11.32 -38.50 26.23
C HIS J 196 10.05 -38.15 27.01
N LYS J 197 9.95 -38.74 28.20
CA LYS J 197 8.76 -38.64 29.06
C LYS J 197 8.31 -37.21 29.44
N PRO J 198 9.24 -36.33 29.83
CA PRO J 198 8.91 -34.94 30.17
C PRO J 198 8.14 -34.19 29.08
N SER J 199 8.50 -34.38 27.81
CA SER J 199 7.76 -33.73 26.71
C SER J 199 6.65 -34.63 26.13
N ASN J 200 6.58 -35.87 26.60
CA ASN J 200 5.66 -36.89 26.06
C ASN J 200 5.93 -37.21 24.59
N THR J 201 7.20 -37.15 24.21
CA THR J 201 7.68 -37.40 22.86
C THR J 201 8.16 -38.85 22.71
N LYS J 202 7.63 -39.54 21.70
CA LYS J 202 8.04 -40.90 21.37
C LYS J 202 8.42 -40.96 19.89
N VAL J 203 9.60 -41.48 19.60
CA VAL J 203 10.06 -41.61 18.21
C VAL J 203 10.60 -43.01 17.97
N ASP J 204 10.17 -43.64 16.87
CA ASP J 204 10.77 -44.88 16.39
C ASP J 204 11.49 -44.59 15.07
N LYS J 205 12.85 -44.89 15.04
CA LYS J 205 13.63 -44.48 13.87
C LYS J 205 14.21 -45.67 13.09
N LYS J 206 13.83 -45.72 11.78
CA LYS J 206 14.57 -46.52 10.84
C LYS J 206 15.60 -45.57 10.18
N VAL J 207 17.24 -47.97 11.15
CA VAL J 207 18.52 -47.46 10.67
C VAL J 207 19.04 -48.35 9.55
N GLU J 208 19.23 -47.75 8.37
CA GLU J 208 19.57 -48.50 7.16
C GLU J 208 20.90 -48.06 6.56
N PRO J 209 21.55 -48.95 5.79
CA PRO J 209 22.74 -48.58 5.01
C PRO J 209 22.44 -47.46 4.01
N LYS J 210 23.29 -46.42 3.99
CA LYS J 210 23.05 -45.22 3.18
C LYS J 210 23.26 -45.50 1.68
N PRO K 1 -18.77 -8.40 2.98
CA PRO K 1 -19.76 -7.34 3.29
C PRO K 1 -20.72 -7.84 4.36
N SER K 2 -20.78 -7.15 5.50
CA SER K 2 -21.69 -7.56 6.55
C SER K 2 -22.73 -6.48 6.74
N VAL K 3 -23.89 -6.87 7.25
CA VAL K 3 -24.99 -5.94 7.50
C VAL K 3 -25.60 -6.20 8.87
N PHE K 4 -25.70 -5.14 9.66
CA PHE K 4 -26.28 -5.22 11.00
C PHE K 4 -27.44 -4.25 11.13
N LEU K 5 -28.58 -4.75 11.60
CA LEU K 5 -29.77 -3.91 11.78
C LEU K 5 -29.89 -3.47 13.25
N PHE K 6 -30.20 -2.19 13.48
CA PHE K 6 -30.31 -1.69 14.84
C PHE K 6 -31.67 -1.09 15.08
N PRO K 7 -32.31 -1.47 16.19
CA PRO K 7 -33.64 -0.93 16.49
C PRO K 7 -33.53 0.38 17.25
N PRO K 8 -34.63 1.13 17.33
CA PRO K 8 -34.66 2.41 18.04
C PRO K 8 -34.47 2.14 19.54
N LYS K 9 -34.18 3.19 20.28
CA LYS K 9 -33.99 3.03 21.71
C LYS K 9 -35.33 3.02 22.36
N PRO K 10 -35.48 2.23 23.43
CA PRO K 10 -36.69 2.06 24.21
C PRO K 10 -37.49 3.34 24.45
N LYS K 11 -36.79 4.43 24.73
CA LYS K 11 -37.45 5.69 25.01
C LYS K 11 -37.96 6.39 23.76
N ASP K 12 -37.26 6.18 22.65
CA ASP K 12 -37.62 6.82 21.39
C ASP K 12 -39.04 6.52 20.93
N THR K 13 -39.49 5.30 21.13
CA THR K 13 -40.82 4.89 20.68
C THR K 13 -41.90 5.08 21.74
N LEU K 14 -41.48 5.51 22.92
CA LEU K 14 -42.41 5.70 24.01
C LEU K 14 -42.80 7.16 24.14
N MET K 15 -41.94 8.04 23.65
CA MET K 15 -42.20 9.47 23.72
C MET K 15 -42.39 10.11 22.35
N ILE K 16 -43.61 10.60 22.13
CA ILE K 16 -43.99 11.23 20.87
C ILE K 16 -43.03 12.33 20.45
N SER K 17 -42.40 12.99 21.42
CA SER K 17 -41.46 14.06 21.14
C SER K 17 -40.12 13.55 20.61
N ARG K 18 -39.72 12.38 21.05
CA ARG K 18 -38.47 11.78 20.61
C ARG K 18 -38.63 11.31 19.16
N THR K 19 -37.51 10.96 18.54
CA THR K 19 -37.47 10.49 17.15
C THR K 19 -36.87 9.09 17.05
N PRO K 20 -37.73 8.07 16.94
CA PRO K 20 -37.29 6.67 16.83
C PRO K 20 -36.82 6.29 15.43
N GLU K 21 -35.72 5.57 15.35
CA GLU K 21 -35.23 5.15 14.06
C GLU K 21 -34.60 3.76 14.01
N VAL K 22 -34.62 3.18 12.82
CA VAL K 22 -34.06 1.85 12.55
C VAL K 22 -32.85 2.10 11.66
N THR K 23 -31.70 1.64 12.11
CA THR K 23 -30.46 1.89 11.39
C THR K 23 -29.81 0.68 10.77
N CYS K 24 -29.48 0.80 9.49
CA CYS K 24 -28.86 -0.30 8.79
C CYS K 24 -27.40 0.02 8.54
N VAL K 25 -26.52 -0.80 9.10
CA VAL K 25 -25.10 -0.61 8.97
C VAL K 25 -24.48 -1.69 8.09
N VAL K 26 -23.60 -1.29 7.17
CA VAL K 26 -22.93 -2.23 6.29
C VAL K 26 -21.43 -2.04 6.41
N VAL K 27 -20.73 -3.05 6.90
CA VAL K 27 -19.30 -2.95 7.03
C VAL K 27 -18.62 -3.86 6.03
N ASP K 28 -17.36 -3.53 5.71
CA ASP K 28 -16.55 -4.33 4.79
C ASP K 28 -17.04 -4.24 3.36
N VAL K 29 -17.26 -3.02 2.89
CA VAL K 29 -17.67 -2.80 1.51
C VAL K 29 -16.36 -2.44 0.81
N SER K 30 -15.76 -3.45 0.17
CA SER K 30 -14.50 -3.32 -0.54
C SER K 30 -14.23 -1.96 -1.18
N HIS K 31 -12.95 -1.61 -1.29
CA HIS K 31 -12.54 -0.34 -1.88
C HIS K 31 -12.86 -0.30 -3.37
N GLU K 32 -12.81 -1.46 -4.01
CA GLU K 32 -13.07 -1.58 -5.44
C GLU K 32 -14.52 -1.23 -5.79
N ASP K 33 -15.48 -2.01 -5.30
CA ASP K 33 -16.88 -1.77 -5.59
C ASP K 33 -17.61 -1.12 -4.41
N PRO K 34 -17.44 0.20 -4.20
CA PRO K 34 -18.09 0.90 -3.09
C PRO K 34 -19.57 1.23 -3.32
N GLN K 35 -20.15 0.70 -4.40
CA GLN K 35 -21.55 0.99 -4.67
C GLN K 35 -22.39 0.14 -3.71
N VAL K 36 -23.34 0.78 -3.04
CA VAL K 36 -24.24 0.07 -2.15
C VAL K 36 -25.65 0.64 -2.34
N LYS K 37 -26.60 -0.25 -2.52
CA LYS K 37 -27.99 0.11 -2.74
C LYS K 37 -28.86 -0.38 -1.60
N PHE K 38 -29.66 0.52 -1.04
CA PHE K 38 -30.56 0.15 0.04
C PHE K 38 -31.99 0.15 -0.42
N ASN K 39 -32.76 -0.84 0.04
CA ASN K 39 -34.18 -0.94 -0.26
C ASN K 39 -34.83 -1.19 1.10
N TRP K 40 -35.88 -0.45 1.42
CA TRP K 40 -36.56 -0.60 2.69
C TRP K 40 -37.99 -1.08 2.60
N TYR K 41 -38.33 -1.97 3.52
CA TYR K 41 -39.67 -2.55 3.58
C TYR K 41 -40.21 -2.50 5.00
N VAL K 42 -41.49 -2.17 5.08
CA VAL K 42 -42.24 -2.05 6.31
C VAL K 42 -43.37 -3.02 6.06
N ASP K 43 -43.22 -4.24 6.57
CA ASP K 43 -44.18 -5.31 6.37
C ASP K 43 -44.17 -5.77 4.89
N GLY K 44 -42.99 -5.76 4.30
CA GLY K 44 -42.85 -6.18 2.92
C GLY K 44 -43.20 -5.14 1.88
N VAL K 45 -43.58 -3.95 2.32
CA VAL K 45 -43.91 -2.89 1.38
C VAL K 45 -42.88 -1.77 1.41
N GLN K 46 -42.65 -1.15 0.25
CA GLN K 46 -41.70 -0.03 0.08
C GLN K 46 -40.45 -0.33 -0.72
N VAL K 47 -40.48 -1.31 -1.61
CA VAL K 47 -39.27 -1.57 -2.41
C VAL K 47 -38.95 -0.24 -3.06
N HIS K 48 -39.95 0.63 -3.11
CA HIS K 48 -39.87 1.98 -3.71
C HIS K 48 -39.47 3.10 -2.74
N ASN K 49 -38.45 2.87 -1.92
CA ASN K 49 -37.97 3.87 -0.96
C ASN K 49 -38.79 4.11 0.31
N ALA K 50 -38.76 5.36 0.76
CA ALA K 50 -39.44 5.83 1.96
C ALA K 50 -38.58 6.96 2.48
N LYS K 51 -38.75 7.31 3.74
CA LYS K 51 -37.96 8.38 4.33
C LYS K 51 -36.52 8.14 3.89
N THR K 52 -35.93 7.02 4.28
CA THR K 52 -34.57 6.65 3.90
C THR K 52 -33.53 7.79 4.00
N LYS K 53 -32.26 7.42 4.10
CA LYS K 53 -31.18 8.41 4.18
C LYS K 53 -29.80 7.79 4.42
N PRO K 54 -28.98 7.65 3.36
CA PRO K 54 -27.61 7.09 3.40
C PRO K 54 -26.52 8.19 3.43
N ARG K 55 -25.25 7.81 3.64
CA ARG K 55 -24.14 8.79 3.73
C ARG K 55 -22.76 8.49 3.09
N GLU K 56 -22.13 7.37 3.45
CA GLU K 56 -20.80 6.97 2.91
C GLU K 56 -19.59 7.36 3.79
N GLN K 57 -18.61 6.45 3.95
CA GLN K 57 -17.39 6.66 4.75
C GLN K 57 -16.26 5.68 4.38
N GLN K 58 -15.07 5.84 4.99
CA GLN K 58 -13.91 4.95 4.72
C GLN K 58 -13.21 4.56 6.03
N TYR K 59 -12.70 3.32 6.11
CA TYR K 59 -12.03 2.86 7.32
C TYR K 59 -10.70 2.10 7.12
N ASN K 60 -10.50 1.07 7.95
CA ASN K 60 -9.31 0.22 7.92
C ASN K 60 -8.75 -0.05 6.54
N SER K 61 -9.59 -0.61 5.68
CA SER K 61 -9.26 -0.97 4.30
C SER K 61 -10.56 -1.47 3.65
N THR K 62 -11.68 -0.86 4.07
CA THR K 62 -13.01 -1.21 3.60
C THR K 62 -13.89 0.03 3.69
N TYR K 63 -15.16 -0.10 3.35
CA TYR K 63 -16.10 1.02 3.42
C TYR K 63 -17.21 0.69 4.38
N ARG K 64 -17.85 1.73 4.91
CA ARG K 64 -18.94 1.59 5.86
C ARG K 64 -20.05 2.50 5.36
N VAL K 65 -21.25 1.94 5.18
CA VAL K 65 -22.39 2.71 4.69
C VAL K 65 -23.55 2.58 5.66
N VAL K 66 -24.09 3.72 6.06
CA VAL K 66 -25.20 3.72 7.00
C VAL K 66 -26.47 4.29 6.39
N SER K 67 -27.58 3.59 6.58
CA SER K 67 -28.85 4.08 6.08
C SER K 67 -29.76 4.20 7.30
N VAL K 68 -30.53 5.29 7.38
CA VAL K 68 -31.42 5.50 8.51
C VAL K 68 -32.90 5.67 8.14
N LEU K 69 -33.74 4.86 8.74
CA LEU K 69 -35.18 4.92 8.52
C LEU K 69 -35.87 5.37 9.80
N THR K 70 -36.54 6.52 9.74
CA THR K 70 -37.26 7.04 10.89
C THR K 70 -38.54 6.22 10.92
N VAL K 71 -38.95 5.76 12.11
CA VAL K 71 -40.20 5.00 12.16
C VAL K 71 -41.28 5.73 12.96
N LEU K 72 -42.51 5.28 12.81
CA LEU K 72 -43.64 5.86 13.53
C LEU K 72 -43.90 5.08 14.83
N HIS K 73 -43.80 5.79 15.96
CA HIS K 73 -44.01 5.18 17.27
C HIS K 73 -45.05 4.07 17.27
N GLN K 74 -46.22 4.31 16.70
CA GLN K 74 -47.24 3.28 16.68
C GLN K 74 -46.97 2.15 15.69
N ASN K 75 -46.21 2.41 14.62
CA ASN K 75 -45.90 1.34 13.70
C ASN K 75 -44.99 0.37 14.47
N TRP K 76 -44.05 0.92 15.20
CA TRP K 76 -43.16 0.06 15.98
C TRP K 76 -43.93 -0.65 17.08
N LEU K 77 -44.71 0.12 17.84
CA LEU K 77 -45.48 -0.47 18.92
C LEU K 77 -46.52 -1.47 18.43
N ASP K 78 -46.93 -1.35 17.17
CA ASP K 78 -47.90 -2.26 16.57
C ASP K 78 -47.19 -3.46 15.89
N GLY K 79 -45.96 -3.70 16.31
CA GLY K 79 -45.19 -4.81 15.81
C GLY K 79 -44.79 -4.85 14.35
N LYS K 80 -44.94 -3.75 13.62
CA LYS K 80 -44.57 -3.79 12.21
C LYS K 80 -43.11 -4.23 12.01
N GLU K 81 -42.82 -4.88 10.90
CA GLU K 81 -41.46 -5.35 10.65
C GLU K 81 -40.70 -4.49 9.62
N TYR K 82 -39.43 -4.23 9.90
CA TYR K 82 -38.62 -3.40 9.01
C TYR K 82 -37.51 -4.19 8.34
N LYS K 83 -37.50 -4.14 7.02
CA LYS K 83 -36.48 -4.86 6.28
C LYS K 83 -35.52 -3.92 5.61
N CYS K 84 -34.23 -4.22 5.72
CA CYS K 84 -33.20 -3.43 5.07
C CYS K 84 -32.59 -4.41 4.08
N LYS K 85 -32.55 -4.01 2.82
CA LYS K 85 -32.03 -4.85 1.75
C LYS K 85 -30.79 -4.18 1.24
N VAL K 86 -29.65 -4.86 1.34
CA VAL K 86 -28.37 -4.32 0.88
C VAL K 86 -27.84 -5.02 -0.35
N SER K 87 -27.77 -4.30 -1.45
CA SER K 87 -27.27 -4.88 -2.70
C SER K 87 -25.93 -4.28 -3.04
N ASN K 88 -24.96 -5.15 -3.33
CA ASN K 88 -23.62 -4.70 -3.72
C ASN K 88 -23.16 -5.58 -4.89
N LYS K 89 -22.57 -4.95 -5.91
CA LYS K 89 -22.10 -5.70 -7.08
C LYS K 89 -21.09 -6.78 -6.72
N ALA K 90 -20.39 -6.59 -5.61
CA ALA K 90 -19.42 -7.59 -5.16
C ALA K 90 -20.10 -8.60 -4.24
N LEU K 91 -21.40 -8.82 -4.44
CA LEU K 91 -22.15 -9.74 -3.60
C LEU K 91 -22.94 -10.75 -4.46
N PRO K 92 -22.86 -12.06 -4.13
CA PRO K 92 -23.56 -13.12 -4.85
C PRO K 92 -25.04 -12.85 -4.98
N ALA K 93 -25.64 -12.40 -3.88
CA ALA K 93 -27.05 -12.08 -3.82
C ALA K 93 -27.20 -10.96 -2.80
N PRO K 94 -28.34 -10.26 -2.80
CA PRO K 94 -28.51 -9.19 -1.84
C PRO K 94 -28.68 -9.76 -0.44
N ILE K 95 -28.26 -9.00 0.57
CA ILE K 95 -28.39 -9.43 1.94
C ILE K 95 -29.51 -8.65 2.57
N GLU K 96 -30.43 -9.37 3.21
CA GLU K 96 -31.57 -8.77 3.86
C GLU K 96 -31.57 -9.04 5.36
N LYS K 97 -31.91 -8.02 6.14
CA LYS K 97 -32.00 -8.12 7.58
C LYS K 97 -33.36 -7.54 7.94
N THR K 98 -33.96 -8.05 9.01
CA THR K 98 -35.28 -7.56 9.42
C THR K 98 -35.38 -7.46 10.93
N ILE K 99 -36.04 -6.42 11.42
CA ILE K 99 -36.17 -6.30 12.86
C ILE K 99 -37.51 -5.69 13.29
N SER K 100 -37.88 -5.91 14.55
CA SER K 100 -39.15 -5.38 15.08
C SER K 100 -39.16 -5.65 16.57
N LYS K 101 -40.22 -5.26 17.25
CA LYS K 101 -40.23 -5.56 18.68
C LYS K 101 -40.58 -7.04 18.76
N ALA K 102 -40.13 -7.68 19.85
CA ALA K 102 -40.38 -9.10 20.06
C ALA K 102 -41.89 -9.40 19.99
N LYS K 103 -42.25 -10.56 19.46
CA LYS K 103 -43.67 -10.91 19.37
C LYS K 103 -44.13 -11.37 20.76
N GLY K 104 -45.34 -10.98 21.14
CA GLY K 104 -45.85 -11.36 22.44
C GLY K 104 -46.72 -10.25 22.97
N GLN K 105 -47.69 -10.59 23.82
CA GLN K 105 -48.57 -9.59 24.38
C GLN K 105 -47.83 -8.84 25.48
N PRO K 106 -47.95 -7.50 25.49
CA PRO K 106 -47.34 -6.57 26.45
C PRO K 106 -47.85 -6.69 27.88
N ARG K 107 -46.95 -6.98 28.81
CA ARG K 107 -47.33 -7.12 30.21
C ARG K 107 -46.82 -5.90 30.97
N GLU K 108 -47.66 -5.36 31.84
CA GLU K 108 -47.28 -4.19 32.62
C GLU K 108 -46.20 -4.50 33.63
N PRO K 109 -45.17 -3.64 33.71
CA PRO K 109 -44.09 -3.87 34.68
C PRO K 109 -44.50 -3.45 36.10
N GLN K 110 -44.14 -4.26 37.09
CA GLN K 110 -44.44 -3.93 38.48
C GLN K 110 -43.16 -3.31 39.03
N VAL K 111 -43.25 -2.07 39.50
CA VAL K 111 -42.08 -1.36 40.03
C VAL K 111 -42.15 -1.16 41.55
N TYR K 112 -41.20 -1.76 42.26
CA TYR K 112 -41.13 -1.65 43.72
C TYR K 112 -39.80 -1.03 44.18
N THR K 113 -39.84 -0.24 45.24
CA THR K 113 -38.62 0.37 45.77
C THR K 113 -38.18 -0.45 46.98
N LEU K 114 -36.87 -0.63 47.12
CA LEU K 114 -36.32 -1.40 48.21
C LEU K 114 -35.20 -0.65 48.93
N PRO K 115 -35.42 -0.31 50.21
CA PRO K 115 -34.42 0.41 51.02
C PRO K 115 -33.24 -0.51 51.36
N PRO K 116 -32.09 0.07 51.73
CA PRO K 116 -30.90 -0.72 52.08
C PRO K 116 -31.06 -1.66 53.29
N SER K 117 -30.18 -2.65 53.34
CA SER K 117 -30.14 -3.64 54.41
C SER K 117 -29.49 -3.02 55.64
N ARG K 118 -30.03 -3.32 56.82
CA ARG K 118 -29.49 -2.77 58.06
C ARG K 118 -27.97 -2.96 58.13
N GLU K 119 -27.51 -4.10 57.64
CA GLU K 119 -26.09 -4.42 57.66
C GLU K 119 -25.24 -3.67 56.66
N GLU K 120 -25.84 -2.77 55.88
CA GLU K 120 -25.07 -2.00 54.91
C GLU K 120 -24.94 -0.56 55.34
N MET K 121 -25.91 -0.09 56.13
CA MET K 121 -25.90 1.28 56.61
C MET K 121 -24.79 1.53 57.62
N THR K 122 -23.76 0.69 57.57
CA THR K 122 -22.60 0.79 58.44
C THR K 122 -21.41 1.17 57.56
N LYS K 123 -21.74 1.51 56.31
CA LYS K 123 -20.77 1.91 55.31
C LYS K 123 -21.10 3.33 54.90
N ASN K 124 -20.13 4.04 54.32
CA ASN K 124 -20.35 5.43 53.90
C ASN K 124 -21.37 5.61 52.80
N GLN K 125 -21.67 4.54 52.08
CA GLN K 125 -22.65 4.58 51.00
C GLN K 125 -23.53 3.35 51.00
N VAL K 126 -24.81 3.56 50.73
CA VAL K 126 -25.81 2.48 50.71
C VAL K 126 -26.38 2.22 49.32
N SER K 127 -27.26 1.24 49.24
CA SER K 127 -27.89 0.86 47.98
C SER K 127 -29.40 0.98 48.02
N LEU K 128 -29.96 1.80 47.14
CA LEU K 128 -31.40 1.96 47.05
C LEU K 128 -31.81 1.13 45.82
N THR K 129 -32.58 0.07 46.04
CA THR K 129 -32.98 -0.80 44.95
C THR K 129 -34.37 -0.53 44.40
N CYS K 130 -34.52 -0.73 43.09
CA CYS K 130 -35.79 -0.55 42.38
C CYS K 130 -36.03 -1.82 41.56
N LEU K 131 -37.01 -2.61 41.98
CA LEU K 131 -37.33 -3.85 41.32
C LEU K 131 -38.41 -3.61 40.28
N VAL K 132 -38.18 -4.13 39.08
CA VAL K 132 -39.13 -3.99 37.98
C VAL K 132 -39.34 -5.39 37.43
N LYS K 133 -40.52 -5.96 37.66
CA LYS K 133 -40.76 -7.33 37.21
C LYS K 133 -42.04 -7.50 36.40
N GLY K 134 -42.17 -8.70 35.82
CA GLY K 134 -43.34 -9.03 35.03
C GLY K 134 -43.63 -8.16 33.81
N PHE K 135 -42.61 -7.61 33.17
CA PHE K 135 -42.87 -6.79 31.98
C PHE K 135 -42.50 -7.56 30.72
N TYR K 136 -43.02 -7.11 29.58
CA TYR K 136 -42.79 -7.71 28.28
C TYR K 136 -43.31 -6.71 27.24
N PRO K 137 -42.56 -6.48 26.14
CA PRO K 137 -41.27 -7.10 25.86
C PRO K 137 -40.22 -6.51 26.80
N SER K 138 -38.96 -6.90 26.56
CA SER K 138 -37.84 -6.48 27.38
C SER K 138 -37.47 -5.02 27.20
N ASP K 139 -37.90 -4.42 26.09
CA ASP K 139 -37.61 -3.01 25.84
C ASP K 139 -38.06 -2.23 27.03
N ILE K 140 -37.18 -1.45 27.63
CA ILE K 140 -37.56 -0.71 28.82
C ILE K 140 -36.50 0.31 29.21
N ALA K 141 -36.87 1.30 30.00
CA ALA K 141 -35.91 2.31 30.44
C ALA K 141 -36.10 2.68 31.93
N VAL K 142 -35.00 2.73 32.67
CA VAL K 142 -35.03 3.05 34.12
C VAL K 142 -34.16 4.25 34.49
N GLU K 143 -34.64 5.09 35.39
CA GLU K 143 -33.85 6.25 35.81
C GLU K 143 -34.08 6.62 37.26
N TRP K 144 -33.17 7.40 37.82
CA TRP K 144 -33.29 7.83 39.21
C TRP K 144 -33.27 9.34 39.33
N GLU K 145 -33.97 9.85 40.34
CA GLU K 145 -34.04 11.27 40.63
C GLU K 145 -34.34 11.41 42.13
N SER K 146 -33.70 12.37 42.78
CA SER K 146 -33.87 12.62 44.21
C SER K 146 -34.70 13.88 44.40
N ASN K 147 -34.27 14.94 43.73
CA ASN K 147 -34.96 16.21 43.76
C ASN K 147 -35.14 16.52 42.28
N GLY K 148 -35.49 17.75 41.95
CA GLY K 148 -35.66 18.09 40.54
C GLY K 148 -34.40 17.91 39.72
N GLN K 149 -33.81 16.71 39.78
CA GLN K 149 -32.59 16.42 39.03
C GLN K 149 -32.22 14.94 39.08
N PRO K 150 -31.48 14.47 38.06
CA PRO K 150 -31.04 13.06 37.97
C PRO K 150 -29.90 12.67 38.90
N GLU K 151 -29.96 11.44 39.39
CA GLU K 151 -28.91 10.87 40.24
C GLU K 151 -28.08 10.11 39.21
N ASN K 152 -26.78 10.37 39.18
CA ASN K 152 -25.96 9.72 38.17
C ASN K 152 -25.06 8.57 38.61
N ASN K 153 -25.21 8.12 39.85
CA ASN K 153 -24.40 7.01 40.33
C ASN K 153 -25.29 5.80 40.56
N TYR K 154 -25.80 5.23 39.46
CA TYR K 154 -26.66 4.05 39.54
C TYR K 154 -26.39 3.13 38.37
N LYS K 155 -26.80 1.87 38.51
CA LYS K 155 -26.60 0.88 37.48
C LYS K 155 -27.84 0.00 37.37
N THR K 156 -28.16 -0.39 36.14
CA THR K 156 -29.29 -1.26 35.93
C THR K 156 -28.75 -2.55 35.33
N THR K 157 -29.27 -3.66 35.83
CA THR K 157 -28.85 -4.97 35.34
C THR K 157 -29.58 -5.10 34.01
N PRO K 158 -29.15 -6.03 33.17
CA PRO K 158 -29.90 -6.13 31.92
C PRO K 158 -31.20 -6.90 32.21
N PRO K 159 -32.18 -6.86 31.30
CA PRO K 159 -33.38 -7.64 31.66
C PRO K 159 -33.11 -9.15 31.75
N VAL K 160 -33.90 -9.84 32.55
CA VAL K 160 -33.73 -11.27 32.75
C VAL K 160 -35.07 -11.98 32.57
N LEU K 161 -35.05 -13.07 31.82
CA LEU K 161 -36.24 -13.85 31.52
C LEU K 161 -36.70 -14.63 32.74
N ASP K 162 -37.84 -14.25 33.30
CA ASP K 162 -38.37 -14.91 34.47
C ASP K 162 -39.06 -16.23 34.08
N SER K 163 -39.51 -16.99 35.08
CA SER K 163 -40.19 -18.27 34.80
C SER K 163 -41.52 -17.98 34.11
N ASP K 164 -42.01 -16.76 34.31
CA ASP K 164 -43.23 -16.22 33.73
C ASP K 164 -43.10 -16.12 32.21
N GLY K 165 -41.91 -15.73 31.77
CA GLY K 165 -41.70 -15.52 30.35
C GLY K 165 -41.74 -14.00 30.19
N SER K 166 -42.02 -13.33 31.32
CA SER K 166 -42.06 -11.88 31.38
C SER K 166 -40.64 -11.51 31.74
N PHE K 167 -40.34 -10.22 31.82
CA PHE K 167 -38.99 -9.81 32.14
C PHE K 167 -38.86 -9.05 33.45
N PHE K 168 -37.68 -9.16 34.08
CA PHE K 168 -37.41 -8.46 35.32
C PHE K 168 -35.96 -7.97 35.38
N LEU K 169 -35.75 -6.90 36.11
CA LEU K 169 -34.42 -6.33 36.27
C LEU K 169 -34.33 -5.53 37.57
N TYR K 170 -33.13 -5.13 37.91
CA TYR K 170 -32.90 -4.31 39.10
C TYR K 170 -31.96 -3.17 38.76
N SER K 171 -32.30 -1.99 39.27
CA SER K 171 -31.49 -0.82 39.10
C SER K 171 -31.01 -0.50 40.53
N LYS K 172 -29.72 -0.24 40.68
CA LYS K 172 -29.15 0.04 41.99
C LYS K 172 -28.57 1.43 42.03
N LEU K 173 -29.18 2.28 42.85
CA LEU K 173 -28.71 3.66 43.00
C LEU K 173 -27.85 3.69 44.25
N THR K 174 -26.69 4.32 44.12
CA THR K 174 -25.75 4.42 45.22
C THR K 174 -25.71 5.83 45.78
N VAL K 175 -26.11 5.97 47.04
CA VAL K 175 -26.13 7.28 47.69
C VAL K 175 -25.25 7.35 48.93
N ASP K 176 -24.67 8.52 49.16
CA ASP K 176 -23.84 8.74 50.34
C ASP K 176 -24.74 8.47 51.54
N LYS K 177 -24.38 7.48 52.34
CA LYS K 177 -25.13 7.10 53.53
C LYS K 177 -25.61 8.31 54.31
N SER K 178 -24.84 9.40 54.26
CA SER K 178 -25.20 10.62 54.96
C SER K 178 -26.51 11.21 54.42
N ARG K 179 -26.69 11.16 53.10
CA ARG K 179 -27.90 11.70 52.46
C ARG K 179 -29.15 10.90 52.81
N TRP K 180 -29.12 9.60 52.52
CA TRP K 180 -30.25 8.73 52.82
C TRP K 180 -30.80 8.97 54.22
N GLN K 181 -29.91 9.29 55.16
CA GLN K 181 -30.32 9.54 56.54
C GLN K 181 -30.96 10.91 56.75
N GLN K 182 -30.54 11.90 55.96
CA GLN K 182 -31.10 13.25 56.06
C GLN K 182 -32.59 13.25 55.66
N GLY K 183 -33.15 12.05 55.51
CA GLY K 183 -34.55 11.90 55.15
C GLY K 183 -34.88 12.13 53.68
N ASN K 184 -33.85 12.26 52.84
CA ASN K 184 -34.04 12.48 51.42
C ASN K 184 -34.94 11.43 50.78
N VAL K 185 -35.66 11.83 49.75
CA VAL K 185 -36.54 10.94 49.03
C VAL K 185 -36.07 10.74 47.60
N PHE K 186 -36.01 9.49 47.17
CA PHE K 186 -35.59 9.21 45.81
C PHE K 186 -36.72 8.53 45.07
N SER K 187 -36.54 8.36 43.77
CA SER K 187 -37.55 7.72 42.96
C SER K 187 -36.98 7.23 41.65
N CYS K 188 -37.42 6.05 41.23
CA CYS K 188 -36.98 5.53 39.95
C CYS K 188 -38.13 5.62 38.97
N SER K 189 -37.83 6.11 37.79
CA SER K 189 -38.83 6.22 36.77
C SER K 189 -38.63 5.07 35.79
N VAL K 190 -39.70 4.35 35.52
CA VAL K 190 -39.66 3.23 34.58
C VAL K 190 -40.54 3.60 33.39
N MET K 191 -40.00 3.41 32.18
CA MET K 191 -40.75 3.71 30.96
C MET K 191 -40.97 2.43 30.18
N HIS K 192 -42.23 2.09 29.95
CA HIS K 192 -42.58 0.89 29.22
C HIS K 192 -43.86 1.05 28.40
N GLU K 193 -43.97 0.24 27.35
CA GLU K 193 -45.12 0.22 26.47
C GLU K 193 -46.41 -0.04 27.28
N ALA K 194 -46.32 -0.91 28.27
CA ALA K 194 -47.48 -1.28 29.09
C ALA K 194 -47.81 -0.39 30.29
N LEU K 195 -47.10 0.72 30.47
CA LEU K 195 -47.38 1.64 31.57
C LEU K 195 -48.24 2.78 31.03
N HIS K 196 -49.24 3.20 31.79
CA HIS K 196 -50.19 4.26 31.43
C HIS K 196 -49.71 5.20 30.32
N ASN K 197 -48.94 6.22 30.66
CA ASN K 197 -48.44 7.08 29.59
C ASN K 197 -47.02 6.65 29.32
N HIS K 198 -46.82 5.34 29.25
CA HIS K 198 -45.50 4.77 29.01
C HIS K 198 -44.59 5.21 30.14
N TYR K 199 -45.16 5.32 31.34
CA TYR K 199 -44.37 5.78 32.48
C TYR K 199 -45.06 5.69 33.84
N THR K 200 -44.34 5.14 34.81
CA THR K 200 -44.85 5.04 36.15
C THR K 200 -43.72 5.56 37.03
N GLN K 201 -43.92 5.58 38.34
CA GLN K 201 -42.86 6.10 39.21
C GLN K 201 -43.07 5.65 40.65
N LYS K 202 -41.97 5.38 41.34
CA LYS K 202 -42.04 4.94 42.74
C LYS K 202 -41.05 5.67 43.62
N SER K 203 -41.51 6.06 44.81
CA SER K 203 -40.69 6.79 45.77
C SER K 203 -40.10 5.87 46.83
N LEU K 204 -39.03 6.36 47.47
CA LEU K 204 -38.33 5.60 48.51
C LEU K 204 -37.69 6.60 49.49
N SER K 205 -37.98 6.44 50.78
CA SER K 205 -37.46 7.33 51.82
C SER K 205 -37.06 6.59 53.09
N LEU K 206 -36.54 7.35 54.04
CA LEU K 206 -36.12 6.84 55.33
C LEU K 206 -37.08 7.40 56.38
N SER K 207 -38.16 6.69 56.67
CA SER K 207 -39.13 7.16 57.65
C SER K 207 -39.27 6.21 58.83
CA PRO L 1 -13.33 -24.04 10.28
C PRO L 1 -13.62 -22.73 11.01
N SER L 2 -14.06 -22.85 12.26
CA SER L 2 -14.40 -21.70 13.10
C SER L 2 -14.26 -22.12 14.56
N VAL L 3 -13.22 -21.62 15.24
CA VAL L 3 -12.94 -21.99 16.64
C VAL L 3 -13.36 -21.00 17.74
N PHE L 4 -13.85 -21.55 18.85
CA PHE L 4 -14.28 -20.75 20.00
C PHE L 4 -13.91 -21.40 21.34
N LEU L 5 -13.05 -20.75 22.11
CA LEU L 5 -12.66 -21.28 23.43
C LEU L 5 -13.67 -20.82 24.49
N PHE L 6 -13.86 -21.66 25.49
CA PHE L 6 -14.78 -21.35 26.58
C PHE L 6 -14.08 -21.59 27.91
N PRO L 7 -14.31 -20.71 28.89
CA PRO L 7 -13.70 -20.86 30.21
C PRO L 7 -14.55 -21.81 31.04
N PRO L 8 -14.00 -22.32 32.14
CA PRO L 8 -14.81 -23.23 32.95
C PRO L 8 -15.90 -22.49 33.72
N LYS L 9 -16.89 -23.24 34.20
CA LYS L 9 -17.99 -22.69 34.98
C LYS L 9 -17.40 -22.27 36.33
N PRO L 10 -17.69 -21.04 36.79
CA PRO L 10 -17.20 -20.51 38.05
C PRO L 10 -17.26 -21.50 39.20
N LYS L 11 -18.43 -22.08 39.43
CA LYS L 11 -18.59 -23.03 40.51
C LYS L 11 -17.60 -24.19 40.46
N ASP L 12 -17.20 -24.63 39.26
CA ASP L 12 -16.25 -25.76 39.15
C ASP L 12 -14.84 -25.52 39.65
N THR L 13 -14.34 -24.30 39.54
CA THR L 13 -12.97 -24.04 39.95
C THR L 13 -12.86 -23.70 41.43
N LEU L 14 -13.99 -23.39 42.05
CA LEU L 14 -13.99 -23.00 43.44
C LEU L 14 -14.12 -24.16 44.45
N MET L 15 -14.50 -25.34 43.98
CA MET L 15 -14.67 -26.53 44.81
C MET L 15 -13.94 -27.72 44.21
N ILE L 16 -13.01 -28.32 44.94
CA ILE L 16 -12.29 -29.48 44.41
C ILE L 16 -13.23 -30.65 44.07
N SER L 17 -14.41 -30.66 44.69
CA SER L 17 -15.41 -31.68 44.45
C SER L 17 -15.74 -31.77 42.95
N ARG L 18 -15.74 -30.62 42.28
CA ARG L 18 -16.04 -30.61 40.85
C ARG L 18 -14.79 -30.43 40.02
N THR L 19 -14.89 -30.79 38.75
CA THR L 19 -13.76 -30.69 37.85
C THR L 19 -13.91 -29.63 36.78
N PRO L 20 -13.12 -28.55 36.85
CA PRO L 20 -13.14 -27.46 35.88
C PRO L 20 -12.66 -27.93 34.52
N GLU L 21 -13.04 -27.23 33.46
CA GLU L 21 -12.63 -27.64 32.14
C GLU L 21 -12.71 -26.55 31.07
N VAL L 22 -11.63 -26.41 30.30
CA VAL L 22 -11.57 -25.45 29.20
C VAL L 22 -12.14 -26.16 27.99
N THR L 23 -13.29 -25.73 27.51
CA THR L 23 -13.92 -26.37 26.36
C THR L 23 -13.73 -25.66 25.02
N CYS L 24 -12.96 -26.29 24.13
CA CYS L 24 -12.66 -25.76 22.79
C CYS L 24 -13.71 -26.25 21.77
N VAL L 25 -14.54 -25.33 21.26
CA VAL L 25 -15.57 -25.71 20.28
C VAL L 25 -15.29 -25.20 18.87
N VAL L 26 -15.28 -26.09 17.90
CA VAL L 26 -15.03 -25.77 16.48
C VAL L 26 -16.30 -26.02 15.66
N VAL L 27 -16.81 -24.99 15.00
CA VAL L 27 -18.03 -25.20 14.21
C VAL L 27 -17.82 -25.23 12.70
N ASP L 28 -18.89 -25.57 11.99
CA ASP L 28 -18.89 -25.63 10.54
C ASP L 28 -17.76 -26.39 9.87
N VAL L 29 -17.54 -27.64 10.28
CA VAL L 29 -16.52 -28.46 9.65
C VAL L 29 -17.25 -29.26 8.57
N SER L 30 -16.69 -29.29 7.37
CA SER L 30 -17.32 -29.98 6.24
C SER L 30 -17.30 -31.50 6.26
N HIS L 31 -18.22 -32.08 5.50
CA HIS L 31 -18.32 -33.53 5.38
C HIS L 31 -17.04 -34.03 4.71
N GLU L 32 -16.68 -33.39 3.61
CA GLU L 32 -15.49 -33.79 2.86
C GLU L 32 -14.20 -33.30 3.52
N ASP L 33 -14.32 -32.58 4.62
CA ASP L 33 -13.13 -32.07 5.28
C ASP L 33 -13.14 -32.27 6.79
N PRO L 34 -13.44 -33.51 7.24
CA PRO L 34 -13.47 -33.82 8.67
C PRO L 34 -12.05 -33.96 9.19
N GLN L 35 -11.81 -35.04 9.91
CA GLN L 35 -10.49 -35.30 10.47
C GLN L 35 -10.00 -34.04 11.19
N VAL L 36 -10.60 -33.78 12.35
CA VAL L 36 -10.24 -32.62 13.16
C VAL L 36 -9.26 -33.02 14.25
N LYS L 37 -8.14 -32.31 14.31
CA LYS L 37 -7.09 -32.57 15.30
C LYS L 37 -7.06 -31.45 16.35
N PHE L 38 -6.46 -31.74 17.51
CA PHE L 38 -6.34 -30.75 18.59
C PHE L 38 -4.95 -30.78 19.21
N ASN L 39 -4.68 -29.78 20.05
CA ASN L 39 -3.39 -29.64 20.74
C ASN L 39 -3.55 -28.60 21.85
N TRP L 40 -3.34 -28.99 23.10
CA TRP L 40 -3.50 -28.05 24.21
C TRP L 40 -2.17 -27.65 24.84
N TYR L 41 -2.04 -26.35 25.12
CA TYR L 41 -0.82 -25.80 25.72
C TYR L 41 -1.15 -24.93 26.94
N VAL L 42 -0.55 -25.27 28.07
CA VAL L 42 -0.75 -24.51 29.30
C VAL L 42 0.53 -23.77 29.63
N ASP L 43 0.58 -22.49 29.31
CA ASP L 43 1.78 -21.68 29.58
C ASP L 43 2.94 -22.19 28.74
N GLY L 44 2.67 -22.48 27.48
CA GLY L 44 3.70 -22.97 26.58
C GLY L 44 3.80 -24.48 26.53
N VAL L 45 4.18 -25.09 27.65
CA VAL L 45 4.34 -26.54 27.74
C VAL L 45 3.20 -27.33 27.13
N GLN L 46 3.45 -28.63 26.94
CA GLN L 46 2.48 -29.55 26.36
C GLN L 46 2.08 -29.22 24.94
N VAL L 47 2.68 -29.97 24.01
CA VAL L 47 2.40 -29.84 22.58
C VAL L 47 1.80 -31.17 22.17
N HIS L 48 2.20 -32.21 22.89
CA HIS L 48 1.74 -33.57 22.66
C HIS L 48 0.53 -33.83 23.57
N ASN L 49 -0.39 -34.68 23.12
CA ASN L 49 -1.61 -34.99 23.87
C ASN L 49 -1.50 -34.92 25.39
N ALA L 50 -2.19 -33.95 25.98
CA ALA L 50 -2.22 -33.78 27.42
C ALA L 50 -3.35 -34.66 27.91
N LYS L 51 -4.13 -34.18 28.89
CA LYS L 51 -5.25 -34.97 29.41
C LYS L 51 -6.56 -34.51 28.77
N THR L 52 -6.63 -34.60 27.45
CA THR L 52 -7.81 -34.17 26.72
C THR L 52 -8.78 -35.30 26.38
N LYS L 53 -9.85 -34.97 25.66
CA LYS L 53 -10.88 -35.95 25.29
C LYS L 53 -12.00 -35.28 24.47
N PRO L 54 -11.93 -35.39 23.13
CA PRO L 54 -12.93 -34.79 22.25
C PRO L 54 -13.74 -35.76 21.38
N ARG L 55 -15.03 -35.49 21.20
CA ARG L 55 -15.89 -36.32 20.34
C ARG L 55 -17.36 -35.91 20.25
N GLU L 56 -17.97 -36.33 19.14
CA GLU L 56 -19.38 -36.08 18.77
C GLU L 56 -19.57 -34.88 17.83
N GLN L 57 -20.43 -35.06 16.83
CA GLN L 57 -20.70 -34.01 15.84
C GLN L 57 -22.16 -33.99 15.37
N GLN L 58 -22.34 -33.82 14.06
CA GLN L 58 -23.66 -33.78 13.43
C GLN L 58 -24.36 -32.46 13.79
N TYR L 59 -24.80 -31.71 12.76
CA TYR L 59 -25.45 -30.42 12.99
C TYR L 59 -26.58 -30.03 12.04
N ASN L 60 -26.43 -28.86 11.43
CA ASN L 60 -27.41 -28.31 10.49
C ASN L 60 -27.03 -28.70 9.06
N SER L 61 -25.81 -29.22 8.91
CA SER L 61 -25.25 -29.66 7.64
C SER L 61 -23.73 -29.64 7.79
N THR L 62 -23.27 -29.28 8.99
CA THR L 62 -21.84 -29.20 9.31
C THR L 62 -21.41 -30.16 10.41
N TYR L 63 -20.29 -29.83 11.05
CA TYR L 63 -19.72 -30.63 12.13
C TYR L 63 -19.77 -29.86 13.45
N ARG L 64 -18.67 -29.99 14.19
CA ARG L 64 -18.43 -29.37 15.49
C ARG L 64 -17.70 -30.37 16.38
N VAL L 65 -16.39 -30.41 16.23
CA VAL L 65 -15.55 -31.30 17.02
C VAL L 65 -15.12 -30.61 18.31
N VAL L 66 -15.95 -30.73 19.33
CA VAL L 66 -15.69 -30.12 20.64
C VAL L 66 -14.69 -30.91 21.49
N SER L 67 -13.54 -30.30 21.80
CA SER L 67 -12.54 -30.95 22.64
C SER L 67 -12.76 -30.44 24.07
N VAL L 68 -12.29 -31.21 25.06
CA VAL L 68 -12.45 -30.84 26.46
C VAL L 68 -11.22 -31.16 27.27
N LEU L 69 -10.77 -30.18 28.06
CA LEU L 69 -9.58 -30.36 28.88
C LEU L 69 -9.87 -30.20 30.38
N THR L 70 -9.32 -31.11 31.18
CA THR L 70 -9.51 -31.06 32.63
C THR L 70 -8.60 -30.01 33.22
N VAL L 71 -9.17 -29.10 34.00
CA VAL L 71 -8.39 -28.02 34.60
C VAL L 71 -8.12 -28.24 36.08
N LEU L 72 -6.99 -27.71 36.52
CA LEU L 72 -6.60 -27.77 37.93
C LEU L 72 -7.03 -26.45 38.57
N HIS L 73 -8.01 -26.50 39.46
CA HIS L 73 -8.52 -25.32 40.14
C HIS L 73 -7.41 -24.29 40.41
N GLN L 74 -6.29 -24.75 40.95
CA GLN L 74 -5.15 -23.89 41.26
C GLN L 74 -4.60 -23.27 39.98
N ASN L 75 -4.29 -24.12 39.01
CA ASN L 75 -3.77 -23.68 37.73
C ASN L 75 -4.59 -22.52 37.16
N TRP L 76 -5.90 -22.74 37.02
CA TRP L 76 -6.79 -21.72 36.51
C TRP L 76 -6.80 -20.48 37.40
N LEU L 77 -7.07 -20.67 38.69
CA LEU L 77 -7.12 -19.53 39.61
C LEU L 77 -5.83 -18.70 39.61
N ASP L 78 -4.69 -19.35 39.43
CA ASP L 78 -3.43 -18.63 39.42
C ASP L 78 -3.22 -17.90 38.09
N GLY L 79 -4.08 -18.18 37.12
CA GLY L 79 -3.99 -17.50 35.84
C GLY L 79 -3.18 -18.14 34.72
N LYS L 80 -2.97 -19.44 34.75
CA LYS L 80 -2.22 -20.07 33.66
C LYS L 80 -2.99 -19.88 32.36
N GLU L 81 -2.25 -19.71 31.27
CA GLU L 81 -2.85 -19.49 29.95
C GLU L 81 -3.10 -20.79 29.18
N TYR L 82 -4.38 -21.05 28.89
CA TYR L 82 -4.77 -22.26 28.17
C TYR L 82 -4.92 -22.00 26.68
N LYS L 83 -4.14 -22.72 25.88
CA LYS L 83 -4.13 -22.53 24.44
C LYS L 83 -4.61 -23.72 23.60
N CYS L 84 -5.74 -23.56 22.93
CA CYS L 84 -6.29 -24.62 22.07
C CYS L 84 -5.76 -24.35 20.66
N LYS L 85 -5.08 -25.34 20.08
CA LYS L 85 -4.50 -25.21 18.74
C LYS L 85 -5.12 -26.21 17.76
N VAL L 86 -6.17 -25.78 17.07
CA VAL L 86 -6.84 -26.63 16.09
C VAL L 86 -6.06 -26.75 14.78
N SER L 87 -6.33 -27.82 14.02
CA SER L 87 -5.66 -28.06 12.73
C SER L 87 -6.59 -28.78 11.76
N ASN L 88 -6.88 -28.15 10.63
CA ASN L 88 -7.77 -28.73 9.61
C ASN L 88 -7.27 -28.55 8.17
N LYS L 89 -7.60 -29.53 7.33
CA LYS L 89 -7.20 -29.51 5.92
C LYS L 89 -7.88 -28.34 5.21
N ALA L 90 -9.21 -28.30 5.33
CA ALA L 90 -10.03 -27.26 4.71
C ALA L 90 -9.84 -25.91 5.40
N LEU L 91 -8.71 -25.77 6.09
CA LEU L 91 -8.39 -24.53 6.80
C LEU L 91 -7.07 -23.99 6.29
N PRO L 92 -7.07 -22.72 5.83
CA PRO L 92 -5.89 -22.04 5.30
C PRO L 92 -4.62 -22.20 6.16
N ALA L 93 -4.78 -21.99 7.47
CA ALA L 93 -3.67 -22.12 8.40
C ALA L 93 -4.14 -22.66 9.76
N PRO L 94 -3.20 -22.91 10.68
CA PRO L 94 -3.60 -23.42 11.98
C PRO L 94 -4.18 -22.34 12.89
N ILE L 95 -5.51 -22.36 13.07
CA ILE L 95 -6.17 -21.38 13.93
C ILE L 95 -5.74 -21.58 15.38
N GLU L 96 -6.01 -20.57 16.21
CA GLU L 96 -5.66 -20.62 17.62
C GLU L 96 -6.61 -19.78 18.43
N LYS L 97 -6.62 -20.00 19.73
CA LYS L 97 -7.44 -19.27 20.68
C LYS L 97 -6.83 -19.55 22.05
N THR L 98 -6.62 -18.51 22.83
CA THR L 98 -6.07 -18.66 24.17
C THR L 98 -7.06 -18.08 25.17
N ILE L 99 -6.72 -18.16 26.45
CA ILE L 99 -7.60 -17.64 27.48
C ILE L 99 -7.06 -17.96 28.85
N SER L 100 -7.24 -17.04 29.77
CA SER L 100 -6.81 -17.19 31.16
C SER L 100 -7.89 -16.47 31.92
N LYS L 101 -7.92 -16.57 33.23
CA LYS L 101 -8.98 -15.89 33.96
C LYS L 101 -8.70 -14.39 33.92
N ALA L 102 -9.74 -13.60 34.10
CA ALA L 102 -9.64 -12.15 34.11
C ALA L 102 -8.53 -11.77 35.11
N LYS L 103 -7.60 -10.92 34.67
CA LYS L 103 -6.50 -10.53 35.53
C LYS L 103 -6.89 -9.38 36.46
N GLY L 104 -6.19 -9.27 37.59
CA GLY L 104 -6.51 -8.21 38.52
C GLY L 104 -6.72 -8.70 39.93
N GLN L 105 -6.32 -7.87 40.90
CA GLN L 105 -6.45 -8.21 42.29
C GLN L 105 -7.88 -8.65 42.55
N PRO L 106 -8.05 -9.85 43.14
CA PRO L 106 -9.42 -10.29 43.40
C PRO L 106 -10.04 -9.46 44.51
N ARG L 107 -11.36 -9.33 44.49
CA ARG L 107 -12.04 -8.56 45.51
C ARG L 107 -13.25 -9.30 46.06
N GLU L 108 -13.21 -9.60 47.35
CA GLU L 108 -14.29 -10.29 48.03
C GLU L 108 -15.60 -9.55 47.85
N PRO L 109 -16.67 -10.29 47.56
CA PRO L 109 -18.01 -9.73 47.37
C PRO L 109 -18.77 -9.45 48.66
N GLN L 110 -19.63 -8.44 48.62
CA GLN L 110 -20.47 -8.11 49.76
C GLN L 110 -21.82 -8.71 49.39
N VAL L 111 -22.42 -9.41 50.34
CA VAL L 111 -23.70 -10.04 50.11
C VAL L 111 -24.72 -9.44 51.08
N TYR L 112 -25.82 -8.94 50.55
CA TYR L 112 -26.91 -8.35 51.35
C TYR L 112 -28.22 -8.96 50.87
N THR L 113 -29.09 -9.32 51.80
CA THR L 113 -30.38 -9.89 51.43
C THR L 113 -31.44 -8.84 51.69
N LEU L 114 -32.48 -8.81 50.86
CA LEU L 114 -33.53 -7.81 51.01
C LEU L 114 -34.93 -8.45 51.07
N PRO L 115 -35.82 -7.92 51.93
CA PRO L 115 -37.19 -8.44 52.06
C PRO L 115 -38.00 -8.05 50.83
N PRO L 116 -39.16 -8.70 50.62
CA PRO L 116 -39.93 -8.31 49.43
C PRO L 116 -40.46 -6.93 49.76
N SER L 117 -40.87 -6.15 48.77
CA SER L 117 -41.40 -4.82 49.04
C SER L 117 -42.77 -4.93 49.65
N ARG L 118 -43.12 -3.91 50.45
CA ARG L 118 -44.42 -3.87 51.10
C ARG L 118 -45.46 -3.96 50.00
N GLU L 119 -45.21 -3.22 48.92
CA GLU L 119 -46.09 -3.18 47.79
C GLU L 119 -46.30 -4.52 47.08
N GLU L 120 -45.30 -5.40 47.16
CA GLU L 120 -45.41 -6.70 46.53
C GLU L 120 -46.20 -7.67 47.40
N MET L 121 -46.46 -7.27 48.64
CA MET L 121 -47.20 -8.11 49.57
C MET L 121 -48.68 -8.19 49.20
N THR L 122 -48.99 -7.91 47.95
CA THR L 122 -50.37 -7.96 47.50
C THR L 122 -50.55 -9.08 46.47
N LYS L 123 -49.48 -9.83 46.22
CA LYS L 123 -49.55 -10.92 45.25
C LYS L 123 -49.40 -12.28 45.93
N ASN L 124 -49.81 -13.34 45.22
CA ASN L 124 -49.73 -14.69 45.75
C ASN L 124 -48.28 -15.18 45.80
N GLN L 125 -47.35 -14.33 45.40
CA GLN L 125 -45.94 -14.70 45.42
C GLN L 125 -45.07 -13.48 45.64
N VAL L 126 -43.96 -13.69 46.34
CA VAL L 126 -43.06 -12.60 46.69
C VAL L 126 -41.64 -12.79 46.16
N SER L 127 -40.86 -11.72 46.23
CA SER L 127 -39.50 -11.72 45.74
C SER L 127 -38.41 -11.53 46.78
N LEU L 128 -37.64 -12.59 47.03
CA LEU L 128 -36.55 -12.51 47.98
C LEU L 128 -35.35 -12.07 47.13
N THR L 129 -34.72 -10.99 47.54
CA THR L 129 -33.61 -10.43 46.80
C THR L 129 -32.27 -10.57 47.46
N CYS L 130 -31.26 -10.83 46.63
CA CYS L 130 -29.90 -10.96 47.10
C CYS L 130 -29.02 -10.07 46.26
N LEU L 131 -28.37 -9.13 46.94
CA LEU L 131 -27.46 -8.21 46.27
C LEU L 131 -26.05 -8.70 46.49
N VAL L 132 -25.22 -8.57 45.47
CA VAL L 132 -23.83 -8.98 45.55
C VAL L 132 -23.01 -7.96 44.78
N LYS L 133 -22.12 -7.27 45.46
CA LYS L 133 -21.29 -6.27 44.81
C LYS L 133 -19.86 -6.25 45.32
N GLY L 134 -19.01 -5.45 44.68
CA GLY L 134 -17.63 -5.36 45.09
C GLY L 134 -16.76 -6.56 44.72
N PHE L 135 -17.24 -7.45 43.87
CA PHE L 135 -16.38 -8.58 43.53
C PHE L 135 -15.67 -8.51 42.19
N TYR L 136 -14.49 -9.11 42.17
CA TYR L 136 -13.66 -9.18 41.00
C TYR L 136 -12.82 -10.47 41.14
N PRO L 137 -12.66 -11.24 40.06
CA PRO L 137 -13.22 -11.01 38.73
C PRO L 137 -14.71 -11.29 38.77
N SER L 138 -15.36 -11.37 37.61
CA SER L 138 -16.81 -11.57 37.56
C SER L 138 -17.32 -12.99 37.76
N ASP L 139 -16.42 -13.98 37.68
CA ASP L 139 -16.81 -15.38 37.86
C ASP L 139 -17.45 -15.52 39.23
N ILE L 140 -18.68 -16.03 39.26
CA ILE L 140 -19.38 -16.14 40.52
C ILE L 140 -20.57 -17.09 40.40
N ALA L 141 -20.87 -17.79 41.49
CA ALA L 141 -21.97 -18.74 41.55
C ALA L 141 -22.92 -18.37 42.72
N VAL L 142 -24.21 -18.20 42.43
CA VAL L 142 -25.18 -17.82 43.46
C VAL L 142 -26.34 -18.83 43.59
N GLU L 143 -26.61 -19.31 44.80
CA GLU L 143 -27.70 -20.28 45.02
C GLU L 143 -28.56 -19.96 46.26
N TRP L 144 -29.76 -20.53 46.33
CA TRP L 144 -30.66 -20.31 47.47
C TRP L 144 -31.01 -21.58 48.23
N GLU L 145 -31.30 -21.44 49.51
CA GLU L 145 -31.69 -22.60 50.31
C GLU L 145 -32.71 -22.26 51.37
N SER L 146 -33.35 -23.30 51.87
CA SER L 146 -34.35 -23.19 52.92
C SER L 146 -34.06 -24.37 53.84
N ASN L 147 -33.84 -24.09 55.13
CA ASN L 147 -33.52 -25.10 56.14
C ASN L 147 -32.85 -26.36 55.58
N GLY L 148 -31.73 -26.17 54.91
CA GLY L 148 -31.00 -27.31 54.36
C GLY L 148 -31.34 -27.75 52.96
N GLN L 149 -32.56 -27.45 52.51
CA GLN L 149 -33.00 -27.85 51.17
C GLN L 149 -32.89 -26.74 50.10
N PRO L 150 -32.58 -27.12 48.85
CA PRO L 150 -32.41 -26.25 47.68
C PRO L 150 -33.69 -25.55 47.15
N GLU L 151 -33.51 -24.37 46.58
CA GLU L 151 -34.61 -23.61 45.99
C GLU L 151 -34.43 -23.64 44.50
N ASN L 152 -35.52 -23.89 43.79
CA ASN L 152 -35.50 -23.99 42.33
C ASN L 152 -35.95 -22.74 41.59
N ASN L 153 -37.02 -22.11 42.07
CA ASN L 153 -37.56 -20.94 41.40
C ASN L 153 -36.87 -19.61 41.75
N TYR L 154 -35.67 -19.44 41.20
CA TYR L 154 -34.91 -18.22 41.38
C TYR L 154 -34.20 -17.92 40.06
N LYS L 155 -33.91 -16.65 39.83
CA LYS L 155 -33.20 -16.24 38.63
C LYS L 155 -32.14 -15.23 39.07
N THR L 156 -30.98 -15.28 38.42
CA THR L 156 -29.86 -14.39 38.78
C THR L 156 -29.40 -13.59 37.56
N THR L 157 -29.34 -12.28 37.73
CA THR L 157 -28.91 -11.41 36.67
C THR L 157 -27.41 -11.62 36.50
N PRO L 158 -26.90 -11.50 35.27
CA PRO L 158 -25.46 -11.68 35.07
C PRO L 158 -24.65 -10.56 35.74
N PRO L 159 -23.32 -10.70 35.78
CA PRO L 159 -22.42 -9.71 36.39
C PRO L 159 -22.42 -8.43 35.58
N VAL L 160 -22.55 -7.29 36.27
CA VAL L 160 -22.56 -5.99 35.63
C VAL L 160 -21.42 -5.16 36.23
N LEU L 161 -20.73 -4.38 35.40
CA LEU L 161 -19.61 -3.55 35.81
C LEU L 161 -20.01 -2.27 36.52
N ASP L 162 -19.63 -2.14 37.79
CA ASP L 162 -19.97 -0.95 38.53
C ASP L 162 -18.93 0.15 38.30
N SER L 163 -19.19 1.33 38.83
CA SER L 163 -18.28 2.46 38.65
C SER L 163 -16.81 2.20 39.02
N ASP L 164 -16.58 1.44 40.09
CA ASP L 164 -15.21 1.18 40.55
C ASP L 164 -14.48 -0.01 39.93
N GLY L 165 -14.93 -0.48 38.77
CA GLY L 165 -14.27 -1.61 38.14
C GLY L 165 -14.57 -2.93 38.83
N SER L 166 -15.50 -2.91 39.78
CA SER L 166 -15.89 -4.13 40.47
C SER L 166 -17.19 -4.56 39.80
N PHE L 167 -17.70 -5.73 40.15
CA PHE L 167 -18.95 -6.19 39.56
C PHE L 167 -20.01 -6.36 40.64
N PHE L 168 -21.25 -6.44 40.19
CA PHE L 168 -22.39 -6.67 41.08
C PHE L 168 -23.43 -7.38 40.24
N LEU L 169 -24.37 -8.01 40.92
CA LEU L 169 -25.48 -8.73 40.28
C LEU L 169 -26.56 -8.85 41.35
N TYR L 170 -27.73 -9.31 40.93
CA TYR L 170 -28.81 -9.54 41.88
C TYR L 170 -29.39 -10.90 41.59
N SER L 171 -29.76 -11.61 42.64
CA SER L 171 -30.36 -12.93 42.49
C SER L 171 -31.75 -12.71 43.05
N LYS L 172 -32.75 -13.38 42.46
CA LYS L 172 -34.13 -13.21 42.87
C LYS L 172 -34.85 -14.53 43.04
N LEU L 173 -35.27 -14.80 44.26
CA LEU L 173 -35.99 -16.04 44.55
C LEU L 173 -37.50 -15.76 44.64
N THR L 174 -38.28 -16.53 43.91
CA THR L 174 -39.71 -16.36 43.95
C THR L 174 -40.38 -17.34 44.89
N VAL L 175 -41.01 -16.86 45.96
CA VAL L 175 -41.66 -17.75 46.89
C VAL L 175 -43.07 -17.34 47.30
N ASP L 176 -43.87 -18.34 47.66
CA ASP L 176 -45.24 -18.12 48.10
C ASP L 176 -45.28 -17.17 49.28
N LYS L 177 -46.16 -16.18 49.18
CA LYS L 177 -46.32 -15.19 50.22
C LYS L 177 -46.58 -15.88 51.54
N SER L 178 -47.15 -17.09 51.51
CA SER L 178 -47.44 -17.82 52.74
C SER L 178 -46.13 -18.21 53.44
N ARG L 179 -45.25 -18.89 52.71
CA ARG L 179 -43.96 -19.34 53.24
C ARG L 179 -43.21 -18.20 53.89
N TRP L 180 -43.38 -17.01 53.33
CA TRP L 180 -42.72 -15.83 53.88
C TRP L 180 -43.48 -15.39 55.12
N GLN L 181 -44.78 -15.66 55.14
CA GLN L 181 -45.62 -15.30 56.27
C GLN L 181 -45.32 -16.24 57.43
N GLN L 182 -45.25 -17.53 57.14
CA GLN L 182 -44.95 -18.55 58.16
C GLN L 182 -43.62 -18.32 58.86
N GLY L 183 -42.84 -17.36 58.37
CA GLY L 183 -41.55 -17.07 58.99
C GLY L 183 -40.39 -17.95 58.56
N ASN L 184 -40.57 -18.72 57.50
CA ASN L 184 -39.47 -19.57 57.04
C ASN L 184 -38.22 -18.74 56.78
N VAL L 185 -37.07 -19.38 56.89
CA VAL L 185 -35.79 -18.71 56.66
C VAL L 185 -35.14 -19.18 55.37
N PHE L 186 -34.83 -18.21 54.53
CA PHE L 186 -34.20 -18.49 53.26
C PHE L 186 -32.79 -17.93 53.34
N SER L 187 -31.90 -18.55 52.58
CA SER L 187 -30.51 -18.15 52.59
C SER L 187 -29.94 -18.00 51.19
N CYS L 188 -29.10 -16.98 51.03
CA CYS L 188 -28.45 -16.70 49.75
C CYS L 188 -27.03 -17.22 49.82
N SER L 189 -26.66 -18.14 48.93
CA SER L 189 -25.31 -18.67 48.92
C SER L 189 -24.50 -18.06 47.80
N VAL L 190 -23.29 -17.62 48.12
CA VAL L 190 -22.42 -16.98 47.13
C VAL L 190 -21.05 -17.63 47.10
N MET L 191 -20.66 -18.11 45.93
CA MET L 191 -19.36 -18.73 45.74
C MET L 191 -18.50 -17.81 44.91
N HIS L 192 -17.32 -17.49 45.42
CA HIS L 192 -16.41 -16.59 44.73
C HIS L 192 -15.01 -16.90 45.21
N GLU L 193 -14.03 -16.52 44.38
CA GLU L 193 -12.62 -16.72 44.65
C GLU L 193 -12.05 -15.97 45.85
N ALA L 194 -12.52 -14.75 46.10
CA ALA L 194 -12.03 -13.95 47.21
C ALA L 194 -12.72 -14.17 48.56
N LEU L 195 -13.67 -15.10 48.62
CA LEU L 195 -14.36 -15.39 49.89
C LEU L 195 -13.57 -16.43 50.69
N HIS L 196 -13.61 -16.31 52.01
CA HIS L 196 -12.92 -17.30 52.84
C HIS L 196 -13.61 -18.63 52.51
N ASN L 197 -12.83 -19.67 52.25
CA ASN L 197 -13.40 -20.98 51.90
C ASN L 197 -14.25 -20.91 50.63
N HIS L 198 -13.97 -19.92 49.79
CA HIS L 198 -14.71 -19.75 48.55
C HIS L 198 -16.21 -19.80 48.75
N TYR L 199 -16.69 -19.39 49.92
CA TYR L 199 -18.12 -19.47 50.15
C TYR L 199 -18.64 -18.68 51.35
N THR L 200 -19.75 -17.98 51.12
CA THR L 200 -20.41 -17.19 52.15
C THR L 200 -21.91 -17.45 52.04
N GLN L 201 -22.62 -17.28 53.14
CA GLN L 201 -24.05 -17.55 53.13
C GLN L 201 -24.82 -16.52 53.95
N LYS L 202 -25.80 -15.87 53.33
CA LYS L 202 -26.59 -14.86 54.04
C LYS L 202 -28.07 -15.24 54.11
N SER L 203 -28.69 -14.97 55.25
CA SER L 203 -30.09 -15.32 55.45
C SER L 203 -31.10 -14.19 55.46
N LEU L 204 -32.36 -14.56 55.27
CA LEU L 204 -33.46 -13.62 55.26
C LEU L 204 -34.72 -14.34 55.72
N SER L 205 -35.60 -13.62 56.41
CA SER L 205 -36.86 -14.18 56.90
C SER L 205 -37.74 -13.09 57.48
N LEU L 206 -39.00 -13.42 57.75
CA LEU L 206 -39.92 -12.46 58.32
C LEU L 206 -39.64 -12.31 59.81
N VAL M 1 5.35 30.24 -5.40
CA VAL M 1 4.96 28.87 -5.88
C VAL M 1 3.65 28.88 -6.67
N VAL M 2 3.75 28.86 -8.01
CA VAL M 2 2.58 28.86 -8.88
C VAL M 2 2.51 27.55 -9.68
N MET M 3 1.33 26.93 -9.69
CA MET M 3 1.09 25.69 -10.43
C MET M 3 0.33 25.97 -11.72
N THR M 4 0.89 25.51 -12.84
CA THR M 4 0.25 25.69 -14.14
C THR M 4 -0.15 24.33 -14.72
N GLN M 5 -1.46 24.15 -14.89
CA GLN M 5 -2.03 22.92 -15.42
C GLN M 5 -2.31 23.08 -16.91
N SER M 6 -2.05 22.03 -17.68
CA SER M 6 -2.42 21.99 -19.10
C SER M 6 -2.90 20.60 -19.51
N PRO M 7 -3.86 20.53 -20.44
CA PRO M 7 -4.52 21.71 -21.01
C PRO M 7 -5.69 22.16 -20.12
N SER M 8 -6.34 23.28 -20.44
CA SER M 8 -7.50 23.73 -19.66
C SER M 8 -8.72 22.84 -19.90
N THR M 9 -8.93 22.47 -21.16
CA THR M 9 -9.96 21.54 -21.55
C THR M 9 -9.33 20.42 -22.34
N LEU M 10 -9.66 19.18 -22.02
CA LEU M 10 -9.17 18.03 -22.76
C LEU M 10 -10.36 17.26 -23.28
N SER M 11 -10.46 17.13 -24.61
CA SER M 11 -11.58 16.40 -25.24
C SER M 11 -11.07 15.06 -25.75
N ALA M 12 -11.78 14.00 -25.39
CA ALA M 12 -11.33 12.65 -25.73
C ALA M 12 -12.51 11.70 -25.89
N SER M 13 -12.21 10.48 -26.34
CA SER M 13 -13.24 9.47 -26.50
C SER M 13 -13.17 8.48 -25.36
N VAL M 14 -14.28 7.82 -25.12
CA VAL M 14 -14.33 6.72 -24.17
C VAL M 14 -13.29 5.67 -24.55
N GLY M 15 -12.57 5.18 -23.53
CA GLY M 15 -11.53 4.18 -23.75
C GLY M 15 -10.15 4.74 -24.00
N ASP M 16 -10.04 6.05 -24.21
CA ASP M 16 -8.75 6.68 -24.50
C ASP M 16 -7.81 6.67 -23.29
N THR M 17 -6.51 6.67 -23.57
CA THR M 17 -5.49 6.98 -22.55
C THR M 17 -5.12 8.45 -22.72
N ILE M 18 -5.29 9.23 -21.66
CA ILE M 18 -5.04 10.67 -21.72
C ILE M 18 -4.06 11.09 -20.64
N THR M 19 -3.41 12.23 -20.84
CA THR M 19 -2.50 12.77 -19.81
C THR M 19 -2.80 14.24 -19.55
N ILE M 20 -2.76 14.62 -18.28
CA ILE M 20 -2.89 16.00 -17.86
C ILE M 20 -1.59 16.41 -17.20
N THR M 21 -1.06 17.58 -17.56
CA THR M 21 0.22 18.05 -17.04
C THR M 21 0.07 19.15 -15.98
N CYS M 22 0.96 19.15 -15.00
CA CYS M 22 1.05 20.25 -14.04
C CYS M 22 2.51 20.68 -13.97
N ARG M 23 2.77 21.97 -14.17
CA ARG M 23 4.12 22.52 -14.00
C ARG M 23 4.18 23.46 -12.80
N ALA M 24 5.20 23.25 -11.96
CA ALA M 24 5.43 24.09 -10.79
C ALA M 24 6.46 25.16 -11.12
N SER M 25 6.31 26.35 -10.54
CA SER M 25 7.17 27.49 -10.86
C SER M 25 8.55 27.40 -10.21
N GLN M 26 8.68 26.46 -9.27
CA GLN M 26 9.94 26.11 -8.64
C GLN M 26 9.78 24.67 -8.16
N SER M 27 10.89 24.02 -7.81
CA SER M 27 10.84 22.61 -7.42
C SER M 27 10.00 22.37 -6.17
N ILE M 28 9.13 21.38 -6.24
CA ILE M 28 8.30 20.99 -5.09
C ILE M 28 8.50 19.51 -4.71
N GLU M 29 9.65 18.96 -5.05
CA GLU M 29 9.95 17.53 -4.81
C GLU M 29 8.80 16.66 -5.34
N THR M 30 8.15 15.88 -4.48
CA THR M 30 6.98 15.12 -4.92
C THR M 30 5.74 15.52 -4.15
N TRP M 31 5.73 16.74 -3.62
CA TRP M 31 4.59 17.22 -2.84
C TRP M 31 3.42 17.69 -3.71
N LEU M 32 2.83 16.75 -4.43
CA LEU M 32 1.77 17.06 -5.39
C LEU M 32 0.64 16.04 -5.24
N ALA M 33 -0.59 16.53 -5.26
CA ALA M 33 -1.77 15.67 -5.24
C ALA M 33 -2.65 15.98 -6.44
N TRP M 34 -3.46 15.00 -6.84
CA TRP M 34 -4.45 15.17 -7.90
C TRP M 34 -5.83 14.91 -7.35
N TYR M 35 -6.79 15.77 -7.72
CA TYR M 35 -8.18 15.63 -7.30
C TYR M 35 -9.11 15.57 -8.50
N GLN M 36 -10.20 14.80 -8.35
CA GLN M 36 -11.31 14.77 -9.29
C GLN M 36 -12.50 15.54 -8.71
N GLN M 37 -13.19 16.30 -9.54
CA GLN M 37 -14.39 17.01 -9.08
C GLN M 37 -15.47 17.04 -10.14
N LYS M 38 -16.65 16.60 -9.75
CA LYS M 38 -17.81 16.68 -10.61
C LYS M 38 -18.57 17.97 -10.31
N PRO M 39 -19.30 18.52 -11.29
CA PRO M 39 -20.07 19.75 -11.05
C PRO M 39 -21.00 19.66 -9.84
N GLY M 40 -20.85 20.60 -8.90
CA GLY M 40 -21.71 20.67 -7.74
C GLY M 40 -21.37 19.72 -6.61
N LYS M 41 -20.28 18.97 -6.77
CA LYS M 41 -19.85 17.98 -5.77
C LYS M 41 -18.54 18.42 -5.14
N ALA M 42 -18.10 17.70 -4.12
CA ALA M 42 -16.80 17.96 -3.49
C ALA M 42 -15.65 17.34 -4.28
N PRO M 43 -14.46 17.94 -4.23
CA PRO M 43 -13.26 17.30 -4.79
C PRO M 43 -13.01 15.96 -4.09
N LYS M 44 -12.48 15.00 -4.84
CA LYS M 44 -12.12 13.69 -4.30
C LYS M 44 -10.65 13.43 -4.56
N LEU M 45 -9.90 13.09 -3.52
CA LEU M 45 -8.46 12.84 -3.65
C LEU M 45 -8.21 11.56 -4.47
N LEU M 46 -7.40 11.67 -5.52
CA LEU M 46 -7.01 10.50 -6.32
C LEU M 46 -5.62 10.01 -5.98
N ILE M 47 -4.66 10.93 -6.03
CA ILE M 47 -3.25 10.60 -5.93
C ILE M 47 -2.55 11.66 -5.10
N TYR M 48 -1.56 11.23 -4.31
CA TYR M 48 -0.75 12.15 -3.52
C TYR M 48 0.71 11.70 -3.53
N LYS M 49 1.60 12.53 -2.96
CA LYS M 49 3.05 12.39 -3.16
C LYS M 49 3.41 12.02 -4.61
N ALA M 50 2.80 12.74 -5.54
CA ALA M 50 3.01 12.59 -6.99
C ALA M 50 2.48 11.30 -7.62
N SER M 51 2.70 10.16 -6.96
CA SER M 51 2.44 8.86 -7.60
C SER M 51 1.68 7.83 -6.75
N THR M 52 1.36 8.19 -5.51
CA THR M 52 0.69 7.25 -4.61
C THR M 52 -0.82 7.29 -4.80
N LEU M 53 -1.39 6.17 -5.21
CA LEU M 53 -2.84 6.06 -5.40
C LEU M 53 -3.54 5.90 -4.04
N LYS M 54 -4.57 6.71 -3.80
CA LYS M 54 -5.36 6.58 -2.57
C LYS M 54 -6.13 5.27 -2.66
N THR M 55 -6.22 4.53 -1.55
CA THR M 55 -6.89 3.23 -1.58
C THR M 55 -8.32 3.37 -2.11
N GLY M 56 -8.75 2.41 -2.91
CA GLY M 56 -10.08 2.46 -3.49
C GLY M 56 -10.17 3.19 -4.82
N VAL M 57 -9.19 4.05 -5.12
CA VAL M 57 -9.15 4.73 -6.43
C VAL M 57 -8.77 3.72 -7.51
N PRO M 58 -9.50 3.69 -8.62
CA PRO M 58 -9.25 2.70 -9.68
C PRO M 58 -7.82 2.77 -10.24
N SER M 59 -7.28 1.62 -10.61
CA SER M 59 -5.88 1.53 -11.04
C SER M 59 -5.60 2.18 -12.40
N ARG M 60 -6.65 2.55 -13.12
CA ARG M 60 -6.47 3.27 -14.39
C ARG M 60 -5.95 4.70 -14.19
N PHE M 61 -6.03 5.20 -12.97
CA PHE M 61 -5.41 6.48 -12.60
C PHE M 61 -3.98 6.26 -12.13
N SER M 62 -3.06 7.07 -12.67
CA SER M 62 -1.67 7.02 -12.26
C SER M 62 -1.03 8.39 -12.35
N GLY M 63 -0.01 8.62 -11.53
CA GLY M 63 0.65 9.90 -11.51
C GLY M 63 2.14 9.71 -11.51
N SER M 64 2.85 10.66 -12.10
CA SER M 64 4.31 10.62 -12.13
C SER M 64 4.86 12.03 -12.07
N GLY M 65 6.18 12.12 -11.93
CA GLY M 65 6.87 13.39 -11.91
C GLY M 65 7.54 13.69 -10.58
N SER M 66 8.44 14.66 -10.61
CA SER M 66 9.10 15.19 -9.42
C SER M 66 9.73 16.52 -9.84
N GLY M 67 10.06 17.36 -8.86
CA GLY M 67 10.67 18.65 -9.17
C GLY M 67 9.62 19.64 -9.62
N THR M 68 9.55 19.87 -10.94
CA THR M 68 8.64 20.86 -11.52
C THR M 68 7.64 20.31 -12.53
N GLU M 69 7.78 19.04 -12.92
CA GLU M 69 6.94 18.49 -13.99
C GLU M 69 6.18 17.26 -13.54
N PHE M 70 4.86 17.32 -13.64
CA PHE M 70 4.01 16.27 -13.10
C PHE M 70 2.93 15.89 -14.10
N THR M 71 2.52 14.64 -14.05
CA THR M 71 1.55 14.11 -15.03
C THR M 71 0.55 13.21 -14.37
N LEU M 72 -0.73 13.39 -14.71
CA LEU M 72 -1.77 12.46 -14.36
C LEU M 72 -2.16 11.73 -15.63
N THR M 73 -2.16 10.40 -15.57
CA THR M 73 -2.58 9.58 -16.70
C THR M 73 -3.84 8.81 -16.35
N ILE M 74 -4.81 8.85 -17.24
CA ILE M 74 -5.98 8.00 -17.12
C ILE M 74 -5.92 7.04 -18.31
N SER M 75 -5.69 5.76 -18.03
CA SER M 75 -5.50 4.74 -19.05
C SER M 75 -6.80 3.97 -19.30
N GLY M 76 -7.61 4.49 -20.21
CA GLY M 76 -8.89 3.88 -20.54
C GLY M 76 -10.05 4.63 -19.91
N LEU M 77 -10.32 5.81 -20.45
CA LEU M 77 -11.40 6.66 -19.95
C LEU M 77 -12.74 5.92 -19.92
N GLN M 78 -13.38 5.96 -18.76
CA GLN M 78 -14.74 5.46 -18.63
C GLN M 78 -15.68 6.67 -18.50
N PHE M 79 -16.98 6.46 -18.74
CA PHE M 79 -17.92 7.59 -18.65
C PHE M 79 -17.84 8.36 -17.33
N ASP M 80 -17.60 7.64 -16.23
CA ASP M 80 -17.47 8.23 -14.89
C ASP M 80 -16.29 9.20 -14.76
N ASP M 81 -15.33 9.12 -15.68
CA ASP M 81 -14.09 9.88 -15.58
C ASP M 81 -14.17 11.26 -16.21
N PHE M 82 -15.27 11.54 -16.92
CA PHE M 82 -15.43 12.85 -17.49
C PHE M 82 -15.85 13.82 -16.39
N ALA M 83 -14.95 14.76 -16.10
CA ALA M 83 -14.96 15.53 -14.85
C ALA M 83 -13.84 16.57 -14.94
N THR M 84 -13.72 17.40 -13.89
CA THR M 84 -12.57 18.29 -13.77
C THR M 84 -11.50 17.65 -12.90
N TYR M 85 -10.24 17.84 -13.27
CA TYR M 85 -9.11 17.36 -12.47
C TYR M 85 -8.30 18.57 -12.03
N HIS M 86 -7.87 18.55 -10.78
CA HIS M 86 -7.14 19.63 -10.16
C HIS M 86 -5.82 19.10 -9.62
N CYS M 87 -4.72 19.78 -9.91
CA CYS M 87 -3.47 19.50 -9.23
C CYS M 87 -3.27 20.46 -8.04
N GLN M 88 -2.49 20.02 -7.06
CA GLN M 88 -2.28 20.80 -5.86
C GLN M 88 -0.89 20.55 -5.33
N HIS M 89 -0.13 21.63 -5.14
CA HIS M 89 1.04 21.56 -4.26
C HIS M 89 0.58 21.75 -2.82
N TYR M 90 0.96 20.84 -1.95
CA TYR M 90 0.58 20.96 -0.55
C TYR M 90 1.84 21.02 0.31
N ALA M 91 1.86 21.99 1.21
CA ALA M 91 2.93 22.12 2.19
C ALA M 91 2.35 21.97 3.59
N GLY M 92 3.20 22.04 4.61
CA GLY M 92 2.80 21.84 5.98
C GLY M 92 1.57 22.64 6.41
N TYR M 93 1.57 23.94 6.06
CA TYR M 93 0.51 24.83 6.51
C TYR M 93 -0.11 25.69 5.42
N SER M 94 0.10 25.32 4.16
CA SER M 94 -0.52 26.01 3.03
C SER M 94 -0.56 25.12 1.81
N ALA M 95 -1.28 25.55 0.79
CA ALA M 95 -1.41 24.80 -0.44
C ALA M 95 -1.69 25.77 -1.58
N THR M 96 -1.53 25.29 -2.81
CA THR M 96 -1.95 26.04 -3.98
C THR M 96 -2.35 25.07 -5.09
N PHE M 97 -3.34 25.46 -5.88
CA PHE M 97 -3.86 24.58 -6.91
C PHE M 97 -3.54 25.09 -8.29
N GLY M 98 -3.48 24.18 -9.26
CA GLY M 98 -3.55 24.56 -10.67
C GLY M 98 -4.97 25.08 -10.97
N GLN M 99 -5.21 25.45 -12.21
CA GLN M 99 -6.49 26.07 -12.59
C GLN M 99 -7.56 25.05 -12.95
N GLY M 100 -7.18 23.76 -12.97
CA GLY M 100 -8.12 22.70 -13.29
C GLY M 100 -8.14 22.37 -14.76
N THR M 101 -8.39 21.09 -15.06
CA THR M 101 -8.57 20.59 -16.42
C THR M 101 -9.94 19.91 -16.54
N ARG M 102 -10.80 20.42 -17.42
CA ARG M 102 -12.10 19.80 -17.67
C ARG M 102 -11.93 18.76 -18.79
N VAL M 103 -12.22 17.51 -18.47
CA VAL M 103 -12.13 16.41 -19.43
C VAL M 103 -13.55 16.12 -19.92
N GLU M 104 -13.74 16.23 -21.24
CA GLU M 104 -15.07 16.11 -21.85
C GLU M 104 -15.05 15.10 -22.99
N ILE M 105 -16.23 14.69 -23.45
CA ILE M 105 -16.34 13.80 -24.59
C ILE M 105 -16.20 14.56 -25.90
N LYS M 106 -15.31 14.09 -26.76
CA LYS M 106 -15.05 14.76 -28.01
C LYS M 106 -16.13 14.42 -29.01
N ARG M 107 -16.56 15.41 -29.77
CA ARG M 107 -17.45 15.20 -30.89
C ARG M 107 -17.14 16.29 -31.91
N THR M 108 -17.80 16.27 -33.08
CA THR M 108 -17.59 17.33 -34.07
C THR M 108 -18.14 18.68 -33.58
N VAL M 109 -17.57 19.75 -34.12
CA VAL M 109 -18.08 21.10 -33.86
C VAL M 109 -19.54 21.21 -34.29
N ALA M 110 -20.38 21.73 -33.40
CA ALA M 110 -21.79 21.97 -33.70
C ALA M 110 -22.18 23.37 -33.28
N ALA M 111 -22.71 24.12 -34.23
CA ALA M 111 -23.14 25.47 -33.99
C ALA M 111 -24.45 25.44 -33.19
N PRO M 112 -24.62 26.39 -32.27
CA PRO M 112 -25.86 26.45 -31.51
C PRO M 112 -27.03 26.82 -32.42
N SER M 113 -28.20 26.26 -32.15
CA SER M 113 -29.44 26.78 -32.73
C SER M 113 -29.92 27.80 -31.71
N VAL M 114 -30.18 29.01 -32.17
CA VAL M 114 -30.45 30.14 -31.29
C VAL M 114 -31.91 30.54 -31.34
N PHE M 115 -32.54 30.66 -30.17
CA PHE M 115 -33.92 31.15 -30.09
C PHE M 115 -34.00 32.22 -29.03
N ILE M 116 -34.75 33.27 -29.31
CA ILE M 116 -35.03 34.30 -28.32
C ILE M 116 -36.51 34.15 -27.93
N PHE M 117 -36.79 34.32 -26.64
CA PHE M 117 -38.17 34.33 -26.15
C PHE M 117 -38.36 35.63 -25.40
N PRO M 118 -39.40 36.39 -25.78
CA PRO M 118 -39.82 37.55 -24.96
C PRO M 118 -40.28 37.02 -23.58
N PRO M 119 -40.66 38.14 -22.73
CA PRO M 119 -41.48 37.93 -21.52
C PRO M 119 -42.94 37.59 -21.91
N SER M 120 -43.52 36.60 -21.22
CA SER M 120 -44.97 36.35 -21.30
C SER M 120 -45.77 37.55 -20.81
N ASP M 121 -47.05 37.59 -21.19
CA ASP M 121 -47.96 38.64 -20.75
C ASP M 121 -48.20 38.57 -19.24
N GLU M 122 -48.60 37.33 -18.76
CA GLU M 122 -48.85 37.04 -17.35
C GLU M 122 -47.88 37.76 -16.40
N GLN M 123 -46.57 37.58 -16.66
CA GLN M 123 -45.51 38.22 -15.88
C GLN M 123 -45.52 39.75 -16.02
N LEU M 124 -45.64 40.20 -17.28
CA LEU M 124 -45.59 41.64 -17.58
C LEU M 124 -46.65 42.43 -16.82
N LYS M 125 -47.74 41.73 -16.50
CA LYS M 125 -48.83 42.30 -15.72
C LYS M 125 -48.46 42.51 -14.24
N SER M 126 -47.46 41.76 -13.77
CA SER M 126 -47.00 41.81 -12.38
C SER M 126 -45.99 42.92 -12.09
N GLY M 127 -45.37 43.50 -13.18
CA GLY M 127 -44.33 44.53 -12.92
C GLY M 127 -42.91 44.14 -13.35
N THR M 128 -42.73 42.89 -13.78
CA THR M 128 -41.40 42.41 -14.20
C THR M 128 -41.48 41.87 -15.63
N ALA M 129 -40.41 42.11 -16.40
CA ALA M 129 -40.24 41.53 -17.72
C ALA M 129 -38.93 40.76 -17.76
N SER M 130 -39.05 39.43 -18.06
CA SER M 130 -37.85 38.59 -18.23
C SER M 130 -37.77 38.14 -19.72
N VAL M 131 -36.57 38.33 -20.38
CA VAL M 131 -36.36 37.91 -21.77
C VAL M 131 -35.29 36.82 -21.83
N VAL M 132 -35.63 35.68 -22.45
CA VAL M 132 -34.77 34.49 -22.45
C VAL M 132 -34.20 34.21 -23.83
N CYS M 133 -32.91 33.89 -23.86
CA CYS M 133 -32.25 33.45 -25.08
C CYS M 133 -31.73 32.04 -24.87
N LEU M 134 -31.94 31.19 -25.87
CA LEU M 134 -31.53 29.79 -25.79
C LEU M 134 -30.51 29.47 -26.88
N LEU M 135 -29.41 28.86 -26.46
CA LEU M 135 -28.40 28.34 -27.37
C LEU M 135 -28.51 26.83 -27.27
N ASN M 136 -29.04 26.19 -28.30
CA ASN M 136 -29.36 24.77 -28.23
C ASN M 136 -28.35 23.86 -28.96
N ASN M 137 -27.84 22.89 -28.22
CA ASN M 137 -27.08 21.75 -28.75
C ASN M 137 -25.81 22.13 -29.50
N PHE M 138 -24.90 22.80 -28.80
CA PHE M 138 -23.65 23.23 -29.42
C PHE M 138 -22.44 22.52 -28.84
N TYR M 139 -21.33 22.59 -29.56
CA TYR M 139 -20.06 22.03 -29.11
C TYR M 139 -18.94 22.71 -29.91
N PRO M 140 -17.82 23.11 -29.28
CA PRO M 140 -17.51 22.92 -27.85
C PRO M 140 -18.29 23.84 -26.90
N ARG M 141 -17.89 23.85 -25.63
CA ARG M 141 -18.65 24.50 -24.58
C ARG M 141 -18.63 26.03 -24.59
N GLU M 142 -17.53 26.63 -25.03
CA GLU M 142 -17.43 28.09 -24.94
C GLU M 142 -18.35 28.75 -25.96
N ALA M 143 -19.25 29.57 -25.45
CA ALA M 143 -20.13 30.36 -26.29
C ALA M 143 -20.29 31.69 -25.60
N LYS M 144 -20.37 32.75 -26.40
CA LYS M 144 -20.59 34.07 -25.84
C LYS M 144 -21.92 34.63 -26.29
N VAL M 145 -22.71 35.06 -25.31
CA VAL M 145 -23.99 35.74 -25.54
C VAL M 145 -23.83 37.19 -25.13
N GLN M 146 -24.20 38.10 -26.02
CA GLN M 146 -24.23 39.52 -25.71
C GLN M 146 -25.64 40.01 -25.94
N TRP M 147 -26.19 40.67 -24.94
CA TRP M 147 -27.54 41.20 -25.02
C TRP M 147 -27.49 42.64 -25.50
N LYS M 148 -28.34 42.97 -26.47
CA LYS M 148 -28.43 44.31 -27.01
C LYS M 148 -29.88 44.79 -26.99
N VAL M 149 -30.08 45.98 -26.45
CA VAL M 149 -31.40 46.61 -26.34
C VAL M 149 -31.35 47.94 -27.10
N ASP M 150 -32.07 48.00 -28.21
CA ASP M 150 -31.98 49.11 -29.17
C ASP M 150 -30.53 49.31 -29.62
N ASN M 151 -29.84 48.20 -29.88
CA ASN M 151 -28.43 48.18 -30.27
C ASN M 151 -27.47 48.89 -29.27
N ALA M 152 -27.80 48.75 -27.98
CA ALA M 152 -26.91 49.19 -26.91
C ALA M 152 -26.56 47.98 -26.05
N LEU M 153 -25.25 47.74 -25.86
CA LEU M 153 -24.78 46.53 -25.17
C LEU M 153 -25.15 46.51 -23.69
N GLN M 154 -25.69 45.36 -23.26
CA GLN M 154 -26.12 45.16 -21.87
C GLN M 154 -24.98 44.59 -21.03
N SER M 155 -24.92 45.00 -19.76
CA SER M 155 -23.93 44.46 -18.82
C SER M 155 -24.49 44.41 -17.40
N GLY M 156 -24.36 43.26 -16.74
CA GLY M 156 -24.71 43.12 -15.34
C GLY M 156 -26.21 42.98 -15.04
N ASN M 157 -26.99 42.70 -16.11
CA ASN M 157 -28.42 42.49 -15.95
C ASN M 157 -28.88 41.16 -16.57
N SER M 158 -27.94 40.26 -16.75
CA SER M 158 -28.28 38.95 -17.28
C SER M 158 -27.55 37.86 -16.51
N GLN M 159 -28.17 36.68 -16.47
CA GLN M 159 -27.56 35.50 -15.88
C GLN M 159 -27.67 34.32 -16.84
N GLU M 160 -26.68 33.44 -16.78
CA GLU M 160 -26.54 32.32 -17.71
C GLU M 160 -26.46 31.00 -16.97
N SER M 161 -26.93 29.96 -17.63
CA SER M 161 -26.89 28.61 -17.11
C SER M 161 -26.63 27.65 -18.27
N VAL M 162 -25.73 26.67 -18.05
CA VAL M 162 -25.33 25.74 -19.10
C VAL M 162 -25.52 24.30 -18.62
N THR M 163 -26.05 23.45 -19.49
CA THR M 163 -26.29 22.06 -19.13
C THR M 163 -24.96 21.31 -19.19
N GLU M 164 -24.95 20.13 -18.57
CA GLU M 164 -23.87 19.18 -18.78
C GLU M 164 -23.97 18.51 -20.14
N GLN M 165 -22.87 17.89 -20.58
CA GLN M 165 -22.85 17.22 -21.87
C GLN M 165 -23.99 16.23 -22.01
N ASP M 166 -24.73 16.36 -23.12
CA ASP M 166 -25.90 15.53 -23.37
C ASP M 166 -25.46 14.07 -23.50
N SER M 167 -26.20 13.18 -22.83
CA SER M 167 -25.82 11.77 -22.73
C SER M 167 -25.79 11.07 -24.09
N LYS M 168 -26.64 11.54 -25.02
CA LYS M 168 -26.79 10.90 -26.33
C LYS M 168 -25.96 11.58 -27.42
N ASP M 169 -25.93 12.91 -27.44
CA ASP M 169 -25.23 13.62 -28.52
C ASP M 169 -23.99 14.44 -28.11
N SER M 170 -23.67 14.47 -26.82
CA SER M 170 -22.47 15.15 -26.32
C SER M 170 -22.39 16.66 -26.57
N THR M 171 -23.53 17.30 -26.81
CA THR M 171 -23.57 18.75 -26.91
C THR M 171 -23.92 19.40 -25.58
N TYR M 172 -23.79 20.73 -25.55
CA TYR M 172 -24.18 21.59 -24.45
C TYR M 172 -25.32 22.48 -24.90
N SER M 173 -26.12 22.94 -23.94
CA SER M 173 -27.13 23.94 -24.21
C SER M 173 -26.96 25.05 -23.16
N LEU M 174 -27.38 26.27 -23.51
CA LEU M 174 -27.17 27.42 -22.63
C LEU M 174 -28.43 28.27 -22.66
N SER M 175 -28.83 28.78 -21.51
CA SER M 175 -29.93 29.74 -21.42
C SER M 175 -29.39 31.00 -20.76
N SER M 176 -29.73 32.15 -21.33
CA SER M 176 -29.40 33.44 -20.75
C SER M 176 -30.70 34.22 -20.54
N THR M 177 -30.90 34.73 -19.32
CA THR M 177 -32.08 35.51 -18.98
C THR M 177 -31.71 36.96 -18.70
N LEU M 178 -32.35 37.88 -19.43
CA LEU M 178 -32.18 39.33 -19.21
C LEU M 178 -33.40 39.83 -18.41
N THR M 179 -33.15 40.59 -17.33
CA THR M 179 -34.22 40.99 -16.40
C THR M 179 -34.38 42.53 -16.20
N LEU M 180 -35.59 43.01 -16.57
CA LEU M 180 -35.93 44.42 -16.48
C LEU M 180 -37.30 44.63 -15.83
N SER M 181 -37.46 45.74 -15.12
CA SER M 181 -38.80 46.08 -14.60
C SER M 181 -39.70 46.47 -15.77
N LYS M 182 -41.01 46.09 -15.64
CA LYS M 182 -42.02 46.45 -16.64
C LYS M 182 -41.79 47.85 -17.21
N ALA M 183 -41.43 48.79 -16.29
CA ALA M 183 -41.13 50.18 -16.64
C ALA M 183 -39.95 50.28 -17.62
N ASP M 184 -38.81 49.70 -17.21
CA ASP M 184 -37.59 49.78 -18.03
C ASP M 184 -37.74 49.08 -19.39
N TYR M 185 -38.45 47.95 -19.40
CA TYR M 185 -38.74 47.17 -20.61
C TYR M 185 -39.59 47.97 -21.61
N GLU M 186 -40.53 48.74 -21.09
CA GLU M 186 -41.48 49.49 -21.94
C GLU M 186 -40.89 50.78 -22.51
N LYS M 187 -39.62 51.05 -22.20
CA LYS M 187 -38.94 52.26 -22.68
C LYS M 187 -38.19 52.05 -24.01
N HIS M 188 -37.96 50.77 -24.37
CA HIS M 188 -37.19 50.47 -25.59
C HIS M 188 -37.96 49.61 -26.63
N LYS M 189 -37.56 49.79 -27.88
CA LYS M 189 -38.13 49.07 -29.03
C LYS M 189 -37.58 47.64 -29.27
N VAL M 190 -36.37 47.53 -29.85
CA VAL M 190 -35.81 46.24 -30.25
C VAL M 190 -34.97 45.56 -29.15
N TYR M 191 -35.21 44.22 -29.01
CA TYR M 191 -34.45 43.39 -28.08
C TYR M 191 -33.75 42.28 -28.87
N ALA M 192 -32.42 42.13 -28.61
CA ALA M 192 -31.57 41.22 -29.39
C ALA M 192 -30.60 40.40 -28.53
N CYS M 193 -30.41 39.14 -28.93
CA CYS M 193 -29.43 38.22 -28.39
C CYS M 193 -28.37 37.96 -29.47
N GLU M 194 -27.11 38.29 -29.17
CA GLU M 194 -26.01 38.10 -30.13
C GLU M 194 -25.01 37.03 -29.71
N VAL M 195 -24.90 35.99 -30.54
CA VAL M 195 -24.19 34.77 -30.17
C VAL M 195 -22.89 34.54 -30.96
N THR M 196 -21.80 34.32 -30.24
CA THR M 196 -20.51 33.95 -30.82
C THR M 196 -20.15 32.51 -30.39
N HIS M 197 -19.65 31.70 -31.33
CA HIS M 197 -19.28 30.31 -31.06
C HIS M 197 -18.36 29.78 -32.15
N GLN M 198 -17.49 28.82 -31.80
CA GLN M 198 -16.54 28.21 -32.74
C GLN M 198 -17.18 27.76 -34.06
N GLY M 199 -18.41 27.24 -33.99
CA GLY M 199 -19.12 26.74 -35.16
C GLY M 199 -19.73 27.80 -36.03
N LEU M 200 -19.64 29.06 -35.59
CA LEU M 200 -20.22 30.21 -36.26
C LEU M 200 -19.11 31.06 -36.83
N SER M 201 -19.01 31.13 -38.15
CA SER M 201 -17.98 31.93 -38.79
C SER M 201 -18.28 33.43 -38.61
N SER M 202 -19.55 33.74 -38.41
CA SER M 202 -20.00 35.10 -38.10
C SER M 202 -20.99 35.05 -36.94
N PRO M 203 -20.95 36.04 -36.05
CA PRO M 203 -21.91 36.12 -34.94
C PRO M 203 -23.37 36.13 -35.40
N VAL M 204 -24.22 35.39 -34.68
CA VAL M 204 -25.62 35.22 -35.04
C VAL M 204 -26.51 36.00 -34.07
N THR M 205 -27.48 36.72 -34.63
CA THR M 205 -28.38 37.53 -33.81
C THR M 205 -29.84 37.12 -34.03
N LYS M 206 -30.53 36.86 -32.92
CA LYS M 206 -31.99 36.67 -32.94
C LYS M 206 -32.66 37.84 -32.23
N SER M 207 -33.73 38.37 -32.84
CA SER M 207 -34.38 39.59 -32.37
C SER M 207 -35.91 39.49 -32.32
N PHE M 208 -36.51 40.43 -31.59
CA PHE M 208 -37.94 40.71 -31.68
C PHE M 208 -38.21 42.17 -31.30
N ASN M 209 -39.30 42.73 -31.82
CA ASN M 209 -39.75 44.07 -31.46
C ASN M 209 -40.78 44.03 -30.34
N ARG M 210 -40.58 44.84 -29.31
CA ARG M 210 -41.49 44.91 -28.17
C ARG M 210 -42.94 45.05 -28.63
N GLY M 211 -43.78 44.13 -28.17
CA GLY M 211 -45.18 44.08 -28.60
C GLY M 211 -45.31 43.74 -30.08
N GLU N 1 -17.50 6.36 6.55
CA GLU N 1 -16.97 7.44 5.66
C GLU N 1 -16.69 8.71 6.45
N VAL N 2 -15.48 9.23 6.32
CA VAL N 2 -15.13 10.53 6.86
C VAL N 2 -15.92 11.60 6.08
N GLN N 3 -16.50 12.56 6.80
CA GLN N 3 -17.32 13.59 6.16
C GLN N 3 -17.10 14.96 6.78
N LEU N 4 -17.25 15.98 5.95
CA LEU N 4 -17.22 17.38 6.38
C LEU N 4 -18.41 18.09 5.74
N VAL N 5 -18.93 19.11 6.42
CA VAL N 5 -20.07 19.86 5.91
C VAL N 5 -19.96 21.35 6.28
N GLU N 6 -19.94 22.19 5.25
CA GLU N 6 -19.92 23.64 5.44
C GLU N 6 -21.33 24.18 5.67
N SER N 7 -21.43 25.20 6.51
CA SER N 7 -22.69 25.98 6.61
C SER N 7 -22.40 27.49 6.54
N GLY N 8 -23.43 28.28 6.22
CA GLY N 8 -23.27 29.73 6.17
C GLY N 8 -23.22 30.48 4.84
N GLY N 9 -23.19 29.78 3.71
CA GLY N 9 -23.21 30.47 2.42
C GLY N 9 -24.35 31.43 2.09
N GLY N 10 -24.25 32.12 0.96
CA GLY N 10 -25.35 32.94 0.49
C GLY N 10 -24.93 34.18 -0.27
N LEU N 11 -25.83 35.16 -0.30
CA LEU N 11 -25.62 36.38 -1.06
C LEU N 11 -25.14 37.47 -0.12
N VAL N 12 -24.03 38.11 -0.49
CA VAL N 12 -23.43 39.18 0.31
C VAL N 12 -23.24 40.39 -0.59
N LYS N 13 -23.45 41.58 -0.04
CA LYS N 13 -23.13 42.81 -0.76
C LYS N 13 -21.63 43.12 -0.63
N ALA N 14 -21.05 43.70 -1.68
CA ALA N 14 -19.62 44.08 -1.64
C ALA N 14 -19.38 44.94 -0.39
N GLY N 15 -18.32 44.65 0.35
CA GLY N 15 -18.02 45.37 1.56
C GLY N 15 -18.59 44.71 2.81
N GLY N 16 -19.52 43.77 2.62
CA GLY N 16 -20.18 43.09 3.74
C GLY N 16 -19.37 41.96 4.36
N SER N 17 -19.92 41.37 5.41
CA SER N 17 -19.29 40.22 6.09
C SER N 17 -20.17 38.98 6.03
N LEU N 18 -19.52 37.82 6.06
CA LEU N 18 -20.19 36.54 6.12
C LEU N 18 -19.28 35.56 6.82
N ILE N 19 -19.84 34.79 7.74
CA ILE N 19 -19.07 33.80 8.47
C ILE N 19 -19.53 32.40 8.10
N LEU N 20 -18.57 31.55 7.76
CA LEU N 20 -18.83 30.14 7.46
C LEU N 20 -18.40 29.24 8.59
N SER N 21 -19.04 28.07 8.70
CA SER N 21 -18.55 27.08 9.61
C SER N 21 -18.46 25.72 8.93
N CYS N 22 -17.72 24.81 9.55
CA CYS N 22 -17.55 23.49 9.00
C CYS N 22 -17.63 22.54 10.18
N GLY N 23 -18.49 21.52 10.08
CA GLY N 23 -18.51 20.43 11.03
C GLY N 23 -18.14 19.12 10.36
N VAL N 24 -17.90 18.09 11.16
CA VAL N 24 -17.39 16.81 10.66
C VAL N 24 -18.11 15.59 11.16
N SER N 25 -17.91 14.47 10.47
CA SER N 25 -18.42 13.18 10.90
C SER N 25 -17.34 12.12 10.82
N ASN N 26 -17.26 11.29 11.86
CA ASN N 26 -16.48 10.06 11.83
C ASN N 26 -14.96 10.23 11.92
N PHE N 27 -14.54 11.42 12.38
CA PHE N 27 -13.15 11.68 12.78
C PHE N 27 -13.11 12.91 13.69
N ARG N 28 -11.99 13.08 14.38
CA ARG N 28 -11.75 14.26 15.21
C ARG N 28 -10.80 15.20 14.48
N ILE N 29 -11.09 16.50 14.48
CA ILE N 29 -10.21 17.45 13.76
C ILE N 29 -8.86 17.74 14.45
N SER N 30 -8.76 17.45 15.75
CA SER N 30 -7.60 17.91 16.53
C SER N 30 -6.20 17.57 15.97
N ALA N 31 -6.02 16.39 15.37
CA ALA N 31 -4.70 16.03 14.80
C ALA N 31 -4.45 16.61 13.40
N HIS N 32 -5.42 17.34 12.87
CA HIS N 32 -5.35 17.80 11.48
C HIS N 32 -5.22 19.31 11.34
N THR N 33 -4.31 19.72 10.46
CA THR N 33 -4.39 21.06 9.88
C THR N 33 -5.67 21.13 9.03
N MET N 34 -6.46 22.16 9.26
CA MET N 34 -7.70 22.32 8.50
C MET N 34 -7.60 23.52 7.58
N ASN N 35 -8.27 23.43 6.42
CA ASN N 35 -8.13 24.41 5.34
C ASN N 35 -9.48 24.85 4.80
N TRP N 36 -9.50 26.06 4.26
CA TRP N 36 -10.58 26.50 3.39
C TRP N 36 -10.01 26.66 1.99
N VAL N 37 -10.78 26.23 0.99
CA VAL N 37 -10.40 26.31 -0.42
C VAL N 37 -11.65 26.83 -1.14
N ARG N 38 -11.49 27.55 -2.24
CA ARG N 38 -12.67 27.97 -2.99
C ARG N 38 -12.53 27.66 -4.48
N ARG N 39 -13.66 27.31 -5.11
CA ARG N 39 -13.70 27.14 -6.56
C ARG N 39 -14.36 28.37 -7.17
N VAL N 40 -13.59 29.11 -7.95
CA VAL N 40 -14.08 30.33 -8.59
C VAL N 40 -14.92 29.98 -9.82
N PRO N 41 -15.73 30.93 -10.31
CA PRO N 41 -16.62 30.66 -11.45
C PRO N 41 -15.88 30.20 -12.72
N GLY N 42 -14.61 30.57 -12.86
CA GLY N 42 -13.82 30.12 -14.00
C GLY N 42 -13.46 28.63 -13.94
N GLY N 43 -13.56 28.02 -12.76
CA GLY N 43 -13.36 26.58 -12.65
C GLY N 43 -12.19 26.17 -11.79
N GLY N 44 -11.26 27.10 -11.55
CA GLY N 44 -10.05 26.79 -10.82
C GLY N 44 -10.26 26.83 -9.31
N LEU N 45 -9.39 26.11 -8.59
CA LEU N 45 -9.38 26.15 -7.14
C LEU N 45 -8.38 27.19 -6.65
N GLU N 46 -8.69 27.81 -5.52
CA GLU N 46 -7.79 28.75 -4.84
C GLU N 46 -7.76 28.38 -3.38
N TRP N 47 -6.57 28.11 -2.85
CA TRP N 47 -6.40 27.91 -1.41
C TRP N 47 -6.70 29.24 -0.69
N VAL N 48 -7.46 29.20 0.40
CA VAL N 48 -7.87 30.42 1.08
C VAL N 48 -7.16 30.60 2.42
N ALA N 49 -7.24 29.57 3.26
CA ALA N 49 -6.67 29.67 4.62
C ALA N 49 -6.37 28.32 5.17
N SER N 50 -5.42 28.28 6.09
CA SER N 50 -4.99 27.09 6.82
C SER N 50 -4.85 27.40 8.31
N ILE N 51 -5.21 26.44 9.16
CA ILE N 51 -4.98 26.57 10.59
C ILE N 51 -4.41 25.26 11.09
N SER N 52 -3.22 25.35 11.69
CA SER N 52 -2.50 24.16 12.14
C SER N 52 -3.09 23.58 13.43
N SER N 53 -3.51 22.96 17.28
CA SER N 53 -3.40 23.91 18.38
C SER N 53 -3.52 25.37 17.98
N SER N 54 -3.91 25.62 16.73
CA SER N 54 -3.90 26.97 16.14
C SER N 54 -2.54 27.68 16.19
N THR N 55 -1.44 26.93 16.32
CA THR N 55 -0.10 27.52 16.34
C THR N 55 0.17 28.45 15.15
N TYR N 56 -0.23 28.00 13.96
CA TYR N 56 -0.04 28.75 12.72
C TYR N 56 -1.37 28.98 11.99
N ARG N 57 -1.61 30.22 11.61
CA ARG N 57 -2.74 30.53 10.74
C ARG N 57 -2.19 31.22 9.51
N ASP N 58 -2.55 30.73 8.34
CA ASP N 58 -1.98 31.26 7.10
C ASP N 58 -3.09 31.56 6.12
N TYR N 59 -2.90 32.61 5.32
CA TYR N 59 -3.96 33.09 4.42
C TYR N 59 -3.40 33.35 3.04
N ALA N 60 -4.22 33.20 2.01
CA ALA N 60 -3.83 33.61 0.66
C ALA N 60 -3.63 35.12 0.65
N ASP N 61 -2.67 35.59 -0.14
CA ASP N 61 -2.41 37.04 -0.27
C ASP N 61 -3.70 37.85 -0.51
N ALA N 62 -4.61 37.29 -1.29
CA ALA N 62 -5.81 38.01 -1.70
C ALA N 62 -6.87 38.16 -0.59
N VAL N 63 -6.72 37.43 0.50
CA VAL N 63 -7.66 37.55 1.61
C VAL N 63 -7.01 38.00 2.93
N LYS N 64 -5.68 38.13 2.93
CA LYS N 64 -4.96 38.56 4.13
C LYS N 64 -5.48 39.92 4.62
N GLY N 65 -5.78 40.03 5.91
CA GLY N 65 -6.31 41.25 6.48
C GLY N 65 -7.83 41.36 6.48
N ARG N 66 -8.50 40.44 5.76
CA ARG N 66 -9.97 40.46 5.60
C ARG N 66 -10.63 39.19 6.13
N PHE N 67 -9.91 38.07 6.05
CA PHE N 67 -10.46 36.78 6.50
C PHE N 67 -9.73 36.33 7.76
N THR N 68 -10.44 35.56 8.59
CA THR N 68 -9.89 34.92 9.77
C THR N 68 -10.38 33.48 9.85
N VAL N 69 -9.47 32.57 10.16
CA VAL N 69 -9.83 31.16 10.35
C VAL N 69 -9.64 30.81 11.84
N SER N 70 -10.62 30.12 12.43
CA SER N 70 -10.51 29.65 13.83
C SER N 70 -10.88 28.17 13.86
N ARG N 71 -10.49 27.47 14.93
CA ARG N 71 -10.90 26.08 15.10
C ARG N 71 -11.45 25.86 16.50
N ASP N 72 -12.28 24.83 16.64
CA ASP N 72 -12.87 24.43 17.91
C ASP N 72 -12.64 22.92 17.99
N ASP N 73 -11.60 22.51 18.72
CA ASP N 73 -11.18 21.11 18.75
C ASP N 73 -12.05 20.26 19.65
N LEU N 74 -12.82 20.91 20.52
CA LEU N 74 -13.64 20.16 21.47
C LEU N 74 -14.96 19.70 20.86
N GLU N 75 -15.55 20.50 20.00
CA GLU N 75 -16.79 20.12 19.30
C GLU N 75 -16.59 19.98 17.79
N ASP N 76 -15.34 20.12 17.35
CA ASP N 76 -14.93 19.79 15.98
C ASP N 76 -15.56 20.69 14.92
N PHE N 77 -15.29 21.99 15.05
CA PHE N 77 -15.72 22.97 14.05
C PHE N 77 -14.54 23.78 13.61
N VAL N 78 -14.58 24.20 12.36
CA VAL N 78 -13.65 25.18 11.85
C VAL N 78 -14.51 26.34 11.36
N TYR N 79 -13.99 27.55 11.53
CA TYR N 79 -14.73 28.76 11.14
C TYR N 79 -13.93 29.58 10.13
N LEU N 80 -14.63 30.25 9.21
CA LEU N 80 -13.99 31.25 8.36
C LEU N 80 -14.80 32.55 8.39
N GLN N 81 -14.22 33.58 8.98
CA GLN N 81 -14.81 34.93 8.94
C GLN N 81 -14.33 35.57 7.66
N MET N 82 -15.96 42.05 1.88
CA MET N 82 -15.98 41.13 0.75
C MET N 82 -15.98 41.81 -0.60
N ARG N 85 -15.38 41.12 -1.57
CA ARG N 85 -15.19 41.66 -2.90
C ARG N 85 -15.86 40.71 -3.90
N VAL N 86 -16.20 41.23 -5.07
CA VAL N 86 -16.81 40.42 -6.11
C VAL N 86 -16.00 39.14 -6.37
N GLU N 87 -14.68 39.27 -6.35
CA GLU N 87 -13.81 38.14 -6.64
C GLU N 87 -13.75 37.07 -5.55
N ASP N 88 -14.37 37.35 -4.39
CA ASP N 88 -14.59 36.33 -3.39
C ASP N 88 -15.73 35.37 -3.77
N THR N 89 -16.49 35.71 -4.80
CA THR N 89 -17.59 34.85 -5.27
C THR N 89 -17.05 33.47 -5.64
N ALA N 90 -17.57 32.45 -4.96
CA ALA N 90 -17.02 31.09 -5.15
C ALA N 90 -17.80 30.07 -4.36
N ILE N 91 -17.52 28.79 -4.65
CA ILE N 91 -17.91 27.69 -3.76
C ILE N 91 -16.78 27.49 -2.76
N TYR N 92 -17.11 27.55 -1.47
CA TYR N 92 -16.12 27.39 -0.39
C TYR N 92 -16.20 26.00 0.20
N TYR N 93 -15.05 25.32 0.25
CA TYR N 93 -14.96 23.97 0.82
C TYR N 93 -14.11 24.01 2.07
N CYS N 94 -14.48 23.22 3.05
CA CYS N 94 -13.51 22.94 4.10
C CYS N 94 -12.83 21.63 3.76
N ALA N 95 -11.52 21.59 3.99
CA ALA N 95 -10.72 20.43 3.62
C ALA N 95 -9.72 20.09 4.71
N ARG N 96 -9.57 18.79 4.94
CA ARG N 96 -8.65 18.27 5.92
C ARG N 96 -7.31 18.00 5.24
N LYS N 97 -6.21 18.40 5.86
CA LYS N 97 -4.88 17.98 5.42
C LYS N 97 -4.59 16.67 6.14
N GLY N 98 -4.31 15.62 5.38
CA GLY N 98 -4.01 14.32 5.97
C GLY N 98 -3.81 13.23 4.94
N SER N 99 -3.54 12.02 5.44
CA SER N 99 -3.42 10.82 4.62
C SER N 99 -3.64 9.65 5.56
N ASP N 100 -3.64 8.43 5.01
CA ASP N 100 -3.78 7.23 5.85
C ASP N 100 -2.79 7.27 7.01
N ARG N 101 -1.53 7.59 6.70
CA ARG N 101 -0.47 7.73 7.69
C ARG N 101 0.02 9.18 7.72
N LEU N 102 -0.17 9.86 8.86
CA LEU N 102 0.09 11.30 8.95
C LEU N 102 1.58 11.62 8.88
N ASP N 103 -7.00 15.22 1.92
CA ASP N 103 -7.56 13.91 1.65
C ASP N 103 -9.07 13.81 1.87
N ALA N 104 -9.67 14.86 2.44
CA ALA N 104 -11.11 14.87 2.68
C ALA N 104 -11.66 16.27 2.50
N TRP N 105 -12.80 16.37 1.83
CA TRP N 105 -13.37 17.67 1.46
C TRP N 105 -14.85 17.67 1.74
N GLY N 106 -15.38 18.81 2.18
CA GLY N 106 -16.82 19.04 2.23
C GLY N 106 -17.41 19.23 0.84
N PRO N 107 -18.74 19.16 0.71
CA PRO N 107 -19.39 19.32 -0.59
C PRO N 107 -19.37 20.75 -1.10
N GLY N 108 -19.10 21.70 -0.20
CA GLY N 108 -19.00 23.10 -0.57
C GLY N 108 -20.27 23.91 -0.32
N THR N 109 -20.09 25.20 -0.06
CA THR N 109 -21.22 26.12 0.10
C THR N 109 -21.01 27.32 -0.81
N VAL N 110 -22.08 27.74 -1.47
CA VAL N 110 -22.00 28.82 -2.45
C VAL N 110 -22.03 30.19 -1.77
N VAL N 111 -21.05 31.02 -2.08
CA VAL N 111 -20.99 32.39 -1.57
C VAL N 111 -20.96 33.30 -2.79
N THR N 112 -21.88 34.25 -2.88
CA THR N 112 -21.81 35.17 -4.01
C THR N 112 -21.92 36.62 -3.56
N VAL N 113 -20.98 37.43 -4.05
CA VAL N 113 -20.84 38.82 -3.63
C VAL N 113 -21.29 39.69 -4.80
N SER N 114 -22.32 40.51 -4.57
CA SER N 114 -22.84 41.41 -5.59
C SER N 114 -21.96 42.65 -5.66
N PRO N 115 -21.78 43.22 -6.86
CA PRO N 115 -20.83 44.31 -7.06
C PRO N 115 -21.11 45.62 -6.32
N ALA N 116 -22.37 46.01 -6.16
CA ALA N 116 -22.69 47.28 -5.53
C ALA N 116 -22.61 47.23 -4.00
N SER N 117 -21.73 48.08 -3.43
CA SER N 117 -21.64 48.22 -1.97
C SER N 117 -22.66 49.20 -1.41
N THR N 118 -23.21 50.05 -2.28
CA THR N 118 -24.22 51.02 -1.91
C THR N 118 -25.31 51.13 -2.98
N LYS N 119 -26.46 51.67 -2.59
CA LYS N 119 -27.52 52.03 -3.52
C LYS N 119 -28.27 53.23 -2.95
N GLY N 120 -28.41 54.27 -3.77
CA GLY N 120 -29.14 55.47 -3.37
C GLY N 120 -30.63 55.30 -3.54
N PRO N 121 -31.39 56.05 -2.77
CA PRO N 121 -32.85 55.91 -2.73
C PRO N 121 -33.57 56.50 -3.94
N SER N 122 -34.79 56.01 -4.18
CA SER N 122 -35.74 56.72 -5.04
C SER N 122 -36.62 57.47 -4.07
N VAL N 123 -36.92 58.72 -4.38
CA VAL N 123 -37.71 59.56 -3.50
C VAL N 123 -39.05 59.87 -4.16
N PHE N 124 -40.13 59.58 -3.44
CA PHE N 124 -41.48 59.75 -3.97
C PHE N 124 -42.28 60.68 -3.08
N PRO N 125 -43.09 61.56 -3.66
CA PRO N 125 -43.97 62.43 -2.87
C PRO N 125 -45.01 61.62 -2.10
N LEU N 126 -45.27 62.04 -0.88
CA LEU N 126 -46.51 61.73 -0.19
C LEU N 126 -47.35 63.00 -0.27
N ALA N 127 -48.27 63.02 -1.23
CA ALA N 127 -48.97 64.24 -1.60
C ALA N 127 -50.09 64.54 -0.60
N PRO N 128 -50.29 65.83 -0.31
CA PRO N 128 -51.37 66.26 0.60
C PRO N 128 -52.75 65.97 0.00
N SER N 129 -53.67 65.51 0.85
CA SER N 129 -55.01 65.07 0.42
C SER N 129 -55.87 66.18 -0.18
N GLY N 130 -57.94 72.32 9.22
CA GLY N 130 -56.98 73.40 9.00
C GLY N 130 -55.54 72.91 8.90
N THR N 131 -55.33 71.62 9.18
CA THR N 131 -53.99 71.01 9.14
C THR N 131 -53.89 69.95 8.05
N ALA N 132 -52.83 70.03 7.24
CA ALA N 132 -52.57 69.02 6.22
C ALA N 132 -51.25 68.30 6.47
N ALA N 133 -51.19 67.02 6.09
CA ALA N 133 -49.94 66.28 6.14
C ALA N 133 -49.41 66.03 4.73
N LEU N 134 -48.10 66.15 4.58
CA LEU N 134 -47.43 65.82 3.33
C LEU N 134 -46.09 65.18 3.69
N GLY N 135 -45.41 64.61 2.72
CA GLY N 135 -44.16 63.92 3.03
C GLY N 135 -43.40 63.40 1.84
N CYS N 136 -42.34 62.66 2.14
CA CYS N 136 -41.55 61.97 1.14
C CYS N 136 -41.32 60.54 1.57
N LEU N 137 -41.49 59.63 0.62
CA LEU N 137 -41.12 58.24 0.82
C LEU N 137 -39.75 58.01 0.19
N VAL N 138 -38.80 57.59 1.04
CA VAL N 138 -37.42 57.35 0.67
C VAL N 138 -37.20 55.83 0.63
N LYS N 139 -37.14 55.29 -0.59
CA LYS N 139 -37.29 53.86 -0.84
C LYS N 139 -36.06 53.24 -1.46
N ASP N 140 -35.72 52.04 -0.99
CA ASP N 140 -34.77 51.12 -1.65
C ASP N 140 -33.32 51.60 -1.64
N TYR N 141 -32.81 51.91 -0.45
CA TYR N 141 -31.41 52.32 -0.31
C TYR N 141 -30.64 51.40 0.62
N PHE N 142 -29.32 51.43 0.49
CA PHE N 142 -28.42 50.76 1.44
C PHE N 142 -27.00 51.28 1.25
N PRO N 143 -26.21 51.31 2.33
CA PRO N 143 -26.68 51.03 3.68
C PRO N 143 -27.33 52.26 4.33
N GLU N 144 -27.66 52.16 5.60
CA GLU N 144 -28.05 53.32 6.39
C GLU N 144 -26.80 54.20 6.61
N PRO N 145 -26.96 55.48 6.95
CA PRO N 145 -28.27 56.14 7.08
C PRO N 145 -28.63 57.08 5.92
N VAL N 146 -29.88 57.57 5.95
CA VAL N 146 -30.35 58.64 5.08
C VAL N 146 -30.73 59.83 5.96
N THR N 147 -30.36 61.04 5.53
CA THR N 147 -30.80 62.29 6.14
C THR N 147 -31.95 62.87 5.33
N VAL N 148 -32.99 63.35 6.02
CA VAL N 148 -34.04 64.11 5.37
C VAL N 148 -34.20 65.44 6.11
N SER N 149 -34.01 66.93 5.27
CA SER N 149 -34.56 68.19 5.77
C SER N 149 -35.71 68.64 4.89
N TRP N 150 -36.38 69.71 5.33
CA TRP N 150 -37.45 70.30 4.57
C TRP N 150 -37.19 71.80 4.31
N ASN N 151 -37.13 72.44 1.84
CA ASN N 151 -36.84 73.91 1.98
C ASN N 151 -35.53 74.15 2.76
N SER N 152 -34.59 73.21 2.57
CA SER N 152 -33.19 73.37 3.05
C SER N 152 -33.01 73.65 4.56
N GLY N 153 -33.90 73.08 5.40
CA GLY N 153 -33.78 73.19 6.85
C GLY N 153 -34.54 74.36 7.45
N ALA N 154 -35.21 75.13 6.60
CA ALA N 154 -36.03 76.25 7.04
C ALA N 154 -37.33 75.79 7.67
N LEU N 155 -37.77 74.58 7.32
CA LEU N 155 -38.97 73.99 7.90
C LEU N 155 -38.59 72.84 8.83
N THR N 156 -38.85 73.03 10.13
CA THR N 156 -38.56 72.00 11.15
C THR N 156 -39.79 71.64 11.97
N SER N 157 -40.65 72.61 12.24
CA SER N 157 -41.86 72.35 13.04
C SER N 157 -42.79 71.36 12.34
N GLY N 158 -43.32 70.42 13.12
CA GLY N 158 -44.38 69.52 12.69
C GLY N 158 -44.05 68.73 11.43
N VAL N 159 -41.93 68.29 11.66
CA VAL N 159 -41.36 67.26 10.81
C VAL N 159 -41.23 66.00 11.65
N HIS N 160 -41.59 64.85 11.08
CA HIS N 160 -41.24 63.54 11.66
C HIS N 160 -40.56 62.72 10.59
N THR N 161 -39.31 62.32 10.86
CA THR N 161 -38.62 61.37 9.99
C THR N 161 -38.48 60.06 10.76
N PHE N 162 -39.08 59.01 10.19
CA PHE N 162 -39.25 57.74 10.87
C PHE N 162 -37.98 56.90 10.81
N PRO N 163 -37.77 56.03 11.79
CA PRO N 163 -36.72 55.01 11.68
C PRO N 163 -36.90 54.22 10.39
N ALA N 164 -35.80 53.84 9.74
CA ALA N 164 -35.90 53.04 8.52
C ALA N 164 -36.38 51.63 8.85
N VAL N 165 -36.98 51.00 7.86
CA VAL N 165 -37.38 49.60 7.98
C VAL N 165 -36.58 48.80 6.97
N LEU N 166 -36.16 47.62 7.38
CA LEU N 166 -35.50 46.68 6.48
C LEU N 166 -36.59 45.90 5.78
N GLN N 167 -36.65 46.06 4.46
CA GLN N 167 -37.65 45.37 3.64
C GLN N 167 -37.24 43.92 3.38
N SER N 168 -38.22 43.08 2.99
CA SER N 168 -38.02 41.64 2.79
C SER N 168 -37.11 41.37 1.60
N SER N 169 -36.39 42.78 0.60
CA SER N 169 -35.42 42.84 -0.48
C SER N 169 -34.02 43.03 0.10
N GLY N 170 -33.95 43.28 1.42
CA GLY N 170 -32.71 43.65 2.07
C GLY N 170 -32.32 45.10 1.80
N LEU N 171 -33.28 45.88 1.29
CA LEU N 171 -33.09 47.31 1.11
C LEU N 171 -33.85 48.05 2.21
N TYR N 172 -33.39 49.24 2.55
CA TYR N 172 -34.04 50.06 3.55
C TYR N 172 -35.06 50.99 2.93
N SER N 173 -36.03 51.42 3.75
CA SER N 173 -37.01 52.44 3.35
C SER N 173 -37.45 53.21 4.57
N LEU N 174 -37.62 54.53 4.40
CA LEU N 174 -38.19 55.38 5.44
C LEU N 174 -39.10 56.44 4.83
N SER N 175 -39.97 56.99 5.67
CA SER N 175 -40.76 58.15 5.31
C SER N 175 -40.42 59.34 6.19
N SER N 176 -40.53 60.54 5.62
CA SER N 176 -40.45 61.76 6.41
C SER N 176 -41.72 62.52 6.10
N VAL N 177 -42.40 62.98 7.14
CA VAL N 177 -43.67 63.70 7.00
C VAL N 177 -43.62 65.05 7.71
N VAL N 178 -44.52 65.94 7.33
CA VAL N 178 -44.66 67.21 8.02
C VAL N 178 -46.13 67.63 7.97
N THR N 179 -46.62 68.24 9.05
CA THR N 179 -47.95 68.84 9.03
C THR N 179 -47.83 70.35 8.89
N VAL N 180 -48.69 70.94 8.05
CA VAL N 180 -48.67 72.38 7.76
C VAL N 180 -50.11 72.94 7.74
N PRO N 181 -50.27 74.26 7.81
CA PRO N 181 -51.58 74.91 7.61
C PRO N 181 -52.16 74.71 6.19
N SER N 182 -53.42 74.24 6.13
CA SER N 182 -54.07 73.81 4.88
C SER N 182 -54.16 74.94 3.85
N SER N 183 -54.23 76.17 4.37
CA SER N 183 -54.27 77.37 3.53
C SER N 183 -52.96 77.63 2.79
N SER N 184 -51.85 77.13 3.35
CA SER N 184 -50.53 77.32 2.75
C SER N 184 -50.31 76.52 1.46
N LEU N 185 -51.09 75.40 1.34
CA LEU N 185 -50.91 74.42 0.26
C LEU N 185 -50.86 75.00 -1.17
N GLY N 186 -51.86 75.82 -1.50
CA GLY N 186 -51.91 76.43 -2.83
C GLY N 186 -50.88 77.51 -3.05
N THR N 187 -50.32 78.03 -1.95
CA THR N 187 -49.33 79.09 -2.00
C THR N 187 -47.96 78.56 -1.63
N GLN N 188 -46.37 78.52 0.83
CA GLN N 188 -45.52 77.34 0.74
C GLN N 188 -46.29 76.16 0.19
N THR N 189 -43.63 76.78 -1.61
CA THR N 189 -43.58 75.38 -2.01
C THR N 189 -42.94 74.54 -0.91
N TYR N 190 -43.10 73.21 -1.01
CA TYR N 190 -42.49 72.30 -0.05
C TYR N 190 -41.59 71.32 -0.78
N ILE N 191 -40.33 71.28 -0.35
CA ILE N 191 -39.35 70.33 -0.93
C ILE N 191 -38.62 69.56 0.17
N CYS N 192 -38.50 68.24 0.01
CA CYS N 192 -37.68 67.43 0.92
C CYS N 192 -36.28 67.28 0.35
N ASN N 193 -35.28 67.51 1.21
CA ASN N 193 -33.88 67.34 0.84
C ASN N 193 -33.33 66.05 1.45
N VAL N 194 -33.13 65.05 0.59
CA VAL N 194 -32.69 63.73 1.02
C VAL N 194 -31.20 63.58 0.72
N ASN N 195 -30.43 63.20 1.75
CA ASN N 195 -29.00 62.94 1.60
C ASN N 195 -28.65 61.51 2.00
N HIS N 196 -27.99 60.81 1.09
CA HIS N 196 -27.51 59.47 1.35
C HIS N 196 -26.00 59.50 1.13
N LYS N 197 -25.27 59.74 2.22
CA LYS N 197 -23.81 59.86 2.20
C LYS N 197 -23.09 58.67 1.55
N PRO N 198 -23.42 57.43 1.93
CA PRO N 198 -22.72 56.25 1.40
C PRO N 198 -22.71 56.14 -0.13
N SER N 199 -23.81 56.50 -0.80
CA SER N 199 -23.85 56.42 -2.27
C SER N 199 -23.63 57.76 -2.95
N ASN N 200 -23.22 58.76 -2.17
CA ASN N 200 -22.99 60.13 -2.64
C ASN N 200 -24.19 60.75 -3.39
N THR N 201 -25.39 60.43 -2.91
CA THR N 201 -26.62 60.83 -3.58
C THR N 201 -27.36 61.90 -2.78
N LYS N 202 -27.72 62.99 -3.45
CA LYS N 202 -28.60 64.01 -2.90
C LYS N 202 -29.79 64.17 -3.85
N VAL N 203 -31.00 64.12 -3.28
CA VAL N 203 -32.22 64.24 -4.08
C VAL N 203 -33.15 65.28 -3.44
N ASP N 204 -33.55 66.27 -4.24
CA ASP N 204 -34.57 67.24 -3.83
C ASP N 204 -35.89 66.92 -4.52
N LYS N 205 -36.97 66.88 -3.75
CA LYS N 205 -38.26 66.47 -4.29
C LYS N 205 -39.39 67.45 -3.99
N LYS N 206 -39.87 68.11 -5.06
CA LYS N 206 -41.11 68.87 -5.02
C LYS N 206 -42.22 68.03 -5.64
N VAL N 207 -42.96 68.88 -3.09
CA VAL N 207 -44.19 68.15 -2.89
C VAL N 207 -45.35 69.12 -3.06
N GLU N 208 -46.20 68.80 -4.04
CA GLU N 208 -47.37 69.62 -4.35
C GLU N 208 -48.62 68.73 -4.43
N PRO N 209 -49.79 69.30 -4.09
CA PRO N 209 -51.08 68.60 -4.32
C PRO N 209 -51.18 68.04 -5.73
N LYS N 210 -51.81 66.87 -5.87
CA LYS N 210 -51.91 66.16 -7.16
C LYS N 210 -52.90 66.82 -8.12
N VAL O 1 -35.05 30.90 38.30
CA VAL O 1 -35.39 32.27 38.77
C VAL O 1 -36.06 33.11 37.67
N VAL O 2 -37.21 33.69 37.99
CA VAL O 2 -37.84 34.68 37.14
C VAL O 2 -37.77 36.04 37.81
N MET O 3 -37.39 37.05 37.03
CA MET O 3 -37.30 38.42 37.50
C MET O 3 -38.42 39.23 36.88
N THR O 4 -39.15 39.95 37.73
CA THR O 4 -40.23 40.83 37.29
C THR O 4 -40.01 42.25 37.76
N GLN O 5 -40.04 43.20 36.81
CA GLN O 5 -39.95 44.62 37.12
C GLN O 5 -41.30 45.30 37.21
N SER O 6 -41.36 46.35 38.03
CA SER O 6 -42.58 47.13 38.20
C SER O 6 -42.17 48.59 38.35
N PRO O 7 -42.77 49.51 37.58
CA PRO O 7 -43.77 49.19 36.54
C PRO O 7 -43.07 48.87 35.21
N SER O 8 -43.84 48.60 34.16
CA SER O 8 -43.27 48.39 32.83
C SER O 8 -42.94 49.69 32.09
N THR O 9 -43.81 50.69 32.28
CA THR O 9 -43.54 52.04 31.84
C THR O 9 -43.71 52.97 33.04
N LEU O 10 -42.67 53.75 33.33
CA LEU O 10 -42.73 54.72 34.42
C LEU O 10 -42.70 56.13 33.81
N SER O 11 -43.75 56.92 34.02
CA SER O 11 -43.82 58.28 33.47
C SER O 11 -43.57 59.27 34.58
N ALA O 12 -42.65 60.20 34.34
CA ALA O 12 -42.28 61.19 35.36
C ALA O 12 -41.83 62.51 34.71
N SER O 13 -41.65 63.52 35.54
CA SER O 13 -41.12 64.80 35.08
C SER O 13 -39.65 64.95 35.43
N VAL O 14 -38.95 65.83 34.71
CA VAL O 14 -37.57 66.17 35.02
C VAL O 14 -37.47 66.64 36.46
N GLY O 15 -36.44 66.14 37.14
CA GLY O 15 -36.17 66.51 38.52
C GLY O 15 -36.81 65.60 39.56
N ASP O 16 -37.69 64.69 39.12
CA ASP O 16 -38.39 63.80 40.04
C ASP O 16 -37.47 62.76 40.63
N THR O 17 -37.81 62.28 41.82
CA THR O 17 -37.21 61.06 42.37
C THR O 17 -38.15 59.89 42.05
N ILE O 18 -37.64 58.87 41.36
CA ILE O 18 -38.48 57.75 40.97
C ILE O 18 -37.84 56.46 41.44
N THR O 19 -38.68 55.43 41.61
CA THR O 19 -38.23 54.13 42.06
C THR O 19 -38.74 53.06 41.11
N ILE O 20 -37.83 52.19 40.68
CA ILE O 20 -38.22 51.02 39.91
C ILE O 20 -38.03 49.79 40.82
N THR O 21 -39.03 48.90 40.83
CA THR O 21 -38.94 47.69 41.64
C THR O 21 -38.56 46.48 40.78
N CYS O 22 -37.81 45.55 41.37
CA CYS O 22 -37.47 44.29 40.73
C CYS O 22 -37.70 43.18 41.73
N ARG O 23 -38.49 42.19 41.35
CA ARG O 23 -38.73 41.04 42.22
C ARG O 23 -38.22 39.74 41.63
N ALA O 24 -37.61 38.92 42.48
CA ALA O 24 -37.15 37.59 42.10
C ALA O 24 -38.13 36.55 42.62
N SER O 25 -38.35 35.49 41.84
CA SER O 25 -39.31 34.44 42.19
C SER O 25 -38.80 33.57 43.35
N GLN O 26 -37.49 33.61 43.59
CA GLN O 26 -36.85 32.96 44.74
C GLN O 26 -35.68 33.82 45.19
N SER O 27 -35.19 33.60 46.41
CA SER O 27 -34.12 34.43 46.94
C SER O 27 -32.87 34.37 46.07
N ILE O 28 -32.30 35.54 45.81
CA ILE O 28 -31.05 35.64 45.06
C ILE O 28 -30.01 36.42 45.86
N GLU O 29 -30.17 36.47 47.19
CA GLU O 29 -29.24 37.22 48.06
C GLU O 29 -29.13 38.64 47.54
N THR O 30 -27.92 39.10 47.21
CA THR O 30 -27.76 40.41 46.57
C THR O 30 -27.17 40.33 45.18
N TRP O 31 -27.31 39.18 44.52
CA TRP O 31 -26.74 38.98 43.18
C TRP O 31 -27.64 39.61 42.11
N LEU O 32 -27.72 40.93 42.12
CA LEU O 32 -28.66 41.64 41.30
C LEU O 32 -27.95 42.87 40.71
N ALA O 33 -28.09 43.08 39.39
CA ALA O 33 -27.52 44.26 38.75
C ALA O 33 -28.58 45.04 38.00
N TRP O 34 -28.31 46.32 37.80
CA TRP O 34 -29.18 47.22 37.07
C TRP O 34 -28.41 47.82 35.92
N TYR O 35 -29.04 47.83 34.74
CA TYR O 35 -28.45 48.40 33.52
C TYR O 35 -29.35 49.47 32.96
N GLN O 36 -28.73 50.46 32.33
CA GLN O 36 -29.45 51.45 31.56
C GLN O 36 -29.23 51.16 30.07
N GLN O 37 -30.28 51.34 29.26
CA GLN O 37 -30.13 51.17 27.81
C GLN O 37 -30.98 52.19 27.04
N LYS O 38 -30.31 52.87 26.11
CA LYS O 38 -30.95 53.80 25.20
C LYS O 38 -31.19 53.08 23.89
N PRO O 39 -32.18 53.52 23.12
CA PRO O 39 -32.57 52.82 21.89
C PRO O 39 -31.40 52.72 20.92
N GLY O 40 -31.12 51.50 20.48
CA GLY O 40 -30.08 51.24 19.52
C GLY O 40 -28.68 51.23 20.10
N LYS O 41 -28.57 51.33 21.42
CA LYS O 41 -27.24 51.37 22.04
C LYS O 41 -27.04 50.13 22.90
N ALA O 42 -25.84 49.95 23.43
CA ALA O 42 -25.53 48.84 24.32
C ALA O 42 -26.05 49.13 25.73
N PRO O 43 -26.45 48.10 26.48
CA PRO O 43 -26.72 48.28 27.90
C PRO O 43 -25.46 48.74 28.62
N LYS O 44 -25.66 49.50 29.69
CA LYS O 44 -24.57 50.06 30.48
C LYS O 44 -24.84 49.71 31.92
N LEU O 45 -23.86 49.08 32.56
CA LEU O 45 -23.98 48.67 33.96
C LEU O 45 -24.01 49.91 34.85
N LEU O 46 -24.98 49.96 35.77
CA LEU O 46 -25.10 51.08 36.70
C LEU O 46 -24.72 50.65 38.10
N ILE O 47 -25.33 49.55 38.54
CA ILE O 47 -25.26 49.09 39.93
C ILE O 47 -25.15 47.57 39.92
N TYR O 48 -24.38 47.03 40.85
CA TYR O 48 -24.27 45.58 40.97
C TYR O 48 -24.18 45.20 42.43
N LYS O 49 -24.26 43.89 42.68
CA LYS O 49 -24.45 43.38 44.03
C LYS O 49 -25.50 44.20 44.81
N ALA O 50 -26.60 44.50 44.08
CA ALA O 50 -27.76 45.23 44.60
C ALA O 50 -27.56 46.72 44.86
N SER O 51 -26.42 47.10 45.42
CA SER O 51 -26.24 48.49 45.90
C SER O 51 -24.90 49.14 45.56
N THR O 52 -24.01 48.42 44.85
CA THR O 52 -22.69 48.97 44.54
C THR O 52 -22.78 49.76 43.25
N LEU O 53 -22.46 51.04 43.31
CA LEU O 53 -22.46 51.89 42.12
C LEU O 53 -21.20 51.59 41.31
N LYS O 54 -21.33 51.34 40.01
CA LYS O 54 -20.14 51.23 39.16
C LYS O 54 -19.39 52.57 39.13
N THR O 55 -18.06 52.52 39.20
CA THR O 55 -17.25 53.73 39.12
C THR O 55 -17.64 54.56 37.91
N GLY O 56 -17.84 55.86 38.15
CA GLY O 56 -18.18 56.77 37.08
C GLY O 56 -19.67 57.03 36.89
N VAL O 57 -20.52 56.17 37.45
CA VAL O 57 -21.97 56.35 37.33
C VAL O 57 -22.38 57.43 38.31
N PRO O 58 -23.25 58.36 37.91
CA PRO O 58 -23.62 59.50 38.76
C PRO O 58 -24.29 59.05 40.05
N SER O 59 -24.08 59.84 41.11
CA SER O 59 -24.54 59.48 42.46
C SER O 59 -26.06 59.53 42.64
N ARG O 60 -26.78 60.11 41.69
CA ARG O 60 -28.25 60.11 41.77
C ARG O 60 -28.87 58.73 41.57
N PHE O 61 -28.10 57.79 41.05
CA PHE O 61 -28.52 56.40 40.93
C PHE O 61 -28.16 55.63 42.19
N SER O 62 -29.12 54.92 42.77
CA SER O 62 -28.81 54.07 43.91
C SER O 62 -29.68 52.82 43.89
N GLY O 63 -29.17 51.76 44.48
CA GLY O 63 -29.91 50.50 44.49
C GLY O 63 -29.99 50.00 45.91
N SER O 64 -31.06 49.26 46.22
CA SER O 64 -31.18 48.61 47.52
C SER O 64 -31.96 47.32 47.41
N GLY O 65 -32.02 46.59 48.52
CA GLY O 65 -32.74 45.33 48.56
C GLY O 65 -31.87 44.10 48.70
N SER O 66 -32.51 42.99 49.07
CA SER O 66 -31.85 41.69 49.14
C SER O 66 -32.94 40.63 49.16
N GLY O 67 -32.58 39.39 48.84
CA GLY O 67 -33.53 38.30 48.88
C GLY O 67 -34.34 38.25 47.60
N THR O 68 -35.58 38.77 47.66
CA THR O 68 -36.48 38.79 46.51
C THR O 68 -36.96 40.18 46.05
N GLU O 69 -36.70 41.23 46.82
CA GLU O 69 -37.21 42.56 46.46
C GLU O 69 -36.10 43.59 46.37
N PHE O 70 -36.00 44.23 45.20
CA PHE O 70 -34.91 45.17 44.90
C PHE O 70 -35.47 46.45 44.33
N THR O 71 -34.76 47.55 44.52
CA THR O 71 -35.21 48.85 44.03
C THR O 71 -34.05 49.59 43.41
N LEU O 72 -34.31 50.24 42.27
CA LEU O 72 -33.40 51.23 41.71
C LEU O 72 -34.08 52.58 41.94
N THR O 73 -33.34 53.51 42.53
CA THR O 73 -33.88 54.85 42.75
C THR O 73 -33.07 55.86 41.95
N ILE O 74 -33.76 56.75 41.24
CA ILE O 74 -33.06 57.83 40.57
C ILE O 74 -33.52 59.11 41.23
N SER O 75 -32.61 59.74 41.97
CA SER O 75 -32.95 60.92 42.76
C SER O 75 -32.64 62.21 42.02
N GLY O 76 -33.63 62.71 41.30
CA GLY O 76 -33.48 63.92 40.50
C GLY O 76 -33.26 63.57 39.03
N LEU O 77 -34.31 63.12 38.36
CA LEU O 77 -34.25 62.72 36.95
C LEU O 77 -33.72 63.87 36.06
N GLN O 78 -32.71 63.56 35.25
CA GLN O 78 -32.20 64.49 34.23
C GLN O 78 -32.65 64.01 32.85
N PHE O 79 -32.61 64.89 31.84
CA PHE O 79 -33.10 64.49 30.51
C PHE O 79 -32.38 63.24 29.96
N ASP O 80 -31.11 63.09 30.33
CA ASP O 80 -30.30 61.93 29.94
C ASP O 80 -30.79 60.61 30.52
N ASP O 81 -31.62 60.67 31.57
CA ASP O 81 -32.06 59.47 32.28
C ASP O 81 -33.31 58.79 31.73
N PHE O 82 -33.99 59.45 30.79
CA PHE O 82 -35.17 58.82 30.17
C PHE O 82 -34.63 57.81 29.16
N ALA O 83 -34.96 56.55 29.43
CA ALA O 83 -34.30 55.36 28.85
C ALA O 83 -34.98 54.10 29.42
N THR O 84 -34.53 52.92 28.98
CA THR O 84 -34.98 51.68 29.57
C THR O 84 -34.00 51.24 30.66
N TYR O 85 -34.51 50.70 31.76
CA TYR O 85 -33.67 50.15 32.83
C TYR O 85 -33.99 48.66 32.94
N HIS O 86 -32.95 47.83 33.07
CA HIS O 86 -33.12 46.38 33.11
C HIS O 86 -32.51 45.90 34.40
N CYS O 87 -33.22 45.02 35.10
CA CYS O 87 -32.60 44.34 36.22
C CYS O 87 -32.16 42.94 35.81
N GLN O 88 -31.17 42.41 36.49
CA GLN O 88 -30.55 41.14 36.11
C GLN O 88 -30.09 40.38 37.34
N HIS O 89 -30.49 39.11 37.43
CA HIS O 89 -29.85 38.20 38.38
C HIS O 89 -28.73 37.50 37.63
N TYR O 90 -27.52 37.55 38.18
CA TYR O 90 -26.37 36.90 37.56
C TYR O 90 -25.83 35.82 38.48
N ALA O 91 -25.66 34.63 37.93
CA ALA O 91 -25.16 33.46 38.68
C ALA O 91 -23.85 33.01 38.08
N GLY O 92 -23.32 31.86 38.54
CA GLY O 92 -22.01 31.39 38.11
C GLY O 92 -21.83 31.16 36.62
N TYR O 93 -22.89 30.68 35.97
CA TYR O 93 -22.83 30.32 34.56
C TYR O 93 -23.84 31.10 33.74
N SER O 94 -25.05 31.28 34.26
CA SER O 94 -26.11 31.95 33.51
C SER O 94 -26.56 33.23 34.19
N ALA O 95 -27.47 33.94 33.54
CA ALA O 95 -28.09 35.12 34.10
C ALA O 95 -29.53 35.18 33.58
N THR O 96 -30.34 35.99 34.21
CA THR O 96 -31.71 36.20 33.78
C THR O 96 -32.10 37.66 34.00
N PHE O 97 -32.84 38.23 33.06
CA PHE O 97 -33.21 39.64 33.13
C PHE O 97 -34.70 39.84 33.41
N GLY O 98 -35.02 40.99 33.99
CA GLY O 98 -36.42 41.41 34.07
C GLY O 98 -36.85 41.83 32.66
N GLN O 99 -38.08 42.28 32.51
CA GLN O 99 -38.62 42.62 31.20
C GLN O 99 -38.23 44.02 30.71
N GLY O 100 -37.60 44.79 31.59
CA GLY O 100 -37.23 46.16 31.30
C GLY O 100 -38.32 47.14 31.75
N THR O 101 -37.89 48.32 32.18
CA THR O 101 -38.81 49.40 32.53
C THR O 101 -38.44 50.59 31.67
N ARG O 102 -39.39 51.10 30.89
CA ARG O 102 -39.14 52.32 30.12
C ARG O 102 -39.51 53.54 30.96
N VAL O 103 -38.54 54.45 31.16
CA VAL O 103 -38.78 55.70 31.88
C VAL O 103 -38.97 56.79 30.84
N GLU O 104 -40.17 57.40 30.87
CA GLU O 104 -40.58 58.37 29.87
C GLU O 104 -41.00 59.67 30.53
N ILE O 105 -41.02 60.76 29.76
CA ILE O 105 -41.48 62.05 30.22
C ILE O 105 -43.01 62.05 30.25
N LYS O 106 -43.57 62.34 31.42
CA LYS O 106 -45.04 62.37 31.59
C LYS O 106 -45.66 63.60 30.91
N ARG O 107 -46.78 63.36 30.25
CA ARG O 107 -47.65 64.41 29.73
C ARG O 107 -49.09 63.89 29.74
N THR O 108 -50.04 64.72 29.31
CA THR O 108 -51.45 64.30 29.28
C THR O 108 -51.68 63.34 28.14
N VAL O 109 -52.75 62.57 28.23
CA VAL O 109 -53.10 61.66 27.17
C VAL O 109 -53.44 62.44 25.90
N ALA O 110 -52.94 61.94 24.76
CA ALA O 110 -53.20 62.55 23.47
C ALA O 110 -53.57 61.48 22.46
N ALA O 111 -54.75 61.60 21.86
CA ALA O 111 -55.17 60.68 20.80
C ALA O 111 -54.36 60.93 19.52
N PRO O 112 -54.09 59.88 18.74
CA PRO O 112 -53.42 60.04 17.44
C PRO O 112 -54.27 60.84 16.45
N SER O 113 -53.60 61.71 15.69
CA SER O 113 -54.17 62.33 14.51
C SER O 113 -53.77 61.47 13.33
N VAL O 114 -54.76 60.97 12.60
CA VAL O 114 -54.52 59.89 11.62
C VAL O 114 -54.58 60.42 10.19
N PHE O 115 -53.62 59.98 9.36
CA PHE O 115 -53.54 60.35 7.96
C PHE O 115 -53.17 59.15 7.13
N ILE O 116 -53.80 59.04 5.96
CA ILE O 116 -53.46 57.98 5.02
C ILE O 116 -52.92 58.60 3.72
N PHE O 117 -51.90 57.96 3.16
CA PHE O 117 -51.28 58.42 1.90
C PHE O 117 -51.26 57.30 0.86
N PRO O 118 -51.87 57.54 -0.29
CA PRO O 118 -51.72 56.62 -1.41
C PRO O 118 -50.29 56.56 -1.92
N PRO O 119 -49.94 55.52 -2.66
CA PRO O 119 -48.66 55.49 -3.38
C PRO O 119 -48.63 56.56 -4.49
N SER O 120 -47.45 57.13 -4.74
CA SER O 120 -47.27 58.05 -5.86
C SER O 120 -47.33 57.29 -7.20
N ASP O 121 -47.82 57.94 -8.25
CA ASP O 121 -47.87 57.25 -9.54
C ASP O 121 -46.46 57.05 -10.10
N GLU O 122 -45.54 57.94 -9.72
CA GLU O 122 -44.11 57.80 -10.02
C GLU O 122 -43.56 56.43 -9.58
N GLN O 123 -43.83 56.05 -8.32
CA GLN O 123 -43.50 54.71 -7.80
C GLN O 123 -44.26 53.63 -8.59
N LEU O 124 -45.56 53.85 -8.74
CA LEU O 124 -46.49 52.83 -9.27
C LEU O 124 -46.10 52.43 -10.69
N LYS O 125 -45.52 53.42 -11.38
CA LYS O 125 -44.92 53.23 -12.69
C LYS O 125 -43.82 52.16 -12.63
N SER O 126 -43.10 52.11 -11.51
CA SER O 126 -41.99 51.17 -11.32
C SER O 126 -42.44 49.75 -10.94
N GLY O 127 -43.69 49.59 -10.52
CA GLY O 127 -44.20 48.26 -10.23
C GLY O 127 -44.51 47.92 -8.77
N THR O 128 -44.26 48.87 -7.87
CA THR O 128 -44.57 48.69 -6.45
C THR O 128 -45.49 49.81 -5.97
N ALA O 129 -46.30 49.48 -4.92
CA ALA O 129 -47.19 50.43 -4.27
C ALA O 129 -47.02 50.41 -2.75
N SER O 130 -46.50 51.50 -2.20
CA SER O 130 -46.39 51.67 -0.76
C SER O 130 -47.53 52.58 -0.30
N VAL O 131 -48.34 52.08 0.63
CA VAL O 131 -49.45 52.86 1.19
C VAL O 131 -49.10 53.15 2.64
N VAL O 132 -49.13 54.43 3.02
CA VAL O 132 -48.61 54.85 4.31
C VAL O 132 -49.71 55.41 5.20
N CYS O 133 -49.70 54.94 6.46
CA CYS O 133 -50.58 55.46 7.49
C CYS O 133 -49.73 56.12 8.57
N LEU O 134 -50.13 57.34 8.93
CA LEU O 134 -49.46 58.14 9.95
C LEU O 134 -50.36 58.31 11.16
N LEU O 135 -49.83 58.00 12.33
CA LEU O 135 -50.50 58.23 13.60
C LEU O 135 -49.66 59.27 14.28
N ASN O 136 -50.20 60.47 14.36
CA ASN O 136 -49.38 61.61 14.76
C ASN O 136 -49.67 62.14 16.15
N ASN O 137 -48.59 62.31 16.91
CA ASN O 137 -48.58 63.09 18.15
C ASN O 137 -49.53 62.52 19.20
N PHE O 138 -49.25 61.30 19.59
CA PHE O 138 -50.12 60.63 20.53
C PHE O 138 -49.36 60.23 21.79
N TYR O 139 -50.12 59.89 22.85
CA TYR O 139 -49.52 59.50 24.14
C TYR O 139 -50.60 58.85 24.99
N PRO O 140 -50.32 57.72 25.65
CA PRO O 140 -49.03 57.00 25.65
C PRO O 140 -48.70 56.24 24.36
N ARG O 141 -47.57 55.53 24.35
CA ARG O 141 -47.01 54.96 23.12
C ARG O 141 -47.80 53.81 22.51
N GLU O 142 -48.65 53.17 23.30
CA GLU O 142 -49.36 51.97 22.85
C GLU O 142 -50.51 52.34 21.90
N ALA O 143 -50.48 51.79 20.70
CA ALA O 143 -51.51 52.03 19.69
C ALA O 143 -51.60 50.83 18.79
N LYS O 144 -52.75 50.65 18.13
CA LYS O 144 -52.93 49.54 17.21
C LYS O 144 -53.42 50.05 15.86
N VAL O 145 -52.75 49.62 14.79
CA VAL O 145 -53.13 49.95 13.42
C VAL O 145 -53.42 48.66 12.68
N GLN O 146 -54.52 48.63 11.93
CA GLN O 146 -54.83 47.52 11.05
C GLN O 146 -55.16 48.06 9.67
N TRP O 147 -54.80 47.30 8.64
CA TRP O 147 -55.10 47.67 7.26
C TRP O 147 -56.28 46.87 6.73
N LYS O 148 -57.14 47.54 5.99
CA LYS O 148 -58.24 46.90 5.28
C LYS O 148 -58.17 47.28 3.80
N VAL O 149 -58.37 46.30 2.93
CA VAL O 149 -58.40 46.54 1.48
C VAL O 149 -59.71 45.98 0.94
N ASP O 150 -60.56 46.87 0.40
CA ASP O 150 -61.94 46.50 0.07
C ASP O 150 -62.63 45.79 1.24
N ASN O 151 -62.50 46.41 2.42
CA ASN O 151 -63.02 45.91 3.70
C ASN O 151 -62.38 44.60 4.21
N ALA O 152 -61.47 44.03 3.44
CA ALA O 152 -60.76 42.82 3.87
C ALA O 152 -59.62 43.14 4.84
N LEU O 153 -59.68 42.58 6.05
CA LEU O 153 -58.63 42.75 7.03
C LEU O 153 -57.33 42.06 6.57
N GLN O 154 -56.25 42.83 6.52
CA GLN O 154 -54.98 42.38 5.99
C GLN O 154 -54.13 41.74 7.08
N SER O 155 -53.19 40.89 6.65
CA SER O 155 -52.27 40.23 7.56
C SER O 155 -50.90 40.06 6.92
N GLY O 156 -49.86 40.37 7.68
CA GLY O 156 -48.49 40.05 7.31
C GLY O 156 -47.85 40.84 6.17
N ASN O 157 -48.53 41.91 5.72
CA ASN O 157 -48.00 42.75 4.64
C ASN O 157 -47.78 44.22 5.02
N SER O 158 -47.50 44.48 6.29
CA SER O 158 -47.21 45.83 6.73
C SER O 158 -46.04 45.85 7.69
N GLN O 159 -45.37 47.00 7.77
CA GLN O 159 -44.34 47.23 8.77
C GLN O 159 -44.58 48.56 9.48
N GLU O 160 -44.13 48.65 10.73
CA GLU O 160 -44.40 49.82 11.58
C GLU O 160 -43.09 50.38 12.11
N SER O 161 -43.06 51.70 12.33
CA SER O 161 -41.93 52.38 12.94
C SER O 161 -42.47 53.45 13.93
N VAL O 162 -41.81 53.63 15.07
CA VAL O 162 -42.24 54.62 16.08
C VAL O 162 -41.11 55.58 16.48
N THR O 163 -41.40 56.87 16.56
CA THR O 163 -40.40 57.85 17.01
C THR O 163 -40.22 57.78 18.52
N GLU O 164 -39.10 58.33 19.01
CA GLU O 164 -38.92 58.61 20.41
C GLU O 164 -39.78 59.83 20.80
N GLN O 165 -39.99 60.08 22.09
CA GLN O 165 -40.74 61.26 22.50
C GLN O 165 -40.24 62.54 21.85
N ASP O 166 -41.18 63.29 21.30
CA ASP O 166 -40.90 64.55 20.64
C ASP O 166 -40.28 65.53 21.63
N SER O 167 -39.25 66.23 21.19
CA SER O 167 -38.48 67.08 22.09
C SER O 167 -39.28 68.27 22.60
N LYS O 168 -40.34 68.65 21.88
CA LYS O 168 -41.15 69.80 22.28
C LYS O 168 -42.42 69.41 23.05
N ASP O 169 -43.13 68.38 22.60
CA ASP O 169 -44.38 68.04 23.28
C ASP O 169 -44.44 66.64 23.88
N SER O 170 -43.33 65.90 23.87
CA SER O 170 -43.24 64.57 24.50
C SER O 170 -44.23 63.52 23.97
N THR O 171 -44.75 63.74 22.76
CA THR O 171 -45.59 62.71 22.14
C THR O 171 -44.81 61.72 21.31
N TYR O 172 -45.53 60.70 20.87
CA TYR O 172 -44.99 59.72 19.95
C TYR O 172 -45.72 59.83 18.64
N SER O 173 -45.06 59.42 17.56
CA SER O 173 -45.72 59.23 16.28
C SER O 173 -45.36 57.86 15.71
N LEU O 174 -46.21 57.35 14.82
CA LEU O 174 -46.08 56.01 14.29
C LEU O 174 -46.43 56.03 12.80
N SER O 175 -45.63 55.34 12.01
CA SER O 175 -45.94 55.15 10.60
C SER O 175 -46.09 53.66 10.35
N SER O 176 -47.10 53.30 9.57
CA SER O 176 -47.30 51.91 9.12
C SER O 176 -47.33 51.94 7.60
N THR O 177 -46.55 51.06 6.99
CA THR O 177 -46.50 50.99 5.53
C THR O 177 -47.06 49.65 5.08
N LEU O 178 -48.06 49.71 4.22
CA LEU O 178 -48.63 48.54 3.59
C LEU O 178 -47.98 48.45 2.21
N THR O 179 -47.32 47.32 1.94
CA THR O 179 -46.60 47.14 0.69
C THR O 179 -47.29 46.11 -0.19
N LEU O 180 -47.67 46.52 -1.40
CA LEU O 180 -48.18 45.61 -2.41
C LEU O 180 -47.52 45.89 -3.73
N SER O 181 -47.44 44.87 -4.58
CA SER O 181 -47.03 45.04 -5.97
C SER O 181 -48.03 45.96 -6.66
N LYS O 182 -47.63 46.53 -7.81
CA LYS O 182 -48.51 47.38 -8.60
C LYS O 182 -49.78 46.60 -8.93
N ALA O 183 -49.50 45.33 -9.46
CA ALA O 183 -50.60 44.50 -9.97
C ALA O 183 -51.67 44.19 -8.91
N ASP O 184 -51.21 43.86 -7.70
CA ASP O 184 -52.13 43.55 -6.61
C ASP O 184 -52.88 44.80 -6.14
N TYR O 185 -52.18 45.95 -6.17
CA TYR O 185 -52.77 47.24 -5.80
C TYR O 185 -53.93 47.63 -6.73
N GLU O 186 -53.76 47.37 -8.03
CA GLU O 186 -54.75 47.79 -9.02
C GLU O 186 -55.94 46.84 -9.09
N LYS O 187 -55.86 45.73 -8.33
CA LYS O 187 -56.96 44.79 -8.20
C LYS O 187 -58.07 45.30 -7.26
N HIS O 188 -57.75 46.30 -6.43
CA HIS O 188 -58.70 46.77 -5.41
C HIS O 188 -58.90 48.28 -5.32
N LYS O 189 -60.04 48.68 -4.74
CA LYS O 189 -60.46 50.07 -4.71
C LYS O 189 -60.21 50.78 -3.37
N VAL O 190 -60.81 50.23 -2.31
CA VAL O 190 -60.82 50.91 -1.01
C VAL O 190 -59.60 50.56 -0.16
N TYR O 191 -58.83 51.57 0.21
CA TYR O 191 -57.68 51.37 1.09
C TYR O 191 -57.90 52.12 2.40
N ALA O 192 -57.76 51.40 3.52
CA ALA O 192 -58.13 51.96 4.81
C ALA O 192 -57.21 51.53 5.94
N CYS O 193 -56.93 52.49 6.81
CA CYS O 193 -56.10 52.34 8.00
C CYS O 193 -57.06 52.52 9.17
N GLU O 194 -57.13 51.54 10.07
CA GLU O 194 -57.96 51.66 11.27
C GLU O 194 -57.10 51.65 12.53
N VAL O 195 -57.39 52.59 13.42
CA VAL O 195 -56.53 52.87 14.56
C VAL O 195 -57.30 52.82 15.88
N THR O 196 -56.73 52.16 16.89
CA THR O 196 -57.22 52.34 18.25
C THR O 196 -56.14 52.82 19.20
N HIS O 197 -56.58 53.53 20.23
CA HIS O 197 -55.71 54.12 21.23
C HIS O 197 -56.63 54.47 22.40
N GLN O 198 -56.10 54.40 23.61
CA GLN O 198 -56.89 54.65 24.82
C GLN O 198 -57.52 56.06 24.83
N GLY O 199 -56.89 56.98 24.09
CA GLY O 199 -57.36 58.36 23.97
C GLY O 199 -58.53 58.54 23.02
N LEU O 200 -58.85 57.48 22.27
CA LEU O 200 -59.99 57.46 21.35
C LEU O 200 -61.14 56.67 21.95
N SER O 201 -62.36 57.19 21.89
CA SER O 201 -63.50 56.44 22.42
C SER O 201 -64.01 55.37 21.43
N SER O 202 -63.65 55.50 20.16
CA SER O 202 -63.98 54.49 19.14
C SER O 202 -62.83 54.45 18.13
N PRO O 203 -62.72 53.40 17.31
CA PRO O 203 -61.61 53.31 16.35
C PRO O 203 -61.69 54.40 15.28
N VAL O 204 -60.54 54.89 14.84
CA VAL O 204 -60.51 55.89 13.78
C VAL O 204 -60.08 55.22 12.50
N THR O 205 -60.85 55.44 11.44
CA THR O 205 -60.52 54.91 10.13
C THR O 205 -60.26 56.05 9.14
N LYS O 206 -59.11 56.00 8.48
CA LYS O 206 -58.87 56.86 7.34
C LYS O 206 -58.79 56.01 6.08
N SER O 207 -59.34 56.51 4.98
CA SER O 207 -59.36 55.74 3.75
C SER O 207 -59.29 56.60 2.50
N PHE O 208 -58.93 55.96 1.40
CA PHE O 208 -59.04 56.57 0.07
C PHE O 208 -59.48 55.52 -0.94
N ASN O 209 -60.08 55.98 -2.04
CA ASN O 209 -60.43 55.11 -3.16
C ASN O 209 -59.36 55.22 -4.24
N ARG O 210 -58.80 54.08 -4.63
CA ARG O 210 -57.75 54.02 -5.64
C ARG O 210 -58.16 54.76 -6.91
N GLY O 211 -57.26 55.61 -7.37
CA GLY O 211 -57.49 56.47 -8.53
C GLY O 211 -58.31 57.69 -8.15
N GLU P 1 -9.12 51.75 26.51
CA GLU P 1 -10.32 51.15 27.16
C GLU P 1 -10.69 49.82 26.51
N VAL P 2 -11.27 48.93 27.31
CA VAL P 2 -11.71 47.61 26.86
C VAL P 2 -12.82 47.74 25.81
N GLN P 3 -12.74 46.95 24.73
CA GLN P 3 -13.71 47.03 23.64
C GLN P 3 -13.98 45.65 23.06
N LEU P 4 -15.21 45.46 22.58
CA LEU P 4 -15.61 44.25 21.86
C LEU P 4 -16.36 44.70 20.60
N VAL P 5 -16.25 43.94 19.51
CA VAL P 5 -17.00 44.27 18.30
C VAL P 5 -17.53 43.00 17.69
N GLU P 6 -18.86 42.94 17.47
CA GLU P 6 -19.48 41.80 16.83
C GLU P 6 -19.47 41.95 15.33
N SER P 7 -19.37 40.83 14.63
CA SER P 7 -19.50 40.82 13.16
C SER P 7 -20.44 39.71 12.73
N GLY P 8 -21.03 39.84 11.56
CA GLY P 8 -21.77 38.74 10.98
C GLY P 8 -23.27 38.82 10.95
N GLY P 9 -23.85 39.87 11.52
CA GLY P 9 -25.30 40.03 11.45
C GLY P 9 -25.86 40.25 10.04
N GLY P 10 -27.16 40.01 9.87
CA GLY P 10 -27.81 40.25 8.60
C GLY P 10 -29.19 39.64 8.54
N LEU P 11 -29.70 39.46 7.31
CA LEU P 11 -31.02 38.91 7.07
C LEU P 11 -30.91 37.42 6.81
N VAL P 12 -31.70 36.62 7.50
CA VAL P 12 -31.74 35.18 7.29
C VAL P 12 -33.15 34.72 7.12
N LYS P 13 -33.35 33.65 6.35
CA LYS P 13 -34.68 33.07 6.20
C LYS P 13 -34.90 32.06 7.33
N ALA P 14 -36.14 31.92 7.80
CA ALA P 14 -36.46 30.92 8.79
C ALA P 14 -35.93 29.55 8.34
N GLY P 15 -35.25 28.85 9.25
CA GLY P 15 -34.69 27.55 8.96
C GLY P 15 -33.23 27.63 8.55
N GLY P 16 -32.77 28.83 8.22
CA GLY P 16 -31.40 29.05 7.77
C GLY P 16 -30.38 29.15 8.89
N SER P 17 -29.12 29.34 8.51
CA SER P 17 -28.01 29.43 9.47
C SER P 17 -27.29 30.77 9.32
N LEU P 18 -26.74 31.25 10.44
CA LEU P 18 -25.91 32.46 10.42
C LEU P 18 -24.90 32.33 11.55
N ILE P 19 -23.67 32.74 11.28
CA ILE P 19 -22.62 32.65 12.31
C ILE P 19 -22.09 34.04 12.62
N LEU P 20 -21.99 34.34 13.90
CA LEU P 20 -21.48 35.62 14.37
C LEU P 20 -20.09 35.43 14.95
N SER P 21 -19.32 36.50 14.93
CA SER P 21 -18.02 36.49 15.60
C SER P 21 -17.89 37.74 16.43
N CYS P 22 -17.00 37.69 17.40
CA CYS P 22 -16.71 38.82 18.25
C CYS P 22 -15.20 38.90 18.41
N GLY P 23 -14.63 40.08 18.18
CA GLY P 23 -13.21 40.35 18.42
C GLY P 23 -13.09 41.39 19.54
N VAL P 24 -11.90 41.58 20.08
CA VAL P 24 -11.76 42.43 21.25
C VAL P 24 -10.55 43.34 21.13
N SER P 25 -10.50 44.35 22.00
CA SER P 25 -9.36 45.24 22.10
C SER P 25 -9.05 45.50 23.56
N ASN P 26 -7.76 45.45 23.88
CA ASN P 26 -7.24 45.91 25.17
C ASN P 26 -7.42 44.99 26.38
N PHE P 27 -7.80 43.74 26.08
CA PHE P 27 -7.78 42.66 27.06
C PHE P 27 -7.66 41.32 26.34
N ARG P 28 -7.31 40.30 27.09
CA ARG P 28 -7.27 38.94 26.59
C ARG P 28 -8.51 38.22 27.08
N ILE P 29 -9.20 37.51 26.19
CA ILE P 29 -10.43 36.81 26.59
C ILE P 29 -10.20 35.60 27.49
N SER P 30 -8.98 35.05 27.51
CA SER P 30 -8.73 33.75 28.14
C SER P 30 -9.14 33.62 29.61
N ALA P 31 -9.01 34.69 30.38
CA ALA P 31 -9.42 34.63 31.78
C ALA P 31 -10.90 34.94 32.01
N HIS P 32 -11.69 35.12 30.95
CA HIS P 32 -13.11 35.47 31.11
C HIS P 32 -14.06 34.44 30.56
N THR P 33 -15.15 34.23 31.28
CA THR P 33 -16.33 33.61 30.67
C THR P 33 -16.87 34.60 29.64
N MET P 34 -17.14 34.14 28.42
CA MET P 34 -17.64 35.04 27.39
C MET P 34 -19.08 34.67 27.10
N ASN P 35 -19.87 35.68 26.76
CA ASN P 35 -21.31 35.52 26.64
C ASN P 35 -21.85 36.12 25.35
N TRP P 36 -22.95 35.55 24.88
CA TRP P 36 -23.80 36.22 23.90
C TRP P 36 -25.13 36.56 24.58
N VAL P 37 -25.62 37.77 24.31
CA VAL P 37 -26.90 38.31 24.82
C VAL P 37 -27.63 38.96 23.65
N ARG P 38 -28.95 38.91 23.67
CA ARG P 38 -29.67 39.61 22.63
C ARG P 38 -30.74 40.53 23.17
N ARG P 39 -30.96 41.62 22.45
CA ARG P 39 -32.05 42.52 22.82
C ARG P 39 -33.15 42.32 21.79
N VAL P 40 -34.31 41.91 22.26
CA VAL P 40 -35.42 41.58 21.37
C VAL P 40 -36.19 42.88 21.05
N PRO P 41 -36.97 42.92 19.96
CA PRO P 41 -37.69 44.14 19.58
C PRO P 41 -38.51 44.79 20.71
N GLY P 42 -39.02 43.99 21.66
CA GLY P 42 -39.78 44.51 22.79
C GLY P 42 -38.95 45.28 23.82
N GLY P 43 -37.63 45.22 23.71
CA GLY P 43 -36.76 46.04 24.52
C GLY P 43 -35.95 45.33 25.58
N GLY P 44 -36.36 44.11 25.95
CA GLY P 44 -35.67 43.36 26.98
C GLY P 44 -34.45 42.62 26.49
N LEU P 45 -33.53 42.35 27.40
CA LEU P 45 -32.35 41.54 27.11
C LEU P 45 -32.61 40.09 27.45
N GLU P 46 -32.04 39.20 26.64
CA GLU P 46 -32.08 37.75 26.90
C GLU P 46 -30.71 37.18 26.79
N TRP P 47 -30.24 36.56 27.87
CA TRP P 47 -28.98 35.84 27.81
C TRP P 47 -29.15 34.64 26.86
N VAL P 48 -28.17 34.40 26.01
CA VAL P 48 -28.25 33.42 24.94
C VAL P 48 -27.30 32.25 25.19
N ALA P 49 -26.03 32.55 25.46
CA ALA P 49 -25.04 31.49 25.58
C ALA P 49 -23.82 31.99 26.32
N SER P 50 -23.10 31.05 26.93
CA SER P 50 -21.81 31.42 27.53
C SER P 50 -20.83 30.28 27.30
N ILE P 51 -19.55 30.63 27.37
CA ILE P 51 -18.51 29.62 27.36
C ILE P 51 -17.49 29.99 28.43
N SER P 52 -17.21 29.02 29.30
CA SER P 52 -16.34 29.27 30.45
C SER P 52 -14.87 29.26 30.04
N SER P 53 -11.26 27.96 29.47
CA SER P 53 -10.77 26.63 29.08
C SER P 53 -11.90 25.78 28.48
N SER P 54 -13.02 26.42 28.12
CA SER P 54 -14.19 25.74 27.59
C SER P 54 -14.59 24.52 28.41
N THR P 55 -14.55 24.60 29.75
CA THR P 55 -15.04 23.49 30.58
C THR P 55 -16.53 23.27 30.39
N TYR P 56 -17.26 24.33 30.04
CA TYR P 56 -18.71 24.22 29.86
C TYR P 56 -19.24 25.28 28.92
N ARG P 57 -20.17 24.87 28.06
CA ARG P 57 -20.89 25.77 27.17
C ARG P 57 -22.35 25.69 27.55
N ASP P 58 -22.92 26.83 27.91
CA ASP P 58 -24.27 26.90 28.47
C ASP P 58 -25.13 27.68 27.48
N TYR P 59 -26.39 27.25 27.31
CA TYR P 59 -27.30 27.84 26.36
C TYR P 59 -28.67 28.10 26.97
N ALA P 60 -29.32 29.18 26.55
CA ALA P 60 -30.70 29.42 26.93
C ALA P 60 -31.56 28.26 26.38
N ASP P 61 -32.63 27.94 27.10
CA ASP P 61 -33.54 26.87 26.70
C ASP P 61 -34.02 27.03 25.27
N ALA P 62 -34.26 28.29 24.87
CA ALA P 62 -34.83 28.64 23.57
C ALA P 62 -33.90 28.35 22.40
N VAL P 63 -32.60 28.24 22.67
CA VAL P 63 -31.60 28.06 21.62
C VAL P 63 -30.80 26.76 21.72
N LYS P 64 -30.98 26.04 22.82
CA LYS P 64 -30.24 24.80 23.02
C LYS P 64 -30.53 23.80 21.89
N GLY P 65 -29.46 23.23 21.35
CA GLY P 65 -29.55 22.27 20.26
C GLY P 65 -29.54 22.94 18.88
N ARG P 66 -29.58 24.27 18.86
CA ARG P 66 -29.62 25.03 17.60
C ARG P 66 -28.41 25.96 17.46
N PHE P 67 -27.91 26.43 18.59
CA PHE P 67 -26.77 27.37 18.63
C PHE P 67 -25.52 26.69 19.20
N THR P 68 -24.36 27.18 18.79
CA THR P 68 -23.09 26.68 19.30
C THR P 68 -22.20 27.86 19.58
N VAL P 69 -21.60 27.89 20.76
CA VAL P 69 -20.61 28.92 21.06
C VAL P 69 -19.20 28.30 21.06
N SER P 70 -18.24 29.01 20.49
CA SER P 70 -16.84 28.57 20.50
C SER P 70 -15.96 29.74 20.93
N ARG P 71 -14.79 29.44 21.49
CA ARG P 71 -13.86 30.52 21.79
C ARG P 71 -12.48 30.23 21.18
N ASP P 72 -11.79 31.29 20.81
CA ASP P 72 -10.44 31.19 20.27
C ASP P 72 -9.57 32.10 21.15
N ASP P 73 -8.94 31.50 22.14
CA ASP P 73 -8.19 32.24 23.16
C ASP P 73 -6.87 32.78 22.63
N LEU P 74 -6.43 32.28 21.48
CA LEU P 74 -5.12 32.63 20.98
C LEU P 74 -5.15 33.94 20.19
N GLU P 75 -6.22 34.15 19.45
CA GLU P 75 -6.40 35.41 18.72
C GLU P 75 -7.62 36.19 19.22
N ASP P 76 -8.21 35.71 20.30
CA ASP P 76 -9.24 36.44 21.05
C ASP P 76 -10.53 36.68 20.25
N PHE P 77 -11.15 35.58 19.86
CA PHE P 77 -12.44 35.63 19.19
C PHE P 77 -13.40 34.70 19.84
N VAL P 78 -14.67 35.08 19.81
CA VAL P 78 -15.74 34.19 20.22
C VAL P 78 -16.69 34.08 19.02
N TYR P 79 -17.28 32.90 18.85
CA TYR P 79 -18.19 32.63 17.74
C TYR P 79 -19.52 32.17 18.29
N LEU P 80 -20.59 32.46 17.55
CA LEU P 80 -21.90 31.93 17.82
C LEU P 80 -22.46 31.42 16.50
N GLN P 81 -22.56 30.10 16.36
CA GLN P 81 -23.28 29.49 15.23
C GLN P 81 -24.76 29.47 15.58
N MET P 82 -32.85 28.75 12.25
CA MET P 82 -33.27 29.99 12.87
C MET P 82 -34.77 30.24 12.78
N ARG P 85 -35.27 30.95 13.78
CA ARG P 85 -36.69 31.17 13.97
C ARG P 85 -36.93 32.66 13.97
N VAL P 86 -38.14 33.07 13.60
CA VAL P 86 -38.49 34.48 13.63
C VAL P 86 -38.16 35.11 14.99
N GLU P 87 -38.39 34.36 16.06
CA GLU P 87 -38.14 34.89 17.41
C GLU P 87 -36.66 35.01 17.80
N ASP P 88 -35.75 34.59 16.91
CA ASP P 88 -34.32 34.86 17.10
C ASP P 88 -33.97 36.27 16.63
N THR P 89 -34.92 36.97 15.99
CA THR P 89 -34.68 38.32 15.50
C THR P 89 -34.34 39.23 16.67
N ALA P 90 -33.17 39.86 16.62
CA ALA P 90 -32.70 40.69 17.73
C ALA P 90 -31.39 41.36 17.39
N ILE P 91 -30.93 42.22 18.30
CA ILE P 91 -29.59 42.73 18.26
C ILE P 91 -28.76 41.79 19.16
N TYR P 92 -27.66 41.26 18.64
CA TYR P 92 -26.83 40.30 19.40
C TYR P 92 -25.54 40.97 19.87
N TYR P 93 -25.25 40.84 21.16
CA TYR P 93 -24.05 41.45 21.73
C TYR P 93 -23.17 40.36 22.25
N CYS P 94 -21.87 40.55 22.11
CA CYS P 94 -20.93 39.77 22.91
C CYS P 94 -20.57 40.57 24.18
N ALA P 95 -20.49 39.87 25.31
CA ALA P 95 -20.26 40.52 26.60
C ALA P 95 -19.34 39.67 27.43
N ARG P 96 -18.36 40.30 28.07
CA ARG P 96 -17.49 39.53 28.94
C ARG P 96 -18.00 39.56 30.37
N LYS P 97 -17.85 38.44 31.06
CA LYS P 97 -18.10 38.38 32.50
C LYS P 97 -16.80 38.85 33.18
N GLY P 98 -16.89 39.84 34.05
CA GLY P 98 -15.73 40.50 34.62
C GLY P 98 -16.08 41.76 35.40
N SER P 99 -15.06 42.35 36.03
CA SER P 99 -15.22 43.58 36.79
C SER P 99 -13.91 44.37 36.79
N ASP P 100 -13.95 45.61 37.29
CA ASP P 100 -12.73 46.42 37.38
C ASP P 100 -11.88 45.94 38.57
N ARG P 101 -12.21 44.74 39.05
CA ARG P 101 -11.66 44.16 40.27
C ARG P 101 -11.27 42.70 40.05
N LEU P 102 -12.27 41.88 39.68
CA LEU P 102 -12.16 40.46 39.36
C LEU P 102 -12.40 39.51 40.54
N ASP P 103 -19.20 43.34 32.56
CA ASP P 103 -18.68 44.70 32.64
C ASP P 103 -18.33 45.33 31.30
N ALA P 104 -18.27 44.56 30.23
CA ALA P 104 -17.94 45.11 28.91
C ALA P 104 -18.72 44.42 27.81
N TRP P 105 -19.34 45.23 26.95
CA TRP P 105 -20.23 44.75 25.89
C TRP P 105 -19.84 45.38 24.54
N GLY P 106 -19.99 44.61 23.48
CA GLY P 106 -19.93 45.14 22.12
C GLY P 106 -21.16 45.99 21.79
N PRO P 107 -21.08 46.74 20.70
CA PRO P 107 -22.18 47.62 20.28
C PRO P 107 -23.39 46.88 19.71
N GLY P 108 -23.19 45.62 19.34
CA GLY P 108 -24.28 44.77 18.86
C GLY P 108 -24.29 44.65 17.35
N THR P 109 -24.77 43.50 16.88
CA THR P 109 -24.99 43.29 15.45
C THR P 109 -26.46 42.83 15.27
N VAL P 110 -27.11 43.40 14.26
CA VAL P 110 -28.54 43.17 14.01
C VAL P 110 -28.75 41.87 13.22
N VAL P 111 -29.61 41.01 13.75
CA VAL P 111 -29.97 39.76 13.09
C VAL P 111 -31.48 39.68 12.89
N THR P 112 -31.90 39.49 11.65
CA THR P 112 -33.31 39.53 11.30
C THR P 112 -33.70 38.26 10.57
N VAL P 113 -34.72 37.59 11.09
CA VAL P 113 -35.14 36.32 10.52
C VAL P 113 -36.51 36.50 9.87
N SER P 114 -36.57 36.31 8.57
CA SER P 114 -37.83 36.45 7.85
C SER P 114 -38.66 35.16 7.99
N PRO P 115 -39.98 35.29 8.09
CA PRO P 115 -40.86 34.15 8.41
C PRO P 115 -40.97 33.02 7.39
N ALA P 116 -40.79 33.29 6.10
CA ALA P 116 -40.92 32.25 5.10
C ALA P 116 -39.69 31.34 5.01
N SER P 117 -39.89 30.06 5.26
CA SER P 117 -38.85 29.03 5.04
C SER P 117 -38.67 28.69 3.57
N THR P 118 -39.78 28.75 2.83
CA THR P 118 -39.77 28.42 1.41
C THR P 118 -40.63 29.43 0.66
N LYS P 119 -40.44 29.49 -0.66
CA LYS P 119 -41.33 30.23 -1.52
C LYS P 119 -41.32 29.36 -2.81
N GLY P 120 -42.55 29.08 -3.34
CA GLY P 120 -42.64 28.29 -4.62
C GLY P 120 -42.40 29.22 -5.80
N PRO P 121 -42.06 28.63 -6.94
CA PRO P 121 -41.79 29.41 -8.17
C PRO P 121 -43.06 29.93 -8.88
N SER P 122 -42.90 30.99 -9.68
CA SER P 122 -43.94 31.40 -10.66
C SER P 122 -43.54 30.78 -12.03
N VAL P 123 -44.54 30.38 -12.85
CA VAL P 123 -44.27 29.76 -14.17
C VAL P 123 -44.87 30.60 -15.32
N PHE P 124 -44.02 30.97 -16.30
CA PHE P 124 -44.48 31.77 -17.47
C PHE P 124 -44.08 31.14 -18.83
N PRO P 125 -44.96 31.25 -19.83
CA PRO P 125 -44.78 30.52 -21.10
C PRO P 125 -43.99 31.22 -22.23
N LEU P 126 -42.70 30.68 -22.42
CA LEU P 126 -41.90 31.00 -23.62
C LEU P 126 -42.55 30.49 -24.92
N ALA P 127 -43.35 31.36 -25.54
CA ALA P 127 -44.24 30.99 -26.66
C ALA P 127 -43.52 30.65 -27.97
N GLY P 130 -39.35 23.62 -40.55
CA GLY P 130 -38.14 23.63 -39.73
C GLY P 130 -38.41 23.28 -38.29
N THR P 131 -37.58 23.82 -37.39
CA THR P 131 -37.68 23.58 -35.95
C THR P 131 -38.04 24.88 -35.23
N ALA P 132 -38.83 24.64 -34.03
CA ALA P 132 -39.16 25.74 -33.12
C ALA P 132 -38.71 25.48 -31.68
N ALA P 133 -38.54 26.57 -30.92
CA ALA P 133 -38.16 26.44 -29.51
C ALA P 133 -39.16 27.12 -28.59
N LEU P 134 -39.78 26.18 -27.69
CA LEU P 134 -40.64 26.71 -26.64
C LEU P 134 -40.12 26.34 -25.27
N GLY P 135 -40.73 26.92 -24.24
CA GLY P 135 -40.30 26.62 -22.89
C GLY P 135 -41.22 27.21 -21.84
N CYS P 136 -40.79 27.08 -20.58
CA CYS P 136 -41.41 27.67 -19.41
C CYS P 136 -40.28 28.33 -18.61
N LEU P 137 -40.55 29.52 -18.04
CA LEU P 137 -39.61 30.17 -17.12
C LEU P 137 -40.08 29.97 -15.66
N VAL P 138 -39.20 29.41 -14.84
CA VAL P 138 -39.54 29.04 -13.46
C VAL P 138 -38.84 30.02 -12.51
N LYS P 139 -39.58 31.03 -12.06
CA LYS P 139 -38.98 32.18 -11.38
C LYS P 139 -39.33 32.32 -9.90
N ASP P 140 -38.34 32.78 -9.13
CA ASP P 140 -38.54 33.24 -7.75
C ASP P 140 -38.96 32.15 -6.77
N TYR P 141 -38.12 31.12 -6.66
CA TYR P 141 -38.38 30.07 -5.69
C TYR P 141 -37.20 29.92 -4.75
N PHE P 142 -37.46 29.29 -3.61
CA PHE P 142 -36.44 29.02 -2.61
C PHE P 142 -36.97 27.92 -1.68
N PRO P 143 -36.12 26.97 -1.28
CA PRO P 143 -34.76 26.80 -1.80
C PRO P 143 -34.77 25.87 -3.02
N GLU P 144 -33.60 25.47 -3.49
CA GLU P 144 -33.51 24.44 -4.54
C GLU P 144 -33.92 23.08 -3.93
N PRO P 145 -34.26 22.09 -4.77
CA PRO P 145 -34.38 22.25 -6.22
C PRO P 145 -35.83 22.34 -6.74
N VAL P 146 -35.94 22.69 -8.01
CA VAL P 146 -37.19 22.54 -8.76
C VAL P 146 -37.01 21.41 -9.78
N THR P 147 -38.06 20.63 -9.96
CA THR P 147 -38.07 19.53 -10.91
C THR P 147 -39.03 19.87 -12.04
N VAL P 148 -38.58 19.69 -13.28
CA VAL P 148 -39.43 19.92 -14.44
C VAL P 148 -39.47 18.66 -15.30
N SER P 149 -41.23 18.21 -15.71
CA SER P 149 -41.16 17.42 -16.92
C SER P 149 -41.88 18.15 -18.04
N TRP P 150 -41.95 17.51 -19.21
CA TRP P 150 -42.69 18.05 -20.33
C TRP P 150 -43.62 16.97 -20.85
N ASN P 151 -46.43 17.60 -20.69
CA ASN P 151 -46.68 16.24 -21.17
C ASN P 151 -46.20 15.16 -20.16
N SER P 152 -46.10 15.56 -18.88
CA SER P 152 -45.94 14.63 -17.75
C SER P 152 -44.92 13.52 -17.97
N GLY P 153 -43.84 13.86 -18.71
CA GLY P 153 -42.74 12.94 -18.99
C GLY P 153 -42.85 12.10 -20.26
N ALA P 154 -43.84 12.38 -21.09
CA ALA P 154 -43.96 11.70 -22.39
C ALA P 154 -43.03 12.35 -23.41
N LEU P 155 -42.77 13.64 -23.23
CA LEU P 155 -41.82 14.38 -24.07
C LEU P 155 -40.48 14.52 -23.35
N THR P 156 -39.44 13.91 -23.93
CA THR P 156 -38.08 13.98 -23.38
C THR P 156 -37.05 14.44 -24.43
N SER P 157 -37.30 14.09 -25.69
CA SER P 157 -36.41 14.43 -26.81
C SER P 157 -36.41 15.92 -27.16
N GLY P 158 -35.18 16.53 -27.13
CA GLY P 158 -35.00 17.89 -27.65
C GLY P 158 -34.52 18.92 -26.64
N VAL P 159 -35.39 17.83 -24.55
CA VAL P 159 -35.62 18.81 -23.50
C VAL P 159 -34.30 19.26 -22.89
N HIS P 160 -34.17 20.57 -22.62
CA HIS P 160 -33.06 21.11 -21.84
C HIS P 160 -33.61 21.90 -20.65
N THR P 161 -33.35 21.39 -19.45
CA THR P 161 -33.69 22.08 -18.22
C THR P 161 -32.37 22.60 -17.64
N PHE P 162 -32.25 23.91 -17.53
CA PHE P 162 -30.98 24.56 -17.22
C PHE P 162 -30.73 24.59 -15.71
N PRO P 163 -29.46 24.64 -15.30
CA PRO P 163 -29.15 24.88 -13.88
C PRO P 163 -29.77 26.19 -13.44
N ALA P 164 -30.21 26.23 -12.19
CA ALA P 164 -30.79 27.44 -11.62
C ALA P 164 -29.72 28.48 -11.48
N VAL P 165 -30.13 29.73 -11.56
CA VAL P 165 -29.28 30.85 -11.24
C VAL P 165 -29.80 31.50 -9.94
N LEU P 166 -28.89 31.96 -9.10
CA LEU P 166 -29.23 32.68 -7.89
C LEU P 166 -29.32 34.17 -8.24
N GLN P 167 -30.51 34.75 -8.14
CA GLN P 167 -30.70 36.16 -8.49
C GLN P 167 -30.20 37.09 -7.39
N SER P 168 -29.97 38.36 -7.75
CA SER P 168 -29.43 39.37 -6.83
C SER P 168 -30.24 39.45 -5.54
N SER P 169 -32.17 39.06 -5.69
CA SER P 169 -33.20 39.00 -4.66
C SER P 169 -32.89 37.86 -3.67
N GLY P 170 -31.99 36.96 -4.06
CA GLY P 170 -31.70 35.78 -3.25
C GLY P 170 -32.65 34.63 -3.52
N LEU P 171 -33.48 34.78 -4.56
CA LEU P 171 -34.39 33.74 -5.02
C LEU P 171 -33.82 33.14 -6.30
N TYR P 172 -34.10 31.86 -6.52
CA TYR P 172 -33.61 31.14 -7.70
C TYR P 172 -34.56 31.26 -8.89
N SER P 173 -34.00 31.07 -10.09
CA SER P 173 -34.76 31.05 -11.33
C SER P 173 -34.11 30.08 -12.30
N LEU P 174 -34.94 29.30 -13.00
CA LEU P 174 -34.45 28.44 -14.06
C LEU P 174 -35.41 28.39 -15.24
N SER P 175 -34.87 28.07 -16.42
CA SER P 175 -35.70 27.85 -17.59
C SER P 175 -35.62 26.40 -18.06
N SER P 176 -36.72 25.88 -18.57
CA SER P 176 -36.71 24.58 -19.22
C SER P 176 -37.24 24.79 -20.61
N VAL P 177 -36.49 24.34 -21.61
CA VAL P 177 -36.87 24.51 -23.02
C VAL P 177 -36.93 23.17 -23.74
N VAL P 178 -37.62 23.17 -24.88
CA VAL P 178 -37.68 22.00 -25.74
C VAL P 178 -37.71 22.49 -27.17
N THR P 179 -36.98 21.80 -28.05
CA THR P 179 -37.17 22.00 -29.48
C THR P 179 -38.10 20.90 -29.98
N VAL P 180 -39.06 21.32 -30.79
CA VAL P 180 -40.03 20.44 -31.43
C VAL P 180 -40.14 20.85 -32.89
N PRO P 181 -40.70 19.99 -33.76
CA PRO P 181 -41.03 20.41 -35.13
C PRO P 181 -41.91 21.67 -35.09
N SER P 182 -41.69 22.56 -36.06
CA SER P 182 -42.51 23.78 -36.21
C SER P 182 -43.97 23.44 -36.53
N SER P 183 -44.11 22.43 -37.45
CA SER P 183 -45.43 21.94 -37.86
C SER P 183 -46.28 21.45 -36.69
N SER P 184 -45.63 20.98 -35.63
CA SER P 184 -46.31 20.39 -34.48
C SER P 184 -46.96 21.38 -33.49
N LEU P 185 -46.71 22.69 -33.76
CA LEU P 185 -47.17 23.77 -32.88
C LEU P 185 -48.70 24.01 -32.88
N GLY P 186 -49.32 23.92 -34.05
CA GLY P 186 -50.72 24.29 -34.21
C GLY P 186 -51.76 23.28 -33.75
N THR P 187 -51.34 22.04 -33.49
CA THR P 187 -52.28 20.96 -33.18
C THR P 187 -52.47 20.76 -31.67
N GLN P 188 -49.68 19.08 -31.58
CA GLN P 188 -49.57 19.38 -30.16
C GLN P 188 -49.74 20.88 -29.91
N THR P 189 -50.32 18.63 -27.09
CA THR P 189 -50.13 19.92 -26.43
C THR P 189 -48.86 19.91 -25.57
N TYR P 190 -48.30 21.10 -25.29
CA TYR P 190 -47.02 21.19 -24.57
C TYR P 190 -47.14 21.80 -23.17
N ILE P 191 -47.11 20.88 -22.18
CA ILE P 191 -47.31 21.23 -20.78
C ILE P 191 -46.02 20.94 -20.02
N CYS P 192 -45.60 21.93 -19.23
CA CYS P 192 -44.44 21.74 -18.38
C CYS P 192 -44.87 21.59 -16.92
N ASN P 193 -44.58 20.36 -16.38
CA ASN P 193 -44.96 20.08 -15.01
C ASN P 193 -43.82 20.50 -14.08
N VAL P 194 -44.05 21.59 -13.37
CA VAL P 194 -43.08 22.14 -12.43
C VAL P 194 -43.42 21.67 -11.02
N ASN P 195 -42.43 21.08 -10.35
CA ASN P 195 -42.61 20.56 -9.01
C ASN P 195 -41.53 21.09 -8.05
N HIS P 196 -42.00 21.78 -7.01
CA HIS P 196 -41.15 22.36 -5.97
C HIS P 196 -41.49 21.70 -4.65
N LYS P 197 -40.80 20.60 -4.35
CA LYS P 197 -41.06 19.75 -3.19
C LYS P 197 -41.01 20.45 -1.82
N PRO P 198 -39.99 21.28 -1.56
CA PRO P 198 -39.88 22.01 -0.29
C PRO P 198 -41.12 22.84 0.08
N SER P 199 -41.75 23.50 -0.90
CA SER P 199 -42.98 24.25 -0.62
C SER P 199 -44.26 23.44 -0.87
N ASN P 200 -44.10 22.23 -1.41
CA ASN P 200 -45.22 21.37 -1.84
C ASN P 200 -46.06 22.00 -2.95
N THR P 201 -45.39 22.76 -3.81
CA THR P 201 -46.00 23.45 -4.94
C THR P 201 -45.88 22.64 -6.22
N LYS P 202 -47.01 22.44 -6.90
CA LYS P 202 -47.06 21.75 -8.18
C LYS P 202 -47.80 22.62 -9.18
N VAL P 203 -47.20 22.87 -10.34
CA VAL P 203 -47.82 23.67 -11.38
C VAL P 203 -47.71 22.96 -12.73
N ASP P 204 -48.84 22.89 -13.45
CA ASP P 204 -48.83 22.44 -14.85
C ASP P 204 -49.19 23.64 -15.73
N LYS P 205 -48.26 23.98 -16.70
CA LYS P 205 -48.45 25.21 -17.48
C LYS P 205 -48.69 24.94 -18.98
N LYS P 206 -49.86 25.44 -19.46
CA LYS P 206 -50.04 25.62 -20.88
C LYS P 206 -49.66 27.09 -21.18
N VAL P 207 -48.01 25.45 -23.16
CA VAL P 207 -47.38 26.61 -23.79
C VAL P 207 -47.85 26.72 -25.23
N GLU P 208 -48.47 27.86 -25.56
CA GLU P 208 -49.12 28.06 -26.85
C GLU P 208 -48.53 29.24 -27.62
N PRO P 209 -48.66 29.24 -28.95
CA PRO P 209 -48.30 30.41 -29.77
C PRO P 209 -49.11 31.64 -29.38
N LYS P 210 -48.43 32.78 -29.18
CA LYS P 210 -49.05 34.01 -28.70
C LYS P 210 -49.96 34.66 -29.74
N PRO Q 1 -76.55 46.13 17.78
CA PRO Q 1 -76.99 46.34 19.19
C PRO Q 1 -77.04 45.00 19.91
N SER Q 2 -76.28 44.86 20.99
CA SER Q 2 -76.30 43.62 21.74
C SER Q 2 -76.85 43.90 23.11
N VAL Q 3 -77.43 42.87 23.73
CA VAL Q 3 -78.01 42.97 25.07
C VAL Q 3 -77.58 41.79 25.92
N PHE Q 4 -77.03 42.08 27.10
CA PHE Q 4 -76.60 41.07 28.04
C PHE Q 4 -77.30 41.24 29.37
N LEU Q 5 -77.88 40.17 29.89
CA LEU Q 5 -78.57 40.20 31.18
C LEU Q 5 -77.66 39.67 32.31
N PHE Q 6 -77.63 40.37 33.43
CA PHE Q 6 -76.77 39.94 34.53
C PHE Q 6 -77.58 39.71 35.79
N PRO Q 7 -77.36 38.57 36.44
CA PRO Q 7 -78.11 38.27 37.66
C PRO Q 7 -77.41 38.86 38.88
N PRO Q 8 -78.11 38.93 40.01
CA PRO Q 8 -77.55 39.47 41.25
C PRO Q 8 -76.46 38.51 41.74
N LYS Q 9 -75.65 39.00 42.67
CA LYS Q 9 -74.58 38.17 43.19
C LYS Q 9 -75.15 37.27 44.25
N PRO Q 10 -74.63 36.04 44.34
CA PRO Q 10 -75.05 35.01 45.28
C PRO Q 10 -75.36 35.49 46.68
N LYS Q 11 -74.57 36.43 47.18
CA LYS Q 11 -74.77 36.93 48.53
C LYS Q 11 -75.92 37.93 48.62
N ASP Q 12 -76.14 38.66 47.54
CA ASP Q 12 -77.17 39.69 47.51
C ASP Q 12 -78.57 39.16 47.83
N THR Q 13 -78.88 37.97 47.35
CA THR Q 13 -80.19 37.38 47.56
C THR Q 13 -80.28 36.51 48.80
N LEU Q 14 -79.17 36.35 49.47
CA LEU Q 14 -79.13 35.51 50.66
C LEU Q 14 -79.21 36.35 51.92
N MET Q 15 -78.81 37.62 51.80
CA MET Q 15 -78.83 38.53 52.94
C MET Q 15 -79.82 39.68 52.76
N ILE Q 16 -80.83 39.68 53.63
CA ILE Q 16 -81.89 40.68 53.60
C ILE Q 16 -81.36 42.11 53.62
N SER Q 17 -80.19 42.29 54.21
CA SER Q 17 -79.58 43.61 54.30
C SER Q 17 -78.97 44.07 52.97
N ARG Q 18 -78.49 43.11 52.19
CA ARG Q 18 -77.89 43.42 50.91
C ARG Q 18 -79.00 43.81 49.93
N THR Q 19 -78.61 44.35 48.77
CA THR Q 19 -79.52 44.77 47.73
C THR Q 19 -79.28 44.04 46.41
N PRO Q 20 -80.09 43.00 46.12
CA PRO Q 20 -79.95 42.22 44.90
C PRO Q 20 -80.55 42.89 43.67
N GLU Q 21 -79.84 42.84 42.56
CA GLU Q 21 -80.36 43.44 41.35
C GLU Q 21 -80.04 42.69 40.06
N VAL Q 22 -80.89 42.91 39.06
CA VAL Q 22 -80.78 42.32 37.74
C VAL Q 22 -80.43 43.47 36.81
N THR Q 23 -79.31 43.34 36.11
CA THR Q 23 -78.84 44.42 35.25
C THR Q 23 -78.87 44.12 33.77
N CYS Q 24 -79.46 45.04 33.02
CA CYS Q 24 -79.55 44.87 31.58
C CYS Q 24 -78.60 45.83 30.90
N VAL Q 25 -77.64 45.26 30.18
CA VAL Q 25 -76.64 46.04 29.47
C VAL Q 25 -76.85 45.97 27.97
N VAL Q 26 -76.77 47.12 27.29
CA VAL Q 26 -76.93 47.18 25.84
C VAL Q 26 -75.72 47.86 25.24
N VAL Q 27 -74.96 47.12 24.44
CA VAL Q 27 -73.79 47.70 23.81
C VAL Q 27 -74.02 47.84 22.32
N ASP Q 28 -73.27 48.76 21.71
CA ASP Q 28 -73.34 49.00 20.28
C ASP Q 28 -74.64 49.66 19.85
N VAL Q 29 -75.01 50.72 20.57
CA VAL Q 29 -76.19 51.49 20.21
C VAL Q 29 -75.64 52.65 19.39
N SER Q 30 -75.71 52.50 18.06
CA SER Q 30 -75.22 53.50 17.11
C SER Q 30 -75.32 54.95 17.56
N HIS Q 31 -74.40 55.78 17.07
CA HIS Q 31 -74.38 57.20 17.40
C HIS Q 31 -75.59 57.91 16.83
N GLU Q 32 -76.07 57.43 15.68
CA GLU Q 32 -77.22 58.03 15.01
C GLU Q 32 -78.50 57.90 15.83
N ASP Q 33 -78.97 56.68 16.07
CA ASP Q 33 -80.19 56.46 16.84
C ASP Q 33 -79.90 55.99 18.27
N PRO Q 34 -79.51 56.92 19.17
CA PRO Q 34 -79.22 56.55 20.56
C PRO Q 34 -80.44 56.35 21.45
N GLN Q 35 -81.63 56.31 20.85
CA GLN Q 35 -82.83 56.11 21.64
C GLN Q 35 -82.91 54.64 22.02
N VAL Q 36 -83.11 54.37 23.30
CA VAL Q 36 -83.26 52.99 23.76
C VAL Q 36 -84.39 52.97 24.79
N LYS Q 37 -85.29 52.01 24.60
CA LYS Q 37 -86.45 51.86 25.47
C LYS Q 37 -86.40 50.52 26.19
N PHE Q 38 -86.55 50.55 27.51
CA PHE Q 38 -86.54 49.32 28.30
C PHE Q 38 -87.92 49.01 28.82
N ASN Q 39 -88.27 47.72 28.79
CA ASN Q 39 -89.54 47.25 29.34
C ASN Q 39 -89.15 46.07 30.20
N TRP Q 40 -89.66 46.02 31.43
CA TRP Q 40 -89.34 44.93 32.35
C TRP Q 40 -90.52 44.07 32.72
N TYR Q 41 -90.25 42.77 32.79
CA TYR Q 41 -91.25 41.78 33.14
C TYR Q 41 -90.72 40.83 34.19
N VAL Q 42 -91.59 40.51 35.14
CA VAL Q 42 -91.33 39.62 36.26
C VAL Q 42 -92.43 38.59 36.07
N ASP Q 43 -92.09 37.48 35.43
CA ASP Q 43 -93.03 36.41 35.11
C ASP Q 43 -94.04 36.90 34.05
N GLY Q 44 -93.55 37.70 33.12
CA GLY Q 44 -94.39 38.21 32.05
C GLY Q 44 -95.24 39.40 32.41
N VAL Q 45 -95.13 39.89 33.63
CA VAL Q 45 -95.91 41.06 34.04
C VAL Q 45 -95.02 42.27 34.26
N GLN Q 46 -95.55 43.45 33.96
CA GLN Q 46 -94.85 44.74 34.13
C GLN Q 46 -94.48 45.47 32.84
N VAL Q 47 -95.17 45.21 31.73
CA VAL Q 47 -94.81 45.95 30.52
C VAL Q 47 -94.88 47.42 30.90
N HIS Q 48 -95.60 47.68 32.00
CA HIS Q 48 -95.81 49.03 32.54
C HIS Q 48 -94.77 49.49 33.58
N ASN Q 49 -93.48 49.27 33.31
CA ASN Q 49 -92.41 49.67 34.22
C ASN Q 49 -92.17 48.82 35.48
N ALA Q 50 -91.74 49.51 36.53
CA ALA Q 50 -91.42 48.91 37.83
C ALA Q 50 -90.33 49.80 38.39
N LYS Q 51 -89.59 49.30 39.38
CA LYS Q 51 -88.52 50.08 39.98
C LYS Q 51 -87.76 50.72 38.82
N THR Q 52 -87.16 49.91 37.96
CA THR Q 52 -86.42 50.40 36.78
C THR Q 52 -85.48 51.59 37.05
N LYS Q 53 -84.49 51.77 36.17
CA LYS Q 53 -83.56 52.87 36.30
C LYS Q 53 -82.41 52.84 35.28
N PRO Q 54 -82.52 53.65 34.20
CA PRO Q 54 -81.51 53.75 33.12
C PRO Q 54 -80.58 54.98 33.30
N ARG Q 55 -79.53 55.08 32.48
CA ARG Q 55 -78.56 56.20 32.59
C ARG Q 55 -77.97 56.88 31.34
N GLU Q 56 -77.36 56.12 30.42
CA GLU Q 56 -76.75 56.65 29.16
C GLU Q 56 -75.24 56.94 29.24
N GLN Q 57 -74.49 56.57 28.19
CA GLN Q 57 -73.02 56.76 28.10
C GLN Q 57 -72.50 56.70 26.65
N GLN Q 58 -71.20 56.96 26.43
CA GLN Q 58 -70.59 56.91 25.08
C GLN Q 58 -69.23 56.18 25.11
N TYR Q 59 -68.92 55.43 24.06
CA TYR Q 59 -67.65 54.69 23.99
C TYR Q 59 -66.87 54.77 22.68
N ASN Q 60 -66.26 53.64 22.31
CA ASN Q 60 -65.45 53.50 21.09
C ASN Q 60 -65.97 54.29 19.90
N SER Q 61 -67.22 54.01 19.52
CA SER Q 61 -67.91 54.63 18.40
C SER Q 61 -69.36 54.11 18.42
N THR Q 62 -69.86 53.88 19.64
CA THR Q 62 -71.20 53.36 19.88
C THR Q 62 -71.68 53.87 21.23
N TYR Q 63 -72.88 53.46 21.63
CA TYR Q 63 -73.43 53.87 22.92
C TYR Q 63 -73.65 52.65 23.79
N ARG Q 64 -73.69 52.88 25.10
CA ARG Q 64 -73.90 51.82 26.07
C ARG Q 64 -74.98 52.31 27.02
N VAL Q 65 -76.04 51.52 27.19
CA VAL Q 65 -77.15 51.91 28.06
C VAL Q 65 -77.39 50.82 29.08
N VAL Q 66 -77.42 51.21 30.35
CA VAL Q 66 -77.63 50.26 31.42
C VAL Q 66 -78.93 50.51 32.16
N SER Q 67 -79.70 49.45 32.39
CA SER Q 67 -80.94 49.58 33.13
C SER Q 67 -80.81 48.63 34.33
N VAL Q 68 -81.24 49.09 35.51
CA VAL Q 68 -81.13 48.27 36.71
C VAL Q 68 -82.46 48.01 37.42
N LEU Q 69 -82.77 46.73 37.63
CA LEU Q 69 -84.00 46.34 38.33
C LEU Q 69 -83.63 45.69 39.64
N THR Q 70 -84.06 46.30 40.74
CA THR Q 70 -83.80 45.76 42.07
C THR Q 70 -84.80 44.63 42.22
N VAL Q 71 -84.38 43.48 42.73
CA VAL Q 71 -85.33 42.39 42.92
C VAL Q 71 -85.54 42.07 44.39
N LEU Q 72 -86.61 41.33 44.67
CA LEU Q 72 -86.93 40.90 46.03
C LEU Q 72 -86.33 39.52 46.31
N HIS Q 73 -85.47 39.45 47.31
CA HIS Q 73 -84.81 38.21 47.70
C HIS Q 73 -85.68 36.97 47.49
N GLN Q 74 -86.92 37.00 47.99
CA GLN Q 74 -87.79 35.85 47.83
C GLN Q 74 -88.33 35.67 46.41
N ASN Q 75 -88.44 36.75 45.65
CA ASN Q 75 -88.91 36.60 44.27
C ASN Q 75 -87.82 35.83 43.55
N TRP Q 76 -86.57 36.20 43.78
CA TRP Q 76 -85.47 35.50 43.13
C TRP Q 76 -85.38 34.06 43.63
N LEU Q 77 -85.40 33.89 44.95
CA LEU Q 77 -85.32 32.55 45.52
C LEU Q 77 -86.50 31.68 45.15
N ASP Q 78 -87.63 32.30 44.80
CA ASP Q 78 -88.83 31.57 44.39
C ASP Q 78 -88.85 31.36 42.87
N GLY Q 79 -87.68 31.44 42.26
CA GLY Q 79 -87.53 31.20 40.85
C GLY Q 79 -88.19 32.14 39.85
N LYS Q 80 -88.70 33.28 40.30
CA LYS Q 80 -89.34 34.19 39.35
C LYS Q 80 -88.42 34.53 38.18
N GLU Q 81 -89.00 34.79 37.01
CA GLU Q 81 -88.19 35.13 35.85
C GLU Q 81 -88.23 36.63 35.50
N TYR Q 82 -87.07 37.17 35.13
CA TYR Q 82 -86.97 38.59 34.80
C TYR Q 82 -86.65 38.81 33.35
N LYS Q 83 -87.52 39.58 32.69
CA LYS Q 83 -87.30 39.86 31.29
C LYS Q 83 -86.94 41.32 31.06
N CYS Q 84 -85.93 41.54 30.23
CA CYS Q 84 -85.51 42.88 29.87
C CYS Q 84 -85.80 42.95 28.39
N LYS Q 85 -86.56 43.96 27.98
CA LYS Q 85 -86.95 44.13 26.59
C LYS Q 85 -86.30 45.40 26.11
N VAL Q 86 -85.45 45.30 25.09
CA VAL Q 86 -84.74 46.46 24.56
C VAL Q 86 -85.21 46.83 23.17
N SER Q 87 -85.83 47.99 23.05
CA SER Q 87 -86.32 48.45 21.76
C SER Q 87 -85.51 49.62 21.26
N ASN Q 88 -85.05 49.52 20.02
CA ASN Q 88 -84.26 50.58 19.40
C ASN Q 88 -84.76 50.78 17.97
N LYS Q 89 -84.92 52.03 17.56
CA LYS Q 89 -85.41 52.32 16.20
C LYS Q 89 -84.52 51.71 15.12
N ALA Q 90 -83.24 51.53 15.45
CA ALA Q 90 -82.31 50.94 14.50
C ALA Q 90 -82.31 49.42 14.63
N LEU Q 91 -83.43 48.85 15.08
CA LEU Q 91 -83.52 47.41 15.28
C LEU Q 91 -84.76 46.83 14.60
N PRO Q 92 -84.60 45.72 13.85
CA PRO Q 92 -85.69 45.06 13.13
C PRO Q 92 -86.87 44.74 14.03
N ALA Q 93 -86.55 44.23 15.21
CA ALA Q 93 -87.53 43.87 16.21
C ALA Q 93 -86.87 44.07 17.57
N PRO Q 94 -87.67 44.13 18.65
CA PRO Q 94 -87.07 44.32 19.96
C PRO Q 94 -86.32 43.07 20.38
N ILE Q 95 -85.28 43.23 21.18
CA ILE Q 95 -84.50 42.11 21.67
C ILE Q 95 -84.86 41.89 23.11
N GLU Q 96 -85.19 40.64 23.44
CA GLU Q 96 -85.56 40.28 24.79
C GLU Q 96 -84.61 39.26 25.38
N LYS Q 97 -84.25 39.46 26.65
CA LYS Q 97 -83.37 38.53 27.38
C LYS Q 97 -84.11 38.22 28.68
N THR Q 98 -83.89 37.03 29.20
CA THR Q 98 -84.57 36.63 30.44
C THR Q 98 -83.64 35.83 31.34
N ILE Q 99 -83.72 36.07 32.65
CA ILE Q 99 -82.86 35.32 33.53
C ILE Q 99 -83.53 34.99 34.88
N SER Q 100 -83.00 33.98 35.56
CA SER Q 100 -83.54 33.59 36.87
C SER Q 100 -82.60 32.56 37.46
N LYS Q 101 -82.90 32.04 38.64
CA LYS Q 101 -82.01 31.04 39.17
C LYS Q 101 -82.33 29.77 38.41
N ALA Q 102 -81.35 28.89 38.30
CA ALA Q 102 -81.51 27.62 37.58
C ALA Q 102 -82.71 26.85 38.15
N LYS Q 103 -83.44 26.14 37.29
CA LYS Q 103 -84.58 25.36 37.76
C LYS Q 103 -84.05 24.09 38.41
N GLY Q 104 -84.67 23.68 39.52
CA GLY Q 104 -84.23 22.49 40.20
C GLY Q 104 -84.44 22.66 41.69
N GLN Q 105 -84.63 21.57 42.40
CA GLN Q 105 -84.83 21.63 43.84
C GLN Q 105 -83.49 21.86 44.52
N PRO Q 106 -83.45 22.80 45.48
CA PRO Q 106 -82.29 23.20 46.28
C PRO Q 106 -81.74 22.13 47.20
N ARG Q 107 -80.48 21.75 47.00
CA ARG Q 107 -79.85 20.74 47.83
C ARG Q 107 -78.87 21.42 48.77
N GLU Q 108 -78.86 21.00 50.03
CA GLU Q 108 -77.97 21.59 51.03
C GLU Q 108 -76.52 21.23 50.76
N PRO Q 109 -75.63 22.23 50.83
CA PRO Q 109 -74.21 21.95 50.60
C PRO Q 109 -73.53 21.33 51.82
N GLN Q 110 -72.70 20.33 51.59
CA GLN Q 110 -71.96 19.68 52.69
C GLN Q 110 -70.59 20.35 52.71
N VAL Q 111 -70.25 20.96 53.84
CA VAL Q 111 -68.96 21.65 53.96
C VAL Q 111 -67.98 20.94 54.91
N TYR Q 112 -66.86 20.49 54.38
CA TYR Q 112 -65.84 19.79 55.17
C TYR Q 112 -64.51 20.52 55.11
N THR Q 113 -63.76 20.51 56.22
CA THR Q 113 -62.44 21.14 56.24
C THR Q 113 -61.39 20.05 56.07
N LEU Q 114 -60.33 20.37 55.34
CA LEU Q 114 -59.26 19.43 55.08
C LEU Q 114 -57.89 20.02 55.36
N PRO Q 115 -57.17 19.49 56.37
CA PRO Q 115 -55.84 19.96 56.73
C PRO Q 115 -54.82 19.57 55.66
N PRO Q 116 -53.66 20.25 55.64
CA PRO Q 116 -52.61 19.95 54.65
C PRO Q 116 -52.02 18.53 54.72
N SER Q 117 -51.41 18.13 53.61
CA SER Q 117 -50.77 16.83 53.48
C SER Q 117 -49.42 16.86 54.19
N ARG Q 118 -49.07 15.78 54.87
CA ARG Q 118 -47.79 15.71 55.59
C ARG Q 118 -46.63 16.14 54.70
N GLU Q 119 -46.72 15.77 53.43
CA GLU Q 119 -45.67 16.07 52.46
C GLU Q 119 -45.62 17.52 52.00
N GLU Q 120 -46.50 18.37 52.52
CA GLU Q 120 -46.51 19.77 52.14
C GLU Q 120 -45.99 20.64 53.27
N MET Q 121 -46.16 20.16 54.49
CA MET Q 121 -45.71 20.91 55.66
C MET Q 121 -44.20 20.99 55.76
N THR Q 122 -43.54 20.80 54.62
CA THR Q 122 -42.08 20.87 54.52
C THR Q 122 -41.75 22.10 53.68
N LYS Q 123 -42.78 22.90 53.45
CA LYS Q 123 -42.68 24.14 52.68
C LYS Q 123 -43.08 25.28 53.61
N ASN Q 124 -42.67 26.50 53.28
CA ASN Q 124 -42.98 27.67 54.11
C ASN Q 124 -44.46 28.00 54.20
N GLN Q 125 -45.25 27.48 53.27
CA GLN Q 125 -46.68 27.72 53.27
C GLN Q 125 -47.46 26.46 52.91
N VAL Q 126 -48.58 26.26 53.59
CA VAL Q 126 -49.42 25.08 53.38
C VAL Q 126 -50.78 25.43 52.80
N SER Q 127 -51.59 24.40 52.58
CA SER Q 127 -52.92 24.56 52.00
C SER Q 127 -54.01 24.03 52.91
N LEU Q 128 -54.94 24.90 53.29
CA LEU Q 128 -56.06 24.48 54.13
C LEU Q 128 -57.24 24.40 53.16
N THR Q 129 -57.77 23.18 52.96
CA THR Q 129 -58.87 22.99 52.03
C THR Q 129 -60.25 22.93 52.67
N CYS Q 130 -61.24 23.44 51.94
CA CYS Q 130 -62.64 23.47 52.38
C CYS Q 130 -63.45 22.88 51.22
N LEU Q 131 -63.99 21.69 51.43
CA LEU Q 131 -64.78 21.01 50.42
C LEU Q 131 -66.25 21.32 50.62
N VAL Q 132 -66.91 21.70 49.54
CA VAL Q 132 -68.34 22.03 49.58
C VAL Q 132 -68.97 21.22 48.46
N LYS Q 133 -69.75 20.20 48.82
CA LYS Q 133 -70.35 19.34 47.81
C LYS Q 133 -71.85 19.16 47.94
N GLY Q 134 -72.45 18.55 46.91
CA GLY Q 134 -73.87 18.28 46.90
C GLY Q 134 -74.80 19.47 47.01
N PHE Q 135 -74.42 20.63 46.51
CA PHE Q 135 -75.33 21.77 46.59
C PHE Q 135 -75.95 22.05 45.23
N TYR Q 136 -77.04 22.80 45.23
CA TYR Q 136 -77.78 23.17 44.02
C TYR Q 136 -78.77 24.27 44.44
N PRO Q 137 -78.91 25.34 43.64
CA PRO Q 137 -78.19 25.54 42.38
C PRO Q 137 -76.73 25.89 42.71
N SER Q 138 -75.98 26.24 41.65
CA SER Q 138 -74.57 26.53 41.77
C SER Q 138 -74.27 27.86 42.45
N ASP Q 139 -75.27 28.73 42.51
CA ASP Q 139 -75.10 30.02 43.18
C ASP Q 139 -74.59 29.76 44.57
N ILE Q 140 -73.46 30.36 44.92
CA ILE Q 140 -72.89 30.09 46.24
C ILE Q 140 -71.75 31.06 46.55
N ALA Q 141 -71.43 31.20 47.83
CA ALA Q 141 -70.33 32.08 48.22
C ALA Q 141 -69.46 31.46 49.34
N VAL Q 142 -68.14 31.52 49.17
CA VAL Q 142 -67.19 30.94 50.14
C VAL Q 142 -66.18 31.97 50.68
N GLU Q 143 -65.88 31.90 51.97
CA GLU Q 143 -64.91 32.84 52.53
C GLU Q 143 -64.10 32.22 53.66
N TRP Q 144 -62.98 32.85 53.99
CA TRP Q 144 -62.11 32.37 55.06
C TRP Q 144 -61.89 33.41 56.13
N GLU Q 145 -61.71 32.94 57.35
CA GLU Q 145 -61.45 33.80 58.50
C GLU Q 145 -60.67 32.96 59.52
N SER Q 146 -59.67 33.57 60.15
CA SER Q 146 -58.83 32.89 61.16
C SER Q 146 -59.22 33.39 62.54
N ASN Q 147 -59.24 34.70 62.68
CA ASN Q 147 -59.63 35.35 63.92
C ASN Q 147 -60.71 36.31 63.46
N GLY Q 148 -61.09 37.27 64.30
CA GLY Q 148 -62.12 38.21 63.90
C GLY Q 148 -61.72 39.04 62.69
N GLN Q 149 -61.35 38.36 61.59
CA GLN Q 149 -60.96 39.03 60.36
C GLN Q 149 -60.77 38.07 59.20
N PRO Q 150 -60.94 38.57 57.96
CA PRO Q 150 -60.79 37.77 56.75
C PRO Q 150 -59.36 37.43 56.36
N GLU Q 151 -59.19 36.23 55.80
CA GLU Q 151 -57.91 35.77 55.30
C GLU Q 151 -58.02 36.10 53.82
N ASN Q 152 -57.06 36.83 53.28
CA ASN Q 152 -57.16 37.23 51.89
C ASN Q 152 -56.29 36.50 50.87
N ASN Q 153 -55.62 35.43 51.28
CA ASN Q 153 -54.80 34.67 50.35
C ASN Q 153 -55.43 33.30 50.12
N TYR Q 154 -56.58 33.29 49.45
CA TYR Q 154 -57.27 32.04 49.16
C TYR Q 154 -57.92 32.11 47.79
N LYS Q 155 -58.25 30.94 47.24
CA LYS Q 155 -58.87 30.86 45.93
C LYS Q 155 -59.94 29.78 45.94
N THR Q 156 -61.03 30.05 45.22
CA THR Q 156 -62.09 29.07 45.12
C THR Q 156 -62.19 28.68 43.66
N THR Q 157 -62.35 27.37 43.44
CA THR Q 157 -62.47 26.85 42.09
C THR Q 157 -63.90 27.20 41.71
N PRO Q 158 -64.22 27.14 40.42
CA PRO Q 158 -65.62 27.46 40.11
C PRO Q 158 -66.45 26.21 40.43
N PRO Q 159 -67.78 26.36 40.51
CA PRO Q 159 -68.51 25.11 40.82
C PRO Q 159 -68.39 24.07 39.70
N VAL Q 160 -68.51 22.80 40.07
CA VAL Q 160 -68.38 21.70 39.12
C VAL Q 160 -69.56 20.76 39.26
N LEU Q 161 -70.13 20.37 38.12
CA LEU Q 161 -71.29 19.49 38.08
C LEU Q 161 -70.90 18.06 38.43
N ASP Q 162 -71.36 17.58 39.58
CA ASP Q 162 -71.04 16.23 40.01
C ASP Q 162 -71.91 15.21 39.30
N SER Q 163 -71.67 13.92 39.53
CA SER Q 163 -72.47 12.86 38.90
C SER Q 163 -73.90 12.92 39.44
N ASP Q 164 -74.02 13.51 40.63
CA ASP Q 164 -75.27 13.75 41.35
C ASP Q 164 -76.17 14.71 40.56
N GLY Q 165 -75.54 15.70 39.95
CA GLY Q 165 -76.29 16.73 39.27
C GLY Q 165 -76.29 17.91 40.23
N SER Q 166 -75.70 17.68 41.40
CA SER Q 166 -75.56 18.70 42.43
C SER Q 166 -74.23 19.33 42.11
N PHE Q 167 -73.83 20.35 42.86
CA PHE Q 167 -72.58 21.03 42.58
C PHE Q 167 -71.55 20.90 43.69
N PHE Q 168 -70.27 20.95 43.31
CA PHE Q 168 -69.20 20.88 44.28
C PHE Q 168 -68.03 21.79 43.87
N LEU Q 169 -67.29 22.26 44.86
CA LEU Q 169 -66.14 23.12 44.62
C LEU Q 169 -65.15 23.02 45.77
N TYR Q 170 -63.98 23.61 45.58
CA TYR Q 170 -62.97 23.65 46.62
C TYR Q 170 -62.39 25.05 46.71
N SER Q 171 -62.20 25.50 47.95
CA SER Q 171 -61.60 26.78 48.23
C SER Q 171 -60.28 26.42 48.91
N LYS Q 172 -59.19 27.04 48.47
CA LYS Q 172 -57.88 26.75 49.03
C LYS Q 172 -57.30 27.98 49.69
N LEU Q 173 -57.14 27.91 51.02
CA LEU Q 173 -56.57 29.03 51.76
C LEU Q 173 -55.10 28.71 51.96
N THR Q 174 -54.26 29.70 51.71
CA THR Q 174 -52.82 29.54 51.84
C THR Q 174 -52.30 30.28 53.05
N VAL Q 175 -51.75 29.54 54.01
CA VAL Q 175 -51.23 30.13 55.24
C VAL Q 175 -49.76 29.86 55.45
N ASP Q 176 -49.06 30.82 56.06
CA ASP Q 176 -47.65 30.66 56.37
C ASP Q 176 -47.56 29.45 57.28
N LYS Q 177 -46.84 28.43 56.83
CA LYS Q 177 -46.66 27.19 57.59
C LYS Q 177 -46.40 27.47 59.06
N SER Q 178 -45.76 28.59 59.35
CA SER Q 178 -45.46 28.97 60.73
C SER Q 178 -46.74 29.17 61.54
N ARG Q 179 -47.74 29.80 60.93
CA ARG Q 179 -49.02 30.05 61.60
C ARG Q 179 -49.80 28.78 61.91
N TRP Q 180 -50.08 27.99 60.87
CA TRP Q 180 -50.81 26.75 61.04
C TRP Q 180 -50.28 25.93 62.21
N GLN Q 181 -48.97 26.01 62.44
CA GLN Q 181 -48.34 25.26 63.53
C GLN Q 181 -48.56 25.90 64.90
N GLN Q 182 -48.68 27.23 64.93
CA GLN Q 182 -48.91 27.94 66.20
C GLN Q 182 -50.28 27.57 66.79
N GLY Q 183 -50.91 26.55 66.20
CA GLY Q 183 -52.21 26.09 66.65
C GLY Q 183 -53.40 26.93 66.23
N ASN Q 184 -53.17 27.89 65.35
CA ASN Q 184 -54.22 28.76 64.86
C ASN Q 184 -55.41 27.97 64.30
N VAL Q 185 -56.59 28.56 64.42
CA VAL Q 185 -57.81 27.95 63.93
C VAL Q 185 -58.41 28.77 62.81
N PHE Q 186 -58.76 28.11 61.71
CA PHE Q 186 -59.37 28.82 60.60
C PHE Q 186 -60.76 28.28 60.37
N SER Q 187 -61.50 28.95 59.48
CA SER Q 187 -62.85 28.51 59.17
C SER Q 187 -63.32 29.10 57.86
N CYS Q 188 -64.04 28.30 57.09
CA CYS Q 188 -64.59 28.78 55.85
C CYS Q 188 -66.08 28.93 56.02
N SER Q 189 -66.60 30.06 55.57
CA SER Q 189 -68.01 30.31 55.65
C SER Q 189 -68.60 30.08 54.28
N VAL Q 190 -69.65 29.27 54.22
CA VAL Q 190 -70.33 28.99 52.97
C VAL Q 190 -71.74 29.57 53.06
N MET Q 191 -72.16 30.30 52.03
CA MET Q 191 -73.49 30.90 52.01
C MET Q 191 -74.27 30.30 50.86
N HIS Q 192 -75.40 29.67 51.18
CA HIS Q 192 -76.25 29.05 50.18
C HIS Q 192 -77.74 29.10 50.56
N GLU Q 193 -78.57 29.05 49.53
CA GLU Q 193 -80.02 29.07 49.68
C GLU Q 193 -80.46 27.92 50.60
N ALA Q 194 -79.83 26.77 50.48
CA ALA Q 194 -80.18 25.59 51.26
C ALA Q 194 -79.58 25.45 52.66
N LEU Q 195 -78.82 26.44 53.11
CA LEU Q 195 -78.23 26.41 54.46
C LEU Q 195 -79.13 27.20 55.39
N HIS Q 196 -79.33 26.68 56.61
CA HIS Q 196 -80.19 27.30 57.65
C HIS Q 196 -80.48 28.78 57.44
N ASN Q 197 -79.58 29.65 57.90
CA ASN Q 197 -79.84 31.06 57.67
C ASN Q 197 -79.00 31.47 56.47
N HIS Q 198 -79.00 30.61 55.45
CA HIS Q 198 -78.23 30.86 54.25
C HIS Q 198 -76.77 30.91 54.63
N TYR Q 199 -76.39 30.13 55.63
CA TYR Q 199 -75.01 30.14 56.11
C TYR Q 199 -74.64 29.05 57.11
N THR Q 200 -73.52 28.40 56.85
CA THR Q 200 -73.01 27.39 57.76
C THR Q 200 -71.55 27.74 57.96
N GLN Q 201 -70.83 26.96 58.76
CA GLN Q 201 -69.43 27.27 58.98
C GLN Q 201 -68.67 26.08 59.53
N LYS Q 202 -67.41 25.93 59.12
CA LYS Q 202 -66.59 24.81 59.58
C LYS Q 202 -65.20 25.26 60.00
N SER Q 203 -64.73 24.70 61.11
CA SER Q 203 -63.42 25.03 61.66
C SER Q 203 -62.36 24.02 61.27
N LEU Q 204 -61.10 24.45 61.36
CA LEU Q 204 -59.96 23.60 61.02
C LEU Q 204 -58.75 24.04 61.85
N SER Q 205 -58.13 23.11 62.56
CA SER Q 205 -56.98 23.40 63.41
C SER Q 205 -55.91 22.32 63.36
N LEU Q 206 -54.83 22.56 64.08
CA LEU Q 206 -53.71 21.63 64.18
C LEU Q 206 -53.68 21.10 65.61
N SER Q 207 -54.37 19.97 65.85
CA SER Q 207 -54.39 19.40 67.19
C SER Q 207 -53.81 18.00 67.23
CA PRO R 1 -69.04 32.79 8.12
C PRO R 1 -68.67 33.23 9.53
N SER R 2 -68.17 32.28 10.33
CA SER R 2 -67.77 32.54 11.71
C SER R 2 -66.75 31.47 12.10
N VAL R 3 -65.48 31.88 12.24
CA VAL R 3 -64.39 30.95 12.56
C VAL R 3 -63.90 30.91 14.02
N PHE R 4 -63.57 29.70 14.48
CA PHE R 4 -63.07 29.47 15.84
C PHE R 4 -61.97 28.41 15.89
N LEU R 5 -60.76 28.81 16.26
CA LEU R 5 -59.65 27.86 16.38
C LEU R 5 -59.66 27.22 17.76
N PHE R 6 -59.21 25.97 17.82
CA PHE R 6 -59.16 25.23 19.08
C PHE R 6 -57.79 24.59 19.23
N PRO R 7 -57.24 24.61 20.45
CA PRO R 7 -55.92 24.02 20.69
C PRO R 7 -56.10 22.53 20.95
N PRO R 8 -55.01 21.77 20.87
CA PRO R 8 -55.15 20.33 21.11
C PRO R 8 -55.40 20.02 22.58
N LYS R 9 -55.88 18.81 22.85
CA LYS R 9 -56.15 18.34 24.21
C LYS R 9 -54.77 18.15 24.87
N PRO R 10 -54.60 18.68 26.09
CA PRO R 10 -53.34 18.57 26.83
C PRO R 10 -52.72 17.19 26.79
N LYS R 11 -53.49 16.17 27.13
CA LYS R 11 -52.98 14.82 27.13
C LYS R 11 -52.38 14.39 25.79
N ASP R 12 -52.91 14.89 24.68
CA ASP R 12 -52.37 14.49 23.37
C ASP R 12 -50.96 14.95 23.03
N THR R 13 -50.57 16.11 23.52
CA THR R 13 -49.25 16.62 23.18
C THR R 13 -48.15 16.11 24.11
N LEU R 14 -48.56 15.54 25.23
CA LEU R 14 -47.61 15.06 26.22
C LEU R 14 -47.15 13.61 26.03
N MET R 15 -47.85 12.84 25.19
CA MET R 15 -47.52 11.44 24.91
C MET R 15 -47.49 11.19 23.41
N ILE R 16 -46.36 10.71 22.89
CA ILE R 16 -46.27 10.44 21.45
C ILE R 16 -47.30 9.40 20.99
N SER R 17 -47.78 8.59 21.93
CA SER R 17 -48.78 7.56 21.65
C SER R 17 -50.02 8.19 21.00
N ARG R 18 -50.36 9.40 21.42
CA ARG R 18 -51.52 10.07 20.86
C ARG R 18 -51.12 11.16 19.89
N THR R 19 -52.06 11.55 19.05
CA THR R 19 -51.79 12.58 18.05
C THR R 19 -52.53 13.89 18.29
N PRO R 20 -51.79 14.94 18.62
CA PRO R 20 -52.35 16.28 18.89
C PRO R 20 -52.93 16.87 17.60
N GLU R 21 -53.85 17.81 17.75
CA GLU R 21 -54.44 18.40 16.56
C GLU R 21 -55.11 19.76 16.79
N VAL R 22 -54.81 20.71 15.91
CA VAL R 22 -55.39 22.05 15.97
C VAL R 22 -56.69 21.96 15.15
N THR R 23 -57.82 22.10 15.81
CA THR R 23 -59.10 22.00 15.13
C THR R 23 -59.79 23.34 14.82
N CYS R 24 -59.85 23.68 13.53
CA CYS R 24 -60.46 24.91 13.04
C CYS R 24 -61.96 24.70 12.74
N VAL R 25 -62.83 25.33 13.52
CA VAL R 25 -64.28 25.17 13.33
C VAL R 25 -64.95 26.45 12.81
N VAL R 26 -65.67 26.32 11.69
CA VAL R 26 -66.38 27.43 11.05
C VAL R 26 -67.90 27.20 11.13
N VAL R 27 -68.63 28.11 11.76
CA VAL R 27 -70.07 27.91 11.86
C VAL R 27 -70.91 28.80 10.94
N ASP R 28 -72.20 28.51 10.93
CA ASP R 28 -73.17 29.27 10.15
C ASP R 28 -72.83 29.52 8.68
N VAL R 29 -72.52 28.48 7.93
CA VAL R 29 -72.22 28.61 6.51
C VAL R 29 -73.55 28.34 5.81
N SER R 30 -73.93 29.19 4.87
CA SER R 30 -75.20 29.06 4.17
C SER R 30 -75.32 27.94 3.14
N HIS R 31 -76.56 27.55 2.85
CA HIS R 31 -76.83 26.52 1.86
C HIS R 31 -76.36 27.03 0.51
N GLU R 32 -76.77 28.26 0.17
CA GLU R 32 -76.39 28.85 -1.11
C GLU R 32 -74.96 29.36 -1.13
N ASP R 33 -74.26 29.24 -0.01
CA ASP R 33 -72.90 29.72 0.03
C ASP R 33 -71.92 28.73 0.68
N PRO R 34 -71.96 27.47 0.24
CA PRO R 34 -71.07 26.43 0.79
C PRO R 34 -69.69 26.61 0.21
N GLN R 35 -69.11 25.52 -0.29
CA GLN R 35 -67.79 25.54 -0.87
C GLN R 35 -66.84 26.26 0.09
N VAL R 36 -66.49 25.59 1.17
CA VAL R 36 -65.60 26.14 2.18
C VAL R 36 -64.18 25.63 1.95
N LYS R 37 -63.23 26.57 1.86
CA LYS R 37 -61.82 26.25 1.64
C LYS R 37 -61.01 26.51 2.91
N PHE R 38 -59.83 25.89 3.01
CA PHE R 38 -58.94 26.07 4.16
C PHE R 38 -57.49 26.26 3.72
N ASN R 39 -56.65 26.64 4.67
CA ASN R 39 -55.22 26.88 4.45
C ASN R 39 -54.53 26.97 5.80
N TRP R 40 -53.58 26.07 6.07
CA TRP R 40 -52.88 26.09 7.35
C TRP R 40 -51.43 26.58 7.24
N TYR R 41 -51.04 27.43 8.19
CA TYR R 41 -49.69 27.98 8.22
C TYR R 41 -49.06 27.83 9.61
N VAL R 42 -47.89 27.19 9.64
CA VAL R 42 -47.16 26.99 10.89
C VAL R 42 -45.91 27.86 10.88
N ASP R 43 -45.98 29.00 11.55
CA ASP R 43 -44.85 29.92 11.58
C ASP R 43 -44.56 30.47 10.20
N GLY R 44 -45.63 30.84 9.50
CA GLY R 44 -45.49 31.39 8.16
C GLY R 44 -45.58 30.35 7.05
N VAL R 45 -44.62 29.43 7.03
CA VAL R 45 -44.55 28.38 6.02
C VAL R 45 -45.89 27.68 5.77
N GLN R 46 -45.94 26.94 4.67
CA GLN R 46 -47.13 26.19 4.27
C GLN R 46 -48.33 27.05 3.97
N VAL R 47 -48.56 27.25 2.67
CA VAL R 47 -49.70 28.03 2.18
C VAL R 47 -50.54 27.03 1.38
N HIS R 48 -49.86 26.03 0.85
CA HIS R 48 -50.47 24.97 0.06
C HIS R 48 -50.80 23.80 0.99
N ASN R 49 -51.85 23.06 0.67
CA ASN R 49 -52.29 21.94 1.51
C ASN R 49 -51.20 21.19 2.27
N ALA R 50 -51.25 21.32 3.60
CA ALA R 50 -50.31 20.64 4.47
C ALA R 50 -50.92 19.26 4.73
N LYS R 51 -50.81 18.77 5.96
CA LYS R 51 -51.37 17.46 6.30
C LYS R 51 -52.72 17.63 6.99
N THR R 52 -53.66 18.26 6.28
CA THR R 52 -54.99 18.51 6.83
C THR R 52 -56.03 17.48 6.40
N LYS R 53 -57.27 17.68 6.82
CA LYS R 53 -58.37 16.77 6.52
C LYS R 53 -59.69 17.27 7.14
N PRO R 54 -60.53 17.94 6.34
CA PRO R 54 -61.81 18.47 6.83
C PRO R 54 -63.07 17.91 6.15
N ARG R 55 -64.13 17.70 6.93
CA ARG R 55 -65.41 17.23 6.39
C ARG R 55 -66.54 16.99 7.40
N GLU R 56 -67.77 17.04 6.88
CA GLU R 56 -69.03 16.87 7.61
C GLU R 56 -69.69 18.19 8.02
N GLN R 57 -71.00 18.27 7.85
CA GLN R 57 -71.76 19.48 8.20
C GLN R 57 -73.16 19.17 8.74
N GLN R 58 -74.15 19.94 8.28
CA GLN R 58 -75.56 19.80 8.69
C GLN R 58 -75.73 20.29 10.12
N TYR R 59 -76.66 21.23 10.34
CA TYR R 59 -76.88 21.79 11.67
C TYR R 59 -78.32 22.14 12.03
N ASN R 60 -78.51 23.40 12.44
CA ASN R 60 -79.81 23.94 12.84
C ASN R 60 -80.50 24.58 11.64
N SER R 61 -79.73 24.78 10.57
CA SER R 61 -80.19 25.37 9.32
C SER R 61 -78.95 25.91 8.60
N THR R 62 -77.79 25.69 9.22
CA THR R 62 -76.50 26.15 8.69
C THR R 62 -75.54 25.00 8.37
N TYR R 63 -74.25 25.35 8.32
CA TYR R 63 -73.19 24.40 8.03
C TYR R 63 -72.29 24.21 9.25
N ARG R 64 -70.99 24.14 8.96
CA ARG R 64 -69.90 23.98 9.93
C ARG R 64 -68.85 23.06 9.33
N VAL R 65 -67.97 23.62 8.52
CA VAL R 65 -66.91 22.86 7.87
C VAL R 65 -65.67 22.84 8.78
N VAL R 66 -65.63 21.86 9.67
CA VAL R 66 -64.52 21.69 10.61
C VAL R 66 -63.28 21.04 10.00
N SER R 67 -62.17 21.77 9.95
CA SER R 67 -60.93 21.23 9.41
C SER R 67 -60.10 20.73 10.60
N VAL R 68 -59.17 19.81 10.34
CA VAL R 68 -58.33 19.25 11.40
C VAL R 68 -56.91 19.06 10.94
N LEU R 69 -55.97 19.52 11.77
CA LEU R 69 -54.54 19.41 11.44
C LEU R 69 -53.76 18.59 12.46
N THR R 70 -52.91 17.70 11.97
CA THR R 70 -52.10 16.87 12.86
C THR R 70 -50.93 17.68 13.39
N VAL R 71 -50.77 17.69 14.70
CA VAL R 71 -49.70 18.45 15.32
C VAL R 71 -48.53 17.60 15.80
N LEU R 72 -47.35 18.19 15.77
CA LEU R 72 -46.14 17.53 16.24
C LEU R 72 -45.92 17.97 17.68
N HIS R 73 -46.07 17.06 18.63
CA HIS R 73 -45.90 17.35 20.04
C HIS R 73 -44.80 18.40 20.30
N GLN R 74 -43.65 18.21 19.66
CA GLN R 74 -42.52 19.12 19.80
C GLN R 74 -42.89 20.50 19.26
N ASN R 75 -43.38 20.53 18.03
CA ASN R 75 -43.80 21.77 17.39
C ASN R 75 -44.67 22.60 18.32
N TRP R 76 -45.76 22.00 18.79
CA TRP R 76 -46.68 22.68 19.68
C TRP R 76 -46.00 23.08 20.99
N LEU R 77 -45.36 22.14 21.66
CA LEU R 77 -44.69 22.45 22.93
C LEU R 77 -43.66 23.56 22.81
N ASP R 78 -42.99 23.65 21.67
CA ASP R 78 -41.99 24.69 21.47
C ASP R 78 -42.63 26.03 21.17
N GLY R 79 -43.94 26.03 20.94
CA GLY R 79 -44.65 27.26 20.69
C GLY R 79 -44.85 27.73 19.26
N LYS R 80 -44.79 26.84 18.29
CA LYS R 80 -44.99 27.26 16.91
C LYS R 80 -46.41 27.82 16.77
N GLU R 81 -46.57 28.84 15.93
CA GLU R 81 -47.87 29.48 15.72
C GLU R 81 -48.68 28.85 14.59
N TYR R 82 -49.85 28.31 14.93
CA TYR R 82 -50.72 27.66 13.96
C TYR R 82 -51.78 28.61 13.45
N LYS R 83 -51.79 28.83 12.15
CA LYS R 83 -52.72 29.77 11.52
C LYS R 83 -53.72 29.17 10.54
N CYS R 84 -55.00 29.20 10.91
CA CYS R 84 -56.07 28.69 10.04
C CYS R 84 -56.58 29.86 9.22
N LYS R 85 -56.54 29.72 7.90
CA LYS R 85 -56.98 30.78 6.98
C LYS R 85 -58.18 30.35 6.14
N VAL R 86 -59.38 30.63 6.62
CA VAL R 86 -60.60 30.27 5.91
C VAL R 86 -60.89 31.21 4.74
N SER R 87 -61.68 30.74 3.77
CA SER R 87 -62.05 31.53 2.59
C SER R 87 -63.45 31.17 2.10
N ASN R 88 -64.36 32.15 2.10
CA ASN R 88 -65.74 31.92 1.66
C ASN R 88 -66.30 33.05 0.78
N LYS R 89 -67.18 32.67 -0.15
CA LYS R 89 -67.82 33.60 -1.06
C LYS R 89 -68.69 34.58 -0.29
N ALA R 90 -69.60 34.03 0.51
CA ALA R 90 -70.53 34.80 1.33
C ALA R 90 -69.82 35.49 2.49
N LEU R 91 -68.50 35.66 2.35
CA LEU R 91 -67.69 36.30 3.37
C LEU R 91 -66.99 37.51 2.77
N PRO R 92 -67.18 38.70 3.38
CA PRO R 92 -66.58 39.96 2.94
C PRO R 92 -65.09 39.87 2.61
N ALA R 93 -64.33 39.24 3.50
CA ALA R 93 -62.89 39.08 3.31
C ALA R 93 -62.39 37.75 3.88
N PRO R 94 -61.11 37.43 3.69
CA PRO R 94 -60.59 36.17 4.23
C PRO R 94 -60.34 36.24 5.74
N ILE R 95 -61.21 35.60 6.51
CA ILE R 95 -61.05 35.58 7.98
C ILE R 95 -59.79 34.82 8.36
N GLU R 96 -59.36 34.99 9.60
CA GLU R 96 -58.17 34.32 10.11
C GLU R 96 -58.29 34.11 11.61
N LYS R 97 -57.44 33.23 12.13
CA LYS R 97 -57.38 32.93 13.54
C LYS R 97 -56.05 32.20 13.74
N THR R 98 -55.27 32.62 14.73
CA THR R 98 -53.99 31.99 15.01
C THR R 98 -54.03 31.47 16.45
N ILE R 99 -52.95 30.85 16.87
CA ILE R 99 -52.88 30.31 18.22
C ILE R 99 -51.60 29.54 18.41
N SER R 100 -51.04 29.65 19.62
CA SER R 100 -49.82 28.93 19.99
C SER R 100 -50.07 28.62 21.44
N LYS R 101 -49.23 27.80 22.07
CA LYS R 101 -49.49 27.50 23.46
C LYS R 101 -49.17 28.73 24.30
N ALA R 102 -49.76 28.78 25.48
CA ALA R 102 -49.54 29.90 26.41
C ALA R 102 -48.03 30.06 26.59
N LYS R 103 -47.55 31.29 26.44
CA LYS R 103 -46.13 31.55 26.56
C LYS R 103 -45.70 31.72 28.02
N GLY R 104 -44.43 31.46 28.29
CA GLY R 104 -43.96 31.60 29.65
C GLY R 104 -43.23 30.39 30.17
N GLN R 105 -42.22 30.62 31.01
CA GLN R 105 -41.43 29.55 31.57
C GLN R 105 -42.37 28.52 32.16
N PRO R 106 -42.22 27.24 31.75
CA PRO R 106 -43.11 26.23 32.33
C PRO R 106 -42.77 25.98 33.78
N ARG R 107 -43.76 25.57 34.56
CA ARG R 107 -43.52 25.30 35.95
C ARG R 107 -44.14 23.98 36.39
N GLU R 108 -43.28 23.07 36.83
CA GLU R 108 -43.70 21.76 37.28
C GLU R 108 -44.73 21.88 38.40
N PRO R 109 -45.79 21.07 38.32
CA PRO R 109 -46.87 21.05 39.30
C PRO R 109 -46.56 20.25 40.56
N GLN R 110 -47.14 20.67 41.68
CA GLN R 110 -46.99 19.94 42.93
C GLN R 110 -48.29 19.17 43.06
N VAL R 111 -48.18 17.89 43.39
CA VAL R 111 -49.35 17.05 43.53
C VAL R 111 -49.42 16.55 44.98
N TYR R 112 -50.55 16.77 45.64
CA TYR R 112 -50.78 16.33 47.01
C TYR R 112 -52.12 15.63 47.05
N THR R 113 -52.20 14.50 47.75
CA THR R 113 -53.46 13.77 47.85
C THR R 113 -53.98 13.98 49.27
N LEU R 114 -55.30 14.05 49.42
CA LEU R 114 -55.91 14.28 50.72
C LEU R 114 -56.97 13.22 51.07
N PRO R 115 -57.01 12.79 52.34
CA PRO R 115 -58.01 11.79 52.79
C PRO R 115 -59.39 12.43 52.84
N PRO R 116 -60.45 11.61 52.91
CA PRO R 116 -61.77 12.24 52.98
C PRO R 116 -61.82 12.85 54.37
N SER R 117 -62.72 13.81 54.59
CA SER R 117 -62.82 14.43 55.90
C SER R 117 -63.45 13.48 56.89
N ARG R 118 -63.10 13.65 58.16
CA ARG R 118 -63.64 12.80 59.21
C ARG R 118 -65.15 12.91 59.14
N GLU R 119 -65.60 14.16 58.95
CA GLU R 119 -67.01 14.46 58.87
C GLU R 119 -67.74 13.78 57.72
N GLU R 120 -67.02 13.49 56.63
CA GLU R 120 -67.65 12.83 55.48
C GLU R 120 -67.74 11.33 55.70
N MET R 121 -67.08 10.85 56.74
CA MET R 121 -67.10 9.42 57.05
C MET R 121 -68.45 8.97 57.60
N THR R 122 -69.48 9.74 57.31
CA THR R 122 -70.82 9.41 57.78
C THR R 122 -71.72 9.08 56.59
N LYS R 123 -71.16 9.10 55.39
CA LYS R 123 -71.94 8.79 54.19
C LYS R 123 -71.51 7.48 53.54
N ASN R 124 -72.37 6.93 52.69
CA ASN R 124 -72.08 5.67 52.00
C ASN R 124 -71.00 5.86 50.94
N GLN R 125 -70.50 7.08 50.80
CA GLN R 125 -69.47 7.36 49.81
C GLN R 125 -68.56 8.48 50.29
N VAL R 126 -67.29 8.38 49.92
CA VAL R 126 -66.30 9.35 50.34
C VAL R 126 -65.61 10.07 49.20
N SER R 127 -64.87 11.13 49.54
CA SER R 127 -64.18 11.94 48.56
C SER R 127 -62.67 11.94 48.65
N LEU R 128 -62.02 11.32 47.66
CA LEU R 128 -60.57 11.30 47.61
C LEU R 128 -60.19 12.56 46.83
N THR R 129 -59.35 13.38 47.43
CA THR R 129 -58.96 14.64 46.84
C THR R 129 -57.54 14.71 46.37
N CYS R 130 -57.35 15.38 45.24
CA CYS R 130 -56.04 15.56 44.66
C CYS R 130 -55.84 17.03 44.36
N LEU R 131 -54.84 17.61 44.99
CA LEU R 131 -54.52 19.01 44.80
C LEU R 131 -53.36 19.09 43.82
N VAL R 132 -53.41 20.07 42.95
CA VAL R 132 -52.34 20.28 41.98
C VAL R 132 -52.16 21.78 41.82
N LYS R 133 -50.98 22.28 42.16
CA LYS R 133 -50.70 23.70 42.06
C LYS R 133 -49.30 23.99 41.57
N GLY R 134 -49.01 25.27 41.34
CA GLY R 134 -47.70 25.67 40.87
C GLY R 134 -47.39 25.33 39.41
N PHE R 135 -48.39 24.96 38.63
CA PHE R 135 -48.08 24.65 37.24
C PHE R 135 -48.42 25.72 36.23
N TYR R 136 -47.60 25.76 35.18
CA TYR R 136 -47.76 26.68 34.07
C TYR R 136 -47.15 26.00 32.84
N PRO R 137 -47.81 26.09 31.68
CA PRO R 137 -49.08 26.76 31.45
C PRO R 137 -50.20 25.94 32.09
N SER R 138 -51.45 26.26 31.78
CA SER R 138 -52.59 25.56 32.39
C SER R 138 -52.96 24.21 31.79
N ASP R 139 -52.42 23.88 30.62
CA ASP R 139 -52.73 22.61 29.98
C ASP R 139 -52.32 21.49 30.93
N ILE R 140 -53.26 20.62 31.26
CA ILE R 140 -52.97 19.56 32.21
C ILE R 140 -54.01 18.45 32.13
N ALA R 141 -53.58 17.23 32.38
CA ALA R 141 -54.45 16.05 32.37
C ALA R 141 -54.35 15.31 33.70
N VAL R 142 -55.49 15.08 34.37
CA VAL R 142 -55.51 14.40 35.67
C VAL R 142 -56.38 13.13 35.66
N GLU R 143 -55.83 12.00 36.11
CA GLU R 143 -56.59 10.74 36.15
C GLU R 143 -56.38 9.95 37.47
N TRP R 144 -57.29 9.02 37.76
CA TRP R 144 -57.18 8.19 38.97
C TRP R 144 -57.07 6.69 38.69
N GLU R 145 -56.43 5.98 39.60
CA GLU R 145 -56.28 4.54 39.44
C GLU R 145 -56.32 3.80 40.75
N SER R 146 -56.57 2.50 40.65
CA SER R 146 -56.61 1.62 41.79
C SER R 146 -55.89 0.35 41.32
N ASN R 147 -54.85 -0.06 42.06
CA ASN R 147 -54.03 -1.23 41.72
C ASN R 147 -54.01 -1.59 40.24
N GLY R 148 -53.60 -0.64 39.41
CA GLY R 148 -53.52 -0.87 37.99
C GLY R 148 -54.74 -0.55 37.15
N GLN R 149 -55.92 -0.58 37.76
CA GLN R 149 -57.16 -0.31 37.04
C GLN R 149 -57.69 1.14 37.18
N PRO R 150 -58.31 1.66 36.11
CA PRO R 150 -58.88 3.02 36.02
C PRO R 150 -60.12 3.31 36.88
N GLU R 151 -60.25 4.57 37.29
CA GLU R 151 -61.39 5.01 38.09
C GLU R 151 -62.25 5.88 37.20
N ASN R 152 -63.56 5.66 37.25
CA ASN R 152 -64.51 6.38 36.42
C ASN R 152 -65.24 7.53 37.12
N ASN R 153 -65.65 7.31 38.36
CA ASN R 153 -66.39 8.33 39.10
C ASN R 153 -65.53 9.38 39.80
N TYR R 154 -64.99 10.28 38.99
CA TYR R 154 -64.20 11.39 39.51
C TYR R 154 -64.50 12.61 38.64
N LYS R 155 -64.32 13.78 39.22
CA LYS R 155 -64.55 15.03 38.51
C LYS R 155 -63.37 15.95 38.85
N THR R 156 -62.94 16.73 37.87
CA THR R 156 -61.80 17.63 38.06
C THR R 156 -62.17 19.07 37.73
N THR R 157 -61.90 19.96 38.66
CA THR R 157 -62.21 21.36 38.47
C THR R 157 -61.21 21.89 37.45
N PRO R 158 -61.63 22.87 36.63
CA PRO R 158 -60.70 23.42 35.64
C PRO R 158 -59.56 24.19 36.31
N PRO R 159 -58.55 24.58 35.51
CA PRO R 159 -57.39 25.34 36.02
C PRO R 159 -57.81 26.72 36.47
N VAL R 160 -57.35 27.13 37.65
CA VAL R 160 -57.67 28.44 38.20
C VAL R 160 -56.35 29.17 38.46
N LEU R 161 -56.32 30.48 38.19
CA LEU R 161 -55.12 31.30 38.37
C LEU R 161 -54.85 31.70 39.81
N ASP R 162 -53.72 31.25 40.34
CA ASP R 162 -53.38 31.58 41.71
C ASP R 162 -52.66 32.92 41.78
N SER R 163 -52.40 33.40 42.99
CA SER R 163 -51.74 34.69 43.17
C SER R 163 -50.42 34.88 42.40
N ASP R 164 -49.60 33.83 42.32
CA ASP R 164 -48.31 33.93 41.64
C ASP R 164 -48.27 33.69 40.14
N GLY R 165 -49.41 33.79 39.47
CA GLY R 165 -49.43 33.57 38.03
C GLY R 165 -49.31 32.11 37.65
N SER R 166 -49.39 31.22 38.65
CA SER R 166 -49.33 29.79 38.39
C SER R 166 -50.78 29.34 38.46
N PHE R 167 -51.04 28.07 38.12
CA PHE R 167 -52.40 27.56 38.18
C PHE R 167 -52.50 26.43 39.17
N PHE R 168 -53.73 26.11 39.55
CA PHE R 168 -54.00 25.01 40.46
C PHE R 168 -55.41 24.54 40.10
N LEU R 169 -55.72 23.32 40.54
CA LEU R 169 -57.02 22.72 40.31
C LEU R 169 -57.15 21.60 41.34
N TYR R 170 -58.34 21.02 41.45
CA TYR R 170 -58.54 19.91 42.36
C TYR R 170 -59.29 18.84 41.60
N SER R 171 -58.92 17.59 41.85
CA SER R 171 -59.59 16.47 41.22
C SER R 171 -60.25 15.76 42.40
N LYS R 172 -61.43 15.21 42.17
CA LYS R 172 -62.18 14.55 43.23
C LYS R 172 -62.73 13.21 42.81
N LEU R 173 -62.27 12.17 43.48
CA LEU R 173 -62.72 10.81 43.17
C LEU R 173 -63.75 10.37 44.21
N THR R 174 -64.89 9.89 43.73
CA THR R 174 -65.94 9.43 44.63
C THR R 174 -65.90 7.92 44.80
N VAL R 175 -65.62 7.45 46.02
CA VAL R 175 -65.57 6.01 46.24
C VAL R 175 -66.32 5.52 47.49
N ASP R 176 -66.76 4.27 47.41
CA ASP R 176 -67.48 3.65 48.51
C ASP R 176 -66.65 3.68 49.78
N LYS R 177 -67.29 4.11 50.87
CA LYS R 177 -66.63 4.21 52.15
C LYS R 177 -66.01 2.87 52.51
N SER R 178 -66.57 1.78 51.98
CA SER R 178 -66.03 0.46 52.28
C SER R 178 -64.64 0.30 51.68
N ARG R 179 -64.53 0.54 50.37
CA ARG R 179 -63.24 0.43 49.66
C ARG R 179 -62.16 1.21 50.37
N TRP R 180 -62.54 2.33 50.96
CA TRP R 180 -61.58 3.16 51.70
C TRP R 180 -61.30 2.50 53.03
N GLN R 181 -62.29 1.78 53.56
CA GLN R 181 -62.14 1.08 54.82
C GLN R 181 -61.23 -0.12 54.62
N GLN R 182 -61.48 -0.89 53.56
CA GLN R 182 -60.69 -2.07 53.25
C GLN R 182 -59.19 -1.76 53.06
N GLY R 183 -58.85 -0.48 53.03
CA GLY R 183 -57.46 -0.10 52.87
C GLY R 183 -56.95 -0.03 51.44
N ASN R 184 -57.85 -0.11 50.46
CA ASN R 184 -57.41 -0.03 49.07
C ASN R 184 -56.58 1.23 48.83
N VAL R 185 -55.69 1.16 47.84
CA VAL R 185 -54.84 2.27 47.50
C VAL R 185 -55.23 2.89 46.18
N PHE R 186 -55.48 4.19 46.23
CA PHE R 186 -55.86 4.94 45.05
C PHE R 186 -54.71 5.86 44.71
N SER R 187 -54.59 6.18 43.44
CA SER R 187 -53.52 7.02 42.97
C SER R 187 -54.00 8.13 42.05
N CYS R 188 -53.39 9.30 42.21
CA CYS R 188 -53.72 10.46 41.40
C CYS R 188 -52.65 10.62 40.32
N SER R 189 -53.05 10.57 39.05
CA SER R 189 -52.08 10.73 37.96
C SER R 189 -52.18 12.11 37.37
N VAL R 190 -51.02 12.74 37.20
CA VAL R 190 -50.96 14.09 36.65
C VAL R 190 -50.00 14.19 35.47
N MET R 191 -50.53 14.63 34.34
CA MET R 191 -49.74 14.80 33.12
C MET R 191 -49.56 16.28 32.87
N HIS R 192 -48.31 16.69 32.72
CA HIS R 192 -48.02 18.09 32.48
C HIS R 192 -46.68 18.17 31.77
N GLU R 193 -46.45 19.29 31.09
CA GLU R 193 -45.24 19.55 30.34
C GLU R 193 -43.96 19.66 31.16
N ALA R 194 -44.04 20.24 32.36
CA ALA R 194 -42.87 20.41 33.21
C ALA R 194 -42.51 19.24 34.12
N LEU R 195 -43.26 18.15 34.03
CA LEU R 195 -42.98 16.95 34.86
C LEU R 195 -41.95 16.06 34.15
N HIS R 196 -41.10 15.41 34.92
CA HIS R 196 -40.13 14.51 34.33
C HIS R 196 -40.98 13.44 33.62
N ASN R 197 -40.66 13.12 32.37
CA ASN R 197 -41.42 12.13 31.62
C ASN R 197 -42.89 12.54 31.47
N HIS R 198 -43.16 13.84 31.55
CA HIS R 198 -44.50 14.36 31.41
C HIS R 198 -45.49 13.61 32.29
N TYR R 199 -45.05 13.07 33.41
CA TYR R 199 -45.98 12.32 34.25
C TYR R 199 -45.51 12.03 35.67
N THR R 200 -46.42 12.23 36.60
CA THR R 200 -46.17 11.98 38.02
C THR R 200 -47.39 11.25 38.58
N GLN R 201 -47.18 10.49 39.65
CA GLN R 201 -48.27 9.73 40.22
C GLN R 201 -48.22 9.73 41.75
N LYS R 202 -49.30 10.17 42.39
CA LYS R 202 -49.34 10.20 43.85
C LYS R 202 -50.43 9.29 44.41
N SER R 203 -50.12 8.62 45.52
CA SER R 203 -51.07 7.69 46.12
C SER R 203 -51.72 8.12 47.43
N LEU R 204 -52.81 7.45 47.75
CA LEU R 204 -53.57 7.70 48.97
C LEU R 204 -54.26 6.42 49.39
N SER R 205 -54.40 6.22 50.70
CA SER R 205 -55.07 5.05 51.23
C SER R 205 -55.26 5.17 52.74
N LEU R 206 -56.04 4.28 53.32
CA LEU R 206 -56.27 4.30 54.75
C LEU R 206 -55.07 3.70 55.46
#